data_7T21
#
_entry.id   7T21
#
_cell.length_a   1.00
_cell.length_b   1.00
_cell.length_c   1.00
_cell.angle_alpha   90.00
_cell.angle_beta   90.00
_cell.angle_gamma   90.00
#
_symmetry.space_group_name_H-M   'P 1'
#
loop_
_entity.id
_entity.type
_entity.pdbx_description
1 polymer 'Replicative DNA helicase'
2 polymer "DNA (5'-D(*TP*TP*TP*TP*TP*TP*TP*TP*TP*TP*TP*TP*TP*TP*TP*TP*TP*TP*TP*T)-3')"
3 non-polymer "ADENOSINE-5'-DIPHOSPHATE"
4 non-polymer 'TETRAFLUOROALUMINATE ION'
5 non-polymer 'MAGNESIUM ION'
#
loop_
_entity_poly.entity_id
_entity_poly.type
_entity_poly.pdbx_seq_one_letter_code
_entity_poly.pdbx_strand_id
1 'polypeptide(L)'
;MAGNKPFNKQQAEPRERDPQVAGLKVPPHSIEAEQSVLGGLMLDNERWDDVAERVVADDFYTRPHRHIFTEMARLQESGS
PIDLITLAESLERQGQLDSVGGFAYLAELSKNTPSAANISAYADIVRERAVVREMISVANEIAEAGFDPQGRTSEDLLDL
AESRVFKIAESRANKDEGPKNIADVLDATVARIEQLFQQPHDGVTGVNTGYDDLNKKTAGLQPSDLIIVAARPSMGKTTF
AMNLVENAAMLQDKPVLIFSLEMPSEQIMMRSLASLSRVDQTKIRTGQLDDEDWARISGTMGILLEKRNIYIDDSSGLTP
TEVRSRARRIAREHGGIGLIMIDYLQLMRVPALSDNRTLEIAEISRSLKALAKELNVPVVALSQLNRSLEQRADKRPVNS
DLRESGSIEQDADLIMFIYRDEVYHENSDLKGIAEIIIGKQRNGPIGTVRLTFNGQWSRFDNYAGPQYDDE
;
A,B,C,D,E,F
2 'polydeoxyribonucleotide' (DT)(DT)(DT)(DT)(DT)(DT)(DT)(DT)(DT)(DT)(DT)(DT)(DT)(DT)(DT)(DT)(DT)(DT)(DT)(DT) M
#
# COMPACT_ATOMS: atom_id res chain seq x y z
N LEU A 24 -13.08 0.21 -47.94
CA LEU A 24 -12.93 0.80 -46.62
C LEU A 24 -14.27 0.88 -45.89
N LYS A 25 -14.45 0.03 -44.88
CA LYS A 25 -15.68 0.03 -44.09
C LYS A 25 -15.64 1.08 -43.00
N VAL A 26 -16.23 2.24 -43.27
CA VAL A 26 -16.33 3.29 -42.25
C VAL A 26 -17.35 2.86 -41.20
N PRO A 27 -17.05 2.99 -39.91
CA PRO A 27 -18.04 2.67 -38.87
C PRO A 27 -19.26 3.55 -38.99
N PRO A 28 -20.46 2.99 -38.84
CA PRO A 28 -21.68 3.79 -39.01
C PRO A 28 -21.85 4.80 -37.88
N HIS A 29 -22.36 5.96 -38.23
CA HIS A 29 -22.50 7.07 -37.29
C HIS A 29 -23.52 8.06 -37.85
N SER A 30 -23.93 8.99 -37.00
CA SER A 30 -24.84 10.07 -37.40
C SER A 30 -24.27 11.37 -36.84
N ILE A 31 -23.41 12.02 -37.63
CA ILE A 31 -22.81 13.28 -37.22
C ILE A 31 -23.87 14.37 -37.10
N GLU A 32 -24.90 14.30 -37.95
CA GLU A 32 -26.00 15.25 -37.89
C GLU A 32 -26.73 15.15 -36.55
N ALA A 33 -26.92 13.93 -36.06
CA ALA A 33 -27.52 13.74 -34.74
C ALA A 33 -26.63 14.31 -33.64
N GLU A 34 -25.32 14.15 -33.78
CA GLU A 34 -24.39 14.72 -32.81
C GLU A 34 -24.47 16.24 -32.79
N GLN A 35 -24.49 16.86 -33.96
CA GLN A 35 -24.58 18.31 -34.04
C GLN A 35 -25.92 18.81 -33.52
N SER A 36 -26.99 18.07 -33.79
CA SER A 36 -28.31 18.44 -33.26
C SER A 36 -28.34 18.35 -31.75
N VAL A 37 -27.72 17.31 -31.18
CA VAL A 37 -27.66 17.15 -29.73
C VAL A 37 -26.88 18.30 -29.10
N LEU A 38 -25.72 18.63 -29.69
CA LEU A 38 -24.90 19.71 -29.13
C LEU A 38 -25.60 21.06 -29.25
N GLY A 39 -26.25 21.32 -30.37
CA GLY A 39 -26.98 22.56 -30.53
C GLY A 39 -28.18 22.67 -29.62
N GLY A 40 -28.89 21.56 -29.41
CA GLY A 40 -29.99 21.56 -28.46
C GLY A 40 -29.53 21.75 -27.03
N LEU A 41 -28.36 21.20 -26.70
CA LEU A 41 -27.76 21.46 -25.39
C LEU A 41 -27.39 22.93 -25.24
N MET A 42 -26.89 23.55 -26.32
CA MET A 42 -26.61 24.97 -26.28
C MET A 42 -27.89 25.79 -26.17
N LEU A 43 -29.01 25.29 -26.71
CA LEU A 43 -30.27 26.02 -26.65
C LEU A 43 -31.05 25.71 -25.37
N ASP A 44 -31.03 24.46 -24.92
CA ASP A 44 -31.80 24.04 -23.75
C ASP A 44 -30.93 23.10 -22.91
N ASN A 45 -30.49 23.58 -21.75
CA ASN A 45 -29.71 22.75 -20.84
C ASN A 45 -30.61 21.92 -19.93
N GLU A 46 -31.91 22.22 -19.90
CA GLU A 46 -32.81 21.50 -19.00
C GLU A 46 -33.01 20.06 -19.43
N ARG A 47 -32.87 19.78 -20.73
CA ARG A 47 -32.90 18.41 -21.23
C ARG A 47 -31.53 17.76 -21.16
N TRP A 48 -30.56 18.41 -20.50
CA TRP A 48 -29.20 17.89 -20.42
C TRP A 48 -29.17 16.53 -19.74
N ASP A 49 -29.94 16.37 -18.66
CA ASP A 49 -30.05 15.08 -18.00
C ASP A 49 -30.63 14.04 -18.96
N ASP A 50 -31.60 14.45 -19.78
CA ASP A 50 -32.11 13.57 -20.82
C ASP A 50 -31.01 13.16 -21.78
N VAL A 51 -30.09 14.08 -22.07
CA VAL A 51 -28.89 13.72 -22.81
C VAL A 51 -27.92 12.95 -21.93
N ALA A 52 -27.82 13.32 -20.64
CA ALA A 52 -26.86 12.67 -19.76
C ALA A 52 -27.28 11.23 -19.44
N GLU A 53 -28.58 10.96 -19.39
CA GLU A 53 -29.06 9.61 -19.11
C GLU A 53 -28.75 8.65 -20.24
N ARG A 54 -28.85 9.08 -21.49
CA ARG A 54 -28.74 8.19 -22.63
C ARG A 54 -27.31 7.96 -23.11
N VAL A 55 -26.52 9.03 -23.27
CA VAL A 55 -25.22 8.92 -23.88
C VAL A 55 -24.14 9.41 -22.92
N VAL A 56 -22.91 8.98 -23.18
CA VAL A 56 -21.75 9.42 -22.43
C VAL A 56 -20.83 10.21 -23.35
N ALA A 57 -19.71 10.69 -22.80
CA ALA A 57 -18.78 11.51 -23.57
C ALA A 57 -18.13 10.71 -24.69
N ASP A 58 -17.79 9.44 -24.42
CA ASP A 58 -17.15 8.60 -25.43
C ASP A 58 -18.11 8.11 -26.50
N ASP A 59 -19.42 8.33 -26.33
CA ASP A 59 -20.40 7.82 -27.29
C ASP A 59 -20.36 8.55 -28.63
N PHE A 60 -19.79 9.75 -28.68
CA PHE A 60 -19.70 10.48 -29.94
C PHE A 60 -18.66 9.83 -30.84
N TYR A 61 -19.00 9.71 -32.13
CA TYR A 61 -18.08 9.10 -33.10
C TYR A 61 -16.83 9.95 -33.28
N THR A 62 -17.00 11.27 -33.36
CA THR A 62 -15.89 12.18 -33.56
C THR A 62 -15.30 12.61 -32.22
N ARG A 63 -13.98 12.46 -32.11
CA ARG A 63 -13.26 12.88 -30.91
C ARG A 63 -13.43 14.36 -30.56
N PRO A 64 -13.43 15.33 -31.49
CA PRO A 64 -13.78 16.70 -31.11
C PRO A 64 -15.17 16.82 -30.49
N HIS A 65 -16.14 16.05 -30.97
CA HIS A 65 -17.46 16.05 -30.35
C HIS A 65 -17.41 15.47 -28.95
N ARG A 66 -16.56 14.45 -28.74
CA ARG A 66 -16.37 13.91 -27.40
C ARG A 66 -15.79 14.95 -26.46
N HIS A 67 -14.81 15.73 -26.94
CA HIS A 67 -14.24 16.80 -26.13
C HIS A 67 -15.27 17.88 -25.84
N ILE A 68 -16.10 18.20 -26.83
CA ILE A 68 -17.16 19.19 -26.66
C ILE A 68 -18.14 18.75 -25.59
N PHE A 69 -18.55 17.47 -25.64
CA PHE A 69 -19.48 16.96 -24.64
C PHE A 69 -18.84 16.89 -23.26
N THR A 70 -17.55 16.57 -23.19
CA THR A 70 -16.84 16.56 -21.92
C THR A 70 -16.79 17.97 -21.31
N GLU A 71 -16.53 18.98 -22.15
CA GLU A 71 -16.51 20.36 -21.65
C GLU A 71 -17.91 20.81 -21.25
N MET A 72 -18.93 20.35 -21.98
CA MET A 72 -20.31 20.64 -21.59
C MET A 72 -20.64 20.03 -20.23
N ALA A 73 -20.21 18.79 -20.00
CA ALA A 73 -20.43 18.16 -18.71
C ALA A 73 -19.67 18.89 -17.60
N ARG A 74 -18.46 19.35 -17.90
CA ARG A 74 -17.69 20.10 -16.91
C ARG A 74 -18.37 21.42 -16.57
N LEU A 75 -18.92 22.11 -17.58
CA LEU A 75 -19.64 23.36 -17.33
C LEU A 75 -20.92 23.13 -16.55
N GLN A 76 -21.65 22.05 -16.87
CA GLN A 76 -22.90 21.77 -16.17
C GLN A 76 -22.66 21.35 -14.73
N GLU A 77 -21.60 20.58 -14.49
CA GLU A 77 -21.27 20.17 -13.13
C GLU A 77 -20.82 21.35 -12.29
N SER A 78 -20.28 22.39 -12.93
CA SER A 78 -19.93 23.62 -12.24
C SER A 78 -21.15 24.52 -12.04
N GLY A 79 -22.31 24.15 -12.57
CA GLY A 79 -23.49 24.97 -12.46
C GLY A 79 -23.58 26.09 -13.48
N SER A 80 -22.64 26.14 -14.41
CA SER A 80 -22.65 27.16 -15.46
C SER A 80 -23.61 26.77 -16.57
N PRO A 81 -24.36 27.73 -17.12
CA PRO A 81 -25.19 27.44 -18.28
C PRO A 81 -24.34 27.11 -19.50
N ILE A 82 -24.86 26.22 -20.34
CA ILE A 82 -24.13 25.72 -21.50
C ILE A 82 -24.65 26.48 -22.71
N ASP A 83 -23.81 27.38 -23.23
CA ASP A 83 -24.09 28.08 -24.47
C ASP A 83 -22.87 28.03 -25.36
N LEU A 84 -22.92 28.75 -26.48
CA LEU A 84 -21.82 28.74 -27.44
C LEU A 84 -20.60 29.44 -26.88
N ILE A 85 -20.77 30.64 -26.33
CA ILE A 85 -19.63 31.49 -25.96
C ILE A 85 -18.91 30.92 -24.75
N THR A 86 -19.66 30.47 -23.75
CA THR A 86 -19.05 29.92 -22.53
C THR A 86 -18.29 28.63 -22.85
N LEU A 87 -18.87 27.78 -23.68
CA LEU A 87 -18.19 26.54 -24.06
C LEU A 87 -16.94 26.83 -24.87
N ALA A 88 -17.02 27.79 -25.79
CA ALA A 88 -15.85 28.16 -26.59
C ALA A 88 -14.73 28.71 -25.72
N GLU A 89 -15.09 29.57 -24.75
CA GLU A 89 -14.08 30.14 -23.87
C GLU A 89 -13.50 29.08 -22.94
N SER A 90 -14.33 28.15 -22.47
CA SER A 90 -13.84 27.08 -21.62
C SER A 90 -12.88 26.16 -22.36
N LEU A 91 -13.16 25.90 -23.64
CA LEU A 91 -12.22 25.13 -24.46
C LEU A 91 -10.96 25.93 -24.74
N GLU A 92 -11.08 27.25 -24.91
CA GLU A 92 -9.93 28.08 -25.22
C GLU A 92 -8.99 28.19 -24.02
N ARG A 93 -9.55 28.21 -22.80
CA ARG A 93 -8.71 28.22 -21.61
C ARG A 93 -7.90 26.94 -21.47
N GLN A 94 -8.43 25.83 -21.97
CA GLN A 94 -7.72 24.56 -21.97
C GLN A 94 -6.95 24.31 -23.26
N GLY A 95 -6.97 25.26 -24.19
CA GLY A 95 -6.31 25.06 -25.47
C GLY A 95 -7.02 24.07 -26.35
N GLN A 96 -8.31 23.85 -26.13
CA GLN A 96 -9.08 22.87 -26.88
C GLN A 96 -10.09 23.50 -27.83
N LEU A 97 -10.16 24.83 -27.91
CA LEU A 97 -11.07 25.47 -28.85
C LEU A 97 -10.65 25.20 -30.29
N ASP A 98 -9.35 25.31 -30.57
CA ASP A 98 -8.87 25.08 -31.94
C ASP A 98 -8.88 23.59 -32.27
N SER A 99 -8.77 22.73 -31.25
CA SER A 99 -8.76 21.29 -31.49
C SER A 99 -10.13 20.77 -31.92
N VAL A 100 -11.21 21.47 -31.60
CA VAL A 100 -12.56 21.04 -31.96
C VAL A 100 -13.11 21.80 -33.16
N GLY A 101 -12.32 22.70 -33.75
CA GLY A 101 -12.74 23.43 -34.93
C GLY A 101 -12.88 24.93 -34.75
N GLY A 102 -12.53 25.47 -33.58
CA GLY A 102 -12.61 26.90 -33.37
C GLY A 102 -14.01 27.36 -33.02
N PHE A 103 -14.12 28.68 -32.84
CA PHE A 103 -15.40 29.29 -32.50
C PHE A 103 -16.38 29.19 -33.67
N ALA A 104 -15.88 29.23 -34.90
CA ALA A 104 -16.74 29.17 -36.08
C ALA A 104 -17.46 27.84 -36.19
N TYR A 105 -16.76 26.74 -35.89
CA TYR A 105 -17.39 25.42 -35.94
C TYR A 105 -18.48 25.28 -34.90
N LEU A 106 -18.23 25.78 -33.69
CA LEU A 106 -19.24 25.71 -32.64
C LEU A 106 -20.45 26.59 -32.97
N ALA A 107 -20.21 27.76 -33.55
CA ALA A 107 -21.32 28.61 -33.99
C ALA A 107 -22.12 27.95 -35.10
N GLU A 108 -21.43 27.26 -36.01
CA GLU A 108 -22.12 26.52 -37.07
C GLU A 108 -22.97 25.39 -36.49
N LEU A 109 -22.44 24.68 -35.49
CA LEU A 109 -23.19 23.60 -34.86
C LEU A 109 -24.43 24.14 -34.14
N SER A 110 -24.29 25.29 -33.47
CA SER A 110 -25.44 25.92 -32.83
C SER A 110 -26.46 26.37 -33.86
N LYS A 111 -26.00 26.89 -35.00
CA LYS A 111 -26.91 27.38 -36.02
C LYS A 111 -27.66 26.23 -36.70
N ASN A 112 -26.99 25.09 -36.89
CA ASN A 112 -27.59 23.96 -37.59
C ASN A 112 -28.67 23.26 -36.80
N THR A 113 -28.85 23.59 -35.52
CA THR A 113 -29.88 22.94 -34.72
C THR A 113 -31.08 23.87 -34.60
N PRO A 114 -32.22 23.55 -35.22
CA PRO A 114 -33.37 24.45 -35.12
C PRO A 114 -34.09 24.39 -33.79
N SER A 115 -34.22 23.20 -33.20
CA SER A 115 -34.98 23.07 -31.96
C SER A 115 -34.45 21.87 -31.18
N ALA A 116 -34.65 21.91 -29.86
CA ALA A 116 -34.26 20.82 -28.97
C ALA A 116 -35.43 19.94 -28.57
N ALA A 117 -36.59 20.07 -29.23
CA ALA A 117 -37.77 19.29 -28.85
C ALA A 117 -37.57 17.80 -29.13
N ASN A 118 -36.98 17.47 -30.27
CA ASN A 118 -36.74 16.07 -30.63
C ASN A 118 -35.31 15.64 -30.33
N ILE A 119 -34.69 16.23 -29.31
CA ILE A 119 -33.30 15.89 -28.99
C ILE A 119 -33.21 14.51 -28.36
N SER A 120 -34.33 14.00 -27.84
CA SER A 120 -34.35 12.65 -27.29
C SER A 120 -34.13 11.61 -28.37
N ALA A 121 -34.77 11.77 -29.52
CA ALA A 121 -34.56 10.85 -30.64
C ALA A 121 -33.13 10.93 -31.16
N TYR A 122 -32.57 12.15 -31.23
CA TYR A 122 -31.19 12.30 -31.66
C TYR A 122 -30.22 11.63 -30.70
N ALA A 123 -30.47 11.77 -29.39
CA ALA A 123 -29.64 11.11 -28.40
C ALA A 123 -29.78 9.59 -28.48
N ASP A 124 -30.98 9.10 -28.76
CA ASP A 124 -31.18 7.68 -28.98
C ASP A 124 -30.40 7.18 -30.19
N ILE A 125 -30.39 7.97 -31.27
CA ILE A 125 -29.63 7.61 -32.47
C ILE A 125 -28.13 7.58 -32.16
N VAL A 126 -27.65 8.57 -31.40
CA VAL A 126 -26.24 8.63 -31.04
C VAL A 126 -25.86 7.43 -30.16
N ARG A 127 -26.72 7.09 -29.21
CA ARG A 127 -26.48 5.93 -28.35
C ARG A 127 -26.49 4.64 -29.18
N GLU A 128 -27.40 4.55 -30.15
CA GLU A 128 -27.45 3.39 -31.03
C GLU A 128 -26.17 3.24 -31.83
N ARG A 129 -25.67 4.35 -32.38
CA ARG A 129 -24.43 4.31 -33.15
C ARG A 129 -23.24 3.95 -32.27
N ALA A 130 -23.21 4.46 -31.04
CA ALA A 130 -22.13 4.13 -30.12
C ALA A 130 -22.14 2.65 -29.74
N VAL A 131 -23.34 2.11 -29.48
CA VAL A 131 -23.46 0.69 -29.15
C VAL A 131 -23.05 -0.17 -30.34
N VAL A 132 -23.45 0.23 -31.55
CA VAL A 132 -23.08 -0.49 -32.76
C VAL A 132 -21.56 -0.48 -32.96
N ARG A 133 -20.93 0.68 -32.77
CA ARG A 133 -19.49 0.77 -32.94
C ARG A 133 -18.74 -0.03 -31.87
N GLU A 134 -19.26 -0.04 -30.64
CA GLU A 134 -18.68 -0.85 -29.58
C GLU A 134 -18.78 -2.33 -29.92
N MET A 135 -19.94 -2.75 -30.45
CA MET A 135 -20.13 -4.13 -30.87
C MET A 135 -19.18 -4.51 -31.99
N ILE A 136 -18.98 -3.59 -32.94
CA ILE A 136 -18.07 -3.83 -34.06
C ILE A 136 -16.63 -3.95 -33.55
N SER A 137 -16.24 -3.08 -32.62
CA SER A 137 -14.89 -3.13 -32.06
C SER A 137 -14.65 -4.41 -31.29
N VAL A 138 -15.64 -4.86 -30.51
CA VAL A 138 -15.51 -6.09 -29.76
C VAL A 138 -15.43 -7.29 -30.71
N ALA A 139 -16.24 -7.29 -31.77
CA ALA A 139 -16.18 -8.36 -32.76
C ALA A 139 -14.83 -8.39 -33.47
N ASN A 140 -14.28 -7.21 -33.78
CA ASN A 140 -12.96 -7.16 -34.39
C ASN A 140 -11.88 -7.68 -33.45
N GLU A 141 -11.98 -7.34 -32.16
CA GLU A 141 -11.03 -7.86 -31.18
C GLU A 141 -11.12 -9.37 -31.06
N ILE A 142 -12.36 -9.90 -31.08
CA ILE A 142 -12.57 -11.34 -31.00
C ILE A 142 -11.98 -12.03 -32.23
N ALA A 143 -12.20 -11.45 -33.42
CA ALA A 143 -11.65 -12.03 -34.64
C ALA A 143 -10.13 -11.98 -34.64
N GLU A 144 -9.55 -10.88 -34.16
CA GLU A 144 -8.09 -10.76 -34.10
C GLU A 144 -7.50 -11.77 -33.12
N ALA A 145 -8.15 -11.97 -31.98
CA ALA A 145 -7.69 -12.98 -31.03
C ALA A 145 -7.87 -14.38 -31.58
N GLY A 146 -8.89 -14.59 -32.42
CA GLY A 146 -9.08 -15.89 -33.02
C GLY A 146 -8.01 -16.22 -34.06
N PHE A 147 -7.70 -15.25 -34.93
CA PHE A 147 -6.69 -15.47 -35.94
C PHE A 147 -5.30 -15.62 -35.32
N ASP A 148 -5.03 -14.89 -34.25
CA ASP A 148 -3.77 -14.97 -33.52
C ASP A 148 -4.08 -15.27 -32.06
N PRO A 149 -4.10 -16.56 -31.69
CA PRO A 149 -4.31 -16.90 -30.27
C PRO A 149 -3.25 -16.34 -29.34
N GLN A 150 -2.00 -16.26 -29.80
CA GLN A 150 -0.87 -15.68 -29.07
C GLN A 150 -0.67 -16.36 -27.71
N GLY A 151 -0.58 -17.69 -27.78
CA GLY A 151 -0.39 -18.50 -26.58
C GLY A 151 -1.64 -18.88 -25.82
N ARG A 152 -2.74 -18.17 -26.05
CA ARG A 152 -3.99 -18.46 -25.35
C ARG A 152 -4.60 -19.76 -25.85
N THR A 153 -5.01 -20.61 -24.91
CA THR A 153 -5.61 -21.89 -25.26
C THR A 153 -7.09 -21.73 -25.56
N SER A 154 -7.79 -22.86 -25.65
CA SER A 154 -9.23 -22.85 -25.89
C SER A 154 -9.98 -22.17 -24.75
N GLU A 155 -9.61 -22.51 -23.51
CA GLU A 155 -10.29 -21.97 -22.34
C GLU A 155 -10.09 -20.47 -22.23
N ASP A 156 -8.86 -20.00 -22.49
CA ASP A 156 -8.57 -18.57 -22.41
C ASP A 156 -9.36 -17.77 -23.44
N LEU A 157 -9.39 -18.26 -24.69
CA LEU A 157 -10.13 -17.55 -25.73
C LEU A 157 -11.63 -17.57 -25.47
N LEU A 158 -12.16 -18.71 -25.02
CA LEU A 158 -13.59 -18.81 -24.72
C LEU A 158 -13.96 -17.89 -23.56
N ASP A 159 -13.14 -17.86 -22.51
CA ASP A 159 -13.42 -17.01 -21.37
C ASP A 159 -13.31 -15.53 -21.73
N LEU A 160 -12.33 -15.18 -22.58
CA LEU A 160 -12.20 -13.79 -23.02
C LEU A 160 -13.42 -13.37 -23.85
N ALA A 161 -13.87 -14.24 -24.75
CA ALA A 161 -15.05 -13.95 -25.56
C ALA A 161 -16.29 -13.79 -24.69
N GLU A 162 -16.47 -14.70 -23.73
CA GLU A 162 -17.62 -14.63 -22.84
C GLU A 162 -17.56 -13.38 -21.96
N SER A 163 -16.36 -12.99 -21.54
CA SER A 163 -16.20 -11.77 -20.75
C SER A 163 -16.57 -10.54 -21.55
N ARG A 164 -16.13 -10.48 -22.82
CA ARG A 164 -16.48 -9.35 -23.68
C ARG A 164 -17.98 -9.29 -23.92
N VAL A 165 -18.61 -10.45 -24.14
CA VAL A 165 -20.05 -10.49 -24.37
C VAL A 165 -20.80 -10.11 -23.10
N PHE A 166 -20.29 -10.51 -21.94
CA PHE A 166 -20.91 -10.11 -20.68
C PHE A 166 -20.80 -8.61 -20.46
N LYS A 167 -19.66 -8.02 -20.82
CA LYS A 167 -19.49 -6.58 -20.75
C LYS A 167 -20.48 -5.87 -21.66
N ILE A 168 -20.66 -6.40 -22.88
CA ILE A 168 -21.61 -5.83 -23.83
C ILE A 168 -23.04 -5.90 -23.28
N ALA A 169 -23.41 -7.08 -22.75
CA ALA A 169 -24.76 -7.29 -22.26
C ALA A 169 -25.05 -6.43 -21.03
N GLU A 170 -24.06 -6.31 -20.14
CA GLU A 170 -24.24 -5.47 -18.96
C GLU A 170 -24.30 -3.99 -19.33
N SER A 171 -23.55 -3.60 -20.37
CA SER A 171 -23.63 -2.23 -20.85
C SER A 171 -24.97 -1.93 -21.51
N ARG A 172 -25.55 -2.93 -22.18
CA ARG A 172 -26.82 -2.77 -22.87
C ARG A 172 -28.02 -3.18 -22.01
N ALA A 173 -27.81 -3.52 -20.73
CA ALA A 173 -28.92 -3.80 -19.82
C ALA A 173 -29.14 -2.59 -18.92
N ASN A 174 -28.08 -1.80 -18.72
CA ASN A 174 -28.18 -0.59 -17.93
C ASN A 174 -28.90 0.48 -18.72
N LYS A 175 -30.24 0.43 -18.76
CA LYS A 175 -31.01 1.39 -19.54
C LYS A 175 -31.88 2.28 -18.66
N ASP A 176 -32.75 1.68 -17.85
CA ASP A 176 -33.63 2.50 -17.01
C ASP A 176 -32.88 3.03 -15.79
N GLU A 177 -32.43 2.12 -14.91
CA GLU A 177 -31.51 2.33 -13.79
C GLU A 177 -31.65 3.67 -13.08
N GLY A 178 -32.85 3.96 -12.57
CA GLY A 178 -33.12 5.24 -11.96
C GLY A 178 -34.42 5.27 -11.20
N PRO A 179 -34.91 6.47 -10.90
CA PRO A 179 -36.14 6.59 -10.11
C PRO A 179 -37.35 6.10 -10.90
N LYS A 180 -38.32 5.56 -10.17
CA LYS A 180 -39.60 5.15 -10.75
C LYS A 180 -40.71 5.85 -9.99
N ASN A 181 -41.65 6.44 -10.73
CA ASN A 181 -42.74 7.18 -10.10
C ASN A 181 -43.67 6.21 -9.39
N ILE A 182 -44.44 6.76 -8.44
CA ILE A 182 -45.40 5.99 -7.64
C ILE A 182 -46.41 5.32 -8.56
N ALA A 183 -46.86 6.04 -9.59
CA ALA A 183 -47.89 5.56 -10.51
C ALA A 183 -47.43 4.29 -11.24
N ASP A 184 -46.18 4.25 -11.67
CA ASP A 184 -45.63 3.04 -12.29
C ASP A 184 -45.52 1.92 -11.26
N VAL A 185 -44.99 2.26 -10.08
CA VAL A 185 -44.81 1.26 -9.03
C VAL A 185 -46.16 0.75 -8.52
N LEU A 186 -47.12 1.66 -8.36
CA LEU A 186 -48.46 1.26 -7.92
C LEU A 186 -49.12 0.36 -8.96
N ASP A 187 -48.96 0.68 -10.24
CA ASP A 187 -49.54 -0.15 -11.29
C ASP A 187 -48.92 -1.54 -11.32
N ALA A 188 -47.59 -1.61 -11.18
CA ALA A 188 -46.92 -2.91 -11.17
C ALA A 188 -47.34 -3.73 -9.94
N THR A 189 -47.43 -3.07 -8.79
CA THR A 189 -47.79 -3.77 -7.56
C THR A 189 -49.23 -4.26 -7.62
N VAL A 190 -50.14 -3.44 -8.15
CA VAL A 190 -51.53 -3.86 -8.22
C VAL A 190 -51.71 -4.92 -9.32
N ALA A 191 -50.85 -4.91 -10.34
CA ALA A 191 -50.86 -5.99 -11.31
C ALA A 191 -50.46 -7.30 -10.67
N ARG A 192 -49.42 -7.27 -9.82
CA ARG A 192 -49.03 -8.46 -9.08
C ARG A 192 -50.14 -8.91 -8.12
N ILE A 193 -50.79 -7.95 -7.47
CA ILE A 193 -51.85 -8.25 -6.51
C ILE A 193 -53.03 -8.91 -7.21
N GLU A 194 -53.43 -8.37 -8.36
CA GLU A 194 -54.54 -8.95 -9.12
C GLU A 194 -54.16 -10.29 -9.70
N GLN A 195 -52.89 -10.46 -10.07
CA GLN A 195 -52.42 -11.75 -10.54
C GLN A 195 -52.53 -12.81 -9.45
N LEU A 196 -52.11 -12.47 -8.23
CA LEU A 196 -52.23 -13.40 -7.12
C LEU A 196 -53.70 -13.65 -6.77
N PHE A 197 -54.54 -12.62 -6.86
CA PHE A 197 -55.95 -12.74 -6.51
C PHE A 197 -56.68 -13.64 -7.49
N GLN A 198 -56.38 -13.52 -8.79
CA GLN A 198 -56.99 -14.37 -9.80
C GLN A 198 -56.54 -15.82 -9.68
N GLN A 199 -55.31 -16.04 -9.24
CA GLN A 199 -54.82 -17.41 -9.05
C GLN A 199 -55.51 -18.04 -7.85
N PRO A 200 -56.17 -19.19 -8.02
CA PRO A 200 -56.76 -19.88 -6.88
C PRO A 200 -55.75 -20.80 -6.21
N HIS A 201 -54.70 -20.22 -5.65
CA HIS A 201 -53.65 -20.99 -5.01
C HIS A 201 -54.09 -21.61 -3.70
N ASP A 202 -55.17 -21.08 -3.10
CA ASP A 202 -55.71 -21.56 -1.81
C ASP A 202 -54.64 -21.52 -0.72
N GLY A 203 -53.91 -20.42 -0.66
CA GLY A 203 -52.81 -20.29 0.27
C GLY A 203 -51.54 -20.93 -0.27
N VAL A 204 -50.46 -20.81 0.52
CA VAL A 204 -49.12 -21.24 0.18
C VAL A 204 -48.72 -20.71 -1.19
N THR A 205 -48.52 -19.40 -1.29
CA THR A 205 -48.18 -18.77 -2.56
C THR A 205 -46.77 -19.15 -3.01
N GLY A 206 -45.85 -19.26 -2.07
CA GLY A 206 -44.49 -19.65 -2.42
C GLY A 206 -44.38 -21.13 -2.74
N VAL A 207 -43.14 -21.55 -3.00
CA VAL A 207 -42.87 -22.96 -3.23
C VAL A 207 -43.18 -23.74 -1.97
N ASN A 208 -44.13 -24.68 -2.07
CA ASN A 208 -44.69 -25.34 -0.90
C ASN A 208 -43.64 -26.21 -0.22
N THR A 209 -43.52 -26.05 1.10
CA THR A 209 -42.48 -26.76 1.85
C THR A 209 -42.87 -28.19 2.13
N GLY A 210 -44.15 -28.54 1.98
CA GLY A 210 -44.63 -29.86 2.36
C GLY A 210 -44.95 -29.99 3.82
N TYR A 211 -44.80 -28.93 4.61
CA TYR A 211 -45.14 -28.93 6.02
C TYR A 211 -46.24 -27.88 6.22
N ASP A 212 -47.43 -28.35 6.56
CA ASP A 212 -48.58 -27.46 6.68
C ASP A 212 -48.40 -26.47 7.82
N ASP A 213 -47.81 -26.93 8.93
CA ASP A 213 -47.53 -26.04 10.05
C ASP A 213 -46.53 -24.97 9.67
N LEU A 214 -45.53 -25.33 8.87
CA LEU A 214 -44.59 -24.34 8.36
C LEU A 214 -45.27 -23.37 7.40
N ASN A 215 -46.17 -23.88 6.55
CA ASN A 215 -46.88 -23.03 5.62
C ASN A 215 -47.95 -22.18 6.31
N LYS A 216 -48.25 -22.46 7.57
CA LYS A 216 -49.12 -21.56 8.33
C LYS A 216 -48.44 -20.21 8.57
N LYS A 217 -47.12 -20.22 8.73
CA LYS A 217 -46.37 -18.97 8.91
C LYS A 217 -45.68 -18.56 7.61
N THR A 218 -44.87 -19.47 7.05
CA THR A 218 -44.06 -19.14 5.89
C THR A 218 -44.87 -19.06 4.60
N ALA A 219 -45.99 -19.80 4.51
CA ALA A 219 -46.82 -19.90 3.30
C ALA A 219 -46.00 -20.35 2.10
N GLY A 220 -45.07 -21.27 2.33
CA GLY A 220 -44.23 -21.77 1.27
C GLY A 220 -43.03 -20.89 1.01
N LEU A 221 -42.08 -21.44 0.24
CA LEU A 221 -40.85 -20.73 -0.09
C LEU A 221 -41.13 -19.74 -1.20
N GLN A 222 -41.24 -18.46 -0.85
CA GLN A 222 -41.50 -17.43 -1.83
C GLN A 222 -40.29 -17.25 -2.74
N PRO A 223 -40.48 -16.96 -4.02
CA PRO A 223 -39.34 -16.74 -4.91
C PRO A 223 -38.58 -15.48 -4.53
N SER A 224 -37.30 -15.45 -4.91
CA SER A 224 -36.36 -14.36 -4.62
C SER A 224 -36.19 -14.10 -3.13
N ASP A 225 -36.37 -15.13 -2.30
CA ASP A 225 -36.20 -15.00 -0.86
C ASP A 225 -34.94 -15.73 -0.42
N LEU A 226 -34.17 -15.08 0.45
CA LEU A 226 -32.94 -15.65 1.00
C LEU A 226 -33.31 -16.32 2.32
N ILE A 227 -33.74 -17.57 2.23
CA ILE A 227 -34.11 -18.35 3.41
C ILE A 227 -32.83 -18.94 4.00
N ILE A 228 -32.63 -18.75 5.29
CA ILE A 228 -31.44 -19.24 5.98
C ILE A 228 -31.88 -20.24 7.04
N VAL A 229 -31.44 -21.49 6.89
CA VAL A 229 -31.60 -22.50 7.93
C VAL A 229 -30.28 -22.55 8.69
N ALA A 230 -30.17 -21.77 9.76
CA ALA A 230 -28.96 -21.69 10.58
C ALA A 230 -29.16 -22.57 11.80
N ALA A 231 -28.30 -23.58 11.93
CA ALA A 231 -28.41 -24.53 13.04
C ALA A 231 -27.02 -24.97 13.46
N ARG A 232 -26.95 -25.52 14.68
CA ARG A 232 -25.73 -26.07 15.20
C ARG A 232 -25.34 -27.34 14.44
N PRO A 233 -24.07 -27.73 14.48
CA PRO A 233 -23.67 -29.01 13.90
C PRO A 233 -24.31 -30.18 14.63
N SER A 234 -24.53 -31.27 13.89
CA SER A 234 -25.17 -32.49 14.39
C SER A 234 -26.58 -32.19 14.91
N MET A 235 -27.29 -31.36 14.16
CA MET A 235 -28.68 -31.06 14.45
C MET A 235 -29.62 -31.44 13.30
N GLY A 236 -29.13 -32.16 12.30
CA GLY A 236 -29.92 -32.46 11.13
C GLY A 236 -30.26 -31.24 10.29
N LYS A 237 -29.34 -30.26 10.24
CA LYS A 237 -29.57 -29.06 9.44
C LYS A 237 -29.60 -29.39 7.96
N THR A 238 -28.58 -30.11 7.49
CA THR A 238 -28.58 -30.61 6.13
C THR A 238 -29.73 -31.59 5.90
N THR A 239 -30.04 -32.39 6.93
CA THR A 239 -31.15 -33.32 6.86
C THR A 239 -32.47 -32.60 6.65
N PHE A 240 -32.70 -31.52 7.40
CA PHE A 240 -33.94 -30.76 7.27
C PHE A 240 -34.01 -30.04 5.93
N ALA A 241 -32.89 -29.45 5.51
CA ALA A 241 -32.85 -28.76 4.22
C ALA A 241 -33.16 -29.73 3.08
N MET A 242 -32.59 -30.93 3.14
CA MET A 242 -32.83 -31.90 2.07
C MET A 242 -34.21 -32.51 2.17
N ASN A 243 -34.79 -32.60 3.37
CA ASN A 243 -36.17 -32.99 3.53
C ASN A 243 -37.08 -31.97 2.84
N LEU A 244 -36.79 -30.69 3.04
CA LEU A 244 -37.53 -29.64 2.36
C LEU A 244 -37.39 -29.73 0.84
N VAL A 245 -36.17 -30.01 0.38
CA VAL A 245 -35.88 -30.13 -1.05
C VAL A 245 -36.66 -31.29 -1.66
N GLU A 246 -36.62 -32.45 -0.99
CA GLU A 246 -37.37 -33.61 -1.45
C GLU A 246 -38.88 -33.39 -1.43
N ASN A 247 -39.42 -32.75 -0.40
CA ASN A 247 -40.84 -32.45 -0.35
C ASN A 247 -41.25 -31.51 -1.47
N ALA A 248 -40.44 -30.50 -1.74
CA ALA A 248 -40.70 -29.57 -2.82
C ALA A 248 -40.66 -30.27 -4.17
N ALA A 249 -39.70 -31.18 -4.34
CA ALA A 249 -39.60 -31.95 -5.58
C ALA A 249 -40.81 -32.87 -5.75
N MET A 250 -41.31 -33.41 -4.64
CA MET A 250 -42.55 -34.19 -4.69
C MET A 250 -43.72 -33.31 -5.10
N LEU A 251 -43.76 -32.08 -4.58
CA LEU A 251 -44.86 -31.17 -4.88
C LEU A 251 -44.73 -30.55 -6.26
N GLN A 252 -43.65 -29.80 -6.50
CA GLN A 252 -43.49 -29.10 -7.77
C GLN A 252 -42.52 -29.84 -8.68
N ASP A 253 -42.64 -29.56 -9.98
CA ASP A 253 -41.76 -30.14 -10.99
C ASP A 253 -40.80 -29.13 -11.59
N LYS A 254 -40.74 -27.91 -11.05
CA LYS A 254 -39.79 -26.93 -11.51
C LYS A 254 -38.37 -27.38 -11.16
N PRO A 255 -37.39 -27.20 -12.05
CA PRO A 255 -36.03 -27.68 -11.75
C PRO A 255 -35.37 -26.98 -10.57
N VAL A 256 -34.97 -27.75 -9.55
CA VAL A 256 -34.32 -27.17 -8.39
C VAL A 256 -32.82 -27.45 -8.42
N LEU A 257 -32.09 -26.73 -7.58
CA LEU A 257 -30.63 -26.75 -7.59
C LEU A 257 -30.10 -27.01 -6.19
N ILE A 258 -29.04 -27.81 -6.10
CA ILE A 258 -28.43 -28.18 -4.83
C ILE A 258 -26.92 -27.99 -4.94
N PHE A 259 -26.34 -27.32 -3.95
CA PHE A 259 -24.89 -27.22 -3.82
C PHE A 259 -24.50 -27.63 -2.41
N SER A 260 -24.29 -28.93 -2.21
CA SER A 260 -23.87 -29.49 -0.93
C SER A 260 -22.36 -29.69 -0.88
N LEU A 261 -21.64 -28.60 -0.62
CA LEU A 261 -20.18 -28.64 -0.59
C LEU A 261 -19.66 -29.47 0.58
N GLU A 262 -20.41 -29.52 1.68
CA GLU A 262 -19.94 -30.18 2.89
C GLU A 262 -19.98 -31.70 2.75
N MET A 263 -21.16 -32.26 2.53
CA MET A 263 -21.31 -33.70 2.45
C MET A 263 -21.45 -34.12 0.99
N PRO A 264 -20.96 -35.30 0.61
CA PRO A 264 -21.11 -35.74 -0.78
C PRO A 264 -22.55 -36.09 -1.10
N SER A 265 -22.92 -36.04 -2.38
CA SER A 265 -24.28 -36.37 -2.76
C SER A 265 -24.55 -37.86 -2.62
N GLU A 266 -23.49 -38.67 -2.55
CA GLU A 266 -23.65 -40.11 -2.40
C GLU A 266 -24.31 -40.47 -1.07
N GLN A 267 -23.87 -39.85 0.02
CA GLN A 267 -24.42 -40.12 1.34
C GLN A 267 -25.87 -39.63 1.42
N ILE A 268 -26.07 -38.36 1.08
CA ILE A 268 -27.37 -37.71 1.24
C ILE A 268 -28.47 -38.36 0.41
N MET A 269 -28.10 -38.91 -0.75
CA MET A 269 -29.05 -39.65 -1.57
C MET A 269 -29.64 -40.81 -0.79
N MET A 270 -28.80 -41.52 -0.04
CA MET A 270 -29.29 -42.53 0.89
C MET A 270 -30.26 -41.93 1.91
N ARG A 271 -29.91 -40.78 2.49
CA ARG A 271 -30.85 -40.05 3.33
C ARG A 271 -32.07 -39.61 2.54
N SER A 272 -31.88 -39.28 1.26
CA SER A 272 -33.02 -38.98 0.39
C SER A 272 -33.91 -40.20 0.22
N LEU A 273 -33.35 -41.39 0.30
CA LEU A 273 -34.14 -42.62 0.28
C LEU A 273 -34.54 -43.06 1.67
N ALA A 274 -34.11 -42.34 2.71
CA ALA A 274 -34.48 -42.68 4.09
C ALA A 274 -35.76 -42.00 4.54
N SER A 275 -36.00 -40.76 4.11
CA SER A 275 -37.23 -40.05 4.44
C SER A 275 -38.41 -40.67 3.72
N LEU A 276 -38.22 -41.02 2.45
CA LEU A 276 -39.31 -41.61 1.67
C LEU A 276 -39.69 -42.98 2.20
N SER A 277 -38.69 -43.79 2.57
CA SER A 277 -38.97 -45.10 3.13
C SER A 277 -39.30 -45.04 4.62
N ARG A 278 -39.10 -43.87 5.24
CA ARG A 278 -39.38 -43.63 6.66
C ARG A 278 -38.62 -44.60 7.55
N VAL A 279 -37.37 -44.88 7.19
CA VAL A 279 -36.49 -45.72 7.99
C VAL A 279 -35.12 -45.08 8.08
N ASP A 280 -34.24 -45.67 8.88
CA ASP A 280 -32.83 -45.28 8.94
C ASP A 280 -32.12 -45.80 7.70
N GLN A 281 -30.90 -45.28 7.47
CA GLN A 281 -30.14 -45.75 6.32
C GLN A 281 -29.50 -47.09 6.66
N THR A 282 -28.56 -47.07 7.62
CA THR A 282 -27.99 -48.27 8.26
C THR A 282 -27.52 -49.30 7.25
N LYS A 283 -28.46 -50.09 6.75
CA LYS A 283 -28.13 -51.13 5.78
C LYS A 283 -27.82 -50.54 4.41
N ILE A 284 -28.29 -49.32 4.15
CA ILE A 284 -27.96 -48.65 2.90
C ILE A 284 -26.49 -48.26 2.88
N ARG A 285 -26.00 -47.74 4.01
CA ARG A 285 -24.58 -47.43 4.11
C ARG A 285 -23.72 -48.69 4.07
N THR A 286 -24.17 -49.75 4.73
CA THR A 286 -23.46 -51.03 4.69
C THR A 286 -23.89 -51.83 3.48
N GLY A 287 -23.58 -53.12 3.46
CA GLY A 287 -23.88 -53.96 2.32
C GLY A 287 -24.94 -55.00 2.57
N GLN A 288 -25.99 -54.66 3.33
CA GLN A 288 -27.06 -55.59 3.63
C GLN A 288 -28.14 -55.50 2.57
N LEU A 289 -28.78 -56.63 2.31
CA LEU A 289 -29.88 -56.71 1.37
C LEU A 289 -31.10 -57.25 2.07
N ASP A 290 -32.12 -56.40 2.22
CA ASP A 290 -33.30 -56.69 3.02
C ASP A 290 -34.55 -56.32 2.24
N ASP A 291 -34.67 -56.80 1.01
CA ASP A 291 -35.61 -56.25 0.03
C ASP A 291 -37.06 -56.63 0.37
N GLU A 292 -37.52 -56.09 1.50
CA GLU A 292 -38.94 -55.97 1.81
C GLU A 292 -39.26 -54.49 1.91
N ASP A 293 -38.48 -53.75 2.71
CA ASP A 293 -38.50 -52.30 2.68
C ASP A 293 -37.37 -51.74 1.84
N TRP A 294 -36.29 -52.50 1.66
CA TRP A 294 -35.30 -52.16 0.65
C TRP A 294 -35.89 -52.24 -0.74
N ALA A 295 -36.78 -53.20 -0.97
CA ALA A 295 -37.54 -53.27 -2.21
C ALA A 295 -38.56 -52.14 -2.34
N ARG A 296 -39.03 -51.58 -1.22
CA ARG A 296 -39.83 -50.37 -1.27
C ARG A 296 -39.04 -49.18 -1.79
N ILE A 297 -37.75 -49.10 -1.46
CA ILE A 297 -36.87 -48.09 -2.01
C ILE A 297 -36.57 -48.36 -3.47
N SER A 298 -36.33 -49.63 -3.82
CA SER A 298 -36.10 -50.02 -5.21
C SER A 298 -37.41 -49.92 -5.97
N GLY A 299 -37.66 -48.73 -6.51
CA GLY A 299 -38.91 -48.40 -7.16
C GLY A 299 -39.37 -47.03 -6.76
N THR A 300 -39.01 -46.60 -5.55
CA THR A 300 -39.21 -45.21 -5.16
C THR A 300 -38.29 -44.29 -5.96
N MET A 301 -37.08 -44.76 -6.25
CA MET A 301 -36.09 -44.04 -7.03
C MET A 301 -36.63 -43.72 -8.43
N GLY A 302 -37.41 -44.64 -8.98
CA GLY A 302 -38.07 -44.44 -10.26
C GLY A 302 -39.00 -43.24 -10.23
N ILE A 303 -39.66 -43.04 -9.08
CA ILE A 303 -40.48 -41.85 -8.88
C ILE A 303 -39.62 -40.60 -8.99
N LEU A 304 -38.40 -40.68 -8.48
CA LEU A 304 -37.44 -39.57 -8.62
C LEU A 304 -36.92 -39.49 -10.05
N LEU A 305 -36.91 -40.63 -10.76
CA LEU A 305 -36.38 -40.68 -12.11
C LEU A 305 -37.19 -39.85 -13.10
N GLU A 306 -38.52 -39.96 -13.02
CA GLU A 306 -39.38 -39.29 -13.98
C GLU A 306 -39.48 -37.79 -13.76
N LYS A 307 -39.06 -37.31 -12.59
CA LYS A 307 -39.15 -35.89 -12.29
C LYS A 307 -38.17 -35.06 -13.11
N ARG A 308 -36.88 -35.37 -12.98
CA ARG A 308 -35.79 -34.66 -13.63
C ARG A 308 -35.83 -33.16 -13.34
N ASN A 309 -35.92 -32.80 -12.06
CA ASN A 309 -36.01 -31.40 -11.68
C ASN A 309 -35.10 -31.08 -10.50
N ILE A 310 -34.07 -31.90 -10.28
CA ILE A 310 -33.08 -31.64 -9.24
C ILE A 310 -31.69 -31.76 -9.86
N TYR A 311 -30.87 -30.73 -9.66
CA TYR A 311 -29.52 -30.72 -10.19
C TYR A 311 -28.55 -30.59 -9.02
N ILE A 312 -27.73 -31.62 -8.81
CA ILE A 312 -26.92 -31.74 -7.61
C ILE A 312 -25.45 -31.71 -8.01
N ASP A 313 -24.67 -30.86 -7.34
CA ASP A 313 -23.22 -30.76 -7.56
C ASP A 313 -22.60 -30.29 -6.25
N ASP A 314 -21.82 -31.16 -5.62
CA ASP A 314 -21.15 -30.81 -4.37
C ASP A 314 -20.15 -29.67 -4.59
N SER A 315 -19.09 -29.95 -5.36
CA SER A 315 -18.10 -28.96 -5.82
C SER A 315 -17.61 -28.06 -4.69
N SER A 316 -16.91 -28.66 -3.73
CA SER A 316 -16.42 -27.96 -2.56
C SER A 316 -15.42 -26.88 -2.99
N GLY A 317 -15.40 -25.74 -2.29
CA GLY A 317 -14.60 -24.60 -2.69
C GLY A 317 -15.16 -23.86 -3.89
N LEU A 318 -16.43 -23.47 -3.80
CA LEU A 318 -17.11 -22.79 -4.90
C LEU A 318 -17.02 -21.27 -4.73
N THR A 319 -16.89 -20.57 -5.85
CA THR A 319 -17.03 -19.12 -5.85
C THR A 319 -18.44 -18.72 -6.23
N PRO A 320 -18.93 -17.56 -5.80
CA PRO A 320 -20.26 -17.11 -6.21
C PRO A 320 -20.42 -16.93 -7.72
N THR A 321 -19.34 -16.59 -8.42
CA THR A 321 -19.42 -16.44 -9.87
C THR A 321 -19.74 -17.76 -10.55
N GLU A 322 -19.08 -18.83 -10.13
CA GLU A 322 -19.33 -20.15 -10.72
C GLU A 322 -20.74 -20.64 -10.40
N VAL A 323 -21.19 -20.40 -9.18
CA VAL A 323 -22.55 -20.76 -8.78
C VAL A 323 -23.56 -20.00 -9.63
N ARG A 324 -23.32 -18.70 -9.84
CA ARG A 324 -24.20 -17.89 -10.67
C ARG A 324 -24.22 -18.38 -12.11
N SER A 325 -23.04 -18.76 -12.63
CA SER A 325 -22.97 -19.27 -14.00
C SER A 325 -23.75 -20.57 -14.15
N ARG A 326 -23.59 -21.49 -13.20
CA ARG A 326 -24.32 -22.76 -13.23
C ARG A 326 -25.82 -22.52 -13.12
N ALA A 327 -26.22 -21.59 -12.24
CA ALA A 327 -27.63 -21.29 -12.05
C ALA A 327 -28.25 -20.70 -13.31
N ARG A 328 -27.53 -19.76 -13.94
CA ARG A 328 -28.03 -19.16 -15.18
C ARG A 328 -28.10 -20.20 -16.29
N ARG A 329 -27.11 -21.10 -16.34
CA ARG A 329 -27.12 -22.18 -17.33
C ARG A 329 -28.36 -23.07 -17.16
N ILE A 330 -28.61 -23.53 -15.94
CA ILE A 330 -29.73 -24.43 -15.71
C ILE A 330 -31.06 -23.71 -15.94
N ALA A 331 -31.14 -22.44 -15.52
CA ALA A 331 -32.37 -21.67 -15.69
C ALA A 331 -32.69 -21.44 -17.15
N ARG A 332 -31.66 -21.13 -17.96
CA ARG A 332 -31.89 -20.91 -19.38
C ARG A 332 -32.17 -22.23 -20.10
N GLU A 333 -31.62 -23.33 -19.58
CA GLU A 333 -31.82 -24.63 -20.21
C GLU A 333 -33.23 -25.16 -19.96
N HIS A 334 -33.73 -25.02 -18.73
CA HIS A 334 -34.99 -25.65 -18.35
C HIS A 334 -35.97 -24.66 -17.73
N GLY A 335 -35.95 -23.40 -18.16
CA GLY A 335 -36.97 -22.44 -17.79
C GLY A 335 -37.05 -22.09 -16.31
N GLY A 336 -36.03 -21.42 -15.79
CA GLY A 336 -36.02 -20.98 -14.42
C GLY A 336 -35.57 -22.08 -13.47
N ILE A 337 -35.49 -21.71 -12.19
CA ILE A 337 -35.02 -22.62 -11.15
C ILE A 337 -36.10 -22.70 -10.07
N GLY A 338 -36.44 -23.93 -9.67
CA GLY A 338 -37.37 -24.14 -8.58
C GLY A 338 -36.86 -23.73 -7.22
N LEU A 339 -35.63 -24.13 -6.89
CA LEU A 339 -35.09 -23.92 -5.55
C LEU A 339 -33.58 -24.10 -5.59
N ILE A 340 -32.85 -23.14 -5.03
CA ILE A 340 -31.40 -23.28 -4.89
C ILE A 340 -31.08 -23.72 -3.47
N MET A 341 -30.19 -24.71 -3.35
CA MET A 341 -29.77 -25.22 -2.04
C MET A 341 -28.27 -25.04 -1.88
N ILE A 342 -27.88 -24.46 -0.74
CA ILE A 342 -26.47 -24.14 -0.47
C ILE A 342 -26.09 -24.76 0.88
N ASP A 343 -25.04 -25.58 0.88
CA ASP A 343 -24.53 -26.24 2.08
C ASP A 343 -23.00 -26.23 2.05
N TYR A 344 -22.39 -25.29 2.76
CA TYR A 344 -23.09 -24.22 3.46
C TYR A 344 -22.37 -22.89 3.23
N LEU A 345 -22.77 -21.86 3.98
CA LEU A 345 -22.29 -20.50 3.74
C LEU A 345 -20.82 -20.36 4.08
N GLN A 346 -20.35 -21.09 5.09
CA GLN A 346 -18.97 -20.98 5.54
C GLN A 346 -18.01 -21.83 4.73
N LEU A 347 -18.40 -22.23 3.51
CA LEU A 347 -17.54 -23.06 2.66
C LEU A 347 -17.15 -22.38 1.36
N MET A 348 -17.92 -21.42 0.88
CA MET A 348 -17.61 -20.79 -0.39
C MET A 348 -16.39 -19.89 -0.28
N ARG A 349 -15.62 -19.82 -1.36
CA ARG A 349 -14.36 -19.09 -1.39
C ARG A 349 -14.48 -17.89 -2.30
N VAL A 350 -14.18 -16.70 -1.76
CA VAL A 350 -14.06 -15.48 -2.54
C VAL A 350 -12.60 -15.05 -2.49
N PRO A 351 -11.86 -15.13 -3.61
CA PRO A 351 -10.44 -14.74 -3.59
C PRO A 351 -10.21 -13.27 -3.27
N ALA A 352 -11.13 -12.39 -3.65
CA ALA A 352 -10.94 -10.95 -3.44
C ALA A 352 -11.01 -10.61 -1.96
N LEU A 353 -12.05 -11.09 -1.28
CA LEU A 353 -12.25 -10.82 0.14
C LEU A 353 -11.83 -11.99 1.02
N SER A 354 -10.77 -12.71 0.64
CA SER A 354 -10.31 -13.85 1.43
C SER A 354 -9.61 -13.37 2.70
N ASP A 355 -9.19 -12.11 2.74
CA ASP A 355 -8.49 -11.56 3.89
C ASP A 355 -9.39 -11.48 5.12
N ASN A 356 -10.59 -10.93 4.95
CA ASN A 356 -11.55 -10.82 6.04
C ASN A 356 -12.71 -11.79 5.80
N ARG A 357 -12.98 -12.65 6.79
CA ARG A 357 -14.03 -13.64 6.63
C ARG A 357 -15.42 -13.01 6.60
N THR A 358 -15.65 -11.98 7.43
CA THR A 358 -16.97 -11.35 7.50
C THR A 358 -17.30 -10.63 6.20
N LEU A 359 -16.31 -9.95 5.61
CA LEU A 359 -16.52 -9.32 4.32
C LEU A 359 -16.81 -10.35 3.24
N GLU A 360 -16.12 -11.49 3.30
CA GLU A 360 -16.37 -12.58 2.34
C GLU A 360 -17.80 -13.09 2.48
N ILE A 361 -18.26 -13.28 3.72
CA ILE A 361 -19.62 -13.76 3.95
C ILE A 361 -20.64 -12.73 3.47
N ALA A 362 -20.35 -11.45 3.69
CA ALA A 362 -21.22 -10.39 3.21
C ALA A 362 -21.33 -10.41 1.69
N GLU A 363 -20.19 -10.56 1.01
CA GLU A 363 -20.19 -10.63 -0.45
C GLU A 363 -20.94 -11.86 -0.95
N ILE A 364 -20.75 -13.00 -0.28
CA ILE A 364 -21.43 -14.24 -0.69
C ILE A 364 -22.94 -14.09 -0.53
N SER A 365 -23.39 -13.54 0.59
CA SER A 365 -24.81 -13.38 0.83
C SER A 365 -25.41 -12.36 -0.12
N ARG A 366 -24.66 -11.29 -0.42
CA ARG A 366 -25.11 -10.31 -1.39
C ARG A 366 -25.27 -10.91 -2.77
N SER A 367 -24.31 -11.74 -3.18
CA SER A 367 -24.37 -12.39 -4.48
C SER A 367 -25.55 -13.37 -4.54
N LEU A 368 -25.78 -14.11 -3.46
CA LEU A 368 -26.90 -15.04 -3.43
C LEU A 368 -28.23 -14.32 -3.49
N LYS A 369 -28.36 -13.20 -2.76
CA LYS A 369 -29.59 -12.42 -2.79
C LYS A 369 -29.82 -11.82 -4.17
N ALA A 370 -28.75 -11.31 -4.80
CA ALA A 370 -28.87 -10.76 -6.14
C ALA A 370 -29.28 -11.82 -7.14
N LEU A 371 -28.70 -13.02 -7.02
CA LEU A 371 -29.06 -14.11 -7.93
C LEU A 371 -30.50 -14.55 -7.73
N ALA A 372 -30.96 -14.60 -6.47
CA ALA A 372 -32.33 -14.96 -6.18
C ALA A 372 -33.30 -13.93 -6.76
N LYS A 373 -32.96 -12.64 -6.63
CA LYS A 373 -33.80 -11.60 -7.20
C LYS A 373 -33.78 -11.64 -8.72
N GLU A 374 -32.63 -12.00 -9.30
CA GLU A 374 -32.50 -12.04 -10.75
C GLU A 374 -33.31 -13.18 -11.35
N LEU A 375 -33.17 -14.38 -10.79
CA LEU A 375 -33.77 -15.57 -11.39
C LEU A 375 -35.12 -15.92 -10.78
N ASN A 376 -35.60 -15.14 -9.81
CA ASN A 376 -36.89 -15.33 -9.16
C ASN A 376 -37.03 -16.73 -8.57
N VAL A 377 -36.06 -17.09 -7.73
CA VAL A 377 -35.97 -18.43 -7.18
C VAL A 377 -35.68 -18.36 -5.69
N PRO A 378 -36.37 -19.13 -4.85
CA PRO A 378 -36.00 -19.20 -3.43
C PRO A 378 -34.65 -19.88 -3.26
N VAL A 379 -33.85 -19.34 -2.35
CA VAL A 379 -32.51 -19.85 -2.06
C VAL A 379 -32.47 -20.21 -0.57
N VAL A 380 -32.24 -21.49 -0.30
CA VAL A 380 -32.09 -21.96 1.07
C VAL A 380 -30.61 -22.28 1.29
N ALA A 381 -29.98 -21.56 2.20
CA ALA A 381 -28.58 -21.76 2.53
C ALA A 381 -28.42 -22.09 4.00
N LEU A 382 -27.44 -22.94 4.30
CA LEU A 382 -27.18 -23.36 5.67
C LEU A 382 -26.09 -22.50 6.28
N SER A 383 -26.19 -22.26 7.58
CA SER A 383 -25.25 -21.40 8.29
C SER A 383 -24.89 -22.03 9.63
N GLN A 384 -23.62 -21.88 10.00
CA GLN A 384 -23.17 -22.32 11.33
C GLN A 384 -23.38 -21.21 12.36
N LEU A 385 -23.30 -21.59 13.62
CA LEU A 385 -23.56 -20.68 14.73
C LEU A 385 -22.31 -20.58 15.61
N ASN A 386 -22.43 -19.83 16.70
CA ASN A 386 -21.34 -19.61 17.64
C ASN A 386 -21.53 -20.49 18.88
N ARG A 387 -20.43 -20.63 19.64
CA ARG A 387 -20.48 -21.38 20.89
C ARG A 387 -21.10 -20.59 22.02
N SER A 388 -21.31 -19.28 21.85
CA SER A 388 -21.87 -18.47 22.92
C SER A 388 -23.34 -18.78 23.15
N LEU A 389 -23.98 -19.45 22.19
CA LEU A 389 -25.37 -19.88 22.33
C LEU A 389 -25.53 -20.83 23.51
N GLU A 390 -24.68 -21.85 23.58
CA GLU A 390 -24.75 -22.83 24.66
C GLU A 390 -24.27 -22.27 25.98
N GLN A 391 -23.49 -21.19 25.97
CA GLN A 391 -22.98 -20.59 27.20
C GLN A 391 -24.07 -19.82 27.95
N ARG A 392 -25.12 -19.40 27.26
CA ARG A 392 -26.22 -18.70 27.93
C ARG A 392 -27.04 -19.68 28.75
N ALA A 393 -27.84 -19.12 29.67
CA ALA A 393 -28.81 -19.91 30.41
C ALA A 393 -29.88 -20.43 29.47
N ASP A 394 -30.37 -19.58 28.58
CA ASP A 394 -31.32 -20.00 27.55
C ASP A 394 -30.55 -20.49 26.34
N LYS A 395 -30.74 -21.76 25.99
CA LYS A 395 -30.10 -22.36 24.84
C LYS A 395 -31.01 -22.34 23.60
N ARG A 396 -32.06 -21.54 23.63
CA ARG A 396 -32.89 -21.35 22.45
C ARG A 396 -32.17 -20.38 21.51
N PRO A 397 -31.91 -20.77 20.27
CA PRO A 397 -31.18 -19.90 19.35
C PRO A 397 -32.00 -18.68 18.96
N VAL A 398 -31.35 -17.52 18.96
CA VAL A 398 -31.99 -16.27 18.57
C VAL A 398 -31.17 -15.62 17.46
N ASN A 399 -31.58 -14.43 17.05
CA ASN A 399 -30.92 -13.77 15.92
C ASN A 399 -29.52 -13.25 16.29
N SER A 400 -29.17 -13.29 17.57
CA SER A 400 -27.86 -12.81 18.02
C SER A 400 -26.87 -13.94 18.29
N ASP A 401 -27.05 -15.11 17.69
CA ASP A 401 -26.21 -16.26 17.97
C ASP A 401 -25.45 -16.79 16.75
N LEU A 402 -25.66 -16.19 15.58
CA LEU A 402 -25.10 -16.73 14.35
C LEU A 402 -23.60 -16.44 14.25
N ARG A 403 -22.84 -17.41 13.75
CA ARG A 403 -21.46 -17.20 13.40
C ARG A 403 -21.36 -16.31 12.16
N GLU A 404 -20.30 -15.51 12.10
CA GLU A 404 -20.16 -14.42 11.12
C GLU A 404 -21.40 -13.52 11.19
N SER A 405 -21.55 -12.90 12.36
CA SER A 405 -22.82 -12.42 12.89
C SER A 405 -23.56 -11.41 12.02
N GLY A 406 -22.97 -10.25 11.79
CA GLY A 406 -23.69 -9.12 11.22
C GLY A 406 -24.22 -9.29 9.81
N SER A 407 -23.37 -9.77 8.90
CA SER A 407 -23.67 -9.81 7.48
C SER A 407 -24.86 -10.72 7.16
N ILE A 408 -24.90 -11.89 7.80
CA ILE A 408 -25.95 -12.87 7.53
C ILE A 408 -27.31 -12.30 7.95
N GLU A 409 -27.37 -11.70 9.14
CA GLU A 409 -28.63 -11.14 9.62
C GLU A 409 -29.02 -9.92 8.80
N GLN A 410 -28.03 -9.19 8.28
CA GLN A 410 -28.33 -8.04 7.43
C GLN A 410 -28.94 -8.46 6.10
N ASP A 411 -28.36 -9.47 5.46
CA ASP A 411 -28.71 -9.79 4.08
C ASP A 411 -29.84 -10.80 3.94
N ALA A 412 -30.09 -11.63 4.94
CA ALA A 412 -31.08 -12.69 4.81
C ALA A 412 -32.50 -12.13 4.88
N ASP A 413 -33.43 -12.85 4.27
CA ASP A 413 -34.85 -12.51 4.35
C ASP A 413 -35.54 -13.36 5.39
N LEU A 414 -35.41 -14.68 5.27
CA LEU A 414 -35.99 -15.61 6.23
C LEU A 414 -34.88 -16.32 6.98
N ILE A 415 -34.96 -16.31 8.30
CA ILE A 415 -33.96 -16.94 9.16
C ILE A 415 -34.68 -17.90 10.09
N MET A 416 -34.25 -19.16 10.08
CA MET A 416 -34.82 -20.18 10.95
C MET A 416 -33.73 -20.91 11.72
N PHE A 417 -34.08 -21.35 12.93
CA PHE A 417 -33.15 -22.00 13.84
C PHE A 417 -33.74 -23.37 14.19
N ILE A 418 -32.96 -24.42 13.95
CA ILE A 418 -33.34 -25.75 14.42
C ILE A 418 -32.93 -25.86 15.88
N TYR A 419 -33.89 -26.13 16.76
CA TYR A 419 -33.63 -26.30 18.18
C TYR A 419 -34.21 -27.63 18.64
N ARG A 420 -33.34 -28.50 19.12
CA ARG A 420 -33.73 -29.77 19.71
C ARG A 420 -33.31 -29.74 21.17
N ASP A 421 -34.29 -29.71 22.08
CA ASP A 421 -33.99 -29.70 23.50
C ASP A 421 -33.37 -31.02 23.94
N GLU A 422 -33.72 -32.12 23.25
CA GLU A 422 -33.20 -33.43 23.60
C GLU A 422 -31.69 -33.52 23.42
N VAL A 423 -31.15 -32.77 22.45
CA VAL A 423 -29.70 -32.73 22.27
C VAL A 423 -29.04 -32.03 23.44
N TYR A 424 -29.55 -30.86 23.82
CA TYR A 424 -28.98 -30.10 24.93
C TYR A 424 -29.32 -30.74 26.27
N HIS A 425 -30.56 -31.14 26.46
CA HIS A 425 -31.03 -31.75 27.71
C HIS A 425 -31.70 -33.07 27.34
N GLU A 426 -31.00 -34.18 27.62
CA GLU A 426 -31.49 -35.50 27.26
C GLU A 426 -32.80 -35.82 27.96
N ASN A 427 -32.91 -35.44 29.23
CA ASN A 427 -34.17 -35.57 29.95
C ASN A 427 -35.05 -34.35 29.64
N SER A 428 -35.88 -34.46 28.61
CA SER A 428 -36.73 -33.37 28.18
C SER A 428 -38.00 -33.93 27.56
N ASP A 429 -39.04 -33.09 27.51
CA ASP A 429 -40.31 -33.47 26.92
C ASP A 429 -40.39 -33.22 25.43
N LEU A 430 -39.36 -32.62 24.84
CA LEU A 430 -39.35 -32.28 23.42
C LEU A 430 -38.59 -33.31 22.58
N LYS A 431 -38.63 -34.58 22.99
CA LYS A 431 -37.96 -35.64 22.24
C LYS A 431 -38.69 -35.88 20.93
N GLY A 432 -37.96 -35.75 19.82
CA GLY A 432 -38.53 -35.85 18.49
C GLY A 432 -39.05 -34.53 17.98
N ILE A 433 -39.45 -33.64 18.88
CA ILE A 433 -39.96 -32.32 18.52
C ILE A 433 -38.80 -31.43 18.14
N ALA A 434 -38.72 -31.07 16.86
CA ALA A 434 -37.69 -30.16 16.36
C ALA A 434 -38.33 -28.79 16.20
N GLU A 435 -37.95 -27.87 17.07
CA GLU A 435 -38.52 -26.52 17.07
C GLU A 435 -37.80 -25.68 16.03
N ILE A 436 -38.54 -25.28 14.99
CA ILE A 436 -38.03 -24.37 13.99
C ILE A 436 -38.40 -22.96 14.42
N ILE A 437 -37.44 -22.24 14.99
CA ILE A 437 -37.67 -20.87 15.43
C ILE A 437 -37.46 -19.94 14.24
N ILE A 438 -38.55 -19.36 13.74
CA ILE A 438 -38.46 -18.32 12.75
C ILE A 438 -38.02 -17.05 13.47
N GLY A 439 -36.73 -16.74 13.37
CA GLY A 439 -36.17 -15.60 14.08
C GLY A 439 -36.30 -14.31 13.32
N LYS A 440 -36.10 -14.37 12.00
CA LYS A 440 -36.24 -13.19 11.16
C LYS A 440 -37.11 -13.52 9.96
N GLN A 441 -38.16 -12.72 9.78
CA GLN A 441 -39.00 -12.81 8.58
C GLN A 441 -39.59 -11.43 8.35
N ARG A 442 -39.14 -10.76 7.28
CA ARG A 442 -39.59 -9.41 7.00
C ARG A 442 -41.07 -9.39 6.67
N ASN A 443 -41.50 -10.22 5.72
CA ASN A 443 -42.89 -10.38 5.38
C ASN A 443 -43.44 -11.63 6.07
N GLY A 444 -43.69 -11.51 7.37
CA GLY A 444 -44.26 -12.60 8.12
C GLY A 444 -44.00 -12.51 9.61
N PRO A 445 -44.91 -13.06 10.40
CA PRO A 445 -44.72 -13.06 11.86
C PRO A 445 -43.64 -14.04 12.31
N ILE A 446 -42.66 -13.54 13.06
CA ILE A 446 -41.64 -14.41 13.62
C ILE A 446 -42.26 -15.26 14.73
N GLY A 447 -41.65 -16.43 14.98
CA GLY A 447 -42.22 -17.32 15.97
C GLY A 447 -41.52 -18.66 16.08
N THR A 448 -42.27 -19.72 16.38
CA THR A 448 -41.72 -21.07 16.52
C THR A 448 -42.72 -22.07 15.98
N VAL A 449 -42.25 -22.99 15.16
CA VAL A 449 -43.08 -24.03 14.58
C VAL A 449 -42.59 -25.37 15.12
N ARG A 450 -43.51 -26.15 15.67
CA ARG A 450 -43.16 -27.47 16.18
C ARG A 450 -43.25 -28.51 15.06
N LEU A 451 -42.33 -29.45 15.06
CA LEU A 451 -42.29 -30.53 14.09
C LEU A 451 -42.14 -31.87 14.82
N THR A 452 -41.98 -32.94 14.04
CA THR A 452 -41.71 -34.28 14.56
C THR A 452 -40.52 -34.83 13.76
N PHE A 453 -39.32 -34.60 14.28
CA PHE A 453 -38.12 -35.13 13.63
C PHE A 453 -37.89 -36.56 14.08
N ASN A 454 -37.79 -37.46 13.10
CA ASN A 454 -37.45 -38.85 13.35
C ASN A 454 -35.94 -38.98 13.34
N GLY A 455 -35.34 -38.95 14.53
CA GLY A 455 -33.90 -39.00 14.68
C GLY A 455 -33.29 -40.27 14.14
N GLN A 456 -33.99 -41.39 14.33
CA GLN A 456 -33.57 -42.65 13.74
C GLN A 456 -33.67 -42.60 12.22
N TRP A 457 -34.82 -42.18 11.72
CA TRP A 457 -35.10 -42.24 10.28
C TRP A 457 -34.48 -41.09 9.51
N SER A 458 -33.93 -40.09 10.19
CA SER A 458 -33.42 -38.86 9.59
C SER A 458 -34.50 -38.22 8.71
N ARG A 459 -35.70 -38.11 9.27
CA ARG A 459 -36.88 -37.59 8.55
C ARG A 459 -37.62 -36.59 9.45
N PHE A 460 -37.73 -35.36 8.98
CA PHE A 460 -38.54 -34.36 9.65
C PHE A 460 -39.98 -34.45 9.19
N ASP A 461 -40.90 -34.49 10.14
CA ASP A 461 -42.33 -34.64 9.85
C ASP A 461 -43.09 -33.52 10.57
N ASN A 462 -44.41 -33.43 10.46
CA ASN A 462 -45.21 -32.40 11.10
C ASN A 462 -45.58 -32.84 12.52
N TYR A 463 -45.75 -31.85 13.40
CA TYR A 463 -46.11 -32.13 14.79
C TYR A 463 -47.61 -32.27 14.88
N ALA A 464 -48.09 -33.51 14.98
CA ALA A 464 -49.51 -33.79 15.12
C ALA A 464 -49.93 -33.92 16.58
N GLY A 465 -49.01 -33.69 17.52
CA GLY A 465 -49.33 -33.76 18.92
C GLY A 465 -49.93 -32.46 19.43
N PRO A 466 -50.05 -32.33 20.76
CA PRO A 466 -50.61 -31.10 21.33
C PRO A 466 -49.68 -29.91 21.16
N GLN A 467 -50.03 -28.98 20.28
CA GLN A 467 -49.20 -27.83 19.99
C GLN A 467 -49.34 -26.81 21.11
N TYR A 468 -48.27 -26.59 21.85
CA TYR A 468 -48.30 -25.67 22.99
C TYR A 468 -48.34 -24.23 22.51
N ASP A 469 -48.79 -23.35 23.40
CA ASP A 469 -48.88 -21.92 23.10
C ASP A 469 -47.50 -21.29 23.26
N ASP A 470 -47.06 -20.55 22.24
CA ASP A 470 -45.77 -19.89 22.28
C ASP A 470 -45.88 -18.60 23.07
N GLU A 471 -45.21 -18.55 24.22
CA GLU A 471 -45.24 -17.36 25.07
C GLU A 471 -44.11 -16.39 24.70
N LEU B 24 5.08 38.20 -29.62
CA LEU B 24 4.23 39.12 -28.87
C LEU B 24 3.04 38.40 -28.26
N LYS B 25 3.10 38.14 -26.95
CA LYS B 25 2.03 37.47 -26.24
C LYS B 25 0.88 38.42 -25.96
N VAL B 26 -0.26 38.18 -26.57
CA VAL B 26 -1.43 39.04 -26.39
C VAL B 26 -2.02 38.80 -25.01
N PRO B 27 -2.40 39.85 -24.28
CA PRO B 27 -3.13 39.65 -23.01
C PRO B 27 -4.45 38.93 -23.24
N PRO B 28 -4.85 38.05 -22.32
CA PRO B 28 -6.05 37.25 -22.54
C PRO B 28 -7.32 38.07 -22.40
N HIS B 29 -8.27 37.81 -23.29
CA HIS B 29 -9.55 38.50 -23.28
C HIS B 29 -10.56 37.67 -24.07
N SER B 30 -11.82 38.08 -23.97
CA SER B 30 -12.89 37.45 -24.74
C SER B 30 -13.76 38.58 -25.29
N ILE B 31 -13.43 39.03 -26.51
CA ILE B 31 -14.13 40.16 -27.10
C ILE B 31 -15.57 39.79 -27.42
N GLU B 32 -15.80 38.53 -27.81
CA GLU B 32 -17.16 38.07 -28.09
C GLU B 32 -18.03 38.11 -26.84
N ALA B 33 -17.46 37.71 -25.70
CA ALA B 33 -18.19 37.78 -24.43
C ALA B 33 -18.49 39.23 -24.06
N GLU B 34 -17.53 40.14 -24.30
CA GLU B 34 -17.76 41.55 -24.02
C GLU B 34 -18.87 42.12 -24.89
N GLN B 35 -18.88 41.77 -26.18
CA GLN B 35 -19.93 42.24 -27.07
C GLN B 35 -21.27 41.65 -26.68
N SER B 36 -21.28 40.39 -26.23
CA SER B 36 -22.51 39.76 -25.74
C SER B 36 -23.04 40.50 -24.51
N VAL B 37 -22.15 40.86 -23.59
CA VAL B 37 -22.55 41.61 -22.40
C VAL B 37 -23.11 42.97 -22.78
N LEU B 38 -22.45 43.66 -23.70
CA LEU B 38 -22.90 45.00 -24.10
C LEU B 38 -24.24 44.95 -24.81
N GLY B 39 -24.42 43.97 -25.71
CA GLY B 39 -25.71 43.82 -26.38
C GLY B 39 -26.82 43.41 -25.43
N GLY B 40 -26.51 42.56 -24.46
CA GLY B 40 -27.50 42.19 -23.46
C GLY B 40 -27.90 43.35 -22.58
N LEU B 41 -26.93 44.21 -22.24
CA LEU B 41 -27.24 45.41 -21.46
C LEU B 41 -28.05 46.39 -22.28
N MET B 42 -27.80 46.47 -23.59
CA MET B 42 -28.65 47.27 -24.46
C MET B 42 -30.06 46.69 -24.54
N LEU B 43 -30.19 45.37 -24.44
CA LEU B 43 -31.51 44.74 -24.55
C LEU B 43 -32.17 44.56 -23.19
N ASP B 44 -31.42 44.12 -22.18
CA ASP B 44 -31.98 43.83 -20.86
C ASP B 44 -31.11 44.51 -19.81
N ASN B 45 -31.61 45.62 -19.26
CA ASN B 45 -30.87 46.35 -18.23
C ASN B 45 -31.13 45.78 -16.84
N GLU B 46 -32.13 44.90 -16.69
CA GLU B 46 -32.48 44.35 -15.39
C GLU B 46 -31.38 43.46 -14.82
N ARG B 47 -30.61 42.80 -15.68
CA ARG B 47 -29.47 42.02 -15.25
C ARG B 47 -28.21 42.87 -15.08
N TRP B 48 -28.35 44.20 -15.16
CA TRP B 48 -27.22 45.11 -15.05
C TRP B 48 -26.51 44.94 -13.71
N ASP B 49 -27.29 44.76 -12.64
CA ASP B 49 -26.71 44.51 -11.32
C ASP B 49 -25.90 43.22 -11.33
N ASP B 50 -26.40 42.19 -12.03
CA ASP B 50 -25.62 40.98 -12.24
C ASP B 50 -24.34 41.28 -12.98
N VAL B 51 -24.39 42.19 -13.95
CA VAL B 51 -23.18 42.69 -14.57
C VAL B 51 -22.38 43.55 -13.60
N ALA B 52 -23.08 44.33 -12.76
CA ALA B 52 -22.38 45.21 -11.83
C ALA B 52 -21.71 44.42 -10.72
N GLU B 53 -22.23 43.24 -10.39
CA GLU B 53 -21.64 42.40 -9.36
C GLU B 53 -20.29 41.82 -9.77
N ARG B 54 -20.13 41.47 -11.04
CA ARG B 54 -18.99 40.69 -11.49
C ARG B 54 -17.91 41.51 -12.17
N VAL B 55 -18.28 42.49 -12.99
CA VAL B 55 -17.30 43.22 -13.79
C VAL B 55 -17.51 44.72 -13.65
N VAL B 56 -16.43 45.45 -13.92
CA VAL B 56 -16.46 46.91 -13.96
C VAL B 56 -15.98 47.37 -15.33
N ALA B 57 -15.90 48.69 -15.50
CA ALA B 57 -15.43 49.26 -16.76
C ALA B 57 -13.98 48.89 -17.03
N ASP B 58 -13.14 48.91 -16.00
CA ASP B 58 -11.73 48.57 -16.16
C ASP B 58 -11.50 47.08 -16.43
N ASP B 59 -12.52 46.24 -16.25
CA ASP B 59 -12.38 44.82 -16.56
C ASP B 59 -12.38 44.56 -18.07
N PHE B 60 -12.75 45.55 -18.87
CA PHE B 60 -12.80 45.37 -20.32
C PHE B 60 -11.41 45.55 -20.92
N TYR B 61 -11.08 44.70 -21.89
CA TYR B 61 -9.76 44.74 -22.50
C TYR B 61 -9.57 45.99 -23.34
N THR B 62 -10.56 46.33 -24.16
CA THR B 62 -10.45 47.46 -25.07
C THR B 62 -11.02 48.71 -24.43
N ARG B 63 -10.29 49.81 -24.55
CA ARG B 63 -10.72 51.10 -24.02
C ARG B 63 -12.10 51.57 -24.52
N PRO B 64 -12.49 51.38 -25.79
CA PRO B 64 -13.89 51.70 -26.15
C PRO B 64 -14.93 50.95 -25.34
N HIS B 65 -14.68 49.69 -25.01
CA HIS B 65 -15.62 48.94 -24.17
C HIS B 65 -15.66 49.51 -22.76
N ARG B 66 -14.51 49.96 -22.25
CA ARG B 66 -14.47 50.60 -20.94
C ARG B 66 -15.28 51.89 -20.93
N HIS B 67 -15.16 52.69 -22.00
CA HIS B 67 -15.95 53.91 -22.11
C HIS B 67 -17.43 53.60 -22.22
N ILE B 68 -17.77 52.54 -22.95
CA ILE B 68 -19.17 52.15 -23.10
C ILE B 68 -19.75 51.72 -21.76
N PHE B 69 -19.00 50.94 -20.98
CA PHE B 69 -19.50 50.51 -19.68
C PHE B 69 -19.59 51.70 -18.72
N THR B 70 -18.66 52.65 -18.82
CA THR B 70 -18.74 53.85 -17.99
C THR B 70 -19.99 54.66 -18.32
N GLU B 71 -20.29 54.80 -19.61
CA GLU B 71 -21.49 55.52 -20.01
C GLU B 71 -22.75 54.78 -19.58
N MET B 72 -22.74 53.45 -19.66
CA MET B 72 -23.87 52.66 -19.21
C MET B 72 -24.09 52.81 -17.70
N ALA B 73 -23.00 52.82 -16.93
CA ALA B 73 -23.10 53.04 -15.49
C ALA B 73 -23.64 54.43 -15.18
N ARG B 74 -23.19 55.44 -15.94
CA ARG B 74 -23.70 56.78 -15.74
C ARG B 74 -25.18 56.88 -16.08
N LEU B 75 -25.62 56.21 -17.14
CA LEU B 75 -27.03 56.21 -17.50
C LEU B 75 -27.88 55.49 -16.46
N GLN B 76 -27.38 54.37 -15.93
CA GLN B 76 -28.14 53.61 -14.94
C GLN B 76 -28.21 54.35 -13.61
N GLU B 77 -27.12 55.04 -13.24
CA GLU B 77 -27.13 55.86 -12.03
C GLU B 77 -28.09 57.02 -12.17
N SER B 78 -28.19 57.61 -13.36
CA SER B 78 -29.13 58.69 -13.62
C SER B 78 -30.55 58.19 -13.85
N GLY B 79 -30.75 56.87 -13.90
CA GLY B 79 -32.07 56.33 -14.13
C GLY B 79 -32.47 56.23 -15.58
N SER B 80 -31.58 56.61 -16.50
CA SER B 80 -31.88 56.51 -17.93
C SER B 80 -31.81 55.05 -18.37
N PRO B 81 -32.70 54.65 -19.27
CA PRO B 81 -32.64 53.27 -19.80
C PRO B 81 -31.37 53.06 -20.62
N ILE B 82 -30.83 51.84 -20.50
CA ILE B 82 -29.62 51.46 -21.22
C ILE B 82 -30.08 50.74 -22.48
N ASP B 83 -30.22 51.50 -23.55
CA ASP B 83 -30.59 50.97 -24.86
C ASP B 83 -29.61 51.53 -25.89
N LEU B 84 -29.91 51.28 -27.17
CA LEU B 84 -29.06 51.77 -28.24
C LEU B 84 -29.13 53.28 -28.37
N ILE B 85 -30.35 53.83 -28.37
CA ILE B 85 -30.54 55.25 -28.70
C ILE B 85 -30.01 56.12 -27.57
N THR B 86 -30.34 55.78 -26.32
CA THR B 86 -29.91 56.60 -25.19
C THR B 86 -28.40 56.57 -25.03
N LEU B 87 -27.79 55.39 -25.18
CA LEU B 87 -26.34 55.29 -25.09
C LEU B 87 -25.65 56.02 -26.23
N ALA B 88 -26.19 55.91 -27.45
CA ALA B 88 -25.62 56.62 -28.59
C ALA B 88 -25.70 58.13 -28.40
N GLU B 89 -26.84 58.62 -27.91
CA GLU B 89 -27.00 60.04 -27.65
C GLU B 89 -26.07 60.51 -26.54
N SER B 90 -25.89 59.71 -25.49
CA SER B 90 -25.01 60.08 -24.40
C SER B 90 -23.55 60.11 -24.85
N LEU B 91 -23.15 59.15 -25.68
CA LEU B 91 -21.78 59.14 -26.19
C LEU B 91 -21.55 60.28 -27.18
N GLU B 92 -22.57 60.66 -27.95
CA GLU B 92 -22.46 61.79 -28.86
C GLU B 92 -22.37 63.10 -28.08
N ARG B 93 -23.12 63.21 -26.98
CA ARG B 93 -23.09 64.44 -26.18
C ARG B 93 -21.75 64.62 -25.48
N GLN B 94 -21.10 63.53 -25.08
CA GLN B 94 -19.78 63.61 -24.45
C GLN B 94 -18.65 63.53 -25.47
N GLY B 95 -18.96 63.35 -26.75
CA GLY B 95 -17.91 63.26 -27.76
C GLY B 95 -17.20 61.93 -27.79
N GLN B 96 -17.72 60.93 -27.07
CA GLN B 96 -17.12 59.61 -27.05
C GLN B 96 -17.75 58.65 -28.04
N LEU B 97 -18.72 59.11 -28.85
CA LEU B 97 -19.35 58.25 -29.84
C LEU B 97 -18.36 57.81 -30.90
N ASP B 98 -17.51 58.72 -31.36
CA ASP B 98 -16.53 58.39 -32.39
C ASP B 98 -15.39 57.54 -31.82
N SER B 99 -15.09 57.71 -30.53
CA SER B 99 -13.99 56.98 -29.91
C SER B 99 -14.33 55.52 -29.65
N VAL B 100 -15.61 55.16 -29.62
CA VAL B 100 -16.01 53.79 -29.31
C VAL B 100 -16.43 53.02 -30.55
N GLY B 101 -16.27 53.58 -31.75
CA GLY B 101 -16.61 52.90 -32.97
C GLY B 101 -17.78 53.46 -33.74
N GLY B 102 -18.58 54.33 -33.13
CA GLY B 102 -19.68 54.96 -33.83
C GLY B 102 -21.00 54.24 -33.66
N PHE B 103 -22.05 54.87 -34.22
CA PHE B 103 -23.40 54.36 -34.09
C PHE B 103 -23.57 53.03 -34.82
N ALA B 104 -22.89 52.88 -35.96
CA ALA B 104 -22.94 51.61 -36.68
C ALA B 104 -22.33 50.48 -35.85
N TYR B 105 -21.21 50.77 -35.17
CA TYR B 105 -20.60 49.76 -34.31
C TYR B 105 -21.48 49.46 -33.10
N LEU B 106 -22.15 50.48 -32.55
CA LEU B 106 -23.07 50.24 -31.44
C LEU B 106 -24.25 49.38 -31.86
N ALA B 107 -24.79 49.63 -33.06
CA ALA B 107 -25.86 48.79 -33.59
C ALA B 107 -25.36 47.38 -33.85
N GLU B 108 -24.10 47.24 -34.27
CA GLU B 108 -23.50 45.91 -34.43
C GLU B 108 -23.42 45.18 -33.09
N LEU B 109 -23.02 45.89 -32.03
CA LEU B 109 -22.96 45.29 -30.70
C LEU B 109 -24.34 44.88 -30.21
N SER B 110 -25.35 45.71 -30.51
CA SER B 110 -26.73 45.36 -30.15
C SER B 110 -27.20 44.13 -30.91
N LYS B 111 -26.85 44.03 -32.20
CA LYS B 111 -27.32 42.92 -33.02
C LYS B 111 -26.60 41.62 -32.69
N ASN B 112 -25.35 41.71 -32.22
CA ASN B 112 -24.52 40.53 -31.99
C ASN B 112 -25.00 39.66 -30.84
N THR B 113 -25.93 40.14 -30.01
CA THR B 113 -26.36 39.38 -28.84
C THR B 113 -27.74 38.78 -29.09
N PRO B 114 -27.86 37.47 -29.26
CA PRO B 114 -29.20 36.88 -29.44
C PRO B 114 -30.00 36.80 -28.15
N SER B 115 -29.34 36.57 -27.01
CA SER B 115 -30.05 36.41 -25.75
C SER B 115 -29.17 36.92 -24.61
N ALA B 116 -29.80 37.52 -23.60
CA ALA B 116 -29.10 38.05 -22.44
C ALA B 116 -29.25 37.17 -21.21
N ALA B 117 -29.80 35.96 -21.34
CA ALA B 117 -30.01 35.10 -20.19
C ALA B 117 -28.69 34.60 -19.61
N ASN B 118 -27.69 34.36 -20.46
CA ASN B 118 -26.41 33.86 -20.03
C ASN B 118 -25.38 34.97 -19.84
N ILE B 119 -25.84 36.19 -19.56
CA ILE B 119 -24.93 37.33 -19.47
C ILE B 119 -24.11 37.27 -18.20
N SER B 120 -24.59 36.53 -17.18
CA SER B 120 -23.85 36.39 -15.94
C SER B 120 -22.60 35.55 -16.14
N ALA B 121 -22.70 34.48 -16.92
CA ALA B 121 -21.53 33.65 -17.21
C ALA B 121 -20.53 34.41 -18.08
N TYR B 122 -21.02 35.23 -19.01
CA TYR B 122 -20.13 36.06 -19.82
C TYR B 122 -19.42 37.09 -18.94
N ALA B 123 -20.14 37.65 -17.96
CA ALA B 123 -19.53 38.58 -17.02
C ALA B 123 -18.47 37.89 -16.17
N ASP B 124 -18.73 36.65 -15.76
CA ASP B 124 -17.71 35.88 -15.04
C ASP B 124 -16.49 35.62 -15.91
N ILE B 125 -16.71 35.36 -17.20
CA ILE B 125 -15.61 35.16 -18.15
C ILE B 125 -14.76 36.42 -18.25
N VAL B 126 -15.41 37.57 -18.40
CA VAL B 126 -14.69 38.84 -18.51
C VAL B 126 -13.97 39.16 -17.20
N ARG B 127 -14.59 38.81 -16.08
CA ARG B 127 -13.96 38.99 -14.77
C ARG B 127 -12.70 38.16 -14.65
N GLU B 128 -12.76 36.90 -15.10
CA GLU B 128 -11.58 36.04 -15.06
C GLU B 128 -10.48 36.58 -15.97
N ARG B 129 -10.85 37.05 -17.16
CA ARG B 129 -9.87 37.64 -18.07
C ARG B 129 -9.21 38.87 -17.45
N ALA B 130 -10.00 39.71 -16.79
CA ALA B 130 -9.47 40.90 -16.13
C ALA B 130 -8.53 40.52 -14.98
N VAL B 131 -8.89 39.48 -14.22
CA VAL B 131 -8.05 39.04 -13.12
C VAL B 131 -6.71 38.52 -13.64
N VAL B 132 -6.74 37.74 -14.72
CA VAL B 132 -5.50 37.21 -15.29
C VAL B 132 -4.65 38.33 -15.87
N ARG B 133 -5.28 39.32 -16.51
CA ARG B 133 -4.53 40.45 -17.05
C ARG B 133 -3.91 41.29 -15.93
N GLU B 134 -4.63 41.47 -14.83
CA GLU B 134 -4.08 42.18 -13.68
C GLU B 134 -2.91 41.41 -13.08
N MET B 135 -3.03 40.08 -13.04
CA MET B 135 -1.93 39.23 -12.59
C MET B 135 -0.70 39.39 -13.47
N ILE B 136 -0.90 39.43 -14.78
CA ILE B 136 0.20 39.61 -15.72
C ILE B 136 0.85 40.97 -15.52
N SER B 137 0.03 42.01 -15.35
CA SER B 137 0.55 43.36 -15.16
C SER B 137 1.36 43.46 -13.87
N VAL B 138 0.86 42.84 -12.79
CA VAL B 138 1.57 42.88 -11.51
C VAL B 138 2.88 42.10 -11.61
N ALA B 139 2.86 40.96 -12.33
CA ALA B 139 4.08 40.19 -12.54
C ALA B 139 5.11 40.98 -13.33
N ASN B 140 4.64 41.75 -14.33
CA ASN B 140 5.53 42.61 -15.09
C ASN B 140 6.12 43.71 -14.20
N GLU B 141 5.31 44.28 -13.32
CA GLU B 141 5.79 45.29 -12.40
C GLU B 141 6.85 44.72 -11.46
N ILE B 142 6.61 43.50 -10.96
CA ILE B 142 7.56 42.85 -10.06
C ILE B 142 8.87 42.54 -10.78
N ALA B 143 8.77 42.06 -12.03
CA ALA B 143 9.97 41.79 -12.81
C ALA B 143 10.75 43.07 -13.10
N GLU B 144 10.03 44.15 -13.37
CA GLU B 144 10.67 45.45 -13.60
C GLU B 144 11.38 45.94 -12.34
N ALA B 145 10.74 45.78 -11.18
CA ALA B 145 11.38 46.15 -9.93
C ALA B 145 12.57 45.26 -9.59
N GLY B 146 12.52 44.00 -10.03
CA GLY B 146 13.65 43.10 -9.86
C GLY B 146 14.84 43.48 -10.71
N PHE B 147 14.61 43.75 -12.00
CA PHE B 147 15.72 44.11 -12.88
C PHE B 147 16.28 45.49 -12.54
N ASP B 148 15.46 46.35 -11.93
CA ASP B 148 15.87 47.67 -11.47
C ASP B 148 15.49 47.80 -10.00
N PRO B 149 16.33 47.30 -9.08
CA PRO B 149 16.04 47.49 -7.65
C PRO B 149 15.97 48.95 -7.24
N GLN B 150 16.81 49.80 -7.83
CA GLN B 150 16.76 51.26 -7.67
C GLN B 150 16.89 51.66 -6.20
N GLY B 151 17.89 51.08 -5.55
CA GLY B 151 18.14 51.37 -4.15
C GLY B 151 17.38 50.55 -3.14
N ARG B 152 16.26 49.95 -3.55
CA ARG B 152 15.47 49.13 -2.64
C ARG B 152 16.22 47.83 -2.32
N THR B 153 16.22 47.46 -1.04
CA THR B 153 16.89 46.24 -0.63
C THR B 153 16.02 45.03 -0.95
N SER B 154 16.55 43.84 -0.62
CA SER B 154 15.78 42.62 -0.80
C SER B 154 14.55 42.61 0.10
N GLU B 155 14.69 43.17 1.30
CA GLU B 155 13.54 43.32 2.19
C GLU B 155 12.49 44.24 1.59
N ASP B 156 12.93 45.37 1.02
CA ASP B 156 12.01 46.32 0.42
C ASP B 156 11.30 45.72 -0.79
N LEU B 157 12.04 45.03 -1.65
CA LEU B 157 11.43 44.41 -2.83
C LEU B 157 10.48 43.29 -2.43
N LEU B 158 10.84 42.52 -1.38
CA LEU B 158 9.96 41.48 -0.86
C LEU B 158 8.67 42.07 -0.32
N ASP B 159 8.78 43.18 0.42
CA ASP B 159 7.61 43.84 0.96
C ASP B 159 6.72 44.38 -0.15
N LEU B 160 7.33 44.96 -1.18
CA LEU B 160 6.55 45.48 -2.31
C LEU B 160 5.84 44.36 -3.05
N ALA B 161 6.54 43.24 -3.30
CA ALA B 161 5.93 42.11 -4.00
C ALA B 161 4.79 41.50 -3.19
N GLU B 162 5.00 41.36 -1.88
CA GLU B 162 3.95 40.81 -1.01
C GLU B 162 2.77 41.76 -0.93
N SER B 163 3.03 43.08 -0.97
CA SER B 163 1.94 44.05 -1.00
C SER B 163 1.13 43.93 -2.28
N ARG B 164 1.81 43.77 -3.42
CA ARG B 164 1.10 43.60 -4.69
C ARG B 164 0.27 42.33 -4.69
N VAL B 165 0.82 41.23 -4.16
CA VAL B 165 0.08 39.97 -4.12
C VAL B 165 -1.10 40.06 -3.16
N PHE B 166 -0.92 40.79 -2.06
CA PHE B 166 -2.02 41.05 -1.14
C PHE B 166 -3.12 41.85 -1.82
N LYS B 167 -2.74 42.85 -2.62
CA LYS B 167 -3.73 43.64 -3.36
C LYS B 167 -4.48 42.77 -4.36
N ILE B 168 -3.77 41.87 -5.04
CA ILE B 168 -4.41 40.96 -6.00
C ILE B 168 -5.40 40.06 -5.28
N ALA B 169 -4.98 39.47 -4.16
CA ALA B 169 -5.82 38.53 -3.42
C ALA B 169 -7.03 39.24 -2.82
N GLU B 170 -6.85 40.49 -2.40
CA GLU B 170 -7.96 41.27 -1.87
C GLU B 170 -8.96 41.63 -2.96
N SER B 171 -8.45 42.09 -4.11
CA SER B 171 -9.33 42.56 -5.18
C SER B 171 -10.09 41.42 -5.83
N ARG B 172 -9.41 40.29 -6.08
CA ARG B 172 -10.05 39.21 -6.82
C ARG B 172 -10.95 38.33 -5.96
N ALA B 173 -10.81 38.40 -4.63
CA ALA B 173 -11.60 37.56 -3.73
C ALA B 173 -12.51 38.37 -2.82
N ASN B 174 -12.99 39.53 -3.27
CA ASN B 174 -13.95 40.30 -2.49
C ASN B 174 -15.28 39.56 -2.38
N LYS B 175 -15.63 38.77 -3.40
CA LYS B 175 -16.85 37.97 -3.38
C LYS B 175 -16.65 36.80 -2.43
N ASP B 176 -17.08 36.99 -1.17
CA ASP B 176 -16.92 36.10 -0.03
C ASP B 176 -15.61 35.30 -0.03
N GLU B 177 -15.71 33.97 -0.04
CA GLU B 177 -14.57 33.05 -0.12
C GLU B 177 -13.60 33.27 1.04
N GLY B 178 -14.13 33.12 2.25
CA GLY B 178 -13.35 33.29 3.45
C GLY B 178 -14.22 33.43 4.69
N PRO B 179 -13.64 33.93 5.77
CA PRO B 179 -14.44 34.17 6.98
C PRO B 179 -15.45 35.28 6.76
N LYS B 180 -16.67 35.05 7.22
CA LYS B 180 -17.75 36.01 7.08
C LYS B 180 -17.81 36.92 8.30
N ASN B 181 -18.22 38.16 8.07
CA ASN B 181 -18.31 39.13 9.16
C ASN B 181 -19.41 38.75 10.13
N ILE B 182 -19.24 39.17 11.38
CA ILE B 182 -20.20 38.90 12.46
C ILE B 182 -21.55 39.52 12.13
N ALA B 183 -21.54 40.73 11.59
CA ALA B 183 -22.77 41.47 11.32
C ALA B 183 -23.61 40.77 10.27
N ASP B 184 -22.97 40.20 9.24
CA ASP B 184 -23.71 39.51 8.18
C ASP B 184 -24.42 38.27 8.72
N VAL B 185 -23.71 37.49 9.55
CA VAL B 185 -24.32 36.30 10.16
C VAL B 185 -25.43 36.70 11.12
N LEU B 186 -25.23 37.81 11.83
CA LEU B 186 -26.27 38.32 12.72
C LEU B 186 -27.52 38.71 11.95
N ASP B 187 -27.34 39.39 10.81
CA ASP B 187 -28.47 39.79 9.99
C ASP B 187 -29.20 38.58 9.42
N ALA B 188 -28.44 37.59 8.93
CA ALA B 188 -29.07 36.37 8.40
C ALA B 188 -29.82 35.63 9.49
N THR B 189 -29.24 35.55 10.69
CA THR B 189 -29.87 34.83 11.78
C THR B 189 -31.13 35.53 12.26
N VAL B 190 -31.09 36.87 12.37
CA VAL B 190 -32.27 37.59 12.81
C VAL B 190 -33.34 37.57 11.72
N ALA B 191 -32.94 37.49 10.44
CA ALA B 191 -33.91 37.30 9.37
C ALA B 191 -34.59 35.94 9.49
N ARG B 192 -33.81 34.91 9.81
CA ARG B 192 -34.37 33.58 10.03
C ARG B 192 -35.34 33.59 11.21
N ILE B 193 -34.96 34.26 12.31
CA ILE B 193 -35.79 34.27 13.51
C ILE B 193 -37.08 35.04 13.25
N GLU B 194 -37.00 36.17 12.54
CA GLU B 194 -38.20 36.92 12.20
C GLU B 194 -39.08 36.14 11.24
N GLN B 195 -38.47 35.38 10.33
CA GLN B 195 -39.24 34.52 9.44
C GLN B 195 -40.00 33.45 10.22
N LEU B 196 -39.33 32.83 11.19
CA LEU B 196 -39.99 31.82 12.02
C LEU B 196 -41.09 32.44 12.87
N PHE B 197 -40.85 33.65 13.39
CA PHE B 197 -41.84 34.33 14.24
C PHE B 197 -43.07 34.73 13.43
N GLN B 198 -42.87 35.15 12.19
CA GLN B 198 -43.99 35.55 11.34
C GLN B 198 -44.82 34.34 10.93
N GLN B 199 -44.18 33.16 10.85
CA GLN B 199 -44.90 31.95 10.50
C GLN B 199 -45.79 31.53 11.65
N PRO B 200 -47.10 31.44 11.45
CA PRO B 200 -48.03 31.14 12.55
C PRO B 200 -48.36 29.67 12.72
N HIS B 201 -47.57 28.76 12.16
CA HIS B 201 -47.91 27.33 12.23
C HIS B 201 -47.81 26.83 13.67
N ASP B 202 -46.79 27.28 14.41
CA ASP B 202 -46.57 26.92 15.81
C ASP B 202 -46.54 25.41 16.00
N GLY B 203 -45.54 24.78 15.39
CA GLY B 203 -45.52 23.34 15.30
C GLY B 203 -44.33 22.82 14.51
N VAL B 204 -44.60 21.94 13.55
CA VAL B 204 -43.55 21.26 12.81
C VAL B 204 -42.90 22.23 11.82
N THR B 205 -41.77 22.81 12.23
CA THR B 205 -40.96 23.61 11.32
C THR B 205 -40.42 22.71 10.22
N GLY B 206 -39.94 21.54 10.59
CA GLY B 206 -39.50 20.55 9.63
C GLY B 206 -40.66 19.74 9.08
N VAL B 207 -40.36 18.75 8.24
CA VAL B 207 -41.40 17.89 7.69
C VAL B 207 -42.00 17.05 8.81
N ASN B 208 -43.33 17.07 8.93
CA ASN B 208 -44.02 16.42 10.04
C ASN B 208 -43.86 14.91 9.98
N THR B 209 -43.59 14.30 11.13
CA THR B 209 -43.45 12.86 11.21
C THR B 209 -44.80 12.16 11.35
N GLY B 210 -45.87 12.90 11.60
CA GLY B 210 -47.16 12.30 11.88
C GLY B 210 -47.35 11.82 13.29
N TYR B 211 -46.37 12.02 14.17
CA TYR B 211 -46.43 11.59 15.56
C TYR B 211 -46.33 12.83 16.44
N ASP B 212 -47.31 13.00 17.33
CA ASP B 212 -47.36 14.22 18.14
C ASP B 212 -46.21 14.30 19.13
N ASP B 213 -45.96 13.22 19.87
CA ASP B 213 -44.91 13.23 20.88
C ASP B 213 -43.53 13.29 20.25
N LEU B 214 -43.34 12.63 19.10
CA LEU B 214 -42.08 12.74 18.38
C LEU B 214 -41.84 14.15 17.88
N ASN B 215 -42.89 14.81 17.37
CA ASN B 215 -42.74 16.18 16.89
C ASN B 215 -42.65 17.17 18.04
N LYS B 216 -43.00 16.75 19.27
CA LYS B 216 -42.77 17.60 20.42
C LYS B 216 -41.29 17.78 20.71
N LYS B 217 -40.47 16.82 20.29
CA LYS B 217 -39.03 16.91 20.50
C LYS B 217 -38.26 17.22 19.23
N THR B 218 -38.79 16.80 18.07
CA THR B 218 -38.10 16.99 16.81
C THR B 218 -38.56 18.22 16.04
N ALA B 219 -39.80 18.67 16.29
CA ALA B 219 -40.43 19.78 15.58
C ALA B 219 -40.42 19.57 14.06
N GLY B 220 -40.61 18.32 13.65
CA GLY B 220 -40.59 17.97 12.25
C GLY B 220 -39.19 17.65 11.75
N LEU B 221 -39.15 16.99 10.59
CA LEU B 221 -37.88 16.63 9.96
C LEU B 221 -37.33 17.85 9.24
N GLN B 222 -36.34 18.49 9.84
CA GLN B 222 -35.84 19.76 9.32
C GLN B 222 -35.09 19.55 8.01
N PRO B 223 -35.17 20.51 7.09
CA PRO B 223 -34.38 20.40 5.86
C PRO B 223 -32.89 20.52 6.14
N SER B 224 -32.09 19.97 5.23
CA SER B 224 -30.63 19.90 5.29
C SER B 224 -30.14 19.10 6.48
N ASP B 225 -30.97 18.24 7.07
CA ASP B 225 -30.57 17.46 8.23
C ASP B 225 -30.35 16.00 7.85
N LEU B 226 -29.35 15.40 8.45
CA LEU B 226 -29.03 13.98 8.25
C LEU B 226 -29.60 13.19 9.40
N ILE B 227 -30.60 12.37 9.11
CA ILE B 227 -31.31 11.58 10.12
C ILE B 227 -30.98 10.12 9.89
N ILE B 228 -30.52 9.45 10.94
CA ILE B 228 -30.13 8.05 10.87
C ILE B 228 -30.99 7.26 11.85
N VAL B 229 -31.70 6.27 11.33
CA VAL B 229 -32.51 5.36 12.13
C VAL B 229 -31.75 4.05 12.23
N ALA B 230 -31.50 3.59 13.45
CA ALA B 230 -30.69 2.41 13.69
C ALA B 230 -31.50 1.38 14.47
N ALA B 231 -31.51 0.15 13.95
CA ALA B 231 -32.20 -0.95 14.59
C ALA B 231 -31.62 -2.26 14.06
N ARG B 232 -31.97 -3.34 14.75
CA ARG B 232 -31.64 -4.67 14.27
C ARG B 232 -32.49 -5.00 13.05
N PRO B 233 -32.06 -5.96 12.23
CA PRO B 233 -32.91 -6.43 11.14
C PRO B 233 -34.20 -7.05 11.68
N SER B 234 -35.28 -6.89 10.91
CA SER B 234 -36.65 -7.28 11.21
C SER B 234 -37.22 -6.58 12.44
N MET B 235 -36.65 -5.45 12.85
CA MET B 235 -37.22 -4.68 13.95
C MET B 235 -38.28 -3.69 13.49
N GLY B 236 -38.49 -3.55 12.18
CA GLY B 236 -39.40 -2.57 11.65
C GLY B 236 -38.79 -1.22 11.39
N LYS B 237 -37.47 -1.11 11.31
CA LYS B 237 -36.81 0.16 11.02
C LYS B 237 -37.18 0.67 9.64
N THR B 238 -37.13 -0.22 8.65
CA THR B 238 -37.61 0.14 7.31
C THR B 238 -39.11 0.36 7.32
N THR B 239 -39.84 -0.41 8.14
CA THR B 239 -41.27 -0.20 8.29
C THR B 239 -41.58 1.17 8.88
N PHE B 240 -40.82 1.56 9.90
CA PHE B 240 -41.02 2.87 10.52
C PHE B 240 -40.64 4.00 9.56
N ALA B 241 -39.58 3.79 8.79
CA ALA B 241 -39.18 4.78 7.78
C ALA B 241 -40.26 4.92 6.71
N MET B 242 -40.87 3.80 6.32
CA MET B 242 -41.97 3.85 5.36
C MET B 242 -43.18 4.57 5.94
N ASN B 243 -43.45 4.36 7.23
CA ASN B 243 -44.54 5.08 7.88
C ASN B 243 -44.26 6.58 7.91
N LEU B 244 -43.00 6.96 8.15
CA LEU B 244 -42.63 8.37 8.09
C LEU B 244 -42.81 8.93 6.69
N VAL B 245 -42.46 8.15 5.67
CA VAL B 245 -42.64 8.57 4.28
C VAL B 245 -44.11 8.77 3.97
N GLU B 246 -44.95 7.84 4.45
CA GLU B 246 -46.40 7.97 4.26
C GLU B 246 -46.94 9.21 4.94
N ASN B 247 -46.48 9.49 6.16
CA ASN B 247 -46.91 10.69 6.87
C ASN B 247 -46.48 11.95 6.13
N ALA B 248 -45.25 11.97 5.62
CA ALA B 248 -44.77 13.12 4.87
C ALA B 248 -45.57 13.32 3.59
N ALA B 249 -45.89 12.23 2.90
CA ALA B 249 -46.67 12.32 1.68
C ALA B 249 -48.09 12.80 1.95
N MET B 250 -48.69 12.35 3.05
CA MET B 250 -50.03 12.77 3.40
C MET B 250 -50.07 14.18 3.99
N LEU B 251 -48.94 14.70 4.45
CA LEU B 251 -48.90 16.01 5.09
C LEU B 251 -48.17 17.07 4.29
N GLN B 252 -47.74 16.77 3.07
CA GLN B 252 -47.15 17.78 2.20
C GLN B 252 -47.35 17.38 0.75
N ASP B 253 -47.25 18.37 -0.13
CA ASP B 253 -47.36 18.13 -1.57
C ASP B 253 -46.02 17.96 -2.26
N LYS B 254 -44.91 18.15 -1.56
CA LYS B 254 -43.61 17.98 -2.17
C LYS B 254 -43.34 16.49 -2.40
N PRO B 255 -42.65 16.14 -3.49
CA PRO B 255 -42.38 14.72 -3.76
C PRO B 255 -41.38 14.14 -2.78
N VAL B 256 -41.46 12.82 -2.58
CA VAL B 256 -40.56 12.10 -1.69
C VAL B 256 -39.76 11.09 -2.50
N LEU B 257 -38.60 10.72 -2.00
CA LEU B 257 -37.65 9.87 -2.70
C LEU B 257 -37.28 8.69 -1.80
N ILE B 258 -37.34 7.48 -2.37
CA ILE B 258 -37.13 6.24 -1.63
C ILE B 258 -36.07 5.43 -2.36
N PHE B 259 -35.10 4.90 -1.61
CA PHE B 259 -34.10 3.97 -2.15
C PHE B 259 -34.21 2.66 -1.38
N SER B 260 -34.86 1.67 -1.99
CA SER B 260 -35.05 0.36 -1.36
C SER B 260 -34.03 -0.61 -1.96
N LEU B 261 -32.79 -0.53 -1.46
CA LEU B 261 -31.79 -1.48 -1.93
C LEU B 261 -31.92 -2.84 -1.27
N GLU B 262 -32.63 -2.93 -0.14
CA GLU B 262 -32.84 -4.22 0.52
C GLU B 262 -33.96 -5.02 -0.14
N MET B 263 -35.06 -4.36 -0.51
CA MET B 263 -36.23 -5.07 -0.98
C MET B 263 -36.70 -4.52 -2.33
N PRO B 264 -37.37 -5.33 -3.14
CA PRO B 264 -37.99 -4.82 -4.35
C PRO B 264 -39.10 -3.83 -4.03
N SER B 265 -39.35 -2.92 -4.98
CA SER B 265 -40.32 -1.85 -4.77
C SER B 265 -41.74 -2.40 -4.64
N GLU B 266 -41.99 -3.57 -5.21
CA GLU B 266 -43.30 -4.21 -5.05
C GLU B 266 -43.57 -4.56 -3.59
N GLN B 267 -42.57 -5.12 -2.91
CA GLN B 267 -42.72 -5.46 -1.50
C GLN B 267 -42.87 -4.20 -0.65
N ILE B 268 -42.15 -3.15 -1.01
CA ILE B 268 -42.26 -1.88 -0.29
C ILE B 268 -43.66 -1.30 -0.45
N MET B 269 -44.20 -1.36 -1.67
CA MET B 269 -45.55 -0.86 -1.91
C MET B 269 -46.58 -1.71 -1.18
N MET B 270 -46.36 -3.03 -1.11
CA MET B 270 -47.25 -3.89 -0.34
C MET B 270 -47.22 -3.55 1.15
N ARG B 271 -46.03 -3.28 1.68
CA ARG B 271 -45.91 -2.84 3.07
C ARG B 271 -46.63 -1.53 3.30
N SER B 272 -46.48 -0.58 2.36
CA SER B 272 -47.15 0.71 2.49
C SER B 272 -48.67 0.55 2.44
N LEU B 273 -49.16 -0.30 1.56
CA LEU B 273 -50.61 -0.54 1.47
C LEU B 273 -51.13 -1.21 2.74
N ALA B 274 -50.37 -2.16 3.28
CA ALA B 274 -50.78 -2.83 4.51
C ALA B 274 -50.81 -1.86 5.68
N SER B 275 -49.83 -0.94 5.73
CA SER B 275 -49.79 0.03 6.81
C SER B 275 -50.93 1.05 6.68
N LEU B 276 -51.14 1.58 5.48
CA LEU B 276 -52.13 2.64 5.31
C LEU B 276 -53.55 2.11 5.39
N SER B 277 -53.82 0.99 4.72
CA SER B 277 -55.17 0.42 4.71
C SER B 277 -55.49 -0.37 5.98
N ARG B 278 -54.51 -0.57 6.85
CA ARG B 278 -54.67 -1.31 8.10
C ARG B 278 -55.20 -2.73 7.85
N VAL B 279 -54.67 -3.36 6.81
CA VAL B 279 -54.98 -4.74 6.47
C VAL B 279 -53.74 -5.57 6.76
N ASP B 280 -53.94 -6.80 7.24
CA ASP B 280 -52.83 -7.68 7.58
C ASP B 280 -52.03 -8.03 6.33
N GLN B 281 -50.70 -8.03 6.48
CA GLN B 281 -49.82 -8.29 5.35
C GLN B 281 -49.93 -9.72 4.86
N THR B 282 -50.30 -10.65 5.74
CA THR B 282 -50.40 -12.06 5.35
C THR B 282 -51.50 -12.27 4.33
N LYS B 283 -52.66 -11.66 4.54
CA LYS B 283 -53.77 -11.79 3.59
C LYS B 283 -53.45 -11.12 2.27
N ILE B 284 -52.75 -9.99 2.32
CA ILE B 284 -52.38 -9.27 1.10
C ILE B 284 -51.39 -10.08 0.30
N ARG B 285 -50.37 -10.63 0.97
CA ARG B 285 -49.36 -11.44 0.30
C ARG B 285 -49.95 -12.73 -0.26
N THR B 286 -50.83 -13.37 0.50
CA THR B 286 -51.47 -14.59 0.07
C THR B 286 -52.65 -14.35 -0.87
N GLY B 287 -53.10 -13.10 -1.00
CA GLY B 287 -54.23 -12.79 -1.85
C GLY B 287 -55.58 -13.11 -1.26
N GLN B 288 -55.62 -13.58 -0.01
CA GLN B 288 -56.89 -13.94 0.65
C GLN B 288 -57.52 -12.68 1.23
N LEU B 289 -58.03 -11.85 0.32
CA LEU B 289 -58.58 -10.55 0.66
C LEU B 289 -60.08 -10.54 0.38
N ASP B 290 -60.84 -9.99 1.33
CA ASP B 290 -62.29 -9.89 1.18
C ASP B 290 -62.67 -8.62 0.45
N ASP B 291 -63.98 -8.37 0.38
CA ASP B 291 -64.48 -7.19 -0.32
C ASP B 291 -64.11 -5.91 0.42
N GLU B 292 -64.18 -5.93 1.76
CA GLU B 292 -63.83 -4.75 2.55
C GLU B 292 -62.35 -4.41 2.41
N ASP B 293 -61.49 -5.44 2.47
CA ASP B 293 -60.05 -5.21 2.31
C ASP B 293 -59.74 -4.70 0.90
N TRP B 294 -60.41 -5.26 -0.10
CA TRP B 294 -60.24 -4.79 -1.48
C TRP B 294 -60.68 -3.34 -1.63
N ALA B 295 -61.78 -2.96 -0.97
CA ALA B 295 -62.25 -1.58 -1.02
C ALA B 295 -61.26 -0.65 -0.33
N ARG B 296 -60.70 -1.08 0.80
CA ARG B 296 -59.68 -0.27 1.49
C ARG B 296 -58.45 -0.08 0.62
N ILE B 297 -58.02 -1.15 -0.05
CA ILE B 297 -56.85 -1.06 -0.94
C ILE B 297 -57.14 -0.14 -2.12
N SER B 298 -58.35 -0.25 -2.68
CA SER B 298 -58.72 0.61 -3.81
C SER B 298 -58.78 2.08 -3.40
N GLY B 299 -59.32 2.36 -2.21
CA GLY B 299 -59.34 3.73 -1.73
C GLY B 299 -57.95 4.27 -1.47
N THR B 300 -57.07 3.43 -0.91
CA THR B 300 -55.68 3.82 -0.69
C THR B 300 -54.98 4.11 -2.02
N MET B 301 -55.24 3.27 -3.02
CA MET B 301 -54.68 3.48 -4.35
C MET B 301 -55.18 4.78 -4.97
N GLY B 302 -56.47 5.07 -4.80
CA GLY B 302 -57.01 6.31 -5.32
C GLY B 302 -56.39 7.53 -4.66
N ILE B 303 -56.21 7.47 -3.34
CA ILE B 303 -55.57 8.57 -2.62
C ILE B 303 -54.12 8.74 -3.07
N LEU B 304 -53.39 7.64 -3.23
CA LEU B 304 -52.00 7.71 -3.63
C LEU B 304 -51.85 8.25 -5.05
N LEU B 305 -52.72 7.82 -5.96
CA LEU B 305 -52.68 8.32 -7.33
C LEU B 305 -53.17 9.77 -7.41
N GLU B 306 -53.98 10.19 -6.44
CA GLU B 306 -54.30 11.61 -6.32
C GLU B 306 -53.07 12.39 -5.87
N LYS B 307 -52.27 11.80 -4.99
CA LYS B 307 -51.06 12.47 -4.52
C LYS B 307 -50.00 12.51 -5.61
N ARG B 308 -49.55 11.34 -6.08
CA ARG B 308 -48.54 11.21 -7.14
C ARG B 308 -47.26 11.97 -6.82
N ASN B 309 -46.74 11.76 -5.60
CA ASN B 309 -45.53 12.44 -5.16
C ASN B 309 -44.52 11.50 -4.53
N ILE B 310 -44.41 10.26 -5.01
CA ILE B 310 -43.46 9.29 -4.49
C ILE B 310 -42.62 8.77 -5.65
N TYR B 311 -41.31 8.72 -5.48
CA TYR B 311 -40.40 8.19 -6.48
C TYR B 311 -39.47 7.20 -5.79
N ILE B 312 -39.49 5.95 -6.26
CA ILE B 312 -38.80 4.85 -5.59
C ILE B 312 -37.82 4.21 -6.58
N ASP B 313 -36.60 3.98 -6.13
CA ASP B 313 -35.59 3.23 -6.89
C ASP B 313 -35.10 2.08 -6.01
N ASP B 314 -35.01 0.89 -6.59
CA ASP B 314 -34.55 -0.29 -5.89
C ASP B 314 -33.27 -0.87 -6.50
N SER B 315 -32.53 -0.08 -7.26
CA SER B 315 -31.30 -0.55 -7.88
C SER B 315 -30.23 -0.77 -6.80
N SER B 316 -29.41 -1.80 -7.00
CA SER B 316 -28.39 -2.17 -6.04
C SER B 316 -27.02 -1.64 -6.44
N GLY B 317 -26.14 -1.51 -5.46
CA GLY B 317 -24.78 -1.04 -5.71
C GLY B 317 -24.71 0.39 -6.18
N LEU B 318 -25.58 1.26 -5.68
CA LEU B 318 -25.65 2.62 -6.17
C LEU B 318 -24.53 3.48 -5.59
N THR B 319 -23.85 4.21 -6.45
CA THR B 319 -22.88 5.19 -6.00
C THR B 319 -23.59 6.47 -5.60
N PRO B 320 -22.99 7.25 -4.69
CA PRO B 320 -23.61 8.55 -4.32
C PRO B 320 -23.73 9.53 -5.47
N THR B 321 -22.88 9.40 -6.50
CA THR B 321 -22.96 10.28 -7.65
C THR B 321 -24.27 10.09 -8.40
N GLU B 322 -24.66 8.83 -8.63
CA GLU B 322 -25.92 8.54 -9.30
C GLU B 322 -27.11 9.02 -8.48
N VAL B 323 -27.03 8.83 -7.17
CA VAL B 323 -28.10 9.28 -6.27
C VAL B 323 -28.23 10.79 -6.34
N ARG B 324 -27.10 11.50 -6.32
CA ARG B 324 -27.11 12.95 -6.40
C ARG B 324 -27.68 13.43 -7.73
N SER B 325 -27.29 12.76 -8.83
CA SER B 325 -27.79 13.13 -10.15
C SER B 325 -29.30 12.94 -10.24
N ARG B 326 -29.79 11.80 -9.75
CA ARG B 326 -31.23 11.54 -9.79
C ARG B 326 -31.99 12.51 -8.89
N ALA B 327 -31.43 12.83 -7.72
CA ALA B 327 -32.08 13.77 -6.81
C ALA B 327 -32.16 15.17 -7.43
N ARG B 328 -31.08 15.60 -8.08
CA ARG B 328 -31.10 16.90 -8.75
C ARG B 328 -32.10 16.90 -9.90
N ARG B 329 -32.18 15.78 -10.64
CA ARG B 329 -33.12 15.68 -11.74
C ARG B 329 -34.56 15.78 -11.24
N ILE B 330 -34.89 15.05 -10.16
CA ILE B 330 -36.25 15.06 -9.65
C ILE B 330 -36.59 16.41 -9.04
N ALA B 331 -35.62 17.04 -8.36
CA ALA B 331 -35.85 18.35 -7.78
C ALA B 331 -36.07 19.40 -8.86
N ARG B 332 -35.34 19.30 -9.96
CA ARG B 332 -35.57 20.21 -11.08
C ARG B 332 -36.93 19.96 -11.73
N GLU B 333 -37.32 18.69 -11.87
CA GLU B 333 -38.56 18.37 -12.55
C GLU B 333 -39.78 18.70 -11.70
N HIS B 334 -39.63 18.75 -10.38
CA HIS B 334 -40.77 18.93 -9.49
C HIS B 334 -40.61 20.09 -8.53
N GLY B 335 -39.66 20.99 -8.77
CA GLY B 335 -39.47 22.14 -7.90
C GLY B 335 -38.98 21.79 -6.51
N GLY B 336 -38.11 20.80 -6.41
CA GLY B 336 -37.58 20.38 -5.13
C GLY B 336 -38.14 19.04 -4.69
N ILE B 337 -37.50 18.48 -3.67
CA ILE B 337 -37.89 17.19 -3.11
C ILE B 337 -38.14 17.38 -1.61
N GLY B 338 -39.28 16.88 -1.15
CA GLY B 338 -39.61 16.96 0.26
C GLY B 338 -38.76 16.10 1.17
N LEU B 339 -38.46 14.88 0.75
CA LEU B 339 -37.80 13.91 1.63
C LEU B 339 -37.05 12.89 0.79
N ILE B 340 -35.88 12.46 1.27
CA ILE B 340 -35.11 11.40 0.65
C ILE B 340 -34.99 10.25 1.63
N MET B 341 -35.24 9.03 1.15
CA MET B 341 -35.15 7.82 1.96
C MET B 341 -34.17 6.85 1.34
N ILE B 342 -33.26 6.33 2.17
CA ILE B 342 -32.22 5.41 1.73
C ILE B 342 -32.25 4.18 2.62
N ASP B 343 -32.33 2.99 2.00
CA ASP B 343 -32.36 1.72 2.72
C ASP B 343 -31.41 0.75 2.02
N TYR B 344 -30.17 0.66 2.50
CA TYR B 344 -29.65 1.46 3.61
C TYR B 344 -28.23 1.92 3.33
N LEU B 345 -27.56 2.41 4.37
CA LEU B 345 -26.23 3.02 4.23
C LEU B 345 -25.21 2.01 3.73
N GLN B 346 -25.22 0.80 4.29
CA GLN B 346 -24.16 -0.16 4.02
C GLN B 346 -24.31 -0.85 2.67
N LEU B 347 -25.42 -0.63 1.97
CA LEU B 347 -25.62 -1.23 0.65
C LEU B 347 -25.10 -0.38 -0.49
N MET B 348 -24.71 0.86 -0.22
CA MET B 348 -24.12 1.69 -1.25
C MET B 348 -22.66 1.30 -1.49
N ARG B 349 -22.21 1.47 -2.73
CA ARG B 349 -20.87 1.06 -3.12
C ARG B 349 -20.11 2.23 -3.70
N VAL B 350 -18.85 2.36 -3.30
CA VAL B 350 -17.93 3.34 -3.87
C VAL B 350 -16.70 2.59 -4.39
N PRO B 351 -16.48 2.61 -5.71
CA PRO B 351 -15.30 1.91 -6.26
C PRO B 351 -13.98 2.50 -5.79
N ALA B 352 -13.93 3.81 -5.51
CA ALA B 352 -12.69 4.46 -5.14
C ALA B 352 -12.20 4.03 -3.76
N LEU B 353 -13.10 3.70 -2.85
CA LEU B 353 -12.73 3.27 -1.50
C LEU B 353 -13.27 1.88 -1.17
N SER B 354 -13.26 0.97 -2.14
CA SER B 354 -13.75 -0.37 -1.88
C SER B 354 -12.82 -1.15 -0.95
N ASP B 355 -11.54 -0.78 -0.89
CA ASP B 355 -10.60 -1.50 -0.05
C ASP B 355 -10.78 -1.17 1.43
N ASN B 356 -11.16 0.07 1.75
CA ASN B 356 -11.34 0.49 3.14
C ASN B 356 -12.83 0.71 3.35
N ARG B 357 -13.46 -0.19 4.11
CA ARG B 357 -14.88 -0.09 4.37
C ARG B 357 -15.21 1.14 5.20
N THR B 358 -14.39 1.43 6.21
CA THR B 358 -14.63 2.56 7.09
C THR B 358 -14.53 3.88 6.33
N LEU B 359 -13.50 4.02 5.50
CA LEU B 359 -13.35 5.23 4.70
C LEU B 359 -14.46 5.35 3.67
N GLU B 360 -14.91 4.22 3.12
CA GLU B 360 -16.03 4.23 2.18
C GLU B 360 -17.30 4.72 2.86
N ILE B 361 -17.56 4.24 4.08
CA ILE B 361 -18.74 4.68 4.83
C ILE B 361 -18.63 6.17 5.16
N ALA B 362 -17.43 6.61 5.54
CA ALA B 362 -17.21 8.02 5.86
C ALA B 362 -17.47 8.91 4.65
N GLU B 363 -16.96 8.51 3.48
CA GLU B 363 -17.16 9.31 2.28
C GLU B 363 -18.63 9.29 1.84
N ILE B 364 -19.30 8.14 2.01
CA ILE B 364 -20.71 8.05 1.67
C ILE B 364 -21.53 9.00 2.54
N SER B 365 -21.28 8.99 3.85
CA SER B 365 -22.02 9.85 4.77
C SER B 365 -21.70 11.32 4.50
N ARG B 366 -20.45 11.62 4.19
CA ARG B 366 -20.06 12.99 3.87
C ARG B 366 -20.76 13.48 2.61
N SER B 367 -20.82 12.64 1.58
CA SER B 367 -21.48 13.03 0.34
C SER B 367 -22.98 13.17 0.55
N LEU B 368 -23.57 12.32 1.38
CA LEU B 368 -24.99 12.44 1.69
C LEU B 368 -25.30 13.73 2.43
N LYS B 369 -24.46 14.08 3.41
CA LYS B 369 -24.65 15.33 4.13
C LYS B 369 -24.47 16.54 3.21
N ALA B 370 -23.48 16.46 2.30
CA ALA B 370 -23.28 17.53 1.33
C ALA B 370 -24.48 17.68 0.42
N LEU B 371 -25.05 16.57 -0.04
CA LEU B 371 -26.24 16.63 -0.89
C LEU B 371 -27.44 17.19 -0.14
N ALA B 372 -27.59 16.79 1.13
CA ALA B 372 -28.70 17.28 1.94
C ALA B 372 -28.59 18.79 2.16
N LYS B 373 -27.37 19.27 2.41
CA LYS B 373 -27.18 20.71 2.55
C LYS B 373 -27.37 21.42 1.21
N GLU B 374 -27.00 20.76 0.12
CA GLU B 374 -27.12 21.36 -1.20
C GLU B 374 -28.57 21.57 -1.60
N LEU B 375 -29.39 20.52 -1.49
CA LEU B 375 -30.76 20.58 -1.95
C LEU B 375 -31.75 20.99 -0.87
N ASN B 376 -31.27 21.17 0.36
CA ASN B 376 -32.09 21.57 1.52
C ASN B 376 -33.26 20.61 1.72
N VAL B 377 -32.96 19.33 1.79
CA VAL B 377 -33.97 18.29 1.92
C VAL B 377 -33.57 17.37 3.06
N PRO B 378 -34.50 16.97 3.93
CA PRO B 378 -34.18 15.94 4.92
C PRO B 378 -33.94 14.60 4.25
N VAL B 379 -32.84 13.96 4.63
CA VAL B 379 -32.45 12.67 4.09
C VAL B 379 -32.35 11.70 5.26
N VAL B 380 -33.15 10.64 5.20
CA VAL B 380 -33.15 9.60 6.22
C VAL B 380 -32.53 8.36 5.59
N ALA B 381 -31.35 7.98 6.08
CA ALA B 381 -30.66 6.78 5.61
C ALA B 381 -30.59 5.79 6.76
N LEU B 382 -30.98 4.55 6.50
CA LEU B 382 -31.04 3.53 7.54
C LEU B 382 -29.66 2.93 7.79
N SER B 383 -29.49 2.33 8.96
CA SER B 383 -28.22 1.75 9.34
C SER B 383 -28.46 0.49 10.18
N GLN B 384 -27.43 -0.35 10.26
CA GLN B 384 -27.51 -1.60 11.00
C GLN B 384 -26.67 -1.53 12.26
N LEU B 385 -26.99 -2.40 13.21
CA LEU B 385 -26.35 -2.42 14.52
C LEU B 385 -25.41 -3.60 14.64
N ASN B 386 -24.32 -3.39 15.39
CA ASN B 386 -23.47 -4.49 15.78
C ASN B 386 -24.13 -5.29 16.89
N ARG B 387 -23.77 -6.56 16.99
CA ARG B 387 -24.43 -7.45 17.95
C ARG B 387 -23.84 -7.31 19.36
N SER B 388 -22.82 -6.47 19.53
CA SER B 388 -22.19 -6.30 20.84
C SER B 388 -23.17 -5.75 21.87
N LEU B 389 -24.16 -4.97 21.43
CA LEU B 389 -25.18 -4.46 22.35
C LEU B 389 -26.01 -5.59 22.94
N GLU B 390 -26.14 -6.70 22.19
CA GLU B 390 -26.81 -7.87 22.72
C GLU B 390 -25.91 -8.67 23.66
N GLN B 391 -24.61 -8.42 23.65
CA GLN B 391 -23.72 -9.01 24.64
C GLN B 391 -23.86 -8.34 26.00
N ARG B 392 -24.36 -7.12 26.04
CA ARG B 392 -24.54 -6.40 27.30
C ARG B 392 -25.80 -6.86 28.00
N ALA B 393 -25.87 -6.57 29.30
CA ALA B 393 -27.09 -6.82 30.05
C ALA B 393 -28.23 -5.95 29.55
N ASP B 394 -27.95 -4.69 29.29
CA ASP B 394 -28.92 -3.78 28.69
C ASP B 394 -28.72 -3.79 27.17
N LYS B 395 -29.79 -4.10 26.44
CA LYS B 395 -29.76 -4.14 24.99
C LYS B 395 -30.32 -2.87 24.36
N ARG B 396 -30.58 -1.84 25.15
CA ARG B 396 -31.01 -0.56 24.58
C ARG B 396 -29.82 0.09 23.89
N PRO B 397 -29.96 0.51 22.63
CA PRO B 397 -28.79 0.88 21.83
C PRO B 397 -28.14 2.17 22.27
N VAL B 398 -26.84 2.26 22.00
CA VAL B 398 -26.05 3.47 22.20
C VAL B 398 -25.41 3.85 20.87
N ASN B 399 -24.62 4.92 20.90
CA ASN B 399 -24.04 5.45 19.68
C ASN B 399 -22.98 4.52 19.09
N SER B 400 -22.31 3.75 19.94
CA SER B 400 -21.22 2.90 19.46
C SER B 400 -21.71 1.62 18.82
N ASP B 401 -23.00 1.30 18.93
CA ASP B 401 -23.50 0.02 18.46
C ASP B 401 -23.67 -0.04 16.94
N LEU B 402 -23.63 1.09 16.25
CA LEU B 402 -23.78 1.09 14.81
C LEU B 402 -22.52 0.56 14.15
N ARG B 403 -22.66 0.06 12.92
CA ARG B 403 -21.52 -0.49 12.22
C ARG B 403 -20.72 0.63 11.56
N GLU B 404 -19.43 0.70 11.92
CA GLU B 404 -18.53 1.81 11.55
C GLU B 404 -19.13 3.15 11.95
N SER B 405 -19.44 3.27 13.25
CA SER B 405 -20.25 4.39 13.72
C SER B 405 -19.44 5.66 13.87
N GLY B 406 -18.13 5.59 13.67
CA GLY B 406 -17.25 6.72 13.95
C GLY B 406 -17.56 7.94 13.12
N SER B 407 -17.73 7.75 11.81
CA SER B 407 -18.12 8.87 10.95
C SER B 407 -19.62 9.07 10.98
N ILE B 408 -20.38 8.01 11.27
CA ILE B 408 -21.83 8.08 11.21
C ILE B 408 -22.38 8.99 12.29
N GLU B 409 -21.86 8.87 13.51
CA GLU B 409 -22.34 9.71 14.60
C GLU B 409 -21.98 11.18 14.38
N GLN B 410 -20.79 11.43 13.81
CA GLN B 410 -20.37 12.81 13.57
C GLN B 410 -21.20 13.46 12.47
N ASP B 411 -21.37 12.76 11.34
CA ASP B 411 -22.04 13.39 10.20
C ASP B 411 -23.54 13.53 10.40
N ALA B 412 -24.15 12.67 11.20
CA ALA B 412 -25.59 12.70 11.38
C ALA B 412 -26.02 13.90 12.21
N ASP B 413 -27.18 14.45 11.88
CA ASP B 413 -27.82 15.50 12.67
C ASP B 413 -28.74 14.92 13.74
N LEU B 414 -29.59 13.98 13.35
CA LEU B 414 -30.48 13.28 14.25
C LEU B 414 -30.17 11.80 14.20
N ILE B 415 -30.07 11.15 15.36
CA ILE B 415 -29.88 9.72 15.46
C ILE B 415 -30.98 9.15 16.34
N MET B 416 -31.73 8.19 15.81
CA MET B 416 -32.80 7.55 16.55
C MET B 416 -32.61 6.04 16.50
N PHE B 417 -32.61 5.41 17.68
CA PHE B 417 -32.52 3.97 17.80
C PHE B 417 -33.92 3.42 18.02
N ILE B 418 -34.17 2.22 17.49
CA ILE B 418 -35.43 1.53 17.69
C ILE B 418 -35.18 0.34 18.60
N TYR B 419 -35.88 0.28 19.72
CA TYR B 419 -35.72 -0.78 20.71
C TYR B 419 -37.05 -1.47 20.92
N ARG B 420 -37.01 -2.79 21.03
CA ARG B 420 -38.20 -3.60 21.32
C ARG B 420 -37.84 -4.64 22.35
N ASP B 421 -38.27 -4.41 23.60
CA ASP B 421 -37.95 -5.34 24.68
C ASP B 421 -38.72 -6.65 24.51
N GLU B 422 -39.86 -6.60 23.84
CA GLU B 422 -40.66 -7.80 23.58
C GLU B 422 -39.91 -8.80 22.71
N VAL B 423 -39.00 -8.34 21.86
CA VAL B 423 -38.19 -9.26 21.07
C VAL B 423 -37.24 -10.05 21.95
N TYR B 424 -36.57 -9.40 22.89
CA TYR B 424 -35.59 -10.06 23.75
C TYR B 424 -36.19 -10.63 25.02
N HIS B 425 -37.44 -10.31 25.33
CA HIS B 425 -38.10 -10.79 26.54
C HIS B 425 -39.50 -11.27 26.15
N GLU B 426 -39.74 -12.58 26.32
CA GLU B 426 -41.05 -13.14 26.00
C GLU B 426 -42.12 -12.64 26.97
N ASN B 427 -41.77 -12.46 28.24
CA ASN B 427 -42.71 -11.98 29.26
C ASN B 427 -42.62 -10.47 29.43
N SER B 428 -42.19 -9.76 28.39
CA SER B 428 -42.13 -8.31 28.46
C SER B 428 -43.54 -7.73 28.48
N ASP B 429 -43.72 -6.68 29.30
CA ASP B 429 -45.00 -6.00 29.36
C ASP B 429 -45.15 -4.95 28.28
N LEU B 430 -44.13 -4.73 27.46
CA LEU B 430 -44.15 -3.73 26.40
C LEU B 430 -44.45 -4.33 25.04
N LYS B 431 -45.35 -5.31 25.00
CA LYS B 431 -45.72 -5.94 23.73
C LYS B 431 -46.47 -4.95 22.85
N GLY B 432 -46.06 -4.86 21.59
CA GLY B 432 -46.61 -3.86 20.70
C GLY B 432 -46.08 -2.46 20.91
N ILE B 433 -45.13 -2.28 21.80
CA ILE B 433 -44.59 -0.97 22.14
C ILE B 433 -43.13 -0.91 21.68
N ALA B 434 -42.79 0.13 20.93
CA ALA B 434 -41.45 0.36 20.43
C ALA B 434 -40.88 1.63 21.03
N GLU B 435 -39.62 1.58 21.44
CA GLU B 435 -38.94 2.71 22.03
C GLU B 435 -38.08 3.39 20.98
N ILE B 436 -38.44 4.61 20.60
CA ILE B 436 -37.64 5.43 19.71
C ILE B 436 -36.75 6.29 20.60
N ILE B 437 -35.48 5.95 20.68
CA ILE B 437 -34.53 6.64 21.54
C ILE B 437 -33.75 7.61 20.68
N ILE B 438 -34.08 8.90 20.77
CA ILE B 438 -33.26 9.95 20.19
C ILE B 438 -31.98 9.99 20.99
N GLY B 439 -30.87 9.57 20.36
CA GLY B 439 -29.59 9.59 21.04
C GLY B 439 -28.71 10.75 20.64
N LYS B 440 -28.95 11.32 19.47
CA LYS B 440 -28.22 12.50 19.03
C LYS B 440 -29.20 13.52 18.45
N GLN B 441 -29.17 14.73 19.00
CA GLN B 441 -29.96 15.85 18.48
C GLN B 441 -29.19 17.11 18.79
N ARG B 442 -28.74 17.81 17.74
CA ARG B 442 -27.90 18.98 17.92
C ARG B 442 -28.67 20.12 18.58
N ASN B 443 -29.95 20.26 18.25
CA ASN B 443 -30.75 21.37 18.78
C ASN B 443 -31.90 20.86 19.62
N GLY B 444 -31.66 19.82 20.42
CA GLY B 444 -32.69 19.27 21.27
C GLY B 444 -32.17 18.24 22.23
N PRO B 445 -32.95 17.97 23.28
CA PRO B 445 -32.53 16.96 24.27
C PRO B 445 -32.69 15.55 23.73
N ILE B 446 -31.90 14.63 24.30
CA ILE B 446 -32.03 13.22 23.98
C ILE B 446 -33.11 12.59 24.84
N GLY B 447 -33.55 11.40 24.47
CA GLY B 447 -34.50 10.70 25.29
C GLY B 447 -35.35 9.73 24.48
N THR B 448 -36.22 9.01 25.19
CA THR B 448 -36.97 7.90 24.60
C THR B 448 -38.45 8.24 24.51
N VAL B 449 -39.05 7.98 23.36
CA VAL B 449 -40.48 8.15 23.14
C VAL B 449 -41.07 6.80 22.76
N ARG B 450 -42.20 6.46 23.37
CA ARG B 450 -42.85 5.18 23.13
C ARG B 450 -43.88 5.31 22.02
N LEU B 451 -44.00 4.27 21.19
CA LEU B 451 -44.97 4.21 20.11
C LEU B 451 -45.62 2.84 20.08
N THR B 452 -46.80 2.78 19.45
CA THR B 452 -47.55 1.53 19.32
C THR B 452 -47.24 0.90 17.98
N PHE B 453 -46.89 -0.38 17.98
CA PHE B 453 -46.55 -1.11 16.76
C PHE B 453 -47.62 -2.16 16.49
N ASN B 454 -48.15 -2.14 15.27
CA ASN B 454 -49.07 -3.17 14.78
C ASN B 454 -48.28 -4.06 13.83
N GLY B 455 -47.87 -5.22 14.34
CA GLY B 455 -47.18 -6.19 13.51
C GLY B 455 -48.05 -6.77 12.42
N GLN B 456 -49.35 -6.91 12.72
CA GLN B 456 -50.28 -7.40 11.71
C GLN B 456 -50.39 -6.45 10.53
N TRP B 457 -50.62 -5.17 10.80
CA TRP B 457 -50.69 -4.15 9.76
C TRP B 457 -49.32 -3.60 9.41
N SER B 458 -48.31 -3.92 10.22
CA SER B 458 -46.95 -3.37 10.12
C SER B 458 -47.00 -1.85 10.08
N ARG B 459 -47.48 -1.27 11.19
CA ARG B 459 -47.72 0.16 11.27
C ARG B 459 -47.18 0.68 12.59
N PHE B 460 -46.69 1.90 12.59
CA PHE B 460 -46.30 2.58 13.82
C PHE B 460 -47.20 3.77 14.05
N ASP B 461 -47.74 3.87 15.26
CA ASP B 461 -48.69 4.90 15.63
C ASP B 461 -48.28 5.51 16.97
N ASN B 462 -48.90 6.64 17.29
CA ASN B 462 -48.68 7.25 18.59
C ASN B 462 -49.16 6.35 19.71
N TYR B 463 -48.36 6.26 20.77
CA TYR B 463 -48.69 5.40 21.89
C TYR B 463 -49.83 5.99 22.69
N ALA B 464 -50.96 5.28 22.71
CA ALA B 464 -52.19 5.76 23.35
C ALA B 464 -52.33 5.24 24.77
N GLY B 465 -51.32 4.57 25.30
CA GLY B 465 -51.34 4.08 26.65
C GLY B 465 -50.91 5.15 27.63
N PRO B 466 -50.78 4.77 28.90
CA PRO B 466 -50.32 5.73 29.92
C PRO B 466 -48.89 6.17 29.68
N GLN B 467 -48.62 7.43 30.01
CA GLN B 467 -47.27 7.98 29.84
C GLN B 467 -46.40 7.56 31.01
N TYR B 468 -45.19 7.11 30.70
CA TYR B 468 -44.24 6.70 31.73
C TYR B 468 -43.13 7.75 31.83
N ASP B 469 -42.80 8.13 33.07
CA ASP B 469 -41.78 9.15 33.29
C ASP B 469 -40.40 8.62 32.91
N ASP B 470 -39.66 9.42 32.15
CA ASP B 470 -38.32 9.05 31.73
C ASP B 470 -37.31 9.52 32.78
N GLU B 471 -36.74 8.57 33.52
CA GLU B 471 -35.77 8.88 34.56
C GLU B 471 -34.41 9.23 33.96
N LEU C 24 18.61 44.61 -23.52
CA LEU C 24 18.34 43.36 -22.82
C LEU C 24 18.41 43.57 -21.30
N LYS C 25 17.38 43.08 -20.59
CA LYS C 25 17.34 43.20 -19.14
C LYS C 25 18.32 42.21 -18.50
N VAL C 26 19.46 42.71 -18.07
CA VAL C 26 20.46 41.87 -17.42
C VAL C 26 20.02 41.61 -15.97
N PRO C 27 19.98 40.35 -15.54
CA PRO C 27 19.71 40.06 -14.13
C PRO C 27 20.78 40.67 -13.23
N PRO C 28 20.40 41.21 -12.08
CA PRO C 28 21.37 41.86 -11.21
C PRO C 28 22.28 40.84 -10.54
N HIS C 29 23.58 41.14 -10.54
CA HIS C 29 24.58 40.26 -9.95
C HIS C 29 25.83 41.08 -9.67
N SER C 30 26.70 40.53 -8.83
CA SER C 30 27.97 41.16 -8.48
C SER C 30 29.07 40.11 -8.65
N ILE C 31 29.69 40.10 -9.83
CA ILE C 31 30.75 39.13 -10.11
C ILE C 31 31.96 39.40 -9.22
N GLU C 32 32.24 40.68 -8.95
CA GLU C 32 33.36 41.04 -8.09
C GLU C 32 33.18 40.49 -6.67
N ALA C 33 31.95 40.54 -6.16
CA ALA C 33 31.67 39.98 -4.84
C ALA C 33 31.87 38.48 -4.83
N GLU C 34 31.43 37.80 -5.90
CA GLU C 34 31.62 36.35 -6.00
C GLU C 34 33.10 35.99 -6.04
N GLN C 35 33.88 36.72 -6.82
CA GLN C 35 35.31 36.48 -6.91
C GLN C 35 36.01 36.74 -5.58
N SER C 36 35.59 37.81 -4.89
CA SER C 36 36.14 38.10 -3.57
C SER C 36 35.81 37.00 -2.57
N VAL C 37 34.58 36.48 -2.62
CA VAL C 37 34.18 35.38 -1.73
C VAL C 37 35.02 34.14 -2.00
N LEU C 38 35.19 33.79 -3.28
CA LEU C 38 35.99 32.61 -3.63
C LEU C 38 37.45 32.78 -3.23
N GLY C 39 38.00 33.98 -3.45
CA GLY C 39 39.38 34.21 -3.06
C GLY C 39 39.58 34.19 -1.56
N GLY C 40 38.63 34.74 -0.81
CA GLY C 40 38.71 34.66 0.64
C GLY C 40 38.57 33.24 1.15
N LEU C 41 37.73 32.44 0.49
CA LEU C 41 37.63 31.02 0.83
C LEU C 41 38.94 30.28 0.56
N MET C 42 39.62 30.63 -0.54
CA MET C 42 40.95 30.08 -0.78
C MET C 42 41.94 30.55 0.29
N LEU C 43 41.85 31.81 0.70
CA LEU C 43 42.74 32.35 1.72
C LEU C 43 42.43 31.84 3.13
N ASP C 44 41.16 31.77 3.50
CA ASP C 44 40.77 31.41 4.86
C ASP C 44 39.56 30.48 4.78
N ASN C 45 39.74 29.23 5.18
CA ASN C 45 38.63 28.29 5.21
C ASN C 45 37.80 28.44 6.47
N GLU C 46 38.34 29.13 7.48
CA GLU C 46 37.66 29.24 8.77
C GLU C 46 36.39 30.07 8.67
N ARG C 47 36.31 30.98 7.71
CA ARG C 47 35.10 31.76 7.46
C ARG C 47 34.14 31.02 6.54
N TRP C 48 34.43 29.76 6.20
CA TRP C 48 33.62 29.00 5.25
C TRP C 48 32.20 28.84 5.75
N ASP C 49 32.02 28.56 7.04
CA ASP C 49 30.69 28.47 7.62
C ASP C 49 29.96 29.81 7.51
N ASP C 50 30.69 30.91 7.67
CA ASP C 50 30.12 32.23 7.44
C ASP C 50 29.64 32.36 6.00
N VAL C 51 30.39 31.80 5.07
CA VAL C 51 29.91 31.70 3.69
C VAL C 51 28.79 30.67 3.60
N ALA C 52 28.91 29.56 4.34
CA ALA C 52 27.90 28.52 4.25
C ALA C 52 26.59 28.94 4.90
N GLU C 53 26.65 29.84 5.87
CA GLU C 53 25.43 30.34 6.52
C GLU C 53 24.57 31.16 5.57
N ARG C 54 25.16 31.98 4.72
CA ARG C 54 24.42 32.96 3.93
C ARG C 54 24.08 32.48 2.53
N VAL C 55 25.05 31.92 1.80
CA VAL C 55 24.86 31.62 0.39
C VAL C 55 25.08 30.14 0.13
N VAL C 56 24.50 29.65 -0.95
CA VAL C 56 24.65 28.27 -1.38
C VAL C 56 25.21 28.26 -2.81
N ALA C 57 25.36 27.06 -3.36
CA ALA C 57 25.92 26.91 -4.69
C ALA C 57 25.05 27.54 -5.77
N ASP C 58 23.73 27.37 -5.65
CA ASP C 58 22.81 27.90 -6.66
C ASP C 58 22.66 29.41 -6.59
N ASP C 59 23.14 30.05 -5.52
CA ASP C 59 23.03 31.50 -5.41
C ASP C 59 23.98 32.24 -6.34
N PHE C 60 25.02 31.57 -6.84
CA PHE C 60 25.95 32.20 -7.76
C PHE C 60 25.30 32.38 -9.13
N TYR C 61 25.43 33.58 -9.68
CA TYR C 61 24.82 33.88 -10.98
C TYR C 61 25.47 33.08 -12.09
N THR C 62 26.79 32.98 -12.09
CA THR C 62 27.51 32.30 -13.15
C THR C 62 27.70 30.82 -12.80
N ARG C 63 27.39 29.96 -13.77
CA ARG C 63 27.55 28.52 -13.60
C ARG C 63 28.97 28.07 -13.22
N PRO C 64 30.06 28.61 -13.80
CA PRO C 64 31.39 28.23 -13.28
C PRO C 64 31.60 28.52 -11.81
N HIS C 65 31.07 29.64 -11.31
CA HIS C 65 31.18 29.93 -9.88
C HIS C 65 30.36 28.94 -9.06
N ARG C 66 29.22 28.50 -9.61
CA ARG C 66 28.44 27.45 -8.94
C ARG C 66 29.22 26.16 -8.85
N HIS C 67 29.92 25.80 -9.93
CA HIS C 67 30.77 24.60 -9.91
C HIS C 67 31.91 24.76 -8.91
N ILE C 68 32.50 25.96 -8.84
CA ILE C 68 33.58 26.22 -7.90
C ILE C 68 33.10 26.06 -6.46
N PHE C 69 31.92 26.62 -6.15
CA PHE C 69 31.40 26.51 -4.80
C PHE C 69 31.01 25.08 -4.47
N THR C 70 30.47 24.34 -5.45
CA THR C 70 30.16 22.93 -5.23
C THR C 70 31.42 22.12 -4.94
N GLU C 71 32.49 22.40 -5.68
CA GLU C 71 33.76 21.73 -5.44
C GLU C 71 34.34 22.09 -4.07
N MET C 72 34.22 23.36 -3.68
CA MET C 72 34.68 23.78 -2.36
C MET C 72 33.89 23.10 -1.25
N ALA C 73 32.57 22.98 -1.42
CA ALA C 73 31.74 22.30 -0.43
C ALA C 73 32.10 20.82 -0.34
N ARG C 74 32.38 20.19 -1.49
CA ARG C 74 32.78 18.79 -1.49
C ARG C 74 34.13 18.61 -0.79
N LEU C 75 35.07 19.54 -1.02
CA LEU C 75 36.36 19.48 -0.35
C LEU C 75 36.22 19.68 1.15
N GLN C 76 35.36 20.61 1.57
CA GLN C 76 35.19 20.88 2.99
C GLN C 76 34.48 19.74 3.70
N GLU C 77 33.52 19.11 3.01
CA GLU C 77 32.85 17.95 3.58
C GLU C 77 33.80 16.79 3.76
N SER C 78 34.77 16.65 2.85
CA SER C 78 35.81 15.65 2.98
C SER C 78 36.90 16.05 3.96
N GLY C 79 36.85 17.26 4.51
CA GLY C 79 37.88 17.72 5.41
C GLY C 79 39.09 18.29 4.73
N SER C 80 39.10 18.33 3.39
CA SER C 80 40.21 18.90 2.65
C SER C 80 40.20 20.42 2.77
N PRO C 81 41.35 21.02 3.08
CA PRO C 81 41.43 22.49 3.10
C PRO C 81 41.18 23.09 1.73
N ILE C 82 40.49 24.22 1.71
CA ILE C 82 40.08 24.87 0.48
C ILE C 82 41.20 25.85 0.11
N ASP C 83 42.03 25.46 -0.85
CA ASP C 83 43.07 26.31 -1.39
C ASP C 83 42.98 26.26 -2.92
N LEU C 84 43.94 26.93 -3.56
CA LEU C 84 43.95 27.00 -5.02
C LEU C 84 44.25 25.64 -5.64
N ILE C 85 45.26 24.94 -5.14
CA ILE C 85 45.74 23.73 -5.80
C ILE C 85 44.74 22.59 -5.66
N THR C 86 44.19 22.42 -4.45
CA THR C 86 43.22 21.35 -4.22
C THR C 86 41.95 21.58 -5.02
N LEU C 87 41.48 22.82 -5.07
CA LEU C 87 40.29 23.15 -5.86
C LEU C 87 40.54 22.91 -7.35
N ALA C 88 41.70 23.33 -7.85
CA ALA C 88 42.01 23.15 -9.26
C ALA C 88 42.10 21.67 -9.61
N GLU C 89 42.75 20.87 -8.76
CA GLU C 89 42.89 19.45 -9.05
C GLU C 89 41.54 18.72 -8.93
N SER C 90 40.71 19.14 -7.99
CA SER C 90 39.40 18.52 -7.84
C SER C 90 38.50 18.85 -9.02
N LEU C 91 38.60 20.08 -9.54
CA LEU C 91 37.86 20.43 -10.75
C LEU C 91 38.41 19.70 -11.97
N GLU C 92 39.72 19.44 -11.99
CA GLU C 92 40.31 18.67 -13.08
C GLU C 92 39.86 17.21 -13.03
N ARG C 93 39.69 16.66 -11.83
CA ARG C 93 39.22 15.29 -11.69
C ARG C 93 37.80 15.11 -12.20
N GLN C 94 36.96 16.13 -12.03
CA GLN C 94 35.59 16.08 -12.53
C GLN C 94 35.48 16.50 -13.98
N GLY C 95 36.58 16.86 -14.63
CA GLY C 95 36.52 17.37 -15.98
C GLY C 95 35.90 18.75 -16.06
N GLN C 96 35.90 19.49 -14.96
CA GLN C 96 35.26 20.80 -14.90
C GLN C 96 36.25 21.95 -14.75
N LEU C 97 37.55 21.67 -14.69
CA LEU C 97 38.54 22.74 -14.59
C LEU C 97 38.54 23.61 -15.83
N ASP C 98 38.42 23.01 -17.01
CA ASP C 98 38.38 23.78 -18.24
C ASP C 98 37.07 24.56 -18.35
N SER C 99 35.98 24.02 -17.79
CA SER C 99 34.68 24.68 -17.89
C SER C 99 34.60 25.90 -16.98
N VAL C 100 35.40 25.96 -15.91
CA VAL C 100 35.36 27.08 -14.99
C VAL C 100 36.44 28.12 -15.27
N GLY C 101 37.12 28.03 -16.41
CA GLY C 101 38.14 28.98 -16.77
C GLY C 101 39.57 28.49 -16.63
N GLY C 102 39.80 27.40 -15.91
CA GLY C 102 41.13 26.85 -15.80
C GLY C 102 41.85 27.27 -14.53
N PHE C 103 43.00 26.61 -14.32
CA PHE C 103 43.82 26.88 -13.15
C PHE C 103 44.37 28.30 -13.16
N ALA C 104 44.65 28.83 -14.37
CA ALA C 104 45.08 30.22 -14.47
C ALA C 104 43.99 31.18 -14.00
N TYR C 105 42.74 30.91 -14.39
CA TYR C 105 41.62 31.73 -13.94
C TYR C 105 41.44 31.60 -12.43
N LEU C 106 41.60 30.40 -11.88
CA LEU C 106 41.47 30.21 -10.44
C LEU C 106 42.57 30.96 -9.69
N ALA C 107 43.81 30.93 -10.20
CA ALA C 107 44.89 31.69 -9.59
C ALA C 107 44.66 33.18 -9.72
N GLU C 108 44.07 33.62 -10.83
CA GLU C 108 43.70 35.02 -10.98
C GLU C 108 42.67 35.44 -9.94
N LEU C 109 41.67 34.59 -9.71
CA LEU C 109 40.67 34.88 -8.68
C LEU C 109 41.30 34.92 -7.29
N SER C 110 42.26 34.01 -7.03
CA SER C 110 42.97 34.02 -5.76
C SER C 110 43.77 35.30 -5.59
N LYS C 111 44.42 35.76 -6.65
CA LYS C 111 45.23 36.97 -6.56
C LYS C 111 44.38 38.22 -6.42
N ASN C 112 43.19 38.22 -7.03
CA ASN C 112 42.35 39.42 -7.04
C ASN C 112 41.66 39.70 -5.71
N THR C 113 41.74 38.78 -4.75
CA THR C 113 41.10 39.02 -3.46
C THR C 113 42.15 39.46 -2.46
N PRO C 114 42.11 40.72 -1.99
CA PRO C 114 43.13 41.17 -1.04
C PRO C 114 42.93 40.66 0.37
N SER C 115 41.69 40.58 0.85
CA SER C 115 41.44 40.18 2.22
C SER C 115 40.06 39.54 2.31
N ALA C 116 39.88 38.67 3.32
CA ALA C 116 38.60 38.02 3.56
C ALA C 116 37.83 38.63 4.73
N ALA C 117 38.25 39.80 5.21
CA ALA C 117 37.59 40.42 6.36
C ALA C 117 36.16 40.85 6.02
N ASN C 118 35.95 41.41 4.84
CA ASN C 118 34.64 41.89 4.41
C ASN C 118 33.87 40.86 3.60
N ILE C 119 34.19 39.57 3.79
CA ILE C 119 33.52 38.52 3.01
C ILE C 119 32.08 38.37 3.45
N SER C 120 31.75 38.82 4.66
CA SER C 120 30.37 38.81 5.12
C SER C 120 29.51 39.74 4.29
N ALA C 121 30.00 40.96 4.04
CA ALA C 121 29.25 41.91 3.22
C ALA C 121 29.12 41.41 1.78
N TYR C 122 30.18 40.80 1.25
CA TYR C 122 30.13 40.25 -0.10
C TYR C 122 29.11 39.12 -0.19
N ALA C 123 29.07 38.25 0.82
CA ALA C 123 28.09 37.17 0.84
C ALA C 123 26.67 37.72 0.99
N ASP C 124 26.50 38.79 1.76
CA ASP C 124 25.20 39.43 1.87
C ASP C 124 24.75 40.01 0.53
N ILE C 125 25.68 40.63 -0.20
CA ILE C 125 25.36 41.16 -1.53
C ILE C 125 24.98 40.04 -2.48
N VAL C 126 25.72 38.93 -2.42
CA VAL C 126 25.44 37.77 -3.28
C VAL C 126 24.05 37.20 -2.96
N ARG C 127 23.74 37.10 -1.67
CA ARG C 127 22.43 36.61 -1.25
C ARG C 127 21.31 37.55 -1.71
N GLU C 128 21.58 38.86 -1.63
CA GLU C 128 20.61 39.85 -2.13
C GLU C 128 20.35 39.67 -3.62
N ARG C 129 21.42 39.51 -4.39
CA ARG C 129 21.29 39.29 -5.84
C ARG C 129 20.53 38.01 -6.13
N ALA C 130 20.83 36.94 -5.38
CA ALA C 130 20.16 35.66 -5.59
C ALA C 130 18.67 35.76 -5.28
N VAL C 131 18.32 36.45 -4.19
CA VAL C 131 16.92 36.64 -3.83
C VAL C 131 16.19 37.45 -4.90
N VAL C 132 16.82 38.51 -5.39
CA VAL C 132 16.19 39.35 -6.41
C VAL C 132 16.01 38.58 -7.72
N ARG C 133 17.01 37.78 -8.10
CA ARG C 133 16.88 36.98 -9.32
C ARG C 133 15.83 35.89 -9.16
N GLU C 134 15.70 35.32 -7.95
CA GLU C 134 14.63 34.37 -7.68
C GLU C 134 13.27 35.02 -7.83
N MET C 135 13.14 36.26 -7.32
CA MET C 135 11.90 37.00 -7.47
C MET C 135 11.60 37.28 -8.94
N ILE C 136 12.63 37.59 -9.72
CA ILE C 136 12.48 37.81 -11.15
C ILE C 136 11.98 36.54 -11.84
N SER C 137 12.58 35.40 -11.48
CA SER C 137 12.18 34.13 -12.09
C SER C 137 10.74 33.77 -11.71
N VAL C 138 10.35 34.01 -10.46
CA VAL C 138 8.99 33.73 -10.03
C VAL C 138 8.00 34.63 -10.76
N ALA C 139 8.35 35.92 -10.92
CA ALA C 139 7.49 36.84 -11.67
C ALA C 139 7.35 36.42 -13.12
N ASN C 140 8.44 35.95 -13.72
CA ASN C 140 8.39 35.45 -15.10
C ASN C 140 7.51 34.22 -15.21
N GLU C 141 7.60 33.31 -14.24
CA GLU C 141 6.74 32.12 -14.24
C GLU C 141 5.27 32.51 -14.09
N ILE C 142 4.99 33.48 -13.23
CA ILE C 142 3.61 33.93 -13.03
C ILE C 142 3.08 34.60 -14.30
N ALA C 143 3.92 35.40 -14.96
CA ALA C 143 3.50 36.03 -16.21
C ALA C 143 3.26 34.99 -17.30
N GLU C 144 4.10 33.96 -17.35
CA GLU C 144 3.90 32.87 -18.31
C GLU C 144 2.61 32.11 -18.04
N ALA C 145 2.33 31.85 -16.75
CA ALA C 145 1.09 31.19 -16.39
C ALA C 145 -0.13 32.04 -16.72
N GLY C 146 0.00 33.36 -16.59
CA GLY C 146 -1.08 34.24 -17.02
C GLY C 146 -1.27 34.21 -18.53
N PHE C 147 -0.18 34.27 -19.27
CA PHE C 147 -0.27 34.23 -20.73
C PHE C 147 -0.66 32.84 -21.23
N ASP C 148 -0.30 31.80 -20.49
CA ASP C 148 -0.64 30.42 -20.84
C ASP C 148 -1.32 29.78 -19.63
N PRO C 149 -2.63 29.97 -19.49
CA PRO C 149 -3.35 29.31 -18.38
C PRO C 149 -3.27 27.80 -18.43
N GLN C 150 -3.32 27.21 -19.63
CA GLN C 150 -3.11 25.78 -19.87
C GLN C 150 -4.11 24.94 -19.06
N GLY C 151 -5.38 25.30 -19.21
CA GLY C 151 -6.45 24.58 -18.54
C GLY C 151 -6.76 25.09 -17.16
N ARG C 152 -5.75 25.65 -16.48
CA ARG C 152 -5.94 26.14 -15.13
C ARG C 152 -6.83 27.38 -15.13
N THR C 153 -7.78 27.42 -14.19
CA THR C 153 -8.68 28.56 -14.08
C THR C 153 -8.00 29.70 -13.34
N SER C 154 -8.78 30.74 -13.05
CA SER C 154 -8.27 31.87 -12.26
C SER C 154 -7.92 31.43 -10.85
N GLU C 155 -8.73 30.54 -10.27
CA GLU C 155 -8.47 30.03 -8.94
C GLU C 155 -7.15 29.25 -8.89
N ASP C 156 -6.92 28.41 -9.89
CA ASP C 156 -5.70 27.60 -9.93
C ASP C 156 -4.46 28.46 -10.09
N LEU C 157 -4.52 29.46 -10.98
CA LEU C 157 -3.39 30.36 -11.18
C LEU C 157 -3.14 31.20 -9.93
N LEU C 158 -4.21 31.65 -9.27
CA LEU C 158 -4.07 32.41 -8.03
C LEU C 158 -3.44 31.56 -6.94
N ASP C 159 -3.86 30.30 -6.84
CA ASP C 159 -3.27 29.39 -5.86
C ASP C 159 -1.80 29.13 -6.15
N LEU C 160 -1.46 28.96 -7.43
CA LEU C 160 -0.06 28.77 -7.81
C LEU C 160 0.79 29.99 -7.46
N ALA C 161 0.26 31.19 -7.74
CA ALA C 161 0.99 32.42 -7.44
C ALA C 161 1.17 32.59 -5.94
N GLU C 162 0.12 32.31 -5.16
CA GLU C 162 0.21 32.44 -3.71
C GLU C 162 1.16 31.38 -3.14
N SER C 163 1.20 30.20 -3.77
CA SER C 163 2.16 29.18 -3.37
C SER C 163 3.60 29.64 -3.62
N ARG C 164 3.83 30.27 -4.77
CA ARG C 164 5.16 30.80 -5.06
C ARG C 164 5.55 31.89 -4.07
N VAL C 165 4.62 32.78 -3.74
CA VAL C 165 4.90 33.85 -2.78
C VAL C 165 5.13 33.26 -1.39
N PHE C 166 4.40 32.20 -1.06
CA PHE C 166 4.61 31.49 0.21
C PHE C 166 6.01 30.89 0.26
N LYS C 167 6.46 30.29 -0.85
CA LYS C 167 7.82 29.74 -0.90
C LYS C 167 8.86 30.84 -0.75
N ILE C 168 8.64 31.98 -1.40
CA ILE C 168 9.58 33.09 -1.32
C ILE C 168 9.66 33.63 0.10
N ALA C 169 8.50 33.79 0.74
CA ALA C 169 8.46 34.30 2.11
C ALA C 169 9.04 33.29 3.09
N GLU C 170 8.85 32.00 2.82
CA GLU C 170 9.35 30.97 3.72
C GLU C 170 10.87 30.86 3.63
N SER C 171 11.42 30.89 2.42
CA SER C 171 12.87 30.84 2.27
C SER C 171 13.49 32.22 2.28
N ARG C 172 13.08 33.07 3.22
CA ARG C 172 13.76 34.32 3.52
C ARG C 172 13.70 34.59 5.01
N ALA C 173 13.42 33.56 5.80
CA ALA C 173 13.23 33.70 7.23
C ALA C 173 14.09 32.72 7.99
N ASN C 174 14.91 31.95 7.26
CA ASN C 174 15.85 31.02 7.88
C ASN C 174 17.09 31.73 8.42
N LYS C 175 17.24 33.02 8.14
CA LYS C 175 18.34 33.78 8.72
C LYS C 175 18.18 33.92 10.23
N ASP C 176 16.94 34.14 10.69
CA ASP C 176 16.68 34.23 12.12
C ASP C 176 16.89 32.89 12.81
N GLU C 177 16.52 31.80 12.14
CA GLU C 177 16.70 30.47 12.70
C GLU C 177 18.18 30.13 12.81
N GLY C 178 18.58 29.55 13.93
CA GLY C 178 19.94 29.15 14.16
C GLY C 178 20.23 28.93 15.62
N PRO C 179 21.40 28.36 15.93
CA PRO C 179 21.76 28.15 17.34
C PRO C 179 22.05 29.47 18.03
N LYS C 180 21.33 29.72 19.11
CA LYS C 180 21.43 30.98 19.83
C LYS C 180 22.23 30.77 21.12
N ASN C 181 22.49 31.86 21.82
CA ASN C 181 23.24 31.82 23.07
C ASN C 181 22.27 31.79 24.25
N ILE C 182 22.73 31.18 25.35
CA ILE C 182 21.95 31.04 26.56
C ILE C 182 21.63 32.40 27.16
N ALA C 183 22.57 33.34 27.04
CA ALA C 183 22.40 34.66 27.65
C ALA C 183 21.23 35.43 27.03
N ASP C 184 21.06 35.33 25.71
CA ASP C 184 19.98 36.02 25.03
C ASP C 184 18.62 35.47 25.47
N VAL C 185 18.51 34.15 25.57
CA VAL C 185 17.26 33.53 26.00
C VAL C 185 16.97 33.87 27.46
N LEU C 186 18.02 33.94 28.27
CA LEU C 186 17.86 34.34 29.67
C LEU C 186 17.36 35.77 29.78
N ASP C 187 17.91 36.68 28.96
CA ASP C 187 17.49 38.07 28.99
C ASP C 187 16.04 38.22 28.51
N ALA C 188 15.67 37.50 27.46
CA ALA C 188 14.29 37.53 26.99
C ALA C 188 13.34 36.96 28.03
N THR C 189 13.75 35.89 28.69
CA THR C 189 12.94 35.28 29.74
C THR C 189 12.73 36.23 30.91
N VAL C 190 13.81 36.87 31.37
CA VAL C 190 13.68 37.76 32.52
C VAL C 190 12.92 39.03 32.13
N ALA C 191 13.01 39.46 30.86
CA ALA C 191 12.21 40.59 30.41
C ALA C 191 10.72 40.25 30.42
N ARG C 192 10.38 39.05 29.95
CA ARG C 192 8.99 38.60 30.00
C ARG C 192 8.51 38.46 31.44
N ILE C 193 9.37 37.96 32.33
CA ILE C 193 9.00 37.79 33.73
C ILE C 193 8.76 39.14 34.39
N GLU C 194 9.62 40.13 34.10
CA GLU C 194 9.41 41.47 34.64
C GLU C 194 8.13 42.09 34.07
N GLN C 195 7.86 41.86 32.79
CA GLN C 195 6.65 42.37 32.16
C GLN C 195 5.40 41.81 32.82
N LEU C 196 5.38 40.51 33.08
CA LEU C 196 4.22 39.88 33.70
C LEU C 196 4.14 40.14 35.20
N PHE C 197 5.28 40.41 35.85
CA PHE C 197 5.27 40.74 37.27
C PHE C 197 4.79 42.16 37.52
N GLN C 198 5.16 43.09 36.64
CA GLN C 198 4.70 44.46 36.78
C GLN C 198 3.27 44.65 36.31
N GLN C 199 2.69 43.65 35.66
CA GLN C 199 1.29 43.70 35.23
C GLN C 199 0.49 42.65 35.99
N PRO C 200 -0.25 43.03 37.03
CA PRO C 200 -1.06 42.05 37.76
C PRO C 200 -2.26 41.59 36.94
N HIS C 201 -2.21 40.37 36.43
CA HIS C 201 -3.27 39.80 35.61
C HIS C 201 -4.17 38.85 36.40
N ASP C 202 -4.02 38.81 37.73
CA ASP C 202 -4.81 37.96 38.62
C ASP C 202 -4.70 36.49 38.25
N GLY C 203 -3.49 36.07 37.89
CA GLY C 203 -3.26 34.67 37.57
C GLY C 203 -3.76 34.23 36.22
N VAL C 204 -4.15 35.17 35.35
CA VAL C 204 -4.58 34.83 34.00
C VAL C 204 -3.60 35.44 33.02
N THR C 205 -2.60 34.67 32.61
CA THR C 205 -1.58 35.18 31.70
C THR C 205 -2.09 35.26 30.27
N GLY C 206 -2.69 34.17 29.79
CA GLY C 206 -3.19 34.10 28.44
C GLY C 206 -4.57 34.71 28.28
N VAL C 207 -5.21 34.36 27.17
CA VAL C 207 -6.56 34.84 26.89
C VAL C 207 -7.53 34.19 27.88
N ASN C 208 -8.34 35.01 28.53
CA ASN C 208 -9.21 34.54 29.60
C ASN C 208 -10.29 33.61 29.06
N THR C 209 -10.46 32.47 29.72
CA THR C 209 -11.46 31.49 29.31
C THR C 209 -12.85 31.82 29.85
N GLY C 210 -12.96 32.82 30.72
CA GLY C 210 -14.23 33.16 31.32
C GLY C 210 -14.63 32.29 32.48
N TYR C 211 -13.81 31.32 32.87
CA TYR C 211 -14.07 30.44 34.01
C TYR C 211 -12.88 30.51 34.95
N ASP C 212 -13.11 30.99 36.17
CA ASP C 212 -12.03 31.22 37.11
C ASP C 212 -11.35 29.91 37.52
N ASP C 213 -12.14 28.85 37.72
CA ASP C 213 -11.57 27.55 38.04
C ASP C 213 -10.75 27.01 36.88
N LEU C 214 -11.21 27.21 35.65
CA LEU C 214 -10.43 26.81 34.49
C LEU C 214 -9.16 27.64 34.37
N ASN C 215 -9.25 28.94 34.69
CA ASN C 215 -8.07 29.79 34.62
C ASN C 215 -7.10 29.52 35.76
N LYS C 216 -7.55 28.82 36.81
CA LYS C 216 -6.65 28.41 37.88
C LYS C 216 -5.67 27.35 37.38
N LYS C 217 -6.09 26.51 36.43
CA LYS C 217 -5.21 25.48 35.89
C LYS C 217 -4.60 25.88 34.56
N THR C 218 -5.23 26.79 33.82
CA THR C 218 -4.74 27.15 32.49
C THR C 218 -4.01 28.48 32.47
N ALA C 219 -4.29 29.37 33.43
CA ALA C 219 -3.73 30.73 33.47
C ALA C 219 -4.00 31.49 32.18
N GLY C 220 -5.17 31.27 31.60
CA GLY C 220 -5.53 31.90 30.34
C GLY C 220 -5.02 31.13 29.14
N LEU C 221 -5.62 31.42 27.99
CA LEU C 221 -5.22 30.79 26.74
C LEU C 221 -3.96 31.47 26.22
N GLN C 222 -2.82 30.81 26.39
CA GLN C 222 -1.56 31.42 26.02
C GLN C 222 -1.42 31.48 24.50
N PRO C 223 -0.77 32.52 23.98
CA PRO C 223 -0.51 32.57 22.53
C PRO C 223 0.46 31.49 22.11
N SER C 224 0.37 31.11 20.83
CA SER C 224 1.15 30.06 20.19
C SER C 224 0.94 28.69 20.81
N ASP C 225 -0.14 28.47 21.55
CA ASP C 225 -0.43 27.18 22.14
C ASP C 225 -1.53 26.46 21.37
N LEU C 226 -1.34 25.16 21.18
CA LEU C 226 -2.31 24.32 20.47
C LEU C 226 -3.19 23.63 21.51
N ILE C 227 -4.44 24.07 21.61
CA ILE C 227 -5.40 23.54 22.57
C ILE C 227 -6.41 22.70 21.83
N ILE C 228 -6.61 21.47 22.28
CA ILE C 228 -7.52 20.53 21.65
C ILE C 228 -8.59 20.13 22.67
N VAL C 229 -9.85 20.35 22.30
CA VAL C 229 -10.98 19.92 23.11
C VAL C 229 -11.51 18.64 22.49
N ALA C 230 -11.62 17.60 23.30
CA ALA C 230 -12.00 16.28 22.83
C ALA C 230 -13.26 15.82 23.54
N ALA C 231 -14.25 15.42 22.75
CA ALA C 231 -15.50 14.89 23.28
C ALA C 231 -16.19 14.07 22.21
N ARG C 232 -17.17 13.28 22.64
CA ARG C 232 -18.02 12.57 21.72
C ARG C 232 -18.97 13.56 21.03
N PRO C 233 -19.53 13.19 19.89
CA PRO C 233 -20.66 13.95 19.36
C PRO C 233 -21.83 13.90 20.33
N SER C 234 -22.60 14.99 20.34
CA SER C 234 -23.70 15.28 21.27
C SER C 234 -23.23 15.48 22.70
N MET C 235 -21.93 15.62 22.94
CA MET C 235 -21.46 16.00 24.27
C MET C 235 -21.37 17.50 24.46
N GLY C 236 -21.70 18.28 23.44
CA GLY C 236 -21.61 19.72 23.52
C GLY C 236 -20.21 20.28 23.42
N LYS C 237 -19.31 19.59 22.73
CA LYS C 237 -17.95 20.09 22.55
C LYS C 237 -17.94 21.39 21.77
N THR C 238 -18.75 21.47 20.71
CA THR C 238 -18.93 22.72 19.99
C THR C 238 -19.57 23.77 20.88
N THR C 239 -20.52 23.37 21.72
CA THR C 239 -21.17 24.30 22.64
C THR C 239 -20.15 24.89 23.63
N PHE C 240 -19.29 24.03 24.19
CA PHE C 240 -18.28 24.50 25.13
C PHE C 240 -17.25 25.39 24.44
N ALA C 241 -16.85 25.00 23.23
CA ALA C 241 -15.90 25.81 22.47
C ALA C 241 -16.48 27.18 22.15
N MET C 242 -17.76 27.22 21.79
CA MET C 242 -18.41 28.49 21.50
C MET C 242 -18.56 29.34 22.75
N ASN C 243 -18.81 28.70 23.90
CA ASN C 243 -18.85 29.44 25.15
C ASN C 243 -17.49 30.05 25.48
N LEU C 244 -16.41 29.30 25.22
CA LEU C 244 -15.07 29.83 25.38
C LEU C 244 -14.82 31.00 24.43
N VAL C 245 -15.32 30.88 23.20
CA VAL C 245 -15.17 31.95 22.21
C VAL C 245 -15.90 33.20 22.68
N GLU C 246 -17.11 33.03 23.20
CA GLU C 246 -17.88 34.15 23.72
C GLU C 246 -17.17 34.83 24.88
N ASN C 247 -16.62 34.02 25.80
CA ASN C 247 -15.91 34.57 26.95
C ASN C 247 -14.67 35.35 26.50
N ALA C 248 -13.93 34.79 25.55
CA ALA C 248 -12.74 35.46 25.04
C ALA C 248 -13.11 36.77 24.34
N ALA C 249 -14.19 36.74 23.55
CA ALA C 249 -14.61 37.94 22.82
C ALA C 249 -15.09 39.02 23.77
N MET C 250 -15.79 38.63 24.84
CA MET C 250 -16.22 39.61 25.83
C MET C 250 -15.09 40.06 26.74
N LEU C 251 -13.99 39.32 26.79
CA LEU C 251 -12.85 39.68 27.62
C LEU C 251 -11.63 40.14 26.83
N GLN C 252 -11.78 40.42 25.53
CA GLN C 252 -10.69 40.96 24.74
C GLN C 252 -11.27 41.84 23.63
N ASP C 253 -10.41 42.68 23.07
CA ASP C 253 -10.79 43.52 21.94
C ASP C 253 -10.27 42.99 20.61
N LYS C 254 -9.37 42.01 20.62
CA LYS C 254 -8.85 41.47 19.39
C LYS C 254 -9.92 40.65 18.67
N PRO C 255 -9.92 40.60 17.35
CA PRO C 255 -10.90 39.77 16.64
C PRO C 255 -10.65 38.29 16.83
N VAL C 256 -11.72 37.51 16.73
CA VAL C 256 -11.64 36.06 16.86
C VAL C 256 -12.06 35.41 15.55
N LEU C 257 -11.58 34.19 15.34
CA LEU C 257 -11.77 33.46 14.09
C LEU C 257 -12.38 32.11 14.38
N ILE C 258 -13.42 31.75 13.64
CA ILE C 258 -14.21 30.54 13.88
C ILE C 258 -14.29 29.77 12.58
N PHE C 259 -14.10 28.44 12.66
CA PHE C 259 -14.28 27.56 11.51
C PHE C 259 -15.25 26.45 11.91
N SER C 260 -16.44 26.46 11.30
CA SER C 260 -17.48 25.48 11.61
C SER C 260 -17.72 24.61 10.38
N LEU C 261 -16.92 23.54 10.25
CA LEU C 261 -17.10 22.62 9.13
C LEU C 261 -18.25 21.65 9.35
N GLU C 262 -18.52 21.24 10.59
CA GLU C 262 -19.60 20.29 10.84
C GLU C 262 -20.97 20.97 10.74
N MET C 263 -21.08 22.22 11.16
CA MET C 263 -22.36 22.88 11.22
C MET C 263 -22.36 24.19 10.44
N PRO C 264 -23.49 24.58 9.86
CA PRO C 264 -23.57 25.89 9.21
C PRO C 264 -23.47 27.02 10.22
N SER C 265 -23.05 28.19 9.74
CA SER C 265 -22.84 29.34 10.60
C SER C 265 -24.14 29.84 11.22
N GLU C 266 -25.27 29.58 10.56
CA GLU C 266 -26.56 29.96 11.13
C GLU C 266 -26.83 29.22 12.43
N GLN C 267 -26.58 27.90 12.45
CA GLN C 267 -26.78 27.13 13.66
C GLN C 267 -25.81 27.53 14.76
N ILE C 268 -24.57 27.86 14.38
CA ILE C 268 -23.58 28.31 15.35
C ILE C 268 -24.00 29.64 15.97
N MET C 269 -24.50 30.57 15.14
CA MET C 269 -24.96 31.85 15.66
C MET C 269 -26.19 31.68 16.54
N MET C 270 -27.09 30.76 16.17
CA MET C 270 -28.26 30.49 17.01
C MET C 270 -27.85 29.92 18.36
N ARG C 271 -26.87 29.01 18.37
CA ARG C 271 -26.35 28.49 19.62
C ARG C 271 -25.71 29.58 20.45
N SER C 272 -24.96 30.48 19.80
CA SER C 272 -24.32 31.58 20.51
C SER C 272 -25.35 32.51 21.13
N LEU C 273 -26.41 32.83 20.40
CA LEU C 273 -27.46 33.70 20.92
C LEU C 273 -28.21 33.03 22.06
N ALA C 274 -28.47 31.72 21.93
CA ALA C 274 -29.15 30.99 23.00
C ALA C 274 -28.30 30.94 24.26
N SER C 275 -26.98 30.78 24.10
CA SER C 275 -26.10 30.75 25.27
C SER C 275 -25.98 32.12 25.92
N LEU C 276 -25.79 33.16 25.11
CA LEU C 276 -25.57 34.50 25.65
C LEU C 276 -26.83 35.09 26.25
N SER C 277 -27.95 35.01 25.54
CA SER C 277 -29.20 35.59 26.02
C SER C 277 -29.96 34.68 26.98
N ARG C 278 -29.45 33.47 27.22
CA ARG C 278 -30.04 32.50 28.15
C ARG C 278 -31.49 32.18 27.79
N VAL C 279 -31.75 32.08 26.48
CA VAL C 279 -33.05 31.71 25.96
C VAL C 279 -32.97 30.25 25.51
N ASP C 280 -34.06 29.51 25.67
CA ASP C 280 -34.09 28.10 25.31
C ASP C 280 -33.88 27.93 23.81
N GLN C 281 -33.00 27.00 23.45
CA GLN C 281 -32.67 26.77 22.05
C GLN C 281 -33.87 26.24 21.27
N THR C 282 -34.71 25.43 21.92
CA THR C 282 -35.89 24.90 21.25
C THR C 282 -36.87 26.00 20.87
N LYS C 283 -37.08 26.96 21.79
CA LYS C 283 -37.98 28.07 21.51
C LYS C 283 -37.44 28.95 20.38
N ILE C 284 -36.12 29.16 20.36
CA ILE C 284 -35.50 29.94 19.29
C ILE C 284 -35.63 29.23 17.96
N ARG C 285 -35.39 27.91 17.96
CA ARG C 285 -35.48 27.13 16.72
C ARG C 285 -36.91 27.08 16.20
N THR C 286 -37.88 26.96 17.10
CA THR C 286 -39.28 26.96 16.72
C THR C 286 -39.85 28.36 16.52
N GLY C 287 -39.12 29.40 16.93
CA GLY C 287 -39.62 30.76 16.84
C GLY C 287 -40.61 31.14 17.91
N GLN C 288 -40.84 30.26 18.89
CA GLN C 288 -41.82 30.52 19.96
C GLN C 288 -41.13 31.33 21.06
N LEU C 289 -40.92 32.61 20.75
CA LEU C 289 -40.22 33.52 21.63
C LEU C 289 -41.15 34.63 22.10
N ASP C 290 -41.03 35.00 23.37
CA ASP C 290 -41.84 36.06 23.94
C ASP C 290 -41.14 37.40 23.80
N ASP C 291 -41.75 38.43 24.39
CA ASP C 291 -41.18 39.77 24.34
C ASP C 291 -39.88 39.87 25.13
N GLU C 292 -39.80 39.20 26.28
CA GLU C 292 -38.59 39.24 27.08
C GLU C 292 -37.44 38.52 26.37
N ASP C 293 -37.73 37.36 25.76
CA ASP C 293 -36.73 36.64 24.99
C ASP C 293 -36.27 37.46 23.79
N TRP C 294 -37.22 38.10 23.12
CA TRP C 294 -36.89 38.96 21.98
C TRP C 294 -36.01 40.14 22.41
N ALA C 295 -36.32 40.73 23.56
CA ALA C 295 -35.51 41.83 24.07
C ALA C 295 -34.11 41.37 24.44
N ARG C 296 -33.99 40.18 25.04
CA ARG C 296 -32.68 39.62 25.36
C ARG C 296 -31.86 39.38 24.10
N ILE C 297 -32.51 38.84 23.07
CA ILE C 297 -31.81 38.58 21.79
C ILE C 297 -31.39 39.90 21.15
N SER C 298 -32.26 40.91 21.21
CA SER C 298 -31.92 42.22 20.65
C SER C 298 -30.75 42.86 21.40
N GLY C 299 -30.73 42.75 22.72
CA GLY C 299 -29.61 43.27 23.49
C GLY C 299 -28.31 42.54 23.20
N THR C 300 -28.40 41.22 23.03
CA THR C 300 -27.23 40.42 22.66
C THR C 300 -26.70 40.83 21.29
N MET C 301 -27.61 41.06 20.34
CA MET C 301 -27.21 41.53 19.02
C MET C 301 -26.57 42.91 19.09
N GLY C 302 -27.11 43.79 19.93
CA GLY C 302 -26.50 45.10 20.11
C GLY C 302 -25.11 45.02 20.69
N ILE C 303 -24.91 44.13 21.67
CA ILE C 303 -23.58 43.94 22.25
C ILE C 303 -22.62 43.39 21.22
N LEU C 304 -23.06 42.42 20.43
CA LEU C 304 -22.20 41.82 19.41
C LEU C 304 -21.83 42.84 18.33
N LEU C 305 -22.79 43.66 17.90
CA LEU C 305 -22.49 44.70 16.93
C LEU C 305 -21.61 45.79 17.53
N GLU C 306 -21.68 46.01 18.84
CA GLU C 306 -20.74 46.89 19.50
C GLU C 306 -19.33 46.30 19.46
N LYS C 307 -19.22 44.99 19.66
CA LYS C 307 -17.91 44.35 19.60
C LYS C 307 -17.38 44.28 18.18
N ARG C 308 -18.11 43.58 17.29
CA ARG C 308 -17.77 43.42 15.87
C ARG C 308 -16.36 42.86 15.69
N ASN C 309 -16.01 41.88 16.52
CA ASN C 309 -14.70 41.25 16.46
C ASN C 309 -14.78 39.73 16.25
N ILE C 310 -15.73 39.26 15.44
CA ILE C 310 -15.93 37.84 15.19
C ILE C 310 -15.95 37.64 13.68
N TYR C 311 -15.20 36.64 13.21
CA TYR C 311 -15.21 36.28 11.79
C TYR C 311 -15.29 34.76 11.69
N ILE C 312 -16.30 34.28 10.96
CA ILE C 312 -16.65 32.86 10.93
C ILE C 312 -16.64 32.39 9.49
N ASP C 313 -16.06 31.22 9.25
CA ASP C 313 -16.12 30.53 7.97
C ASP C 313 -16.65 29.12 8.23
N ASP C 314 -17.55 28.66 7.37
CA ASP C 314 -18.12 27.33 7.47
C ASP C 314 -17.85 26.47 6.23
N SER C 315 -16.84 26.83 5.44
CA SER C 315 -16.51 26.06 4.26
C SER C 315 -15.91 24.72 4.65
N SER C 316 -16.34 23.65 3.98
CA SER C 316 -15.91 22.31 4.31
C SER C 316 -14.75 21.89 3.40
N GLY C 317 -13.93 20.97 3.91
CA GLY C 317 -12.82 20.45 3.14
C GLY C 317 -11.69 21.43 2.93
N LEU C 318 -11.54 22.40 3.82
CA LEU C 318 -10.51 23.43 3.65
C LEU C 318 -9.13 22.88 3.94
N THR C 319 -8.15 23.32 3.15
CA THR C 319 -6.77 22.96 3.39
C THR C 319 -6.18 23.86 4.48
N PRO C 320 -5.14 23.38 5.19
CA PRO C 320 -4.46 24.26 6.16
C PRO C 320 -3.82 25.48 5.52
N THR C 321 -3.44 25.39 4.24
CA THR C 321 -2.86 26.54 3.55
C THR C 321 -3.88 27.66 3.41
N GLU C 322 -5.11 27.32 3.05
CA GLU C 322 -6.16 28.33 2.94
C GLU C 322 -6.47 28.96 4.29
N VAL C 323 -6.50 28.13 5.33
CA VAL C 323 -6.75 28.63 6.69
C VAL C 323 -5.64 29.58 7.11
N ARG C 324 -4.39 29.21 6.81
CA ARG C 324 -3.25 30.05 7.14
C ARG C 324 -3.30 31.38 6.40
N SER C 325 -3.64 31.33 5.11
CA SER C 325 -3.72 32.54 4.30
C SER C 325 -4.81 33.47 4.82
N ARG C 326 -5.98 32.91 5.15
CA ARG C 326 -7.08 33.73 5.64
C ARG C 326 -6.75 34.30 7.03
N ALA C 327 -6.09 33.52 7.87
CA ALA C 327 -5.69 34.00 9.19
C ALA C 327 -4.69 35.13 9.07
N ARG C 328 -3.71 35.00 8.16
CA ARG C 328 -2.76 36.06 7.93
C ARG C 328 -3.45 37.31 7.40
N ARG C 329 -4.42 37.14 6.50
CA ARG C 329 -5.17 38.28 5.97
C ARG C 329 -5.92 39.01 7.06
N ILE C 330 -6.62 38.27 7.92
CA ILE C 330 -7.42 38.90 8.97
C ILE C 330 -6.51 39.57 9.99
N ALA C 331 -5.40 38.92 10.34
CA ALA C 331 -4.47 39.49 11.31
C ALA C 331 -3.83 40.76 10.76
N ARG C 332 -3.50 40.77 9.48
CA ARG C 332 -2.94 41.96 8.85
C ARG C 332 -3.97 43.09 8.78
N GLU C 333 -5.22 42.76 8.45
CA GLU C 333 -6.25 43.78 8.33
C GLU C 333 -6.64 44.36 9.69
N HIS C 334 -6.56 43.56 10.75
CA HIS C 334 -7.06 43.97 12.05
C HIS C 334 -5.97 44.06 13.11
N GLY C 335 -4.70 44.03 12.72
CA GLY C 335 -3.62 44.13 13.68
C GLY C 335 -3.50 42.95 14.60
N GLY C 336 -3.79 41.75 14.11
CA GLY C 336 -3.67 40.54 14.90
C GLY C 336 -5.02 39.91 15.19
N ILE C 337 -4.97 38.65 15.61
CA ILE C 337 -6.15 37.86 15.92
C ILE C 337 -6.01 37.35 17.34
N GLY C 338 -7.06 37.54 18.14
CA GLY C 338 -7.07 37.04 19.50
C GLY C 338 -7.15 35.53 19.63
N LEU C 339 -7.99 34.89 18.83
CA LEU C 339 -8.28 33.48 19.00
C LEU C 339 -8.73 32.89 17.67
N ILE C 340 -8.33 31.65 17.41
CA ILE C 340 -8.76 30.90 16.23
C ILE C 340 -9.53 29.68 16.70
N MET C 341 -10.66 29.40 16.05
CA MET C 341 -11.50 28.26 16.38
C MET C 341 -11.68 27.39 15.15
N ILE C 342 -11.47 26.09 15.32
CA ILE C 342 -11.56 25.12 14.24
C ILE C 342 -12.47 23.98 14.69
N ASP C 343 -13.47 23.65 13.87
CA ASP C 343 -14.41 22.57 14.14
C ASP C 343 -14.73 21.85 12.84
N TYR C 344 -14.07 20.71 12.60
CA TYR C 344 -13.07 20.15 13.50
C TYR C 344 -11.87 19.63 12.70
N LEU C 345 -10.99 18.90 13.40
CA LEU C 345 -9.75 18.43 12.80
C LEU C 345 -10.00 17.44 11.68
N GLN C 346 -10.94 16.52 11.87
CA GLN C 346 -11.13 15.42 10.94
C GLN C 346 -11.92 15.82 9.70
N LEU C 347 -12.30 17.07 9.55
CA LEU C 347 -13.02 17.52 8.36
C LEU C 347 -12.15 18.33 7.40
N MET C 348 -10.93 18.68 7.79
CA MET C 348 -10.04 19.37 6.87
C MET C 348 -9.50 18.39 5.83
N ARG C 349 -9.08 18.93 4.69
CA ARG C 349 -8.68 18.11 3.55
C ARG C 349 -7.30 18.50 3.05
N VAL C 350 -6.46 17.49 2.86
CA VAL C 350 -5.18 17.64 2.16
C VAL C 350 -5.17 16.65 1.01
N PRO C 351 -5.25 17.12 -0.24
CA PRO C 351 -5.23 16.20 -1.39
C PRO C 351 -3.94 15.40 -1.51
N ALA C 352 -2.81 15.98 -1.11
CA ALA C 352 -1.52 15.29 -1.25
C ALA C 352 -1.41 14.09 -0.34
N LEU C 353 -2.13 14.07 0.78
CA LEU C 353 -2.10 12.94 1.71
C LEU C 353 -3.48 12.32 1.87
N SER C 354 -4.29 12.30 0.82
CA SER C 354 -5.63 11.72 0.91
C SER C 354 -5.59 10.21 1.10
N ASP C 355 -4.51 9.56 0.66
CA ASP C 355 -4.40 8.12 0.79
C ASP C 355 -4.13 7.68 2.22
N ASN C 356 -3.29 8.40 2.95
CA ASN C 356 -2.94 8.07 4.33
C ASN C 356 -3.65 9.07 5.23
N ARG C 357 -4.68 8.60 5.93
CA ARG C 357 -5.41 9.47 6.85
C ARG C 357 -4.53 9.91 8.01
N THR C 358 -3.73 8.99 8.55
CA THR C 358 -2.89 9.29 9.70
C THR C 358 -1.83 10.33 9.36
N LEU C 359 -1.18 10.16 8.20
CA LEU C 359 -0.17 11.13 7.78
C LEU C 359 -0.80 12.47 7.45
N GLU C 360 -2.01 12.47 6.89
CA GLU C 360 -2.72 13.71 6.62
C GLU C 360 -3.03 14.45 7.91
N ILE C 361 -3.49 13.72 8.93
CA ILE C 361 -3.78 14.35 10.22
C ILE C 361 -2.50 14.86 10.86
N ALA C 362 -1.40 14.11 10.72
CA ALA C 362 -0.12 14.54 11.25
C ALA C 362 0.34 15.84 10.61
N GLU C 363 0.26 15.93 9.28
CA GLU C 363 0.69 17.14 8.59
C GLU C 363 -0.23 18.30 8.92
N ILE C 364 -1.53 18.05 9.05
CA ILE C 364 -2.48 19.10 9.39
C ILE C 364 -2.18 19.67 10.78
N SER C 365 -1.94 18.78 11.74
CA SER C 365 -1.68 19.24 13.11
C SER C 365 -0.33 19.96 13.19
N ARG C 366 0.67 19.47 12.46
CA ARG C 366 1.97 20.14 12.41
C ARG C 366 1.84 21.54 11.80
N SER C 367 1.07 21.66 10.72
CA SER C 367 0.87 22.94 10.08
C SER C 367 0.11 23.91 10.99
N LEU C 368 -0.88 23.40 11.72
CA LEU C 368 -1.62 24.23 12.65
C LEU C 368 -0.72 24.73 13.79
N LYS C 369 0.14 23.84 14.31
CA LYS C 369 1.06 24.26 15.35
C LYS C 369 2.05 25.30 14.83
N ALA C 370 2.54 25.11 13.60
CA ALA C 370 3.44 26.07 12.99
C ALA C 370 2.77 27.42 12.78
N LEU C 371 1.51 27.40 12.36
CA LEU C 371 0.76 28.65 12.17
C LEU C 371 0.53 29.34 13.51
N ALA C 372 0.23 28.58 14.55
CA ALA C 372 0.01 29.16 15.88
C ALA C 372 1.29 29.80 16.39
N LYS C 373 2.43 29.14 16.19
CA LYS C 373 3.71 29.73 16.60
C LYS C 373 4.04 30.95 15.75
N GLU C 374 3.66 30.92 14.48
CA GLU C 374 3.94 32.04 13.58
C GLU C 374 3.16 33.29 13.98
N LEU C 375 1.85 33.15 14.14
CA LEU C 375 1.00 34.31 14.36
C LEU C 375 0.80 34.65 15.83
N ASN C 376 1.29 33.80 16.74
CA ASN C 376 1.23 34.01 18.18
C ASN C 376 -0.21 34.20 18.65
N VAL C 377 -1.06 33.25 18.29
CA VAL C 377 -2.48 33.31 18.63
C VAL C 377 -2.92 31.93 19.12
N PRO C 378 -3.67 31.84 20.21
CA PRO C 378 -4.22 30.54 20.62
C PRO C 378 -5.22 30.02 19.60
N VAL C 379 -5.10 28.73 19.28
CA VAL C 379 -5.96 28.05 18.33
C VAL C 379 -6.59 26.87 19.06
N VAL C 380 -7.92 26.82 19.07
CA VAL C 380 -8.65 25.71 19.67
C VAL C 380 -9.30 24.93 18.53
N ALA C 381 -8.87 23.69 18.35
CA ALA C 381 -9.40 22.81 17.31
C ALA C 381 -10.06 21.62 17.97
N LEU C 382 -11.28 21.30 17.54
CA LEU C 382 -12.02 20.19 18.11
C LEU C 382 -11.61 18.88 17.46
N SER C 383 -11.81 17.78 18.18
CA SER C 383 -11.45 16.46 17.69
C SER C 383 -12.43 15.42 18.23
N GLN C 384 -12.39 14.24 17.65
CA GLN C 384 -13.36 13.18 17.94
C GLN C 384 -12.68 12.00 18.62
N LEU C 385 -13.50 11.19 19.29
CA LEU C 385 -13.03 10.08 20.10
C LEU C 385 -13.38 8.74 19.46
N ASN C 386 -12.66 7.70 19.86
CA ASN C 386 -12.89 6.36 19.34
C ASN C 386 -13.95 5.63 20.15
N ARG C 387 -14.41 4.51 19.60
CA ARG C 387 -15.45 3.72 20.25
C ARG C 387 -14.94 2.92 21.44
N SER C 388 -13.64 2.63 21.48
CA SER C 388 -13.08 1.78 22.53
C SER C 388 -13.19 2.43 23.90
N LEU C 389 -13.29 3.76 23.94
CA LEU C 389 -13.55 4.47 25.19
C LEU C 389 -14.86 4.02 25.82
N GLU C 390 -15.87 3.79 24.98
CA GLU C 390 -17.13 3.25 25.48
C GLU C 390 -17.01 1.78 25.89
N GLN C 391 -15.99 1.07 25.42
CA GLN C 391 -15.82 -0.34 25.76
C GLN C 391 -15.21 -0.56 27.13
N ARG C 392 -14.62 0.47 27.72
CA ARG C 392 -14.00 0.34 29.02
C ARG C 392 -15.06 0.38 30.12
N ALA C 393 -14.70 -0.18 31.28
CA ALA C 393 -15.57 -0.07 32.45
C ALA C 393 -15.70 1.38 32.90
N ASP C 394 -14.59 2.11 32.92
CA ASP C 394 -14.61 3.53 33.19
C ASP C 394 -14.72 4.29 31.88
N LYS C 395 -15.79 5.06 31.73
CA LYS C 395 -16.01 5.85 30.53
C LYS C 395 -15.43 7.26 30.64
N ARG C 396 -14.73 7.55 31.73
CA ARG C 396 -13.98 8.81 31.81
C ARG C 396 -12.87 8.79 30.78
N PRO C 397 -12.73 9.84 29.97
CA PRO C 397 -11.78 9.81 28.85
C PRO C 397 -10.33 9.79 29.31
N VAL C 398 -9.50 9.14 28.51
CA VAL C 398 -8.06 9.14 28.68
C VAL C 398 -7.44 9.69 27.41
N ASN C 399 -6.12 9.72 27.38
CA ASN C 399 -5.41 10.27 26.22
C ASN C 399 -5.69 9.46 24.95
N SER C 400 -5.70 8.12 25.07
CA SER C 400 -5.66 7.26 23.90
C SER C 400 -6.96 7.25 23.10
N ASP C 401 -8.03 7.87 23.62
CA ASP C 401 -9.36 7.71 23.02
C ASP C 401 -9.53 8.47 21.70
N LEU C 402 -8.59 9.34 21.33
CA LEU C 402 -8.77 10.19 20.16
C LEU C 402 -8.65 9.40 18.86
N ARG C 403 -9.01 10.06 17.76
CA ARG C 403 -8.99 9.43 16.45
C ARG C 403 -7.89 10.01 15.58
N GLU C 404 -7.15 9.13 14.90
CA GLU C 404 -5.91 9.45 14.19
C GLU C 404 -4.98 10.22 15.12
N SER C 405 -4.59 9.53 16.19
CA SER C 405 -4.41 10.19 17.48
C SER C 405 -2.95 10.33 17.88
N GLY C 406 -2.06 9.54 17.26
CA GLY C 406 -0.67 9.53 17.68
C GLY C 406 0.01 10.88 17.48
N SER C 407 -0.24 11.51 16.34
CA SER C 407 0.32 12.84 16.08
C SER C 407 -0.41 13.91 16.87
N ILE C 408 -1.69 13.67 17.17
CA ILE C 408 -2.49 14.64 17.94
C ILE C 408 -1.93 14.74 19.35
N GLU C 409 -1.49 13.61 19.91
CA GLU C 409 -0.89 13.63 21.24
C GLU C 409 0.38 14.49 21.25
N GLN C 410 1.22 14.35 20.22
CA GLN C 410 2.50 15.04 20.19
C GLN C 410 2.32 16.53 19.93
N ASP C 411 1.51 16.89 18.93
CA ASP C 411 1.48 18.27 18.47
C ASP C 411 0.70 19.19 19.40
N ALA C 412 -0.29 18.66 20.10
CA ALA C 412 -1.12 19.50 20.96
C ALA C 412 -0.35 19.96 22.18
N ASP C 413 -0.62 21.19 22.61
CA ASP C 413 -0.03 21.76 23.82
C ASP C 413 -0.90 21.58 25.04
N LEU C 414 -2.20 21.86 24.93
CA LEU C 414 -3.17 21.64 25.99
C LEU C 414 -4.24 20.70 25.45
N ILE C 415 -4.64 19.72 26.25
CA ILE C 415 -5.67 18.76 25.87
C ILE C 415 -6.71 18.72 26.97
N MET C 416 -7.97 18.99 26.61
CA MET C 416 -9.07 18.96 27.57
C MET C 416 -10.17 18.05 27.03
N PHE C 417 -10.55 17.06 27.83
CA PHE C 417 -11.64 16.14 27.51
C PHE C 417 -12.91 16.62 28.18
N ILE C 418 -14.04 16.37 27.54
CA ILE C 418 -15.35 16.67 28.12
C ILE C 418 -16.03 15.35 28.48
N TYR C 419 -16.40 15.20 29.75
CA TYR C 419 -17.01 13.98 30.24
C TYR C 419 -18.35 14.30 30.88
N ARG C 420 -19.35 13.45 30.63
CA ARG C 420 -20.68 13.57 31.23
C ARG C 420 -21.14 12.18 31.61
N ASP C 421 -21.05 11.84 32.89
CA ASP C 421 -21.54 10.54 33.36
C ASP C 421 -23.06 10.48 33.30
N GLU C 422 -23.72 11.63 33.31
CA GLU C 422 -25.17 11.69 33.18
C GLU C 422 -25.67 11.14 31.85
N VAL C 423 -24.84 11.21 30.79
CA VAL C 423 -25.24 10.64 29.51
C VAL C 423 -25.27 9.11 29.58
N TYR C 424 -24.24 8.49 30.14
CA TYR C 424 -24.16 7.04 30.19
C TYR C 424 -24.91 6.43 31.36
N HIS C 425 -25.30 7.24 32.35
CA HIS C 425 -25.99 6.76 33.54
C HIS C 425 -27.17 7.67 33.80
N GLU C 426 -28.39 7.12 33.67
CA GLU C 426 -29.59 7.90 33.92
C GLU C 426 -29.75 8.22 35.40
N ASN C 427 -29.19 7.39 36.27
CA ASN C 427 -29.25 7.60 37.71
C ASN C 427 -27.96 8.20 38.26
N SER C 428 -27.21 8.88 37.40
CA SER C 428 -25.98 9.53 37.83
C SER C 428 -26.30 10.72 38.72
N ASP C 429 -25.44 10.94 39.72
CA ASP C 429 -25.60 12.10 40.61
C ASP C 429 -24.97 13.35 40.02
N LEU C 430 -24.34 13.26 38.86
CA LEU C 430 -23.67 14.39 38.21
C LEU C 430 -24.54 15.04 37.15
N LYS C 431 -25.85 15.10 37.37
CA LYS C 431 -26.75 15.70 36.40
C LYS C 431 -26.52 17.21 36.33
N GLY C 432 -26.36 17.71 35.11
CA GLY C 432 -26.02 19.11 34.91
C GLY C 432 -24.57 19.46 35.14
N ILE C 433 -23.74 18.46 35.44
CA ILE C 433 -22.32 18.69 35.74
C ILE C 433 -21.50 18.06 34.63
N ALA C 434 -20.59 18.85 34.06
CA ALA C 434 -19.69 18.39 33.01
C ALA C 434 -18.26 18.48 33.52
N GLU C 435 -17.50 17.42 33.29
CA GLU C 435 -16.11 17.35 33.75
C GLU C 435 -15.18 17.72 32.60
N ILE C 436 -14.51 18.86 32.73
CA ILE C 436 -13.45 19.25 31.82
C ILE C 436 -12.16 18.70 32.42
N ILE C 437 -11.67 17.62 31.83
CA ILE C 437 -10.47 16.95 32.33
C ILE C 437 -9.30 17.41 31.48
N ILE C 438 -8.48 18.31 32.03
CA ILE C 438 -7.21 18.64 31.43
C ILE C 438 -6.34 17.38 31.56
N GLY C 439 -6.12 16.69 30.44
CA GLY C 439 -5.31 15.50 30.47
C GLY C 439 -3.88 15.74 30.06
N LYS C 440 -3.63 16.79 29.28
CA LYS C 440 -2.27 17.16 28.90
C LYS C 440 -2.11 18.66 29.06
N GLN C 441 -1.12 19.06 29.86
CA GLN C 441 -0.76 20.46 30.03
C GLN C 441 0.73 20.53 30.24
N ARG C 442 1.44 21.06 29.25
CA ARG C 442 2.90 21.03 29.26
C ARG C 442 3.49 21.91 30.35
N ASN C 443 2.82 23.03 30.65
CA ASN C 443 3.32 23.93 31.68
C ASN C 443 2.30 24.11 32.80
N GLY C 444 1.68 23.02 33.23
CA GLY C 444 0.71 23.08 34.30
C GLY C 444 0.25 21.71 34.75
N PRO C 445 -0.34 21.64 35.94
CA PRO C 445 -0.83 20.35 36.43
C PRO C 445 -2.10 19.93 35.71
N ILE C 446 -2.23 18.62 35.51
CA ILE C 446 -3.43 18.06 34.91
C ILE C 446 -4.49 17.83 35.99
N GLY C 447 -5.74 17.62 35.56
CA GLY C 447 -6.78 17.32 36.50
C GLY C 447 -8.15 17.70 35.97
N THR C 448 -9.18 17.43 36.77
CA THR C 448 -10.57 17.57 36.36
C THR C 448 -11.21 18.77 37.05
N VAL C 449 -11.91 19.59 36.26
CA VAL C 449 -12.65 20.74 36.75
C VAL C 449 -14.11 20.56 36.38
N ARG C 450 -15.00 20.75 37.36
CA ARG C 450 -16.43 20.59 37.13
C ARG C 450 -17.04 21.91 36.69
N LEU C 451 -18.04 21.83 35.82
CA LEU C 451 -18.77 23.00 35.34
C LEU C 451 -20.26 22.67 35.26
N THR C 452 -21.07 23.72 35.27
CA THR C 452 -22.52 23.58 35.19
C THR C 452 -22.96 23.74 33.74
N PHE C 453 -23.71 22.77 33.24
CA PHE C 453 -24.17 22.77 31.84
C PHE C 453 -25.68 22.97 31.81
N ASN C 454 -26.13 23.91 30.97
CA ASN C 454 -27.55 24.14 30.72
C ASN C 454 -27.83 23.72 29.28
N GLY C 455 -28.45 22.55 29.15
CA GLY C 455 -28.83 22.09 27.82
C GLY C 455 -29.96 22.89 27.22
N GLN C 456 -30.77 23.51 28.07
CA GLN C 456 -31.84 24.39 27.60
C GLN C 456 -31.28 25.58 26.82
N TRP C 457 -30.30 26.26 27.39
CA TRP C 457 -29.64 27.38 26.74
C TRP C 457 -28.39 26.94 25.99
N SER C 458 -27.96 25.70 26.16
CA SER C 458 -26.68 25.19 25.68
C SER C 458 -25.54 26.11 26.13
N ARG C 459 -25.37 26.19 27.44
CA ARG C 459 -24.43 27.13 28.04
C ARG C 459 -23.59 26.40 29.08
N PHE C 460 -22.34 26.81 29.21
CA PHE C 460 -21.46 26.31 30.27
C PHE C 460 -21.09 27.45 31.21
N ASP C 461 -21.24 27.19 32.50
CA ASP C 461 -20.97 28.19 33.53
C ASP C 461 -20.12 27.55 34.62
N ASN C 462 -19.58 28.40 35.50
CA ASN C 462 -18.79 27.91 36.62
C ASN C 462 -19.64 27.10 37.57
N TYR C 463 -19.11 25.96 38.00
CA TYR C 463 -19.84 25.08 38.91
C TYR C 463 -19.87 25.69 40.29
N ALA C 464 -21.07 26.04 40.76
CA ALA C 464 -21.25 26.69 42.05
C ALA C 464 -21.73 25.72 43.12
N GLY C 465 -21.66 24.41 42.84
CA GLY C 465 -22.02 23.41 43.81
C GLY C 465 -20.90 23.14 44.79
N PRO C 466 -21.06 22.10 45.62
CA PRO C 466 -20.00 21.73 46.55
C PRO C 466 -18.74 21.27 45.83
N GLN C 467 -17.58 21.59 46.41
CA GLN C 467 -16.31 21.18 45.82
C GLN C 467 -15.99 19.76 46.25
N TYR C 468 -15.75 18.88 45.28
CA TYR C 468 -15.42 17.50 45.55
C TYR C 468 -13.91 17.29 45.39
N ASP C 469 -13.31 16.62 46.37
CA ASP C 469 -11.86 16.45 46.37
C ASP C 469 -11.42 15.48 45.28
N ASP C 470 -10.40 15.88 44.52
CA ASP C 470 -9.87 15.04 43.45
C ASP C 470 -8.89 14.03 44.06
N GLU C 471 -9.30 12.78 44.12
CA GLU C 471 -8.46 11.73 44.71
C GLU C 471 -7.44 11.21 43.69
N LEU D 24 44.71 14.58 -28.61
CA LEU D 24 45.71 13.92 -27.77
C LEU D 24 45.29 13.93 -26.31
N LYS D 25 45.01 12.75 -25.77
CA LYS D 25 44.60 12.63 -24.38
C LYS D 25 45.79 12.75 -23.44
N VAL D 26 45.95 13.90 -22.82
CA VAL D 26 47.01 14.09 -21.82
C VAL D 26 46.64 13.31 -20.56
N PRO D 27 47.56 12.56 -19.97
CA PRO D 27 47.27 11.88 -18.70
C PRO D 27 46.96 12.89 -17.61
N PRO D 28 45.95 12.61 -16.77
CA PRO D 28 45.60 13.55 -15.71
C PRO D 28 46.66 13.60 -14.63
N HIS D 29 47.07 14.82 -14.27
CA HIS D 29 48.12 15.03 -13.29
C HIS D 29 48.01 16.45 -12.76
N SER D 30 48.74 16.72 -11.68
CA SER D 30 48.76 18.04 -11.05
C SER D 30 50.21 18.38 -10.75
N ILE D 31 50.85 19.12 -11.67
CA ILE D 31 52.22 19.56 -11.45
C ILE D 31 52.29 20.55 -10.31
N GLU D 32 51.25 21.38 -10.16
CA GLU D 32 51.22 22.38 -9.10
C GLU D 32 51.22 21.73 -7.72
N ALA D 33 50.54 20.59 -7.59
CA ALA D 33 50.56 19.85 -6.33
C ALA D 33 51.96 19.33 -6.04
N GLU D 34 52.68 18.88 -7.06
CA GLU D 34 54.06 18.44 -6.89
C GLU D 34 54.96 19.59 -6.45
N GLN D 35 54.78 20.76 -7.06
CA GLN D 35 55.55 21.93 -6.68
C GLN D 35 55.24 22.35 -5.24
N SER D 36 53.98 22.29 -4.84
CA SER D 36 53.59 22.60 -3.47
C SER D 36 54.20 21.61 -2.48
N VAL D 37 54.22 20.33 -2.84
CA VAL D 37 54.84 19.31 -1.99
C VAL D 37 56.32 19.59 -1.82
N LEU D 38 57.01 19.88 -2.92
CA LEU D 38 58.46 20.12 -2.85
C LEU D 38 58.77 21.39 -2.06
N GLY D 39 57.97 22.43 -2.25
CA GLY D 39 58.18 23.65 -1.49
C GLY D 39 57.91 23.47 0.00
N GLY D 40 56.86 22.72 0.34
CA GLY D 40 56.59 22.44 1.74
C GLY D 40 57.66 21.57 2.38
N LEU D 41 58.22 20.64 1.61
CA LEU D 41 59.34 19.85 2.10
C LEU D 41 60.59 20.70 2.30
N MET D 42 60.81 21.69 1.43
CA MET D 42 61.88 22.64 1.66
C MET D 42 61.62 23.49 2.91
N LEU D 43 60.36 23.82 3.18
CA LEU D 43 60.01 24.64 4.33
C LEU D 43 59.91 23.83 5.63
N ASP D 44 59.38 22.62 5.58
CA ASP D 44 59.16 21.82 6.80
C ASP D 44 59.57 20.39 6.51
N ASN D 45 60.64 19.93 7.17
CA ASN D 45 61.08 18.55 7.01
C ASN D 45 60.31 17.60 7.92
N GLU D 46 59.71 18.12 8.99
CA GLU D 46 59.05 17.28 9.99
C GLU D 46 57.82 16.57 9.43
N ARG D 47 57.14 17.17 8.47
CA ARG D 47 56.02 16.53 7.80
C ARG D 47 56.46 15.63 6.66
N TRP D 48 57.77 15.44 6.48
CA TRP D 48 58.29 14.60 5.40
C TRP D 48 57.76 13.19 5.49
N ASP D 49 57.69 12.64 6.71
CA ASP D 49 57.11 11.33 6.92
C ASP D 49 55.65 11.30 6.48
N ASP D 50 54.92 12.39 6.75
CA ASP D 50 53.56 12.53 6.24
C ASP D 50 53.54 12.50 4.72
N VAL D 51 54.55 13.11 4.09
CA VAL D 51 54.74 12.95 2.66
C VAL D 51 55.21 11.54 2.34
N ALA D 52 56.10 10.98 3.17
CA ALA D 52 56.67 9.67 2.88
C ALA D 52 55.63 8.56 3.04
N GLU D 53 54.65 8.76 3.92
CA GLU D 53 53.60 7.77 4.09
C GLU D 53 52.66 7.73 2.89
N ARG D 54 52.50 8.84 2.18
CA ARG D 54 51.49 8.97 1.14
C ARG D 54 52.03 8.76 -0.27
N VAL D 55 53.21 9.29 -0.59
CA VAL D 55 53.71 9.25 -1.96
C VAL D 55 55.16 8.78 -1.99
N VAL D 56 55.56 8.27 -3.15
CA VAL D 56 56.93 7.87 -3.43
C VAL D 56 57.44 8.72 -4.58
N ALA D 57 58.69 8.45 -4.97
CA ALA D 57 59.31 9.18 -6.09
C ALA D 57 58.56 8.93 -7.39
N ASP D 58 58.16 7.68 -7.66
CA ASP D 58 57.49 7.33 -8.90
C ASP D 58 56.07 7.86 -8.98
N ASP D 59 55.52 8.38 -7.89
CA ASP D 59 54.17 8.94 -7.91
C ASP D 59 54.11 10.28 -8.62
N PHE D 60 55.25 10.89 -8.94
CA PHE D 60 55.27 12.17 -9.61
C PHE D 60 55.15 11.98 -11.12
N TYR D 61 54.34 12.83 -11.75
CA TYR D 61 54.14 12.74 -13.20
C TYR D 61 55.42 13.10 -13.94
N THR D 62 56.12 14.13 -13.50
CA THR D 62 57.32 14.61 -14.19
C THR D 62 58.57 13.98 -13.61
N ARG D 63 59.42 13.46 -14.50
CA ARG D 63 60.67 12.85 -14.08
C ARG D 63 61.61 13.76 -13.29
N PRO D 64 61.80 15.05 -13.63
CA PRO D 64 62.59 15.90 -12.73
C PRO D 64 62.03 16.01 -11.32
N HIS D 65 60.71 16.01 -11.16
CA HIS D 65 60.13 16.00 -9.82
C HIS D 65 60.41 14.68 -9.11
N ARG D 66 60.44 13.57 -9.85
CA ARG D 66 60.85 12.30 -9.27
C ARG D 66 62.29 12.35 -8.80
N HIS D 67 63.16 12.99 -9.57
CA HIS D 67 64.56 13.14 -9.18
C HIS D 67 64.68 14.01 -7.93
N ILE D 68 63.89 15.09 -7.85
CA ILE D 68 63.94 15.96 -6.69
C ILE D 68 63.46 15.22 -5.44
N PHE D 69 62.38 14.45 -5.57
CA PHE D 69 61.88 13.69 -4.42
C PHE D 69 62.87 12.62 -4.01
N THR D 70 63.54 11.98 -4.98
CA THR D 70 64.56 11.00 -4.66
C THR D 70 65.73 11.64 -3.92
N GLU D 71 66.15 12.83 -4.35
CA GLU D 71 67.25 13.52 -3.69
C GLU D 71 66.83 13.96 -2.28
N MET D 72 65.59 14.40 -2.11
CA MET D 72 65.09 14.76 -0.78
C MET D 72 65.06 13.55 0.13
N ALA D 73 64.63 12.40 -0.38
CA ALA D 73 64.62 11.17 0.41
C ALA D 73 66.04 10.76 0.79
N ARG D 74 66.98 10.90 -0.14
CA ARG D 74 68.37 10.55 0.16
C ARG D 74 68.96 11.49 1.21
N LEU D 75 68.64 12.79 1.13
CA LEU D 75 69.13 13.73 2.12
C LEU D 75 68.52 13.49 3.49
N GLN D 76 67.24 13.12 3.52
CA GLN D 76 66.59 12.82 4.79
C GLN D 76 67.14 11.53 5.41
N GLU D 77 67.44 10.54 4.56
CA GLU D 77 68.05 9.30 5.06
C GLU D 77 69.45 9.55 5.60
N SER D 78 70.18 10.50 5.00
CA SER D 78 71.51 10.85 5.47
C SER D 78 71.47 11.78 6.69
N GLY D 79 70.29 12.22 7.10
CA GLY D 79 70.19 13.11 8.25
C GLY D 79 70.39 14.57 7.94
N SER D 80 70.65 14.91 6.69
CA SER D 80 70.80 16.31 6.32
C SER D 80 69.43 17.00 6.26
N PRO D 81 69.36 18.25 6.71
CA PRO D 81 68.09 18.98 6.58
C PRO D 81 67.74 19.24 5.12
N ILE D 82 66.45 19.18 4.82
CA ILE D 82 65.96 19.37 3.45
C ILE D 82 65.63 20.85 3.34
N ASP D 83 66.62 21.63 2.90
CA ASP D 83 66.45 23.06 2.62
C ASP D 83 66.88 23.33 1.19
N LEU D 84 66.89 24.61 0.83
CA LEU D 84 67.21 24.98 -0.55
C LEU D 84 68.69 24.75 -0.86
N ILE D 85 69.57 25.18 0.04
CA ILE D 85 71.01 25.17 -0.24
C ILE D 85 71.54 23.73 -0.27
N THR D 86 71.13 22.92 0.71
CA THR D 86 71.61 21.54 0.79
C THR D 86 71.12 20.72 -0.40
N LEU D 87 69.85 20.88 -0.77
CA LEU D 87 69.32 20.15 -1.92
C LEU D 87 69.97 20.62 -3.22
N ALA D 88 70.21 21.93 -3.35
CA ALA D 88 70.88 22.44 -4.54
C ALA D 88 72.29 21.90 -4.66
N GLU D 89 73.02 21.86 -3.54
CA GLU D 89 74.37 21.30 -3.55
C GLU D 89 74.35 19.81 -3.86
N SER D 90 73.38 19.08 -3.31
CA SER D 90 73.28 17.65 -3.56
C SER D 90 72.96 17.35 -5.02
N LEU D 91 72.10 18.15 -5.63
CA LEU D 91 71.77 17.97 -7.04
C LEU D 91 72.92 18.41 -7.94
N GLU D 92 73.69 19.42 -7.52
CA GLU D 92 74.83 19.87 -8.30
C GLU D 92 75.96 18.86 -8.25
N ARG D 93 76.18 18.22 -7.10
CA ARG D 93 77.25 17.24 -6.97
C ARG D 93 76.95 15.98 -7.76
N GLN D 94 75.68 15.64 -7.94
CA GLN D 94 75.29 14.49 -8.75
C GLN D 94 75.06 14.85 -10.21
N GLY D 95 75.15 16.13 -10.57
CA GLY D 95 74.91 16.55 -11.94
C GLY D 95 73.46 16.56 -12.33
N GLN D 96 72.55 16.45 -11.36
CA GLN D 96 71.11 16.48 -11.62
C GLN D 96 70.48 17.82 -11.35
N LEU D 97 71.27 18.85 -11.02
CA LEU D 97 70.72 20.17 -10.78
C LEU D 97 70.14 20.76 -12.07
N ASP D 98 70.84 20.57 -13.19
CA ASP D 98 70.36 21.12 -14.47
C ASP D 98 69.18 20.31 -14.99
N SER D 99 69.12 19.02 -14.66
CA SER D 99 68.04 18.17 -15.15
C SER D 99 66.71 18.45 -14.47
N VAL D 100 66.73 19.08 -13.29
CA VAL D 100 65.51 19.35 -12.54
C VAL D 100 65.07 20.80 -12.62
N GLY D 101 65.70 21.60 -13.48
CA GLY D 101 65.34 23.00 -13.64
C GLY D 101 66.31 23.99 -13.04
N GLY D 102 67.22 23.56 -12.17
CA GLY D 102 68.22 24.44 -11.62
C GLY D 102 67.86 25.02 -10.27
N PHE D 103 68.83 25.74 -9.70
CA PHE D 103 68.66 26.37 -8.40
C PHE D 103 67.59 27.45 -8.44
N ALA D 104 67.48 28.16 -9.55
CA ALA D 104 66.41 29.15 -9.70
C ALA D 104 65.04 28.51 -9.67
N TYR D 105 64.89 27.36 -10.34
CA TYR D 105 63.62 26.64 -10.30
C TYR D 105 63.34 26.08 -8.91
N LEU D 106 64.38 25.63 -8.21
CA LEU D 106 64.19 25.14 -6.84
C LEU D 106 63.74 26.28 -5.91
N ALA D 107 64.34 27.46 -6.06
CA ALA D 107 63.92 28.61 -5.27
C ALA D 107 62.51 29.04 -5.65
N GLU D 108 62.15 28.91 -6.92
CA GLU D 108 60.78 29.18 -7.35
C GLU D 108 59.79 28.23 -6.69
N LEU D 109 60.14 26.94 -6.61
CA LEU D 109 59.27 25.97 -5.96
C LEU D 109 59.16 26.23 -4.47
N SER D 110 60.28 26.68 -3.85
CA SER D 110 60.24 27.07 -2.45
C SER D 110 59.33 28.28 -2.24
N LYS D 111 59.37 29.23 -3.16
CA LYS D 111 58.55 30.43 -3.03
C LYS D 111 57.08 30.13 -3.28
N ASN D 112 56.78 29.18 -4.16
CA ASN D 112 55.41 28.90 -4.58
C ASN D 112 54.57 28.24 -3.49
N THR D 113 55.17 27.80 -2.39
CA THR D 113 54.41 27.15 -1.33
C THR D 113 54.20 28.14 -0.19
N PRO D 114 52.98 28.63 0.04
CA PRO D 114 52.76 29.56 1.16
C PRO D 114 52.84 28.90 2.52
N SER D 115 52.40 27.65 2.63
CA SER D 115 52.42 26.95 3.91
C SER D 115 52.54 25.46 3.67
N ALA D 116 53.24 24.78 4.57
CA ALA D 116 53.41 23.33 4.49
C ALA D 116 52.36 22.57 5.30
N ALA D 117 51.39 23.28 5.89
CA ALA D 117 50.38 22.61 6.70
C ALA D 117 49.45 21.75 5.87
N ASN D 118 49.12 22.18 4.65
CA ASN D 118 48.21 21.45 3.78
C ASN D 118 48.96 20.52 2.82
N ILE D 119 50.16 20.10 3.19
CA ILE D 119 50.97 19.29 2.29
C ILE D 119 50.45 17.85 2.27
N SER D 120 49.69 17.45 3.29
CA SER D 120 49.13 16.10 3.32
C SER D 120 48.07 15.91 2.24
N ALA D 121 47.22 16.93 2.05
CA ALA D 121 46.21 16.87 0.99
C ALA D 121 46.87 16.86 -0.38
N TYR D 122 47.95 17.64 -0.54
CA TYR D 122 48.70 17.62 -1.80
C TYR D 122 49.32 16.26 -2.06
N ALA D 123 49.88 15.62 -1.02
CA ALA D 123 50.47 14.30 -1.19
C ALA D 123 49.41 13.26 -1.52
N ASP D 124 48.23 13.35 -0.89
CA ASP D 124 47.14 12.46 -1.24
C ASP D 124 46.67 12.69 -2.67
N ILE D 125 46.70 13.94 -3.13
CA ILE D 125 46.36 14.26 -4.51
C ILE D 125 47.35 13.61 -5.48
N VAL D 126 48.65 13.69 -5.15
CA VAL D 126 49.67 13.10 -6.01
C VAL D 126 49.55 11.58 -6.01
N ARG D 127 49.20 11.00 -4.87
CA ARG D 127 48.97 9.55 -4.79
C ARG D 127 47.78 9.15 -5.64
N GLU D 128 46.70 9.93 -5.60
CA GLU D 128 45.52 9.65 -6.42
C GLU D 128 45.87 9.73 -7.90
N ARG D 129 46.65 10.75 -8.29
CA ARG D 129 47.06 10.87 -9.68
C ARG D 129 47.94 9.70 -10.11
N ALA D 130 48.82 9.24 -9.22
CA ALA D 130 49.68 8.09 -9.52
C ALA D 130 48.85 6.83 -9.70
N VAL D 131 47.84 6.63 -8.84
CA VAL D 131 46.96 5.48 -8.97
C VAL D 131 46.19 5.53 -10.28
N VAL D 132 45.70 6.71 -10.65
CA VAL D 132 44.96 6.86 -11.91
C VAL D 132 45.88 6.59 -13.11
N ARG D 133 47.11 7.10 -13.07
CA ARG D 133 48.04 6.87 -14.17
C ARG D 133 48.42 5.39 -14.27
N GLU D 134 48.60 4.72 -13.13
CA GLU D 134 48.87 3.28 -13.13
C GLU D 134 47.69 2.51 -13.72
N MET D 135 46.47 2.92 -13.37
CA MET D 135 45.28 2.28 -13.92
C MET D 135 45.20 2.46 -15.43
N ILE D 136 45.51 3.67 -15.92
CA ILE D 136 45.50 3.93 -17.35
C ILE D 136 46.57 3.10 -18.05
N SER D 137 47.76 3.00 -17.45
CA SER D 137 48.83 2.21 -18.05
C SER D 137 48.47 0.74 -18.12
N VAL D 138 47.85 0.21 -17.05
CA VAL D 138 47.42 -1.19 -17.04
C VAL D 138 46.34 -1.43 -18.08
N ALA D 139 45.40 -0.49 -18.20
CA ALA D 139 44.35 -0.63 -19.22
C ALA D 139 44.94 -0.61 -20.63
N ASN D 140 45.93 0.25 -20.87
CA ASN D 140 46.59 0.29 -22.17
C ASN D 140 47.35 -1.01 -22.44
N GLU D 141 48.00 -1.56 -21.41
CA GLU D 141 48.69 -2.84 -21.57
C GLU D 141 47.72 -3.97 -21.89
N ILE D 142 46.56 -3.98 -21.23
CA ILE D 142 45.55 -5.00 -21.48
C ILE D 142 44.98 -4.87 -22.89
N ALA D 143 44.74 -3.63 -23.33
CA ALA D 143 44.25 -3.40 -24.69
C ALA D 143 45.29 -3.82 -25.72
N GLU D 144 46.56 -3.53 -25.46
CA GLU D 144 47.63 -3.93 -26.37
C GLU D 144 47.76 -5.45 -26.44
N ALA D 145 47.64 -6.12 -25.30
CA ALA D 145 47.68 -7.59 -25.30
C ALA D 145 46.47 -8.18 -26.00
N GLY D 146 45.32 -7.51 -25.92
CA GLY D 146 44.16 -7.96 -26.68
C GLY D 146 44.36 -7.80 -28.18
N PHE D 147 44.89 -6.64 -28.59
CA PHE D 147 45.13 -6.42 -30.01
C PHE D 147 46.22 -7.33 -30.56
N ASP D 148 47.25 -7.61 -29.76
CA ASP D 148 48.34 -8.50 -30.15
C ASP D 148 48.44 -9.59 -29.09
N PRO D 149 47.78 -10.73 -29.30
CA PRO D 149 47.83 -11.82 -28.30
C PRO D 149 49.23 -12.35 -28.07
N GLN D 150 50.08 -12.37 -29.11
CA GLN D 150 51.47 -12.83 -29.04
C GLN D 150 51.55 -14.28 -28.56
N GLY D 151 50.61 -15.09 -29.04
CA GLY D 151 50.60 -16.51 -28.70
C GLY D 151 49.84 -16.83 -27.44
N ARG D 152 49.51 -15.82 -26.65
CA ARG D 152 48.78 -16.06 -25.41
C ARG D 152 47.33 -16.43 -25.71
N THR D 153 46.85 -17.47 -25.05
CA THR D 153 45.49 -17.92 -25.24
C THR D 153 44.52 -17.05 -24.42
N SER D 154 43.23 -17.41 -24.50
CA SER D 154 42.23 -16.70 -23.72
C SER D 154 42.45 -16.90 -22.23
N GLU D 155 42.84 -18.11 -21.83
CA GLU D 155 43.17 -18.36 -20.43
C GLU D 155 44.38 -17.55 -19.99
N ASP D 156 45.39 -17.46 -20.87
CA ASP D 156 46.58 -16.67 -20.56
C ASP D 156 46.25 -15.19 -20.41
N LEU D 157 45.42 -14.66 -21.32
CA LEU D 157 45.02 -13.26 -21.24
C LEU D 157 44.18 -13.00 -19.99
N LEU D 158 43.30 -13.94 -19.65
CA LEU D 158 42.50 -13.82 -18.43
C LEU D 158 43.37 -13.82 -17.19
N ASP D 159 44.37 -14.71 -17.15
CA ASP D 159 45.29 -14.77 -16.01
C ASP D 159 46.11 -13.49 -15.91
N LEU D 160 46.57 -12.97 -17.05
CA LEU D 160 47.34 -11.73 -17.05
C LEU D 160 46.50 -10.56 -16.57
N ALA D 161 45.24 -10.49 -17.02
CA ALA D 161 44.36 -9.40 -16.59
C ALA D 161 44.07 -9.49 -15.09
N GLU D 162 43.81 -10.71 -14.59
CA GLU D 162 43.55 -10.89 -13.17
C GLU D 162 44.79 -10.56 -12.33
N SER D 163 45.97 -10.91 -12.84
CA SER D 163 47.21 -10.56 -12.16
C SER D 163 47.42 -9.05 -12.11
N ARG D 164 47.10 -8.37 -13.22
CA ARG D 164 47.20 -6.91 -13.25
C ARG D 164 46.23 -6.27 -12.27
N VAL D 165 45.02 -6.82 -12.17
CA VAL D 165 44.03 -6.29 -11.24
C VAL D 165 44.47 -6.53 -9.81
N PHE D 166 45.08 -7.68 -9.54
CA PHE D 166 45.64 -7.96 -8.22
C PHE D 166 46.76 -6.98 -7.89
N LYS D 167 47.60 -6.67 -8.87
CA LYS D 167 48.67 -5.70 -8.65
C LYS D 167 48.11 -4.31 -8.38
N ILE D 168 47.03 -3.94 -9.08
CA ILE D 168 46.38 -2.65 -8.85
C ILE D 168 45.80 -2.60 -7.43
N ALA D 169 45.14 -3.68 -7.01
CA ALA D 169 44.59 -3.74 -5.66
C ALA D 169 45.69 -3.71 -4.61
N GLU D 170 46.85 -4.31 -4.91
CA GLU D 170 48.04 -4.21 -4.07
C GLU D 170 48.57 -2.79 -4.00
N SER D 171 48.51 -2.05 -5.11
CA SER D 171 49.01 -0.68 -5.14
C SER D 171 48.14 0.27 -4.34
N ARG D 172 46.95 -0.17 -3.92
CA ARG D 172 46.11 0.67 -3.05
C ARG D 172 46.80 0.93 -1.70
N ALA D 173 47.53 -0.06 -1.20
CA ALA D 173 48.29 0.01 0.05
C ALA D 173 47.40 0.36 1.24
N ASN D 174 46.47 -0.54 1.55
CA ASN D 174 45.57 -0.46 2.70
C ASN D 174 44.64 0.75 2.61
N LYS D 175 45.02 1.85 3.26
CA LYS D 175 44.17 3.03 3.45
C LYS D 175 42.87 2.64 4.15
N ASP D 176 41.87 2.25 3.36
CA ASP D 176 40.60 1.79 3.90
C ASP D 176 40.77 0.50 4.71
N GLU D 177 41.63 -0.40 4.22
CA GLU D 177 41.92 -1.70 4.83
C GLU D 177 40.64 -2.52 4.97
N GLY D 178 39.89 -2.28 6.05
CA GLY D 178 38.70 -3.04 6.32
C GLY D 178 38.91 -4.00 7.47
N PRO D 179 39.08 -5.29 7.15
CA PRO D 179 39.42 -6.27 8.20
C PRO D 179 40.72 -5.92 8.91
N LYS D 180 40.73 -6.05 10.23
CA LYS D 180 41.85 -5.62 11.05
C LYS D 180 42.37 -6.80 11.85
N ASN D 181 43.70 -6.92 11.93
CA ASN D 181 44.33 -7.97 12.71
C ASN D 181 43.99 -7.82 14.18
N ILE D 182 43.92 -8.95 14.88
CA ILE D 182 43.42 -8.97 16.25
C ILE D 182 44.43 -8.32 17.20
N ALA D 183 45.70 -8.25 16.78
CA ALA D 183 46.75 -7.73 17.64
C ALA D 183 46.58 -6.25 17.93
N ASP D 184 46.36 -5.46 16.88
CA ASP D 184 46.19 -4.02 17.05
C ASP D 184 44.90 -3.70 17.78
N VAL D 185 43.86 -4.51 17.54
CA VAL D 185 42.60 -4.33 18.26
C VAL D 185 42.79 -4.60 19.75
N LEU D 186 43.54 -5.66 20.08
CA LEU D 186 43.85 -5.96 21.47
C LEU D 186 44.67 -4.85 22.12
N ASP D 187 45.64 -4.30 21.37
CA ASP D 187 46.47 -3.23 21.88
C ASP D 187 45.63 -1.98 22.18
N ALA D 188 44.73 -1.62 21.25
CA ALA D 188 43.87 -0.47 21.46
C ALA D 188 42.93 -0.70 22.64
N THR D 189 42.39 -1.91 22.75
CA THR D 189 41.47 -2.23 23.84
C THR D 189 42.16 -2.17 25.19
N VAL D 190 43.37 -2.74 25.29
CA VAL D 190 44.08 -2.71 26.55
C VAL D 190 44.58 -1.30 26.87
N ALA D 191 44.84 -0.49 25.84
CA ALA D 191 45.16 0.92 26.07
C ALA D 191 43.96 1.65 26.66
N ARG D 192 42.77 1.36 26.13
CA ARG D 192 41.54 1.94 26.69
C ARG D 192 41.34 1.50 28.14
N ILE D 193 41.59 0.21 28.42
CA ILE D 193 41.41 -0.32 29.76
C ILE D 193 42.38 0.32 30.73
N GLU D 194 43.64 0.47 30.32
CA GLU D 194 44.65 1.09 31.19
C GLU D 194 44.36 2.58 31.39
N GLN D 195 43.85 3.25 30.36
CA GLN D 195 43.47 4.65 30.50
C GLN D 195 42.31 4.82 31.48
N LEU D 196 41.30 3.95 31.38
CA LEU D 196 40.18 4.02 32.29
C LEU D 196 40.56 3.58 33.70
N PHE D 197 41.60 2.74 33.82
CA PHE D 197 41.99 2.24 35.13
C PHE D 197 42.62 3.33 35.99
N GLN D 198 43.32 4.27 35.36
CA GLN D 198 43.97 5.36 36.06
C GLN D 198 43.03 6.52 36.33
N GLN D 199 41.79 6.42 35.89
CA GLN D 199 40.82 7.50 36.06
C GLN D 199 39.66 7.03 36.93
N PRO D 200 39.66 7.33 38.23
CA PRO D 200 38.54 6.96 39.11
C PRO D 200 37.34 7.87 38.97
N HIS D 201 36.72 7.86 37.79
CA HIS D 201 35.53 8.68 37.55
C HIS D 201 34.36 8.22 38.42
N ASP D 202 34.16 6.91 38.53
CA ASP D 202 33.12 6.28 39.36
C ASP D 202 31.73 6.76 38.95
N GLY D 203 31.37 6.42 37.71
CA GLY D 203 30.10 6.82 37.14
C GLY D 203 30.17 7.98 36.18
N VAL D 204 31.35 8.54 35.95
CA VAL D 204 31.55 9.62 34.99
C VAL D 204 32.42 9.07 33.87
N THR D 205 32.27 7.77 33.59
CA THR D 205 32.99 7.16 32.48
C THR D 205 32.60 7.82 31.15
N GLY D 206 31.32 8.08 30.96
CA GLY D 206 30.87 8.91 29.87
C GLY D 206 30.61 10.31 30.34
N VAL D 207 29.35 10.74 30.28
CA VAL D 207 28.92 12.03 30.80
C VAL D 207 27.91 11.78 31.90
N ASN D 208 28.22 12.25 33.11
CA ASN D 208 27.42 11.95 34.29
C ASN D 208 26.01 12.51 34.16
N THR D 209 25.03 11.69 34.50
CA THR D 209 23.62 12.09 34.43
C THR D 209 23.20 12.91 35.64
N GLY D 210 24.02 12.97 36.68
CA GLY D 210 23.63 13.60 37.93
C GLY D 210 22.83 12.71 38.84
N TYR D 211 22.54 11.48 38.45
CA TYR D 211 21.79 10.52 39.25
C TYR D 211 22.70 9.32 39.52
N ASP D 212 23.03 9.11 40.80
CA ASP D 212 23.94 8.04 41.17
C ASP D 212 23.34 6.67 40.88
N ASP D 213 22.05 6.50 41.13
CA ASP D 213 21.38 5.24 40.82
C ASP D 213 21.36 4.97 39.33
N LEU D 214 21.14 6.00 38.52
CA LEU D 214 21.21 5.85 37.08
C LEU D 214 22.63 5.51 36.62
N ASN D 215 23.62 6.15 37.24
CA ASN D 215 25.00 5.89 36.86
C ASN D 215 25.49 4.54 37.39
N LYS D 216 24.73 3.92 38.30
CA LYS D 216 25.06 2.56 38.71
C LYS D 216 24.89 1.57 37.56
N LYS D 217 23.98 1.85 36.63
CA LYS D 217 23.76 0.99 35.48
C LYS D 217 24.33 1.59 34.19
N THR D 218 24.45 2.92 34.13
CA THR D 218 24.87 3.58 32.89
C THR D 218 26.31 4.05 32.94
N ALA D 219 26.84 4.34 34.13
CA ALA D 219 28.20 4.89 34.31
C ALA D 219 28.40 6.16 33.50
N GLY D 220 27.37 6.99 33.43
CA GLY D 220 27.42 8.21 32.66
C GLY D 220 27.05 7.98 31.20
N LEU D 221 26.73 9.08 30.53
CA LEU D 221 26.35 9.03 29.11
C LEU D 221 27.60 8.92 28.27
N GLN D 222 27.84 7.75 27.70
CA GLN D 222 29.08 7.47 27.00
C GLN D 222 29.12 8.22 25.67
N PRO D 223 30.29 8.71 25.26
CA PRO D 223 30.40 9.35 23.94
C PRO D 223 30.24 8.33 22.83
N SER D 224 29.89 8.85 21.64
CA SER D 224 29.59 8.11 20.42
C SER D 224 28.40 7.18 20.57
N ASP D 225 27.57 7.36 21.59
CA ASP D 225 26.44 6.48 21.85
C ASP D 225 25.13 7.19 21.58
N LEU D 226 24.16 6.44 21.07
CA LEU D 226 22.84 6.95 20.75
C LEU D 226 21.90 6.61 21.89
N ILE D 227 21.33 7.63 22.53
CA ILE D 227 20.45 7.47 23.67
C ILE D 227 19.06 7.92 23.25
N ILE D 228 18.06 7.07 23.45
CA ILE D 228 16.69 7.36 23.07
C ILE D 228 15.82 7.26 24.32
N VAL D 229 15.13 8.36 24.63
CA VAL D 229 14.17 8.41 25.73
C VAL D 229 12.78 8.33 25.12
N ALA D 230 12.01 7.34 25.54
CA ALA D 230 10.68 7.08 25.02
C ALA D 230 9.65 7.29 26.11
N ALA D 231 8.67 8.13 25.82
CA ALA D 231 7.61 8.43 26.78
C ALA D 231 6.40 8.98 26.03
N ARG D 232 5.27 9.00 26.72
CA ARG D 232 4.10 9.67 26.22
C ARG D 232 4.29 11.18 26.29
N PRO D 233 3.56 11.94 25.48
CA PRO D 233 3.55 13.39 25.65
C PRO D 233 3.00 13.78 27.01
N SER D 234 3.54 14.88 27.54
CA SER D 234 3.27 15.42 28.87
C SER D 234 3.67 14.46 29.99
N MET D 235 4.55 13.50 29.73
CA MET D 235 5.09 12.67 30.80
C MET D 235 6.31 13.29 31.46
N GLY D 236 6.73 14.47 31.01
CA GLY D 236 7.95 15.07 31.49
C GLY D 236 9.21 14.55 30.83
N LYS D 237 9.10 13.96 29.64
CA LYS D 237 10.26 13.42 28.94
C LYS D 237 11.25 14.52 28.57
N THR D 238 10.74 15.60 27.97
CA THR D 238 11.59 16.75 27.69
C THR D 238 12.04 17.42 28.97
N THR D 239 11.20 17.39 30.00
CA THR D 239 11.59 17.91 31.31
C THR D 239 12.75 17.10 31.90
N PHE D 240 12.67 15.78 31.79
CA PHE D 240 13.74 14.92 32.29
C PHE D 240 15.01 15.13 31.49
N ALA D 241 14.88 15.28 30.17
CA ALA D 241 16.03 15.55 29.32
C ALA D 241 16.67 16.88 29.68
N MET D 242 15.86 17.89 29.99
CA MET D 242 16.39 19.18 30.40
C MET D 242 17.07 19.10 31.76
N ASN D 243 16.54 18.26 32.65
CA ASN D 243 17.22 18.02 33.91
C ASN D 243 18.59 17.37 33.70
N LEU D 244 18.66 16.42 32.76
CA LEU D 244 19.95 15.83 32.39
C LEU D 244 20.89 16.88 31.80
N VAL D 245 20.34 17.79 31.00
CA VAL D 245 21.14 18.87 30.41
C VAL D 245 21.70 19.77 31.50
N GLU D 246 20.87 20.10 32.49
CA GLU D 246 21.32 20.93 33.61
C GLU D 246 22.42 20.22 34.39
N ASN D 247 22.24 18.92 34.64
CA ASN D 247 23.26 18.15 35.36
C ASN D 247 24.58 18.12 34.60
N ALA D 248 24.50 17.91 33.28
CA ALA D 248 25.71 17.90 32.46
C ALA D 248 26.39 19.26 32.45
N ALA D 249 25.60 20.34 32.37
CA ALA D 249 26.15 21.68 32.36
C ALA D 249 26.84 22.01 33.68
N MET D 250 26.24 21.58 34.80
CA MET D 250 26.86 21.84 36.09
C MET D 250 28.01 20.87 36.38
N LEU D 251 28.10 19.76 35.67
CA LEU D 251 29.13 18.75 35.94
C LEU D 251 30.25 18.75 34.91
N GLN D 252 30.25 19.66 33.94
CA GLN D 252 31.33 19.74 32.97
C GLN D 252 31.44 21.16 32.43
N ASP D 253 32.60 21.44 31.83
CA ASP D 253 32.81 22.70 31.13
C ASP D 253 32.66 22.57 29.62
N LYS D 254 32.54 21.36 29.10
CA LYS D 254 32.35 21.19 27.67
C LYS D 254 30.96 21.69 27.28
N PRO D 255 30.82 22.33 26.12
CA PRO D 255 29.52 22.94 25.77
C PRO D 255 28.46 21.90 25.45
N VAL D 256 27.20 22.32 25.57
CA VAL D 256 26.05 21.48 25.28
C VAL D 256 25.15 22.19 24.27
N LEU D 257 24.55 21.39 23.38
CA LEU D 257 23.73 21.90 22.29
C LEU D 257 22.35 21.25 22.39
N ILE D 258 21.31 22.08 22.27
CA ILE D 258 19.93 21.67 22.48
C ILE D 258 19.15 21.95 21.20
N PHE D 259 18.33 21.00 20.78
CA PHE D 259 17.44 21.18 19.63
C PHE D 259 16.00 21.01 20.11
N SER D 260 15.33 22.13 20.35
CA SER D 260 13.95 22.13 20.85
C SER D 260 13.03 22.45 19.68
N LEU D 261 12.74 21.43 18.86
CA LEU D 261 11.78 21.61 17.78
C LEU D 261 10.33 21.57 18.26
N GLU D 262 10.09 20.99 19.44
CA GLU D 262 8.73 20.95 19.99
C GLU D 262 8.34 22.28 20.62
N MET D 263 9.25 22.91 21.37
CA MET D 263 8.90 24.08 22.14
C MET D 263 9.85 25.23 21.84
N PRO D 264 9.40 26.48 22.00
CA PRO D 264 10.32 27.62 21.89
C PRO D 264 11.34 27.61 23.01
N SER D 265 12.50 28.22 22.74
CA SER D 265 13.62 28.15 23.66
C SER D 265 13.35 28.91 24.96
N GLU D 266 12.47 29.91 24.91
CA GLU D 266 12.14 30.67 26.11
C GLU D 266 11.41 29.80 27.13
N GLN D 267 10.47 28.98 26.66
CA GLN D 267 9.76 28.07 27.57
C GLN D 267 10.70 27.04 28.15
N ILE D 268 11.65 26.56 27.35
CA ILE D 268 12.67 25.64 27.83
C ILE D 268 13.52 26.30 28.89
N MET D 269 13.85 27.58 28.69
CA MET D 269 14.62 28.33 29.68
C MET D 269 13.84 28.49 30.97
N MET D 270 12.54 28.76 30.87
CA MET D 270 11.69 28.85 32.06
C MET D 270 11.65 27.52 32.81
N ARG D 271 11.53 26.42 32.08
CA ARG D 271 11.54 25.10 32.71
C ARG D 271 12.87 24.82 33.39
N SER D 272 13.98 25.18 32.75
CA SER D 272 15.30 24.96 33.33
C SER D 272 15.49 25.80 34.59
N LEU D 273 15.04 27.05 34.57
CA LEU D 273 15.13 27.90 35.75
C LEU D 273 14.27 27.36 36.88
N ALA D 274 13.07 26.87 36.55
CA ALA D 274 12.19 26.30 37.56
C ALA D 274 12.80 25.06 38.18
N SER D 275 13.46 24.23 37.35
CA SER D 275 14.08 23.01 37.88
C SER D 275 15.29 23.34 38.74
N LEU D 276 16.16 24.23 38.27
CA LEU D 276 17.41 24.50 38.99
C LEU D 276 17.17 25.31 40.26
N SER D 277 16.35 26.36 40.19
CA SER D 277 16.09 27.19 41.35
C SER D 277 15.05 26.60 42.29
N ARG D 278 14.43 25.48 41.91
CA ARG D 278 13.37 24.83 42.69
C ARG D 278 12.23 25.79 43.02
N VAL D 279 11.80 26.54 42.01
CA VAL D 279 10.66 27.43 42.10
C VAL D 279 9.57 26.87 41.18
N ASP D 280 8.32 27.03 41.59
CA ASP D 280 7.19 26.51 40.82
C ASP D 280 7.12 27.18 39.45
N GLN D 281 6.96 26.38 38.41
CA GLN D 281 6.92 26.89 37.05
C GLN D 281 5.69 27.75 36.80
N THR D 282 4.60 27.48 37.53
CA THR D 282 3.38 28.26 37.36
C THR D 282 3.59 29.71 37.79
N LYS D 283 4.23 29.91 38.94
CA LYS D 283 4.51 31.27 39.42
C LYS D 283 5.48 31.98 38.50
N ILE D 284 6.43 31.24 37.93
CA ILE D 284 7.39 31.83 37.02
C ILE D 284 6.71 32.26 35.72
N ARG D 285 5.87 31.38 35.17
CA ARG D 285 5.19 31.67 33.92
C ARG D 285 4.18 32.81 34.09
N THR D 286 3.49 32.85 35.22
CA THR D 286 2.62 33.96 35.53
C THR D 286 3.37 35.19 36.02
N GLY D 287 4.64 35.04 36.39
CA GLY D 287 5.43 36.15 36.87
C GLY D 287 5.20 36.51 38.32
N GLN D 288 4.32 35.80 39.03
CA GLN D 288 4.00 36.10 40.42
C GLN D 288 5.07 35.47 41.31
N LEU D 289 6.19 36.19 41.43
CA LEU D 289 7.36 35.71 42.15
C LEU D 289 7.72 36.69 43.25
N ASP D 290 8.11 36.15 44.40
CA ASP D 290 8.51 36.96 45.54
C ASP D 290 10.00 37.28 45.48
N ASP D 291 10.50 37.83 46.59
CA ASP D 291 11.91 38.22 46.66
C ASP D 291 12.83 37.01 46.72
N GLU D 292 12.45 35.96 47.45
CA GLU D 292 13.30 34.79 47.57
C GLU D 292 13.39 34.03 46.25
N ASP D 293 12.25 33.89 45.56
CA ASP D 293 12.25 33.26 44.24
C ASP D 293 13.08 34.08 43.26
N TRP D 294 12.98 35.41 43.35
CA TRP D 294 13.78 36.27 42.49
C TRP D 294 15.27 36.12 42.78
N ALA D 295 15.63 35.98 44.06
CA ALA D 295 17.03 35.77 44.42
C ALA D 295 17.53 34.43 43.90
N ARG D 296 16.71 33.38 43.99
CA ARG D 296 17.08 32.08 43.46
C ARG D 296 17.27 32.15 41.95
N ILE D 297 16.38 32.86 41.26
CA ILE D 297 16.48 33.01 39.81
C ILE D 297 17.75 33.79 39.45
N SER D 298 18.05 34.84 40.22
CA SER D 298 19.24 35.64 39.97
C SER D 298 20.51 34.82 40.17
N GLY D 299 20.56 34.02 41.24
CA GLY D 299 21.71 33.16 41.45
C GLY D 299 21.86 32.11 40.36
N THR D 300 20.74 31.52 39.94
CA THR D 300 20.78 30.53 38.87
C THR D 300 21.27 31.15 37.56
N MET D 301 20.79 32.36 37.25
CA MET D 301 21.23 33.04 36.04
C MET D 301 22.70 33.44 36.13
N GLY D 302 23.17 33.80 37.33
CA GLY D 302 24.58 34.09 37.50
C GLY D 302 25.44 32.86 37.27
N ILE D 303 24.99 31.70 37.76
CA ILE D 303 25.70 30.45 37.50
C ILE D 303 25.70 30.13 36.01
N LEU D 304 24.56 30.36 35.35
CA LEU D 304 24.45 30.10 33.92
C LEU D 304 25.39 31.00 33.12
N LEU D 305 25.46 32.29 33.47
CA LEU D 305 26.37 33.19 32.78
C LEU D 305 27.82 32.88 33.12
N GLU D 306 28.08 32.29 34.29
CA GLU D 306 29.41 31.80 34.58
C GLU D 306 29.78 30.63 33.67
N LYS D 307 28.82 29.73 33.44
CA LYS D 307 29.08 28.58 32.58
C LYS D 307 29.19 29.00 31.11
N ARG D 308 28.11 29.56 30.57
CA ARG D 308 28.04 30.04 29.18
C ARG D 308 28.40 28.94 28.17
N ASN D 309 28.04 27.71 28.48
CA ASN D 309 28.32 26.57 27.61
C ASN D 309 27.06 25.92 27.08
N ILE D 310 25.94 26.64 27.03
CA ILE D 310 24.66 26.10 26.60
C ILE D 310 24.22 26.88 25.37
N TYR D 311 23.89 26.17 24.30
CA TYR D 311 23.37 26.81 23.09
C TYR D 311 22.15 26.03 22.61
N ILE D 312 21.08 26.75 22.31
CA ILE D 312 19.78 26.16 22.00
C ILE D 312 19.34 26.65 20.63
N ASP D 313 18.79 25.74 19.83
CA ASP D 313 18.18 26.08 18.55
C ASP D 313 16.75 25.52 18.56
N ASP D 314 15.79 26.35 18.19
CA ASP D 314 14.39 25.95 18.13
C ASP D 314 13.85 25.90 16.70
N SER D 315 14.74 25.73 15.71
CA SER D 315 14.30 25.66 14.33
C SER D 315 13.58 24.35 14.06
N SER D 316 12.44 24.45 13.39
CA SER D 316 11.58 23.29 13.15
C SER D 316 11.88 22.67 11.79
N GLY D 317 11.67 21.36 11.71
CA GLY D 317 11.86 20.63 10.47
C GLY D 317 13.29 20.59 9.97
N LEU D 318 14.27 20.55 10.87
CA LEU D 318 15.67 20.57 10.46
C LEU D 318 16.07 19.24 9.86
N THR D 319 16.79 19.31 8.74
CA THR D 319 17.37 18.11 8.16
C THR D 319 18.59 17.69 8.97
N PRO D 320 18.95 16.39 8.94
CA PRO D 320 20.17 15.95 9.63
C PRO D 320 21.44 16.60 9.12
N THR D 321 21.45 17.02 7.85
CA THR D 321 22.63 17.70 7.31
C THR D 321 22.86 19.04 7.98
N GLU D 322 21.78 19.82 8.17
CA GLU D 322 21.90 21.11 8.84
C GLU D 322 22.33 20.94 10.29
N VAL D 323 21.76 19.95 10.97
CA VAL D 323 22.11 19.66 12.35
C VAL D 323 23.58 19.27 12.45
N ARG D 324 24.03 18.42 11.51
CA ARG D 324 25.43 17.99 11.49
C ARG D 324 26.36 19.17 11.23
N SER D 325 25.97 20.06 10.32
CA SER D 325 26.80 21.22 10.01
C SER D 325 26.92 22.15 11.21
N ARG D 326 25.80 22.41 11.88
CA ARG D 326 25.83 23.29 13.05
C ARG D 326 26.61 22.65 14.19
N ALA D 327 26.48 21.33 14.36
CA ALA D 327 27.24 20.63 15.39
C ALA D 327 28.73 20.69 15.11
N ARG D 328 29.13 20.50 13.84
CA ARG D 328 30.53 20.61 13.47
C ARG D 328 31.05 22.02 13.70
N ARG D 329 30.23 23.03 13.37
CA ARG D 329 30.62 24.42 13.59
C ARG D 329 30.85 24.71 15.06
N ILE D 330 29.92 24.28 15.91
CA ILE D 330 30.05 24.55 17.35
C ILE D 330 31.23 23.78 17.94
N ALA D 331 31.41 22.53 17.50
CA ALA D 331 32.53 21.72 18.01
C ALA D 331 33.87 22.32 17.61
N ARG D 332 33.96 22.83 16.37
CA ARG D 332 35.19 23.48 15.93
C ARG D 332 35.43 24.77 16.69
N GLU D 333 34.36 25.54 16.95
CA GLU D 333 34.52 26.79 17.67
C GLU D 333 34.85 26.58 19.14
N HIS D 334 34.48 25.43 19.70
CA HIS D 334 34.61 25.21 21.13
C HIS D 334 35.44 23.97 21.48
N GLY D 335 36.14 23.39 20.51
CA GLY D 335 36.99 22.24 20.78
C GLY D 335 36.23 21.00 21.20
N GLY D 336 35.07 20.76 20.60
CA GLY D 336 34.25 19.62 20.94
C GLY D 336 33.02 20.04 21.72
N ILE D 337 32.04 19.13 21.73
CA ILE D 337 30.75 19.36 22.38
C ILE D 337 30.51 18.24 23.38
N GLY D 338 30.13 18.62 24.60
CA GLY D 338 29.83 17.65 25.63
C GLY D 338 28.61 16.78 25.37
N LEU D 339 27.52 17.39 24.92
CA LEU D 339 26.25 16.69 24.83
C LEU D 339 25.37 17.35 23.77
N ILE D 340 24.61 16.52 23.04
CA ILE D 340 23.65 17.01 22.05
C ILE D 340 22.26 16.55 22.48
N MET D 341 21.30 17.48 22.48
CA MET D 341 19.92 17.19 22.83
C MET D 341 19.03 17.51 21.64
N ILE D 342 18.18 16.56 21.25
CA ILE D 342 17.28 16.70 20.11
C ILE D 342 15.86 16.38 20.58
N ASP D 343 14.93 17.29 20.30
CA ASP D 343 13.53 17.13 20.70
C ASP D 343 12.65 17.56 19.52
N TYR D 344 12.20 16.61 18.71
CA TYR D 344 12.49 15.19 18.88
C TYR D 344 12.75 14.52 17.53
N LEU D 345 12.75 13.19 17.52
CA LEU D 345 13.10 12.42 16.33
C LEU D 345 12.12 12.65 15.20
N GLN D 346 10.82 12.65 15.50
CA GLN D 346 9.80 12.65 14.47
C GLN D 346 9.53 14.04 13.89
N LEU D 347 10.27 15.06 14.32
CA LEU D 347 10.08 16.40 13.78
C LEU D 347 11.11 16.76 12.71
N MET D 348 12.17 15.98 12.56
CA MET D 348 13.16 16.26 11.53
C MET D 348 12.60 15.96 10.15
N ARG D 349 13.07 16.72 9.16
CA ARG D 349 12.54 16.62 7.80
C ARG D 349 13.61 16.14 6.84
N VAL D 350 13.28 15.10 6.08
CA VAL D 350 14.10 14.65 4.96
C VAL D 350 13.25 14.72 3.70
N PRO D 351 13.48 15.70 2.83
CA PRO D 351 12.70 15.80 1.59
C PRO D 351 12.87 14.60 0.66
N ALA D 352 14.04 13.97 0.68
CA ALA D 352 14.29 12.82 -0.20
C ALA D 352 13.45 11.61 0.16
N LEU D 353 13.10 11.44 1.43
CA LEU D 353 12.27 10.32 1.88
C LEU D 353 10.99 10.80 2.54
N SER D 354 10.42 11.91 2.07
CA SER D 354 9.18 12.41 2.67
C SER D 354 8.00 11.50 2.36
N ASP D 355 8.08 10.73 1.27
CA ASP D 355 6.96 9.87 0.89
C ASP D 355 6.84 8.65 1.78
N ASN D 356 7.96 8.11 2.27
CA ASN D 356 7.95 6.93 3.14
C ASN D 356 8.44 7.38 4.51
N ARG D 357 7.51 7.39 5.48
CA ARG D 357 7.85 7.83 6.83
C ARG D 357 8.85 6.90 7.49
N THR D 358 8.68 5.58 7.28
CA THR D 358 9.57 4.62 7.91
C THR D 358 11.00 4.76 7.40
N LEU D 359 11.15 4.92 6.09
CA LEU D 359 12.48 5.12 5.52
C LEU D 359 13.09 6.44 5.98
N GLU D 360 12.28 7.47 6.12
CA GLU D 360 12.77 8.76 6.62
C GLU D 360 13.26 8.62 8.06
N ILE D 361 12.51 7.90 8.89
CA ILE D 361 12.92 7.68 10.28
C ILE D 361 14.20 6.88 10.33
N ALA D 362 14.32 5.85 9.48
CA ALA D 362 15.53 5.04 9.43
C ALA D 362 16.74 5.86 9.02
N GLU D 363 16.59 6.71 8.00
CA GLU D 363 17.70 7.53 7.54
C GLU D 363 18.07 8.57 8.58
N ILE D 364 17.08 9.14 9.27
CA ILE D 364 17.36 10.13 10.31
C ILE D 364 18.14 9.48 11.45
N SER D 365 17.72 8.29 11.88
CA SER D 365 18.40 7.61 12.97
C SER D 365 19.82 7.20 12.56
N ARG D 366 19.97 6.74 11.32
CA ARG D 366 21.30 6.38 10.81
C ARG D 366 22.22 7.59 10.76
N SER D 367 21.71 8.73 10.28
CA SER D 367 22.51 9.93 10.21
C SER D 367 22.90 10.43 11.60
N LEU D 368 21.97 10.36 12.56
CA LEU D 368 22.28 10.78 13.91
C LEU D 368 23.32 9.88 14.56
N LYS D 369 23.21 8.56 14.33
CA LYS D 369 24.21 7.63 14.86
C LYS D 369 25.57 7.89 14.23
N ALA D 370 25.59 8.15 12.92
CA ALA D 370 26.84 8.45 12.24
C ALA D 370 27.47 9.73 12.79
N LEU D 371 26.65 10.76 13.03
CA LEU D 371 27.16 12.00 13.58
C LEU D 371 27.70 11.81 14.99
N ALA D 372 27.00 11.01 15.81
CA ALA D 372 27.44 10.75 17.18
C ALA D 372 28.77 10.02 17.18
N LYS D 373 28.93 9.02 16.29
CA LYS D 373 30.20 8.32 16.19
C LYS D 373 31.29 9.23 15.62
N GLU D 374 30.92 10.14 14.72
CA GLU D 374 31.90 11.04 14.11
C GLU D 374 32.47 12.01 15.13
N LEU D 375 31.60 12.69 15.87
CA LEU D 375 32.06 13.73 16.78
C LEU D 375 32.34 13.21 18.18
N ASN D 376 32.09 11.94 18.44
CA ASN D 376 32.32 11.29 19.73
C ASN D 376 31.62 12.03 20.87
N VAL D 377 30.31 12.20 20.71
CA VAL D 377 29.51 12.97 21.66
C VAL D 377 28.24 12.18 21.96
N PRO D 378 27.80 12.12 23.21
CA PRO D 378 26.47 11.56 23.49
C PRO D 378 25.37 12.45 22.92
N VAL D 379 24.48 11.83 22.16
CA VAL D 379 23.36 12.52 21.53
C VAL D 379 22.09 11.85 22.03
N VAL D 380 21.24 12.62 22.70
CA VAL D 380 19.98 12.12 23.22
C VAL D 380 18.87 12.73 22.36
N ALA D 381 18.19 11.89 21.60
CA ALA D 381 17.08 12.31 20.75
C ALA D 381 15.80 11.70 21.31
N LEU D 382 14.80 12.53 21.53
CA LEU D 382 13.56 12.07 22.14
C LEU D 382 12.68 11.37 21.10
N SER D 383 11.79 10.50 21.59
CA SER D 383 10.92 9.74 20.73
C SER D 383 9.55 9.59 21.39
N GLN D 384 8.56 9.25 20.58
CA GLN D 384 7.18 9.14 21.02
C GLN D 384 6.69 7.71 20.93
N LEU D 385 5.71 7.38 21.77
CA LEU D 385 5.18 6.03 21.88
C LEU D 385 3.90 5.87 21.09
N ASN D 386 3.62 4.62 20.68
CA ASN D 386 2.35 4.32 20.04
C ASN D 386 1.22 4.36 21.05
N ARG D 387 0.04 4.76 20.58
CA ARG D 387 -1.13 4.78 21.45
C ARG D 387 -1.62 3.38 21.77
N SER D 388 -1.25 2.37 20.96
CA SER D 388 -1.62 0.99 21.23
C SER D 388 -1.02 0.48 22.53
N LEU D 389 0.06 1.11 23.00
CA LEU D 389 0.61 0.83 24.31
C LEU D 389 -0.45 1.01 25.40
N GLU D 390 -1.29 2.04 25.27
CA GLU D 390 -2.36 2.23 26.23
C GLU D 390 -3.48 1.20 26.08
N GLN D 391 -3.54 0.50 24.94
CA GLN D 391 -4.56 -0.53 24.74
C GLN D 391 -4.22 -1.83 25.44
N ARG D 392 -2.98 -1.98 25.92
CA ARG D 392 -2.58 -3.19 26.61
C ARG D 392 -3.00 -3.12 28.08
N ALA D 393 -3.02 -4.29 28.72
CA ALA D 393 -3.33 -4.33 30.15
C ALA D 393 -2.23 -3.66 30.96
N ASP D 394 -0.98 -3.98 30.67
CA ASP D 394 0.16 -3.33 31.29
C ASP D 394 0.59 -2.16 30.41
N LYS D 395 0.72 -0.98 31.01
CA LYS D 395 1.10 0.22 30.29
C LYS D 395 2.58 0.56 30.44
N ARG D 396 3.37 -0.32 31.03
CA ARG D 396 4.81 -0.13 31.06
C ARG D 396 5.38 -0.33 29.65
N PRO D 397 6.14 0.61 29.13
CA PRO D 397 6.54 0.56 27.72
C PRO D 397 7.50 -0.57 27.41
N VAL D 398 7.40 -1.08 26.18
CA VAL D 398 8.29 -2.09 25.64
C VAL D 398 8.93 -1.52 24.38
N ASN D 399 9.75 -2.36 23.73
CA ASN D 399 10.50 -1.91 22.56
C ASN D 399 9.59 -1.62 21.37
N SER D 400 8.50 -2.37 21.24
CA SER D 400 7.63 -2.19 20.08
C SER D 400 6.71 -0.98 20.22
N ASP D 401 6.67 -0.35 21.39
CA ASP D 401 5.71 0.73 21.62
C ASP D 401 6.10 2.04 20.95
N LEU D 402 7.35 2.19 20.52
CA LEU D 402 7.76 3.43 19.88
C LEU D 402 7.21 3.49 18.45
N ARG D 403 7.04 4.70 17.94
CA ARG D 403 6.51 4.87 16.61
C ARG D 403 7.60 4.68 15.56
N GLU D 404 7.34 3.81 14.59
CA GLU D 404 8.33 3.38 13.59
C GLU D 404 9.61 2.88 14.27
N SER D 405 9.42 1.97 15.24
CA SER D 405 10.51 1.57 16.11
C SER D 405 11.42 0.54 15.45
N GLY D 406 11.09 0.14 14.21
CA GLY D 406 11.85 -0.92 13.55
C GLY D 406 13.31 -0.57 13.36
N SER D 407 13.58 0.67 12.93
CA SER D 407 14.96 1.11 12.80
C SER D 407 15.45 1.74 14.10
N ILE D 408 14.52 2.27 14.90
CA ILE D 408 14.90 3.01 16.11
C ILE D 408 15.50 2.07 17.14
N GLU D 409 14.90 0.89 17.32
CA GLU D 409 15.41 -0.07 18.31
C GLU D 409 16.77 -0.61 17.89
N GLN D 410 16.98 -0.80 16.59
CA GLN D 410 18.26 -1.31 16.11
C GLN D 410 19.37 -0.27 16.25
N ASP D 411 19.11 0.95 15.81
CA ASP D 411 20.17 1.96 15.75
C ASP D 411 20.54 2.50 17.12
N ALA D 412 19.62 2.47 18.08
CA ALA D 412 19.88 3.05 19.39
C ALA D 412 20.85 2.17 20.18
N ASP D 413 21.69 2.82 20.97
CA ASP D 413 22.57 2.13 21.92
C ASP D 413 21.93 1.97 23.29
N LEU D 414 21.32 3.04 23.81
CA LEU D 414 20.61 3.01 25.08
C LEU D 414 19.17 3.44 24.82
N ILE D 415 18.23 2.70 25.39
CA ILE D 415 16.80 3.02 25.30
C ILE D 415 16.25 3.07 26.71
N MET D 416 15.69 4.22 27.10
CA MET D 416 15.09 4.40 28.40
C MET D 416 13.65 4.85 28.24
N PHE D 417 12.72 4.10 28.81
CA PHE D 417 11.31 4.44 28.82
C PHE D 417 10.97 5.16 30.10
N ILE D 418 10.01 6.08 30.03
CA ILE D 418 9.52 6.79 31.20
C ILE D 418 8.10 6.33 31.46
N TYR D 419 7.85 5.82 32.66
CA TYR D 419 6.53 5.33 33.06
C TYR D 419 6.09 6.04 34.33
N ARG D 420 4.80 6.35 34.42
CA ARG D 420 4.22 6.97 35.59
C ARG D 420 2.86 6.33 35.84
N ASP D 421 2.77 5.48 36.86
CA ASP D 421 1.51 4.81 37.16
C ASP D 421 0.51 5.79 37.76
N GLU D 422 1.01 6.88 38.35
CA GLU D 422 0.14 7.91 38.91
C GLU D 422 -0.71 8.58 37.84
N VAL D 423 -0.23 8.63 36.60
CA VAL D 423 -1.03 9.18 35.51
C VAL D 423 -2.23 8.29 35.20
N TYR D 424 -2.01 6.98 35.12
CA TYR D 424 -3.09 6.06 34.77
C TYR D 424 -3.89 5.59 35.98
N HIS D 425 -3.40 5.83 37.20
CA HIS D 425 -4.10 5.43 38.41
C HIS D 425 -4.12 6.62 39.35
N GLU D 426 -5.33 7.14 39.61
CA GLU D 426 -5.48 8.29 40.50
C GLU D 426 -5.15 7.91 41.94
N ASN D 427 -5.43 6.67 42.34
CA ASN D 427 -5.15 6.19 43.68
C ASN D 427 -3.87 5.35 43.71
N SER D 428 -2.93 5.65 42.82
CA SER D 428 -1.66 4.94 42.81
C SER D 428 -0.83 5.30 44.03
N ASP D 429 -0.08 4.32 44.53
CA ASP D 429 0.82 4.57 45.66
C ASP D 429 2.15 5.15 45.21
N LEU D 430 2.38 5.26 43.90
CA LEU D 430 3.64 5.76 43.35
C LEU D 430 3.54 7.22 42.93
N LYS D 431 2.80 8.04 43.68
CA LYS D 431 2.66 9.44 43.35
C LYS D 431 3.98 10.17 43.54
N GLY D 432 4.36 10.96 42.53
CA GLY D 432 5.65 11.62 42.55
C GLY D 432 6.81 10.73 42.16
N ILE D 433 6.55 9.48 41.79
CA ILE D 433 7.59 8.51 41.48
C ILE D 433 7.50 8.18 40.00
N ALA D 434 8.63 8.27 39.31
CA ALA D 434 8.73 7.98 37.88
C ALA D 434 9.67 6.81 37.68
N GLU D 435 9.29 5.90 36.79
CA GLU D 435 10.09 4.72 36.48
C GLU D 435 10.88 4.97 35.20
N ILE D 436 12.20 4.99 35.31
CA ILE D 436 13.09 5.02 34.15
C ILE D 436 13.47 3.57 33.89
N ILE D 437 12.89 2.99 32.85
CA ILE D 437 13.09 1.58 32.52
C ILE D 437 14.06 1.51 31.35
N ILE D 438 15.30 1.15 31.64
CA ILE D 438 16.26 0.82 30.58
C ILE D 438 15.75 -0.46 29.93
N GLY D 439 15.30 -0.35 28.68
CA GLY D 439 14.89 -1.53 27.95
C GLY D 439 15.95 -2.05 27.01
N LYS D 440 16.89 -1.18 26.62
CA LYS D 440 18.01 -1.60 25.78
C LYS D 440 19.28 -0.94 26.30
N GLN D 441 20.26 -1.77 26.65
CA GLN D 441 21.60 -1.28 26.98
C GLN D 441 22.59 -2.31 26.46
N ARG D 442 23.39 -1.90 25.48
CA ARG D 442 24.29 -2.83 24.82
C ARG D 442 25.43 -3.26 25.75
N ASN D 443 25.81 -2.40 26.68
CA ASN D 443 26.91 -2.70 27.58
C ASN D 443 26.48 -2.66 29.03
N GLY D 444 25.28 -3.15 29.34
CA GLY D 444 24.81 -3.16 30.70
C GLY D 444 23.47 -3.82 30.88
N PRO D 445 23.06 -4.02 32.13
CA PRO D 445 21.79 -4.70 32.40
C PRO D 445 20.60 -3.78 32.19
N ILE D 446 19.49 -4.38 31.77
CA ILE D 446 18.24 -3.64 31.63
C ILE D 446 17.46 -3.71 32.95
N GLY D 447 16.51 -2.80 33.11
CA GLY D 447 15.69 -2.81 34.30
C GLY D 447 15.20 -1.42 34.67
N THR D 448 14.48 -1.35 35.78
CA THR D 448 13.74 -0.16 36.18
C THR D 448 14.41 0.53 37.37
N VAL D 449 14.56 1.85 37.29
CA VAL D 449 15.07 2.68 38.37
C VAL D 449 14.02 3.72 38.71
N ARG D 450 13.75 3.88 40.01
CA ARG D 450 12.74 4.83 40.47
C ARG D 450 13.37 6.18 40.76
N LEU D 451 12.65 7.25 40.44
CA LEU D 451 13.11 8.61 40.68
C LEU D 451 11.94 9.44 41.23
N THR D 452 12.29 10.55 41.87
CA THR D 452 11.30 11.46 42.43
C THR D 452 11.03 12.58 41.43
N PHE D 453 9.74 12.84 41.17
CA PHE D 453 9.34 13.85 40.20
C PHE D 453 8.63 14.99 40.93
N ASN D 454 9.08 16.23 40.67
CA ASN D 454 8.45 17.43 41.19
C ASN D 454 7.79 18.15 40.02
N GLY D 455 6.47 17.99 39.93
CA GLY D 455 5.73 18.65 38.87
C GLY D 455 5.69 20.16 39.03
N GLN D 456 5.65 20.63 40.28
CA GLN D 456 5.69 22.07 40.53
C GLN D 456 6.99 22.69 40.07
N TRP D 457 8.11 22.13 40.52
CA TRP D 457 9.43 22.58 40.09
C TRP D 457 9.82 22.03 38.73
N SER D 458 9.08 21.02 38.26
CA SER D 458 9.38 20.29 37.02
C SER D 458 10.82 19.77 37.05
N ARG D 459 11.08 18.89 38.01
CA ARG D 459 12.44 18.41 38.27
C ARG D 459 12.40 16.92 38.52
N PHE D 460 13.49 16.25 38.15
CA PHE D 460 13.68 14.85 38.49
C PHE D 460 14.88 14.72 39.41
N ASP D 461 14.70 14.00 40.51
CA ASP D 461 15.73 13.81 41.52
C ASP D 461 15.84 12.33 41.85
N ASN D 462 16.92 11.99 42.55
CA ASN D 462 17.10 10.61 42.99
C ASN D 462 16.06 10.26 44.04
N TYR D 463 15.49 9.06 43.91
CA TYR D 463 14.44 8.62 44.81
C TYR D 463 15.05 8.29 46.17
N ALA D 464 14.59 8.99 47.22
CA ALA D 464 15.15 8.86 48.55
C ALA D 464 14.24 8.08 49.49
N GLY D 465 13.23 7.40 48.95
CA GLY D 465 12.36 6.57 49.76
C GLY D 465 12.93 5.19 49.95
N PRO D 466 12.13 4.29 50.52
CA PRO D 466 12.58 2.89 50.68
C PRO D 466 12.80 2.23 49.33
N GLN D 467 13.86 1.41 49.25
CA GLN D 467 14.21 0.75 48.00
C GLN D 467 13.31 -0.46 47.77
N TYR D 468 12.82 -0.62 46.54
CA TYR D 468 11.97 -1.74 46.18
C TYR D 468 12.75 -2.69 45.29
N ASP D 469 12.70 -3.99 45.61
CA ASP D 469 13.40 -4.98 44.83
C ASP D 469 12.71 -5.19 43.48
N ASP D 470 13.51 -5.21 42.41
CA ASP D 470 12.99 -5.42 41.07
C ASP D 470 12.86 -6.91 40.81
N GLU D 471 11.63 -7.40 40.67
CA GLU D 471 11.39 -8.81 40.44
C GLU D 471 11.54 -9.17 38.96
N LEU E 24 45.71 2.77 -36.95
CA LEU E 24 44.36 2.22 -36.89
C LEU E 24 44.38 0.76 -36.49
N LYS E 25 44.32 0.49 -35.18
CA LYS E 25 44.33 -0.87 -34.67
C LYS E 25 42.98 -1.54 -34.89
N VAL E 26 42.89 -2.40 -35.89
CA VAL E 26 41.65 -3.15 -36.15
C VAL E 26 41.48 -4.21 -35.07
N PRO E 27 40.29 -4.34 -34.48
CA PRO E 27 40.06 -5.41 -33.51
C PRO E 27 40.23 -6.78 -34.14
N PRO E 28 40.80 -7.74 -33.40
CA PRO E 28 41.04 -9.07 -33.99
C PRO E 28 39.73 -9.82 -34.19
N HIS E 29 39.64 -10.49 -35.33
CA HIS E 29 38.44 -11.23 -35.71
C HIS E 29 38.81 -12.27 -36.76
N SER E 30 37.89 -13.21 -36.99
CA SER E 30 38.05 -14.22 -38.02
C SER E 30 36.75 -14.28 -38.81
N ILE E 31 36.66 -13.46 -39.86
CA ILE E 31 35.46 -13.41 -40.68
C ILE E 31 35.27 -14.73 -41.44
N GLU E 32 36.38 -15.37 -41.81
CA GLU E 32 36.32 -16.65 -42.51
C GLU E 32 35.66 -17.72 -41.65
N ALA E 33 35.99 -17.74 -40.35
CA ALA E 33 35.35 -18.67 -39.43
C ALA E 33 33.85 -18.37 -39.30
N GLU E 34 33.48 -17.09 -39.29
CA GLU E 34 32.08 -16.70 -39.23
C GLU E 34 31.33 -17.19 -40.45
N GLN E 35 31.91 -16.99 -41.63
CA GLN E 35 31.27 -17.43 -42.87
C GLN E 35 31.18 -18.94 -42.94
N SER E 36 32.21 -19.64 -42.45
CA SER E 36 32.16 -21.09 -42.41
C SER E 36 31.06 -21.58 -41.47
N VAL E 37 30.90 -20.92 -40.32
CA VAL E 37 29.83 -21.28 -39.39
C VAL E 37 28.47 -21.07 -40.02
N LEU E 38 28.28 -19.92 -40.68
CA LEU E 38 26.99 -19.61 -41.31
C LEU E 38 26.68 -20.59 -42.44
N GLY E 39 27.68 -20.92 -43.26
CA GLY E 39 27.48 -21.87 -44.33
C GLY E 39 27.20 -23.27 -43.83
N GLY E 40 27.89 -23.69 -42.76
CA GLY E 40 27.62 -24.98 -42.18
C GLY E 40 26.23 -25.07 -41.57
N LEU E 41 25.77 -23.97 -40.97
CA LEU E 41 24.39 -23.92 -40.48
C LEU E 41 23.38 -23.95 -41.62
N MET E 42 23.69 -23.31 -42.74
CA MET E 42 22.84 -23.42 -43.92
C MET E 42 22.81 -24.84 -44.46
N LEU E 43 23.92 -25.57 -44.35
CA LEU E 43 23.97 -26.94 -44.84
C LEU E 43 23.51 -27.96 -43.80
N ASP E 44 23.92 -27.81 -42.55
CA ASP E 44 23.59 -28.77 -41.50
C ASP E 44 23.21 -28.00 -40.24
N ASN E 45 21.91 -28.00 -39.91
CA ASN E 45 21.44 -27.39 -38.68
C ASN E 45 21.52 -28.33 -37.49
N GLU E 46 21.86 -29.60 -37.72
CA GLU E 46 21.91 -30.56 -36.63
C GLU E 46 23.02 -30.24 -35.64
N ARG E 47 24.12 -29.65 -36.12
CA ARG E 47 25.18 -29.16 -35.26
C ARG E 47 24.89 -27.77 -34.72
N TRP E 48 23.66 -27.28 -34.91
CA TRP E 48 23.29 -25.93 -34.48
C TRP E 48 23.46 -25.76 -32.98
N ASP E 49 23.04 -26.76 -32.20
CA ASP E 49 23.27 -26.74 -30.76
C ASP E 49 24.76 -26.70 -30.45
N ASP E 50 25.56 -27.44 -31.22
CA ASP E 50 27.01 -27.35 -31.09
C ASP E 50 27.50 -25.94 -31.36
N VAL E 51 26.87 -25.27 -32.31
CA VAL E 51 27.12 -23.84 -32.49
C VAL E 51 26.53 -23.05 -31.33
N ALA E 52 25.31 -23.40 -30.90
CA ALA E 52 24.63 -22.63 -29.86
C ALA E 52 25.32 -22.77 -28.52
N GLU E 53 26.04 -23.89 -28.31
CA GLU E 53 26.80 -24.04 -27.08
C GLU E 53 28.05 -23.17 -27.07
N ARG E 54 28.51 -22.74 -28.25
CA ARG E 54 29.79 -22.07 -28.36
C ARG E 54 29.67 -20.56 -28.58
N VAL E 55 28.80 -20.12 -29.47
CA VAL E 55 28.72 -18.71 -29.84
C VAL E 55 27.28 -18.22 -29.81
N VAL E 56 27.12 -16.91 -29.73
CA VAL E 56 25.82 -16.25 -29.74
C VAL E 56 25.77 -15.28 -30.91
N ALA E 57 24.65 -14.55 -31.01
CA ALA E 57 24.46 -13.59 -32.09
C ALA E 57 25.45 -12.45 -32.02
N ASP E 58 25.74 -11.96 -30.80
CA ASP E 58 26.63 -10.82 -30.66
C ASP E 58 28.11 -11.19 -30.76
N ASP E 59 28.44 -12.48 -30.82
CA ASP E 59 29.83 -12.89 -30.94
C ASP E 59 30.42 -12.62 -32.32
N PHE E 60 29.57 -12.44 -33.34
CA PHE E 60 30.05 -12.18 -34.69
C PHE E 60 30.56 -10.75 -34.78
N TYR E 61 31.71 -10.59 -35.44
CA TYR E 61 32.33 -9.27 -35.54
C TYR E 61 31.52 -8.34 -36.45
N THR E 62 31.06 -8.84 -37.58
CA THR E 62 30.35 -8.03 -38.55
C THR E 62 28.84 -8.07 -38.28
N ARG E 63 28.23 -6.89 -38.32
CA ARG E 63 26.80 -6.77 -38.08
C ARG E 63 25.91 -7.58 -39.04
N PRO E 64 26.17 -7.64 -40.36
CA PRO E 64 25.35 -8.55 -41.19
C PRO E 64 25.43 -10.01 -40.77
N HIS E 65 26.60 -10.47 -40.32
CA HIS E 65 26.70 -11.83 -39.81
C HIS E 65 25.89 -12.00 -38.53
N ARG E 66 25.85 -10.95 -37.69
CA ARG E 66 25.01 -10.99 -36.49
C ARG E 66 23.54 -11.10 -36.86
N HIS E 67 23.11 -10.36 -37.88
CA HIS E 67 21.73 -10.44 -38.34
C HIS E 67 21.41 -11.82 -38.91
N ILE E 68 22.36 -12.39 -39.67
CA ILE E 68 22.17 -13.72 -40.24
C ILE E 68 22.03 -14.76 -39.13
N PHE E 69 22.89 -14.69 -38.11
CA PHE E 69 22.83 -15.66 -37.03
C PHE E 69 21.55 -15.47 -36.20
N THR E 70 21.11 -14.23 -36.01
CA THR E 70 19.87 -13.97 -35.30
C THR E 70 18.68 -14.54 -36.05
N GLU E 71 18.66 -14.37 -37.38
CA GLU E 71 17.58 -14.94 -38.18
C GLU E 71 17.62 -16.45 -38.20
N MET E 72 18.82 -17.03 -38.20
CA MET E 72 18.95 -18.48 -38.09
C MET E 72 18.41 -18.99 -36.76
N ALA E 73 18.70 -18.28 -35.66
CA ALA E 73 18.17 -18.65 -34.36
C ALA E 73 16.66 -18.53 -34.32
N ARG E 74 16.11 -17.48 -34.96
CA ARG E 74 14.67 -17.31 -35.01
C ARG E 74 14.00 -18.42 -35.82
N LEU E 75 14.63 -18.83 -36.92
CA LEU E 75 14.08 -19.93 -37.72
C LEU E 75 14.16 -21.25 -36.96
N GLN E 76 15.26 -21.49 -36.24
CA GLN E 76 15.42 -22.73 -35.50
C GLN E 76 14.44 -22.80 -34.33
N GLU E 77 14.21 -21.67 -33.66
CA GLU E 77 13.24 -21.66 -32.56
C GLU E 77 11.82 -21.84 -33.06
N SER E 78 11.52 -21.35 -34.26
CA SER E 78 10.21 -21.50 -34.86
C SER E 78 10.03 -22.86 -35.55
N GLY E 79 11.07 -23.69 -35.58
CA GLY E 79 10.98 -24.97 -36.24
C GLY E 79 11.29 -24.94 -37.72
N SER E 80 11.63 -23.77 -38.26
CA SER E 80 11.99 -23.66 -39.67
C SER E 80 13.40 -24.19 -39.90
N PRO E 81 13.60 -24.96 -40.96
CA PRO E 81 14.95 -25.45 -41.28
C PRO E 81 15.88 -24.31 -41.68
N ILE E 82 17.15 -24.47 -41.34
CA ILE E 82 18.18 -23.47 -41.63
C ILE E 82 18.87 -23.89 -42.91
N ASP E 83 18.41 -23.34 -44.03
CA ASP E 83 19.02 -23.54 -45.33
C ASP E 83 19.12 -22.19 -46.04
N LEU E 84 19.50 -22.23 -47.32
CA LEU E 84 19.64 -21.00 -48.09
C LEU E 84 18.30 -20.34 -48.35
N ILE E 85 17.32 -21.12 -48.83
CA ILE E 85 16.07 -20.56 -49.31
C ILE E 85 15.23 -20.03 -48.16
N THR E 86 15.13 -20.80 -47.06
CA THR E 86 14.31 -20.38 -45.93
C THR E 86 14.88 -19.14 -45.26
N LEU E 87 16.20 -19.10 -45.10
CA LEU E 87 16.84 -17.93 -44.49
C LEU E 87 16.71 -16.71 -45.39
N ALA E 88 16.87 -16.89 -46.70
CA ALA E 88 16.71 -15.78 -47.64
C ALA E 88 15.29 -15.23 -47.62
N GLU E 89 14.30 -16.12 -47.60
CA GLU E 89 12.91 -15.69 -47.52
C GLU E 89 12.60 -14.99 -46.20
N SER E 90 13.14 -15.51 -45.09
CA SER E 90 12.89 -14.88 -43.79
C SER E 90 13.54 -13.51 -43.69
N LEU E 91 14.74 -13.36 -44.25
CA LEU E 91 15.40 -12.06 -44.25
C LEU E 91 14.71 -11.07 -45.20
N GLU E 92 14.16 -11.58 -46.31
CA GLU E 92 13.42 -10.71 -47.22
C GLU E 92 12.10 -10.25 -46.61
N ARG E 93 11.43 -11.13 -45.86
CA ARG E 93 10.16 -10.78 -45.25
C ARG E 93 10.34 -9.75 -44.13
N GLN E 94 11.48 -9.77 -43.46
CA GLN E 94 11.80 -8.77 -42.44
C GLN E 94 12.54 -7.57 -43.02
N GLY E 95 12.79 -7.55 -44.32
CA GLY E 95 13.53 -6.45 -44.93
C GLY E 95 15.00 -6.45 -44.59
N GLN E 96 15.53 -7.59 -44.16
CA GLN E 96 16.95 -7.71 -43.81
C GLN E 96 17.76 -8.48 -44.83
N LEU E 97 17.18 -8.86 -45.96
CA LEU E 97 17.95 -9.57 -47.00
C LEU E 97 19.02 -8.66 -47.59
N ASP E 98 18.67 -7.41 -47.87
CA ASP E 98 19.65 -6.49 -48.45
C ASP E 98 20.67 -6.04 -47.42
N SER E 99 20.28 -6.04 -46.13
CA SER E 99 21.20 -5.61 -45.08
C SER E 99 22.29 -6.63 -44.80
N VAL E 100 22.07 -7.91 -45.16
CA VAL E 100 23.05 -8.96 -44.92
C VAL E 100 23.84 -9.32 -46.17
N GLY E 101 23.73 -8.53 -47.23
CA GLY E 101 24.45 -8.79 -48.46
C GLY E 101 23.62 -9.33 -49.61
N GLY E 102 22.40 -9.76 -49.35
CA GLY E 102 21.54 -10.26 -50.41
C GLY E 102 21.60 -11.76 -50.56
N PHE E 103 20.70 -12.26 -51.43
CA PHE E 103 20.62 -13.69 -51.70
C PHE E 103 21.90 -14.20 -52.36
N ALA E 104 22.53 -13.37 -53.20
CA ALA E 104 23.79 -13.75 -53.81
C ALA E 104 24.89 -13.93 -52.77
N TYR E 105 24.96 -13.02 -51.79
CA TYR E 105 25.95 -13.16 -50.74
C TYR E 105 25.65 -14.34 -49.84
N LEU E 106 24.36 -14.63 -49.60
CA LEU E 106 24.00 -15.81 -48.81
C LEU E 106 24.40 -17.09 -49.52
N ALA E 107 24.18 -17.15 -50.84
CA ALA E 107 24.61 -18.31 -51.62
C ALA E 107 26.13 -18.42 -51.65
N GLU E 108 26.83 -17.27 -51.67
CA GLU E 108 28.28 -17.27 -51.60
C GLU E 108 28.77 -17.84 -50.26
N LEU E 109 28.11 -17.46 -49.16
CA LEU E 109 28.47 -17.99 -47.85
C LEU E 109 28.19 -19.48 -47.77
N SER E 110 27.09 -19.93 -48.37
CA SER E 110 26.78 -21.36 -48.40
C SER E 110 27.80 -22.14 -49.22
N LYS E 111 28.28 -21.54 -50.31
CA LYS E 111 29.25 -22.22 -51.17
C LYS E 111 30.64 -22.23 -50.55
N ASN E 112 30.98 -21.19 -49.78
CA ASN E 112 32.33 -21.04 -49.23
C ASN E 112 32.63 -22.02 -48.11
N THR E 113 31.65 -22.77 -47.62
CA THR E 113 31.89 -23.72 -46.54
C THR E 113 32.03 -25.11 -47.14
N PRO E 114 33.23 -25.71 -47.13
CA PRO E 114 33.37 -27.06 -47.69
C PRO E 114 32.77 -28.15 -46.82
N SER E 115 32.85 -28.02 -45.50
CA SER E 115 32.31 -29.04 -44.61
C SER E 115 31.93 -28.40 -43.29
N ALA E 116 30.89 -28.95 -42.67
CA ALA E 116 30.44 -28.49 -41.35
C ALA E 116 30.96 -29.36 -40.22
N ALA E 117 31.85 -30.31 -40.51
CA ALA E 117 32.38 -31.18 -39.45
C ALA E 117 33.28 -30.40 -38.50
N ASN E 118 34.05 -29.44 -39.01
CA ASN E 118 34.94 -28.63 -38.19
C ASN E 118 34.31 -27.31 -37.79
N ILE E 119 32.97 -27.24 -37.73
CA ILE E 119 32.29 -26.00 -37.39
C ILE E 119 32.49 -25.67 -35.92
N SER E 120 32.80 -26.70 -35.11
CA SER E 120 33.06 -26.46 -33.69
C SER E 120 34.32 -25.64 -33.47
N ALA E 121 35.37 -25.95 -34.24
CA ALA E 121 36.62 -25.17 -34.14
C ALA E 121 36.40 -23.73 -34.58
N TYR E 122 35.65 -23.53 -35.67
CA TYR E 122 35.35 -22.17 -36.13
C TYR E 122 34.54 -21.40 -35.10
N ALA E 123 33.55 -22.06 -34.48
CA ALA E 123 32.75 -21.41 -33.45
C ALA E 123 33.60 -21.07 -32.23
N ASP E 124 34.55 -21.95 -31.86
CA ASP E 124 35.45 -21.65 -30.75
C ASP E 124 36.36 -20.47 -31.09
N ILE E 125 36.82 -20.38 -32.34
CA ILE E 125 37.64 -19.25 -32.75
C ILE E 125 36.84 -17.95 -32.69
N VAL E 126 35.58 -17.99 -33.13
CA VAL E 126 34.73 -16.81 -33.08
C VAL E 126 34.46 -16.39 -31.63
N ARG E 127 34.24 -17.38 -30.76
CA ARG E 127 34.05 -17.10 -29.33
C ARG E 127 35.30 -16.48 -28.72
N GLU E 128 36.48 -16.99 -29.09
CA GLU E 128 37.74 -16.43 -28.62
C GLU E 128 37.91 -14.98 -29.07
N ARG E 129 37.59 -14.71 -30.35
CA ARG E 129 37.68 -13.34 -30.87
C ARG E 129 36.70 -12.41 -30.14
N ALA E 130 35.49 -12.90 -29.87
CA ALA E 130 34.50 -12.08 -29.18
C ALA E 130 34.95 -11.77 -27.76
N VAL E 131 35.52 -12.76 -27.07
CA VAL E 131 36.02 -12.54 -25.71
C VAL E 131 37.19 -11.55 -25.70
N VAL E 132 38.09 -11.68 -26.69
CA VAL E 132 39.22 -10.75 -26.77
C VAL E 132 38.75 -9.34 -27.07
N ARG E 133 37.77 -9.19 -27.97
CA ARG E 133 37.23 -7.86 -28.27
C ARG E 133 36.51 -7.27 -27.06
N GLU E 134 35.82 -8.11 -26.29
CA GLU E 134 35.19 -7.65 -25.06
C GLU E 134 36.23 -7.16 -24.06
N MET E 135 37.34 -7.88 -23.95
CA MET E 135 38.43 -7.47 -23.06
C MET E 135 39.03 -6.14 -23.51
N ILE E 136 39.20 -5.98 -24.83
CA ILE E 136 39.71 -4.73 -25.38
C ILE E 136 38.76 -3.58 -25.07
N SER E 137 37.45 -3.82 -25.23
CA SER E 137 36.45 -2.79 -24.95
C SER E 137 36.45 -2.40 -23.48
N VAL E 138 36.57 -3.39 -22.58
CA VAL E 138 36.62 -3.11 -21.15
C VAL E 138 37.87 -2.31 -20.80
N ALA E 139 39.02 -2.67 -21.39
CA ALA E 139 40.25 -1.93 -21.14
C ALA E 139 40.14 -0.49 -21.65
N ASN E 140 39.50 -0.31 -22.81
CA ASN E 140 39.30 1.05 -23.33
C ASN E 140 38.37 1.85 -22.43
N GLU E 141 37.33 1.21 -21.89
CA GLU E 141 36.44 1.90 -20.96
C GLU E 141 37.18 2.30 -19.69
N ILE E 142 38.05 1.42 -19.19
CA ILE E 142 38.84 1.72 -18.00
C ILE E 142 39.79 2.89 -18.27
N ALA E 143 40.44 2.89 -19.43
CA ALA E 143 41.32 4.00 -19.78
C ALA E 143 40.54 5.31 -19.93
N GLU E 144 39.34 5.23 -20.50
CA GLU E 144 38.49 6.42 -20.65
C GLU E 144 38.08 6.97 -19.29
N ALA E 145 37.71 6.08 -18.36
CA ALA E 145 37.38 6.51 -17.01
C ALA E 145 38.61 7.06 -16.28
N GLY E 146 39.79 6.55 -16.59
CA GLY E 146 41.00 7.10 -16.02
C GLY E 146 41.30 8.51 -16.50
N PHE E 147 41.15 8.73 -17.82
CA PHE E 147 41.39 10.07 -18.36
C PHE E 147 40.37 11.09 -17.88
N ASP E 148 39.12 10.67 -17.72
CA ASP E 148 38.06 11.53 -17.21
C ASP E 148 37.39 10.82 -16.04
N PRO E 149 37.89 11.00 -14.81
CA PRO E 149 37.20 10.44 -13.64
C PRO E 149 35.78 10.97 -13.49
N GLN E 150 35.56 12.24 -13.82
CA GLN E 150 34.24 12.88 -13.84
C GLN E 150 33.54 12.77 -12.49
N GLY E 151 34.31 13.11 -11.45
CA GLY E 151 33.79 13.08 -10.09
C GLY E 151 34.10 11.81 -9.34
N ARG E 152 34.39 10.73 -10.06
CA ARG E 152 34.68 9.46 -9.40
C ARG E 152 36.05 9.51 -8.72
N THR E 153 36.08 9.08 -7.47
CA THR E 153 37.33 9.03 -6.72
C THR E 153 38.12 7.77 -7.09
N SER E 154 39.21 7.56 -6.35
CA SER E 154 40.02 6.36 -6.57
C SER E 154 39.25 5.11 -6.20
N GLU E 155 38.46 5.17 -5.13
CA GLU E 155 37.64 4.02 -4.72
C GLU E 155 36.60 3.68 -5.78
N ASP E 156 35.94 4.69 -6.35
CA ASP E 156 34.91 4.45 -7.35
C ASP E 156 35.49 3.82 -8.60
N LEU E 157 36.62 4.36 -9.09
CA LEU E 157 37.27 3.79 -10.27
C LEU E 157 37.79 2.38 -9.99
N LEU E 158 38.34 2.17 -8.79
CA LEU E 158 38.82 0.84 -8.41
C LEU E 158 37.70 -0.18 -8.40
N ASP E 159 36.56 0.19 -7.80
CA ASP E 159 35.42 -0.71 -7.74
C ASP E 159 34.83 -0.96 -9.12
N LEU E 160 34.80 0.07 -9.97
CA LEU E 160 34.32 -0.10 -11.33
C LEU E 160 35.20 -1.06 -12.12
N ALA E 161 36.52 -0.91 -12.00
CA ALA E 161 37.45 -1.79 -12.70
C ALA E 161 37.32 -3.22 -12.18
N GLU E 162 37.20 -3.38 -10.87
CA GLU E 162 37.06 -4.71 -10.28
C GLU E 162 35.76 -5.37 -10.73
N SER E 163 34.68 -4.59 -10.81
CA SER E 163 33.40 -5.12 -11.29
C SER E 163 33.48 -5.54 -12.75
N ARG E 164 34.14 -4.73 -13.58
CA ARG E 164 34.29 -5.05 -14.99
C ARG E 164 35.10 -6.33 -15.19
N VAL E 165 36.19 -6.47 -14.43
CA VAL E 165 37.03 -7.67 -14.56
C VAL E 165 36.31 -8.88 -13.97
N PHE E 166 35.47 -8.65 -12.96
CA PHE E 166 34.62 -9.72 -12.44
C PHE E 166 33.63 -10.19 -13.51
N LYS E 167 33.07 -9.25 -14.27
CA LYS E 167 32.19 -9.63 -15.38
C LYS E 167 32.95 -10.38 -16.45
N ILE E 168 34.20 -9.97 -16.70
CA ILE E 168 35.04 -10.67 -17.69
C ILE E 168 35.29 -12.10 -17.24
N ALA E 169 35.60 -12.30 -15.96
CA ALA E 169 35.82 -13.65 -15.43
C ALA E 169 34.53 -14.45 -15.43
N GLU E 170 33.39 -13.78 -15.22
CA GLU E 170 32.10 -14.46 -15.28
C GLU E 170 31.78 -14.92 -16.70
N SER E 171 32.22 -14.16 -17.70
CA SER E 171 32.03 -14.55 -19.09
C SER E 171 32.83 -15.80 -19.46
N ARG E 172 33.85 -16.16 -18.68
CA ARG E 172 34.63 -17.38 -18.87
C ARG E 172 34.33 -18.37 -17.76
N ALA E 173 33.23 -18.15 -17.04
CA ALA E 173 32.84 -19.03 -15.95
C ALA E 173 31.48 -19.65 -16.24
N ASN E 174 30.61 -18.90 -16.93
CA ASN E 174 29.28 -19.39 -17.27
C ASN E 174 29.34 -20.24 -18.53
N LYS E 175 30.08 -21.35 -18.48
CA LYS E 175 30.22 -22.24 -19.62
C LYS E 175 29.95 -23.68 -19.21
N ASP E 176 30.16 -23.97 -17.93
CA ASP E 176 30.00 -25.33 -17.43
C ASP E 176 28.52 -25.71 -17.37
N GLU E 177 28.26 -26.97 -17.70
CA GLU E 177 26.91 -27.51 -17.67
C GLU E 177 26.61 -28.11 -16.30
N GLY E 178 25.49 -28.81 -16.19
CA GLY E 178 25.13 -29.46 -14.95
C GLY E 178 25.57 -30.91 -14.92
N PRO E 179 25.84 -31.44 -13.72
CA PRO E 179 26.23 -32.84 -13.61
C PRO E 179 25.05 -33.76 -13.89
N LYS E 180 25.07 -34.38 -15.07
CA LYS E 180 23.98 -35.24 -15.50
C LYS E 180 24.31 -36.72 -15.42
N ASN E 181 25.54 -37.07 -15.08
CA ASN E 181 25.90 -38.46 -14.82
C ASN E 181 25.58 -38.79 -13.38
N ILE E 182 24.84 -39.88 -13.17
CA ILE E 182 24.51 -40.31 -11.82
C ILE E 182 25.76 -40.77 -11.08
N ALA E 183 26.67 -41.43 -11.81
CA ALA E 183 27.82 -42.08 -11.19
C ALA E 183 28.77 -41.07 -10.55
N ASP E 184 28.94 -39.90 -11.17
CA ASP E 184 29.82 -38.88 -10.63
C ASP E 184 29.31 -38.38 -9.28
N VAL E 185 28.00 -38.13 -9.19
CA VAL E 185 27.41 -37.65 -7.94
C VAL E 185 27.46 -38.74 -6.89
N LEU E 186 27.26 -40.00 -7.30
CA LEU E 186 27.37 -41.12 -6.37
C LEU E 186 28.78 -41.24 -5.81
N ASP E 187 29.79 -41.09 -6.67
CA ASP E 187 31.17 -41.18 -6.23
C ASP E 187 31.52 -40.03 -5.30
N ALA E 188 31.05 -38.83 -5.62
CA ALA E 188 31.29 -37.68 -4.74
C ALA E 188 30.63 -37.88 -3.37
N THR E 189 29.40 -38.40 -3.38
CA THR E 189 28.68 -38.62 -2.13
C THR E 189 29.37 -39.68 -1.27
N VAL E 190 29.79 -40.80 -1.88
CA VAL E 190 30.42 -41.85 -1.10
C VAL E 190 31.80 -41.41 -0.64
N ALA E 191 32.49 -40.57 -1.42
CA ALA E 191 33.78 -40.03 -0.99
C ALA E 191 33.59 -39.12 0.22
N ARG E 192 32.55 -38.28 0.19
CA ARG E 192 32.25 -37.42 1.33
C ARG E 192 31.90 -38.24 2.57
N ILE E 193 31.10 -39.29 2.38
CA ILE E 193 30.67 -40.12 3.51
C ILE E 193 31.87 -40.85 4.12
N GLU E 194 32.72 -41.43 3.28
CA GLU E 194 33.88 -42.16 3.79
C GLU E 194 34.91 -41.22 4.41
N GLN E 195 35.01 -40.00 3.88
CA GLN E 195 35.90 -39.01 4.47
C GLN E 195 35.40 -38.59 5.85
N LEU E 196 34.09 -38.36 5.99
CA LEU E 196 33.53 -37.95 7.27
C LEU E 196 33.63 -39.08 8.29
N PHE E 197 33.37 -40.32 7.87
CA PHE E 197 33.41 -41.45 8.80
C PHE E 197 34.84 -41.81 9.15
N GLN E 198 35.78 -41.59 8.23
CA GLN E 198 37.18 -41.84 8.50
C GLN E 198 37.72 -40.87 9.56
N GLN E 199 37.31 -39.61 9.46
CA GLN E 199 37.75 -38.60 10.42
C GLN E 199 37.13 -38.89 11.79
N PRO E 200 37.94 -39.02 12.84
CA PRO E 200 37.41 -39.34 14.18
C PRO E 200 36.86 -38.11 14.90
N HIS E 201 35.89 -37.45 14.29
CA HIS E 201 35.26 -36.29 14.90
C HIS E 201 34.17 -36.73 15.87
N ASP E 202 33.55 -35.75 16.53
CA ASP E 202 32.54 -36.01 17.55
C ASP E 202 31.12 -35.95 16.99
N GLY E 203 30.94 -36.33 15.73
CA GLY E 203 29.68 -36.18 15.04
C GLY E 203 29.53 -34.84 14.36
N VAL E 204 30.46 -33.92 14.58
CA VAL E 204 30.42 -32.60 13.97
C VAL E 204 31.02 -32.70 12.58
N THR E 205 30.24 -32.37 11.56
CA THR E 205 30.71 -32.34 10.18
C THR E 205 31.12 -30.95 9.73
N GLY E 206 30.29 -29.94 10.04
CA GLY E 206 30.61 -28.58 9.70
C GLY E 206 31.50 -27.93 10.75
N VAL E 207 31.50 -26.59 10.71
CA VAL E 207 32.26 -25.83 11.70
C VAL E 207 31.59 -25.96 13.06
N ASN E 208 32.35 -26.39 14.05
CA ASN E 208 31.80 -26.70 15.37
C ASN E 208 31.31 -25.45 16.07
N THR E 209 30.07 -25.51 16.57
CA THR E 209 29.47 -24.38 17.26
C THR E 209 29.89 -24.29 18.71
N GLY E 210 30.51 -25.34 19.25
CA GLY E 210 30.88 -25.37 20.65
C GLY E 210 29.76 -25.78 21.59
N TYR E 211 28.57 -26.08 21.08
CA TYR E 211 27.45 -26.51 21.89
C TYR E 211 27.05 -27.91 21.45
N ASP E 212 26.87 -28.80 22.42
CA ASP E 212 26.67 -30.22 22.13
C ASP E 212 25.34 -30.45 21.41
N ASP E 213 24.26 -29.90 21.93
CA ASP E 213 22.95 -30.10 21.31
C ASP E 213 22.85 -29.37 19.98
N LEU E 214 23.47 -28.19 19.89
CA LEU E 214 23.51 -27.47 18.62
C LEU E 214 24.30 -28.23 17.58
N ASN E 215 25.41 -28.85 17.97
CA ASN E 215 26.18 -29.66 17.04
C ASN E 215 25.54 -31.03 16.81
N LYS E 216 24.54 -31.39 17.60
CA LYS E 216 23.76 -32.59 17.28
C LYS E 216 22.66 -32.27 16.27
N LYS E 217 21.98 -31.13 16.44
CA LYS E 217 20.92 -30.74 15.54
C LYS E 217 21.44 -30.19 14.21
N THR E 218 22.65 -29.64 14.20
CA THR E 218 23.17 -29.00 13.00
C THR E 218 24.36 -29.73 12.39
N ALA E 219 24.99 -30.63 13.15
CA ALA E 219 26.25 -31.29 12.77
C ALA E 219 27.32 -30.28 12.39
N GLY E 220 27.36 -29.17 13.13
CA GLY E 220 28.29 -28.10 12.85
C GLY E 220 27.80 -27.18 11.74
N LEU E 221 28.53 -26.08 11.56
CA LEU E 221 28.22 -25.11 10.53
C LEU E 221 28.87 -25.55 9.22
N GLN E 222 28.07 -26.05 8.31
CA GLN E 222 28.61 -26.64 7.09
C GLN E 222 29.12 -25.55 6.16
N PRO E 223 30.16 -25.82 5.37
CA PRO E 223 30.61 -24.86 4.35
C PRO E 223 29.58 -24.69 3.27
N SER E 224 29.62 -23.52 2.62
CA SER E 224 28.68 -23.07 1.59
C SER E 224 27.25 -23.02 2.11
N ASP E 225 27.03 -22.88 3.40
CA ASP E 225 25.70 -22.80 3.97
C ASP E 225 25.43 -21.39 4.48
N LEU E 226 24.22 -20.92 4.21
CA LEU E 226 23.77 -19.60 4.65
C LEU E 226 22.99 -19.79 5.95
N ILE E 227 23.56 -19.30 7.05
CA ILE E 227 22.95 -19.40 8.37
C ILE E 227 22.50 -18.01 8.78
N ILE E 228 21.22 -17.88 9.10
CA ILE E 228 20.63 -16.61 9.50
C ILE E 228 20.13 -16.74 10.93
N VAL E 229 20.63 -15.86 11.80
CA VAL E 229 20.21 -15.79 13.19
C VAL E 229 19.24 -14.62 13.29
N ALA E 230 18.03 -14.90 13.75
CA ALA E 230 16.96 -13.92 13.83
C ALA E 230 16.58 -13.69 15.29
N ALA E 231 16.61 -12.43 15.71
CA ALA E 231 16.23 -12.06 17.06
C ALA E 231 15.90 -10.57 17.07
N ARG E 232 15.22 -10.16 18.14
CA ARG E 232 15.00 -8.76 18.39
C ARG E 232 16.31 -8.11 18.83
N PRO E 233 16.42 -6.78 18.71
CA PRO E 233 17.52 -6.08 19.37
C PRO E 233 17.44 -6.26 20.89
N SER E 234 18.60 -6.24 21.53
CA SER E 234 18.84 -6.52 22.95
C SER E 234 18.54 -7.97 23.32
N MET E 235 18.38 -8.87 22.35
CA MET E 235 18.26 -10.29 22.66
C MET E 235 19.59 -11.00 22.72
N GLY E 236 20.70 -10.30 22.52
CA GLY E 236 22.00 -10.91 22.51
C GLY E 236 22.31 -11.71 21.26
N LYS E 237 21.66 -11.41 20.14
CA LYS E 237 21.93 -12.11 18.89
C LYS E 237 23.37 -11.88 18.45
N THR E 238 23.84 -10.63 18.56
CA THR E 238 25.24 -10.34 18.30
C THR E 238 26.13 -11.06 19.30
N THR E 239 25.72 -11.11 20.57
CA THR E 239 26.48 -11.82 21.59
C THR E 239 26.56 -13.31 21.28
N PHE E 240 25.44 -13.91 20.86
CA PHE E 240 25.44 -15.32 20.52
C PHE E 240 26.29 -15.61 19.30
N ALA E 241 26.22 -14.73 18.29
CA ALA E 241 27.04 -14.89 17.10
C ALA E 241 28.52 -14.76 17.43
N MET E 242 28.86 -13.83 18.32
CA MET E 242 30.25 -13.66 18.74
C MET E 242 30.72 -14.88 19.53
N ASN E 243 29.85 -15.47 20.34
CA ASN E 243 30.21 -16.70 21.05
C ASN E 243 30.47 -17.84 20.07
N LEU E 244 29.64 -17.93 19.02
CA LEU E 244 29.87 -18.92 17.97
C LEU E 244 31.19 -18.68 17.27
N VAL E 245 31.52 -17.41 17.01
CA VAL E 245 32.79 -17.07 16.38
C VAL E 245 33.96 -17.47 17.26
N GLU E 246 33.84 -17.21 18.57
CA GLU E 246 34.88 -17.59 19.52
C GLU E 246 35.06 -19.10 19.56
N ASN E 247 33.95 -19.84 19.56
CA ASN E 247 34.03 -21.31 19.55
C ASN E 247 34.70 -21.82 18.29
N ALA E 248 34.34 -21.24 17.14
CA ALA E 248 34.95 -21.62 15.88
C ALA E 248 36.45 -21.32 15.88
N ALA E 249 36.83 -20.15 16.41
CA ALA E 249 38.24 -19.77 16.46
C ALA E 249 39.03 -20.69 17.38
N MET E 250 38.43 -21.09 18.51
CA MET E 250 39.09 -22.01 19.42
C MET E 250 39.08 -23.45 18.89
N LEU E 251 38.22 -23.76 17.93
CA LEU E 251 38.13 -25.10 17.39
C LEU E 251 38.59 -25.22 15.94
N GLN E 252 39.24 -24.20 15.40
CA GLN E 252 39.81 -24.27 14.06
C GLN E 252 41.03 -23.35 13.98
N ASP E 253 41.86 -23.60 12.98
CA ASP E 253 42.99 -22.72 12.70
C ASP E 253 42.76 -21.80 11.50
N LYS E 254 41.67 -22.00 10.76
CA LYS E 254 41.37 -21.12 9.65
C LYS E 254 40.96 -19.74 10.17
N PRO E 255 41.28 -18.66 9.45
CA PRO E 255 40.90 -17.33 9.92
C PRO E 255 39.40 -17.10 9.80
N VAL E 256 38.90 -16.19 10.62
CA VAL E 256 37.49 -15.83 10.64
C VAL E 256 37.34 -14.34 10.37
N LEU E 257 36.22 -13.97 9.77
CA LEU E 257 35.96 -12.60 9.30
C LEU E 257 34.66 -12.11 9.92
N ILE E 258 34.70 -10.90 10.48
CA ILE E 258 33.58 -10.33 11.22
C ILE E 258 33.28 -8.96 10.60
N PHE E 259 31.99 -8.68 10.40
CA PHE E 259 31.54 -7.37 9.93
C PHE E 259 30.55 -6.81 10.94
N SER E 260 31.00 -5.84 11.74
CA SER E 260 30.17 -5.21 12.77
C SER E 260 29.76 -3.82 12.28
N LEU E 261 28.68 -3.78 11.50
CA LEU E 261 28.16 -2.50 11.04
C LEU E 261 27.39 -1.76 12.12
N GLU E 262 26.80 -2.48 13.07
CA GLU E 262 26.03 -1.84 14.14
C GLU E 262 26.96 -1.18 15.17
N MET E 263 28.05 -1.84 15.54
CA MET E 263 28.87 -1.38 16.65
C MET E 263 30.32 -1.23 16.23
N PRO E 264 31.07 -0.33 16.87
CA PRO E 264 32.52 -0.27 16.63
C PRO E 264 33.21 -1.54 17.10
N SER E 265 34.36 -1.82 16.47
CA SER E 265 35.09 -3.05 16.76
C SER E 265 35.63 -3.07 18.19
N GLU E 266 35.82 -1.89 18.78
CA GLU E 266 36.27 -1.82 20.17
C GLU E 266 35.24 -2.42 21.11
N GLN E 267 33.96 -2.10 20.90
CA GLN E 267 32.89 -2.66 21.74
C GLN E 267 32.76 -4.16 21.50
N ILE E 268 32.96 -4.61 20.27
CA ILE E 268 32.91 -6.03 19.96
C ILE E 268 34.03 -6.77 20.68
N MET E 269 35.23 -6.18 20.69
CA MET E 269 36.36 -6.78 21.39
C MET E 269 36.13 -6.80 22.89
N MET E 270 35.54 -5.74 23.43
CA MET E 270 35.21 -5.72 24.85
C MET E 270 34.21 -6.82 25.21
N ARG E 271 33.19 -7.00 24.37
CA ARG E 271 32.23 -8.08 24.58
C ARG E 271 32.91 -9.45 24.50
N SER E 272 33.81 -9.61 23.53
CA SER E 272 34.52 -10.88 23.38
C SER E 272 35.39 -11.18 24.60
N LEU E 273 36.09 -10.18 25.11
CA LEU E 273 36.93 -10.37 26.29
C LEU E 273 36.08 -10.67 27.51
N ALA E 274 34.94 -9.98 27.65
CA ALA E 274 34.06 -10.23 28.78
C ALA E 274 33.48 -11.64 28.73
N SER E 275 33.13 -12.12 27.53
CA SER E 275 32.58 -13.46 27.39
C SER E 275 33.63 -14.52 27.65
N LEU E 276 34.82 -14.37 27.05
CA LEU E 276 35.85 -15.39 27.17
C LEU E 276 36.47 -15.43 28.56
N SER E 277 36.77 -14.26 29.13
CA SER E 277 37.37 -14.20 30.46
C SER E 277 36.36 -14.36 31.58
N ARG E 278 35.06 -14.40 31.24
CA ARG E 278 33.97 -14.52 32.22
C ARG E 278 34.03 -13.41 33.27
N VAL E 279 34.36 -12.21 32.81
CA VAL E 279 34.39 -11.02 33.65
C VAL E 279 33.22 -10.14 33.25
N ASP E 280 32.60 -9.49 34.23
CA ASP E 280 31.43 -8.66 33.98
C ASP E 280 31.79 -7.49 33.07
N GLN E 281 30.92 -7.23 32.09
CA GLN E 281 31.16 -6.17 31.13
C GLN E 281 31.11 -4.79 31.77
N THR E 282 30.35 -4.65 32.86
CA THR E 282 30.25 -3.36 33.55
C THR E 282 31.59 -2.98 34.17
N LYS E 283 32.25 -3.94 34.82
CA LYS E 283 33.56 -3.66 35.42
C LYS E 283 34.60 -3.34 34.35
N ILE E 284 34.53 -4.03 33.23
CA ILE E 284 35.48 -3.78 32.13
C ILE E 284 35.24 -2.40 31.53
N ARG E 285 33.97 -2.04 31.33
CA ARG E 285 33.63 -0.74 30.78
C ARG E 285 34.02 0.39 31.72
N THR E 286 33.81 0.20 33.03
CA THR E 286 34.17 1.20 34.02
C THR E 286 35.63 1.14 34.42
N GLY E 287 36.35 0.09 34.06
CA GLY E 287 37.72 -0.08 34.50
C GLY E 287 37.87 -0.55 35.93
N GLN E 288 36.77 -0.91 36.59
CA GLN E 288 36.80 -1.37 37.99
C GLN E 288 37.12 -2.86 38.01
N LEU E 289 38.36 -3.16 37.68
CA LEU E 289 38.84 -4.53 37.56
C LEU E 289 39.87 -4.81 38.65
N ASP E 290 39.82 -6.03 39.18
CA ASP E 290 40.80 -6.45 40.17
C ASP E 290 42.01 -7.07 39.48
N ASP E 291 42.97 -7.53 40.30
CA ASP E 291 44.18 -8.14 39.75
C ASP E 291 43.87 -9.48 39.10
N GLU E 292 42.94 -10.24 39.67
CA GLU E 292 42.56 -11.52 39.09
C GLU E 292 41.86 -11.33 37.74
N ASP E 293 40.97 -10.34 37.66
CA ASP E 293 40.30 -10.04 36.40
C ASP E 293 41.30 -9.53 35.37
N TRP E 294 42.26 -8.72 35.81
CA TRP E 294 43.31 -8.25 34.91
C TRP E 294 44.16 -9.41 34.40
N ALA E 295 44.46 -10.37 35.27
CA ALA E 295 45.22 -11.56 34.85
C ALA E 295 44.42 -12.39 33.86
N ARG E 296 43.11 -12.53 34.09
CA ARG E 296 42.26 -13.26 33.15
C ARG E 296 42.23 -12.57 31.78
N ILE E 297 42.13 -11.24 31.79
CA ILE E 297 42.13 -10.48 30.54
C ILE E 297 43.47 -10.64 29.82
N SER E 298 44.57 -10.60 30.59
CA SER E 298 45.90 -10.78 30.00
C SER E 298 46.06 -12.16 29.40
N GLY E 299 45.56 -13.20 30.09
CA GLY E 299 45.62 -14.54 29.54
C GLY E 299 44.78 -14.70 28.29
N THR E 300 43.59 -14.08 28.28
CA THR E 300 42.74 -14.12 27.11
C THR E 300 43.41 -13.43 25.93
N MET E 301 44.04 -12.28 26.17
CA MET E 301 44.76 -11.57 25.12
C MET E 301 45.95 -12.40 24.62
N GLY E 302 46.64 -13.09 25.53
CA GLY E 302 47.73 -13.95 25.11
C GLY E 302 47.27 -15.11 24.23
N ILE E 303 46.12 -15.70 24.59
CA ILE E 303 45.56 -16.77 23.78
C ILE E 303 45.14 -16.23 22.40
N LEU E 304 44.55 -15.04 22.37
CA LEU E 304 44.15 -14.44 21.10
C LEU E 304 45.35 -14.12 20.23
N LEU E 305 46.44 -13.63 20.84
CA LEU E 305 47.67 -13.40 20.09
C LEU E 305 48.30 -14.70 19.62
N GLU E 306 48.12 -15.78 20.39
CA GLU E 306 48.57 -17.09 19.93
C GLU E 306 47.78 -17.53 18.70
N LYS E 307 46.47 -17.30 18.70
CA LYS E 307 45.66 -17.66 17.54
C LYS E 307 45.90 -16.71 16.37
N ARG E 308 45.59 -15.42 16.57
CA ARG E 308 45.77 -14.35 15.57
C ARG E 308 45.10 -14.70 14.24
N ASN E 309 43.90 -15.26 14.31
CA ASN E 309 43.15 -15.60 13.10
C ASN E 309 41.77 -14.95 13.08
N ILE E 310 41.64 -13.74 13.61
CA ILE E 310 40.37 -13.03 13.65
C ILE E 310 40.57 -11.68 12.97
N TYR E 311 39.72 -11.36 12.01
CA TYR E 311 39.78 -10.08 11.31
C TYR E 311 38.40 -9.45 11.30
N ILE E 312 38.31 -8.21 11.78
CA ILE E 312 37.05 -7.52 12.03
C ILE E 312 37.06 -6.21 11.26
N ASP E 313 35.93 -5.90 10.61
CA ASP E 313 35.71 -4.61 9.96
C ASP E 313 34.44 -4.00 10.53
N ASP E 314 34.51 -2.73 10.93
CA ASP E 314 33.37 -2.02 11.47
C ASP E 314 32.79 -1.01 10.49
N SER E 315 33.17 -1.10 9.22
CA SER E 315 32.69 -0.16 8.22
C SER E 315 31.22 -0.41 7.92
N SER E 316 30.44 0.66 7.88
CA SER E 316 29.00 0.57 7.66
C SER E 316 28.66 0.91 6.21
N GLY E 317 27.50 0.42 5.76
CA GLY E 317 27.04 0.70 4.42
C GLY E 317 27.81 0.00 3.33
N LEU E 318 28.46 -1.11 3.64
CA LEU E 318 29.28 -1.80 2.66
C LEU E 318 28.41 -2.53 1.65
N THR E 319 28.77 -2.40 0.38
CA THR E 319 28.12 -3.18 -0.65
C THR E 319 28.59 -4.63 -0.58
N PRO E 320 27.77 -5.58 -1.05
CA PRO E 320 28.24 -6.97 -1.11
C PRO E 320 29.46 -7.18 -1.98
N THR E 321 29.66 -6.32 -2.99
CA THR E 321 30.85 -6.43 -3.83
C THR E 321 32.12 -6.14 -3.05
N GLU E 322 32.09 -5.10 -2.21
CA GLU E 322 33.25 -4.77 -1.38
C GLU E 322 33.53 -5.88 -0.37
N VAL E 323 32.47 -6.41 0.23
CA VAL E 323 32.61 -7.50 1.20
C VAL E 323 33.20 -8.72 0.51
N ARG E 324 32.73 -9.02 -0.70
CA ARG E 324 33.23 -10.16 -1.46
C ARG E 324 34.71 -9.97 -1.81
N SER E 325 35.08 -8.76 -2.22
CA SER E 325 36.47 -8.48 -2.58
C SER E 325 37.38 -8.62 -1.37
N ARG E 326 36.96 -8.08 -0.22
CA ARG E 326 37.77 -8.19 0.98
C ARG E 326 37.88 -9.64 1.45
N ALA E 327 36.78 -10.39 1.34
CA ALA E 327 36.82 -11.81 1.70
C ALA E 327 37.75 -12.59 0.80
N ARG E 328 37.72 -12.30 -0.50
CA ARG E 328 38.64 -12.96 -1.43
C ARG E 328 40.08 -12.58 -1.12
N ARG E 329 40.33 -11.32 -0.77
CA ARG E 329 41.67 -10.89 -0.40
C ARG E 329 42.17 -11.64 0.83
N ILE E 330 41.33 -11.75 1.86
CA ILE E 330 41.75 -12.41 3.09
C ILE E 330 41.95 -13.90 2.85
N ALA E 331 41.06 -14.52 2.07
CA ALA E 331 41.18 -15.94 1.78
C ALA E 331 42.42 -16.24 0.96
N ARG E 332 42.75 -15.36 0.01
CA ARG E 332 43.97 -15.52 -0.76
C ARG E 332 45.21 -15.33 0.10
N GLU E 333 45.17 -14.37 1.02
CA GLU E 333 46.32 -14.12 1.89
C GLU E 333 46.49 -15.22 2.93
N HIS E 334 45.43 -15.94 3.26
CA HIS E 334 45.46 -16.90 4.35
C HIS E 334 45.06 -18.31 3.93
N GLY E 335 44.97 -18.58 2.64
CA GLY E 335 44.61 -19.92 2.18
C GLY E 335 43.18 -20.32 2.51
N GLY E 336 42.26 -19.38 2.48
CA GLY E 336 40.86 -19.63 2.78
C GLY E 336 40.44 -19.02 4.10
N ILE E 337 39.13 -18.97 4.29
CA ILE E 337 38.51 -18.40 5.48
C ILE E 337 37.58 -19.45 6.08
N GLY E 338 37.71 -19.67 7.39
CA GLY E 338 36.85 -20.60 8.09
C GLY E 338 35.41 -20.14 8.22
N LEU E 339 35.19 -18.86 8.50
CA LEU E 339 33.86 -18.38 8.82
C LEU E 339 33.78 -16.88 8.51
N ILE E 340 32.64 -16.45 7.98
CA ILE E 340 32.37 -15.04 7.73
C ILE E 340 31.20 -14.61 8.60
N MET E 341 31.35 -13.49 9.28
CA MET E 341 30.32 -12.94 10.15
C MET E 341 29.91 -11.57 9.66
N ILE E 342 28.60 -11.36 9.50
CA ILE E 342 28.04 -10.10 9.03
C ILE E 342 26.98 -9.65 10.03
N ASP E 343 27.07 -8.40 10.47
CA ASP E 343 26.14 -7.81 11.43
C ASP E 343 25.85 -6.37 11.01
N TYR E 344 24.74 -6.14 10.30
CA TYR E 344 23.79 -7.19 9.92
C TYR E 344 23.29 -6.98 8.49
N LEU E 345 22.24 -7.71 8.13
CA LEU E 345 21.73 -7.69 6.76
C LEU E 345 21.19 -6.34 6.36
N GLN E 346 20.43 -5.70 7.25
CA GLN E 346 19.68 -4.50 6.89
C GLN E 346 20.54 -3.24 6.86
N LEU E 347 21.83 -3.33 7.16
CA LEU E 347 22.69 -2.16 7.12
C LEU E 347 23.54 -2.07 5.86
N MET E 348 23.58 -3.13 5.05
CA MET E 348 24.33 -3.08 3.80
C MET E 348 23.60 -2.19 2.80
N ARG E 349 24.37 -1.61 1.87
CA ARG E 349 23.83 -0.67 0.91
C ARG E 349 24.11 -1.13 -0.51
N VAL E 350 23.06 -1.16 -1.32
CA VAL E 350 23.20 -1.33 -2.77
C VAL E 350 22.56 -0.11 -3.43
N PRO E 351 23.36 0.79 -4.00
CA PRO E 351 22.77 1.98 -4.65
C PRO E 351 21.88 1.66 -5.84
N ALA E 352 22.10 0.52 -6.48
CA ALA E 352 21.29 0.15 -7.64
C ALA E 352 19.84 -0.13 -7.26
N LEU E 353 19.59 -0.64 -6.06
CA LEU E 353 18.23 -0.98 -5.62
C LEU E 353 17.84 -0.22 -4.35
N SER E 354 18.24 1.05 -4.24
CA SER E 354 17.92 1.82 -3.05
C SER E 354 16.43 2.11 -2.94
N ASP E 355 15.75 2.27 -4.07
CA ASP E 355 14.33 2.61 -4.05
C ASP E 355 13.45 1.44 -3.64
N ASN E 356 13.88 0.21 -3.93
CA ASN E 356 13.12 -0.98 -3.57
C ASN E 356 13.90 -1.71 -2.49
N ARG E 357 13.43 -1.58 -1.25
CA ARG E 357 14.11 -2.22 -0.13
C ARG E 357 14.06 -3.74 -0.22
N THR E 358 12.90 -4.28 -0.63
CA THR E 358 12.76 -5.72 -0.74
C THR E 358 13.67 -6.30 -1.82
N LEU E 359 13.73 -5.62 -2.97
CA LEU E 359 14.64 -6.07 -4.03
C LEU E 359 16.10 -5.96 -3.61
N GLU E 360 16.44 -4.90 -2.87
CA GLU E 360 17.81 -4.75 -2.39
C GLU E 360 18.16 -5.88 -1.42
N ILE E 361 17.23 -6.21 -0.52
CA ILE E 361 17.45 -7.31 0.42
C ILE E 361 17.61 -8.63 -0.33
N ALA E 362 16.76 -8.86 -1.34
CA ALA E 362 16.86 -10.07 -2.15
C ALA E 362 18.20 -10.17 -2.85
N GLU E 363 18.66 -9.07 -3.45
CA GLU E 363 19.93 -9.08 -4.16
C GLU E 363 21.10 -9.27 -3.21
N ILE E 364 21.04 -8.64 -2.03
CA ILE E 364 22.10 -8.81 -1.04
C ILE E 364 22.19 -10.25 -0.58
N SER E 365 21.03 -10.86 -0.27
CA SER E 365 21.02 -12.25 0.18
C SER E 365 21.49 -13.19 -0.91
N ARG E 366 21.09 -12.91 -2.15
CA ARG E 366 21.53 -13.73 -3.28
C ARG E 366 23.03 -13.63 -3.48
N SER E 367 23.58 -12.42 -3.36
CA SER E 367 25.03 -12.23 -3.51
C SER E 367 25.79 -12.93 -2.40
N LEU E 368 25.28 -12.85 -1.16
CA LEU E 368 25.93 -13.52 -0.05
C LEU E 368 25.89 -15.04 -0.23
N LYS E 369 24.76 -15.58 -0.69
CA LYS E 369 24.66 -17.01 -0.93
C LYS E 369 25.61 -17.44 -2.04
N ALA E 370 25.70 -16.64 -3.11
CA ALA E 370 26.63 -16.94 -4.19
C ALA E 370 28.08 -16.90 -3.71
N LEU E 371 28.42 -15.93 -2.87
CA LEU E 371 29.76 -15.85 -2.32
C LEU E 371 30.08 -17.05 -1.44
N ALA E 372 29.11 -17.47 -0.62
CA ALA E 372 29.31 -18.61 0.27
C ALA E 372 29.50 -19.90 -0.53
N LYS E 373 28.72 -20.06 -1.61
CA LYS E 373 28.89 -21.22 -2.47
C LYS E 373 30.22 -21.17 -3.21
N GLU E 374 30.64 -19.97 -3.62
CA GLU E 374 31.87 -19.82 -4.38
C GLU E 374 33.10 -20.15 -3.53
N LEU E 375 33.21 -19.54 -2.35
CA LEU E 375 34.40 -19.69 -1.55
C LEU E 375 34.31 -20.85 -0.56
N ASN E 376 33.17 -21.52 -0.49
CA ASN E 376 32.94 -22.70 0.34
C ASN E 376 33.23 -22.41 1.82
N VAL E 377 32.67 -21.29 2.28
CA VAL E 377 32.84 -20.86 3.66
C VAL E 377 31.48 -20.57 4.25
N PRO E 378 31.19 -21.03 5.46
CA PRO E 378 29.93 -20.64 6.12
C PRO E 378 29.91 -19.15 6.44
N VAL E 379 28.81 -18.50 6.08
CA VAL E 379 28.62 -17.08 6.30
C VAL E 379 27.36 -16.93 7.14
N VAL E 380 27.52 -16.33 8.32
CA VAL E 380 26.39 -16.07 9.22
C VAL E 380 26.15 -14.57 9.20
N ALA E 381 24.97 -14.17 8.73
CA ALA E 381 24.56 -12.78 8.68
C ALA E 381 23.36 -12.59 9.60
N LEU E 382 23.42 -11.61 10.47
CA LEU E 382 22.35 -11.37 11.42
C LEU E 382 21.18 -10.67 10.75
N SER E 383 19.99 -10.86 11.31
CA SER E 383 18.77 -10.26 10.78
C SER E 383 17.90 -9.80 11.94
N GLN E 384 16.89 -8.99 11.61
CA GLN E 384 16.02 -8.37 12.60
C GLN E 384 14.58 -8.80 12.40
N LEU E 385 13.78 -8.62 13.45
CA LEU E 385 12.40 -9.09 13.47
C LEU E 385 11.42 -7.93 13.38
N ASN E 386 10.19 -8.25 12.97
CA ASN E 386 9.15 -7.25 12.87
C ASN E 386 8.38 -7.14 14.18
N ARG E 387 7.58 -6.07 14.30
CA ARG E 387 6.85 -5.81 15.53
C ARG E 387 5.66 -6.74 15.71
N SER E 388 5.12 -7.29 14.62
CA SER E 388 3.91 -8.12 14.70
C SER E 388 4.15 -9.40 15.49
N LEU E 389 5.40 -9.82 15.61
CA LEU E 389 5.75 -10.95 16.47
C LEU E 389 5.32 -10.68 17.91
N GLU E 390 5.50 -9.44 18.38
CA GLU E 390 5.02 -9.09 19.71
C GLU E 390 3.51 -8.98 19.78
N GLN E 391 2.83 -8.83 18.64
CA GLN E 391 1.38 -8.77 18.63
C GLN E 391 0.72 -10.13 18.81
N ARG E 392 1.45 -11.20 18.55
CA ARG E 392 0.91 -12.54 18.74
C ARG E 392 0.92 -12.92 20.21
N ALA E 393 0.05 -13.87 20.56
CA ALA E 393 0.05 -14.40 21.92
C ALA E 393 1.35 -15.11 22.23
N ASP E 394 1.83 -15.92 21.29
CA ASP E 394 3.13 -16.56 21.40
C ASP E 394 4.17 -15.68 20.72
N LYS E 395 5.21 -15.31 21.48
CA LYS E 395 6.28 -14.48 20.95
C LYS E 395 7.47 -15.29 20.47
N ARG E 396 7.34 -16.61 20.39
CA ARG E 396 8.36 -17.43 19.78
C ARG E 396 8.40 -17.14 18.28
N PRO E 397 9.56 -16.80 17.72
CA PRO E 397 9.59 -16.30 16.34
C PRO E 397 9.29 -17.37 15.31
N VAL E 398 8.75 -16.92 14.18
CA VAL E 398 8.49 -17.75 13.01
C VAL E 398 9.23 -17.17 11.83
N ASN E 399 9.06 -17.82 10.67
CA ASN E 399 9.81 -17.42 9.48
C ASN E 399 9.35 -16.06 8.95
N SER E 400 8.08 -15.72 9.16
CA SER E 400 7.55 -14.47 8.62
C SER E 400 7.94 -13.27 9.45
N ASP E 401 8.46 -13.46 10.66
CA ASP E 401 8.72 -12.35 11.56
C ASP E 401 9.94 -11.52 11.15
N LEU E 402 10.82 -12.05 10.30
CA LEU E 402 12.01 -11.31 9.92
C LEU E 402 11.65 -10.18 8.96
N ARG E 403 12.50 -9.16 8.90
CA ARG E 403 12.26 -8.03 8.02
C ARG E 403 12.61 -8.39 6.59
N GLU E 404 11.63 -8.23 5.68
CA GLU E 404 11.73 -8.63 4.28
C GLU E 404 12.12 -10.10 4.16
N SER E 405 11.36 -10.94 4.86
CA SER E 405 11.77 -12.32 5.08
C SER E 405 11.48 -13.21 3.87
N GLY E 406 10.76 -12.68 2.89
CA GLY E 406 10.33 -13.51 1.76
C GLY E 406 11.49 -14.06 0.95
N SER E 407 12.44 -13.20 0.61
CA SER E 407 13.63 -13.66 -0.09
C SER E 407 14.60 -14.35 0.86
N ILE E 408 14.63 -13.89 2.12
CA ILE E 408 15.63 -14.35 3.08
C ILE E 408 15.42 -15.82 3.41
N GLU E 409 14.16 -16.21 3.64
CA GLU E 409 13.86 -17.60 4.00
C GLU E 409 14.20 -18.54 2.85
N GLN E 410 13.94 -18.11 1.62
CA GLN E 410 14.28 -18.92 0.45
C GLN E 410 15.80 -19.05 0.30
N ASP E 411 16.52 -17.95 0.47
CA ASP E 411 17.97 -17.97 0.26
C ASP E 411 18.71 -18.66 1.40
N ALA E 412 18.20 -18.58 2.62
CA ALA E 412 18.90 -19.16 3.76
C ALA E 412 18.81 -20.67 3.75
N ASP E 413 19.88 -21.31 4.24
CA ASP E 413 19.92 -22.76 4.41
C ASP E 413 19.56 -23.18 5.83
N LEU E 414 20.10 -22.47 6.82
CA LEU E 414 19.77 -22.69 8.23
C LEU E 414 19.23 -21.40 8.80
N ILE E 415 18.11 -21.47 9.53
CA ILE E 415 17.51 -20.32 10.17
C ILE E 415 17.33 -20.66 11.65
N MET E 416 17.93 -19.84 12.52
CA MET E 416 17.84 -20.03 13.95
C MET E 416 17.31 -18.77 14.61
N PHE E 417 16.25 -18.91 15.39
CA PHE E 417 15.64 -17.80 16.11
C PHE E 417 16.10 -17.83 17.56
N ILE E 418 16.29 -16.64 18.14
CA ILE E 418 16.66 -16.51 19.54
C ILE E 418 15.46 -15.95 20.30
N TYR E 419 15.00 -16.66 21.32
CA TYR E 419 13.86 -16.24 22.11
C TYR E 419 14.23 -16.29 23.58
N ARG E 420 13.69 -15.35 24.37
CA ARG E 420 13.87 -15.31 25.81
C ARG E 420 12.54 -14.96 26.45
N ASP E 421 11.91 -15.94 27.10
CA ASP E 421 10.64 -15.70 27.75
C ASP E 421 10.80 -14.81 28.98
N GLU E 422 11.99 -14.81 29.57
CA GLU E 422 12.28 -13.94 30.72
C GLU E 422 12.22 -12.46 30.36
N VAL E 423 12.47 -12.11 29.11
CA VAL E 423 12.35 -10.72 28.69
C VAL E 423 10.92 -10.24 28.74
N TYR E 424 9.97 -11.03 28.23
CA TYR E 424 8.58 -10.62 28.18
C TYR E 424 7.78 -11.00 29.41
N HIS E 425 8.36 -11.77 30.33
CA HIS E 425 7.67 -12.21 31.54
C HIS E 425 8.61 -11.99 32.72
N GLU E 426 8.22 -11.09 33.63
CA GLU E 426 9.05 -10.82 34.80
C GLU E 426 9.08 -12.00 35.76
N ASN E 427 7.98 -12.75 35.85
CA ASN E 427 7.90 -13.93 36.70
C ASN E 427 8.09 -15.21 35.91
N SER E 428 8.87 -15.16 34.83
CA SER E 428 9.12 -16.33 34.02
C SER E 428 9.97 -17.34 34.79
N ASP E 429 9.65 -18.62 34.62
CA ASP E 429 10.43 -19.68 35.23
C ASP E 429 11.66 -20.05 34.42
N LEU E 430 11.82 -19.47 33.23
CA LEU E 430 12.95 -19.76 32.35
C LEU E 430 14.02 -18.67 32.42
N LYS E 431 14.25 -18.11 33.60
CA LYS E 431 15.27 -17.08 33.76
C LYS E 431 16.66 -17.67 33.54
N GLY E 432 17.47 -17.00 32.74
CA GLY E 432 18.76 -17.52 32.35
C GLY E 432 18.72 -18.55 31.25
N ILE E 433 17.54 -18.86 30.71
CA ILE E 433 17.37 -19.87 29.69
C ILE E 433 16.97 -19.17 28.39
N ALA E 434 17.73 -19.42 27.32
CA ALA E 434 17.47 -18.85 26.02
C ALA E 434 17.16 -19.97 25.04
N GLU E 435 16.11 -19.81 24.24
CA GLU E 435 15.67 -20.82 23.29
C GLU E 435 16.20 -20.49 21.91
N ILE E 436 17.02 -21.38 21.35
CA ILE E 436 17.48 -21.27 19.98
C ILE E 436 16.63 -22.24 19.18
N ILE E 437 15.76 -21.71 18.33
CA ILE E 437 14.80 -22.52 17.59
C ILE E 437 15.26 -22.59 16.14
N ILE E 438 15.71 -23.78 15.72
CA ILE E 438 15.93 -24.05 14.31
C ILE E 438 14.55 -24.08 13.67
N GLY E 439 14.27 -23.06 12.85
CA GLY E 439 13.01 -23.03 12.12
C GLY E 439 13.14 -23.49 10.69
N LYS E 440 14.35 -23.45 10.14
CA LYS E 440 14.60 -23.96 8.79
C LYS E 440 15.90 -24.74 8.79
N GLN E 441 15.82 -26.01 8.40
CA GLN E 441 16.99 -26.83 8.18
C GLN E 441 16.69 -27.75 7.01
N ARG E 442 17.36 -27.53 5.89
CA ARG E 442 17.02 -28.23 4.66
C ARG E 442 17.41 -29.71 4.75
N ASN E 443 18.42 -30.03 5.55
CA ASN E 443 18.85 -31.41 5.68
C ASN E 443 18.80 -31.89 7.11
N GLY E 444 17.88 -31.36 7.91
CA GLY E 444 17.77 -31.73 9.29
C GLY E 444 16.45 -31.33 9.92
N PRO E 445 16.16 -31.88 11.10
CA PRO E 445 14.89 -31.55 11.76
C PRO E 445 14.93 -30.18 12.42
N ILE E 446 13.76 -29.53 12.46
CA ILE E 446 13.57 -28.25 13.13
C ILE E 446 13.37 -28.54 14.62
N GLY E 447 13.50 -27.51 15.46
CA GLY E 447 13.23 -27.71 16.87
C GLY E 447 14.01 -26.76 17.74
N THR E 448 13.74 -26.82 19.05
CA THR E 448 14.24 -25.85 20.01
C THR E 448 15.31 -26.46 20.90
N VAL E 449 16.39 -25.72 21.11
CA VAL E 449 17.47 -26.10 22.01
C VAL E 449 17.65 -24.97 23.03
N ARG E 450 17.67 -25.34 24.31
CA ARG E 450 17.84 -24.36 25.37
C ARG E 450 19.32 -24.17 25.69
N LEU E 451 19.68 -22.97 26.11
CA LEU E 451 21.04 -22.62 26.47
C LEU E 451 21.03 -21.71 27.69
N THR E 452 22.17 -21.67 28.38
CA THR E 452 22.32 -20.83 29.57
C THR E 452 22.96 -19.50 29.16
N PHE E 453 22.35 -18.39 29.57
CA PHE E 453 22.83 -17.06 29.23
C PHE E 453 23.35 -16.37 30.49
N ASN E 454 24.61 -15.94 30.44
CA ASN E 454 25.21 -15.11 31.49
C ASN E 454 25.18 -13.68 30.99
N GLY E 455 24.18 -12.91 31.47
CA GLY E 455 24.10 -11.51 31.13
C GLY E 455 25.24 -10.71 31.71
N GLN E 456 25.75 -11.15 32.87
CA GLN E 456 26.89 -10.47 33.50
C GLN E 456 28.13 -10.51 32.62
N TRP E 457 28.50 -11.70 32.15
CA TRP E 457 29.65 -11.86 31.27
C TRP E 457 29.26 -11.77 29.80
N SER E 458 27.97 -11.71 29.50
CA SER E 458 27.43 -11.77 28.14
C SER E 458 27.96 -12.99 27.40
N ARG E 459 27.58 -14.16 27.91
CA ARG E 459 28.10 -15.42 27.41
C ARG E 459 26.94 -16.40 27.23
N PHE E 460 27.05 -17.26 26.22
CA PHE E 460 26.10 -18.35 26.04
C PHE E 460 26.82 -19.68 26.20
N ASP E 461 26.27 -20.53 27.07
CA ASP E 461 26.84 -21.83 27.37
C ASP E 461 25.76 -22.89 27.21
N ASN E 462 26.18 -24.15 27.24
CA ASN E 462 25.24 -25.25 27.16
C ASN E 462 24.33 -25.28 28.39
N TYR E 463 23.06 -25.58 28.17
CA TYR E 463 22.08 -25.59 29.25
C TYR E 463 22.32 -26.79 30.15
N ALA E 464 22.68 -26.51 31.41
CA ALA E 464 23.00 -27.54 32.38
C ALA E 464 21.83 -27.85 33.30
N GLY E 465 20.65 -27.31 33.00
CA GLY E 465 19.48 -27.60 33.78
C GLY E 465 18.81 -28.87 33.34
N PRO E 466 17.64 -29.18 33.91
CA PRO E 466 16.90 -30.38 33.49
C PRO E 466 16.42 -30.26 32.06
N GLN E 467 16.54 -31.35 31.31
CA GLN E 467 16.12 -31.37 29.92
C GLN E 467 14.60 -31.49 29.83
N TYR E 468 13.97 -30.61 29.05
CA TYR E 468 12.53 -30.62 28.87
C TYR E 468 12.19 -31.22 27.51
N ASP E 469 11.15 -32.05 27.47
CA ASP E 469 10.74 -32.67 26.23
C ASP E 469 10.15 -31.65 25.27
N ASP E 470 10.57 -31.71 24.01
CA ASP E 470 10.09 -30.80 22.98
C ASP E 470 8.75 -31.31 22.47
N GLU E 471 7.69 -30.56 22.74
CA GLU E 471 6.35 -30.94 22.30
C GLU E 471 5.96 -30.18 21.03
N LEU F 24 -3.51 -11.02 -45.74
CA LEU F 24 -4.75 -11.78 -45.64
C LEU F 24 -4.78 -12.61 -44.35
N LYS F 25 -5.85 -12.46 -43.58
CA LYS F 25 -6.00 -13.19 -42.33
C LYS F 25 -6.48 -14.61 -42.60
N VAL F 26 -5.55 -15.55 -42.71
CA VAL F 26 -5.87 -16.96 -42.93
C VAL F 26 -6.53 -17.51 -41.66
N PRO F 27 -7.63 -18.25 -41.76
CA PRO F 27 -8.24 -18.86 -40.58
C PRO F 27 -7.27 -19.82 -39.90
N PRO F 28 -7.25 -19.85 -38.58
CA PRO F 28 -6.34 -20.76 -37.86
C PRO F 28 -6.76 -22.21 -38.05
N HIS F 29 -5.77 -23.08 -38.24
CA HIS F 29 -6.03 -24.49 -38.48
C HIS F 29 -4.76 -25.27 -38.14
N SER F 30 -4.93 -26.59 -38.01
CA SER F 30 -3.82 -27.50 -37.74
C SER F 30 -3.93 -28.66 -38.71
N ILE F 31 -3.28 -28.51 -39.88
CA ILE F 31 -3.36 -29.54 -40.91
C ILE F 31 -2.64 -30.80 -40.46
N GLU F 32 -1.53 -30.65 -39.72
CA GLU F 32 -0.77 -31.81 -39.26
C GLU F 32 -1.58 -32.67 -38.30
N ALA F 33 -2.35 -32.02 -37.42
CA ALA F 33 -3.21 -32.76 -36.49
C ALA F 33 -4.28 -33.54 -37.26
N GLU F 34 -4.86 -32.92 -38.30
CA GLU F 34 -5.85 -33.60 -39.11
C GLU F 34 -5.25 -34.80 -39.84
N GLN F 35 -4.04 -34.62 -40.39
CA GLN F 35 -3.37 -35.73 -41.06
C GLN F 35 -3.06 -36.87 -40.09
N SER F 36 -2.60 -36.52 -38.88
CA SER F 36 -2.32 -37.54 -37.87
C SER F 36 -3.59 -38.27 -37.45
N VAL F 37 -4.69 -37.54 -37.30
CA VAL F 37 -5.96 -38.17 -36.95
C VAL F 37 -6.42 -39.13 -38.04
N LEU F 38 -6.34 -38.70 -39.30
CA LEU F 38 -6.77 -39.55 -40.40
C LEU F 38 -5.88 -40.79 -40.53
N GLY F 39 -4.58 -40.62 -40.36
CA GLY F 39 -3.68 -41.77 -40.42
C GLY F 39 -3.89 -42.74 -39.27
N GLY F 40 -4.13 -42.21 -38.06
CA GLY F 40 -4.42 -43.07 -36.93
C GLY F 40 -5.73 -43.81 -37.08
N LEU F 41 -6.73 -43.17 -37.69
CA LEU F 41 -7.99 -43.85 -37.97
C LEU F 41 -7.82 -44.92 -39.03
N MET F 42 -6.95 -44.67 -40.02
CA MET F 42 -6.62 -45.70 -41.00
C MET F 42 -5.89 -46.87 -40.36
N LEU F 43 -5.02 -46.61 -39.39
CA LEU F 43 -4.24 -47.69 -38.78
C LEU F 43 -4.94 -48.32 -37.59
N ASP F 44 -5.58 -47.52 -36.75
CA ASP F 44 -6.21 -48.03 -35.53
C ASP F 44 -7.67 -47.56 -35.51
N ASN F 45 -8.58 -48.46 -35.86
CA ASN F 45 -10.00 -48.11 -35.90
C ASN F 45 -10.63 -48.13 -34.51
N GLU F 46 -10.05 -48.85 -33.55
CA GLU F 46 -10.64 -49.01 -32.23
C GLU F 46 -10.66 -47.70 -31.44
N ARG F 47 -9.80 -46.75 -31.79
CA ARG F 47 -9.81 -45.43 -31.16
C ARG F 47 -10.75 -44.47 -31.86
N TRP F 48 -11.54 -44.97 -32.82
CA TRP F 48 -12.48 -44.11 -33.55
C TRP F 48 -13.50 -43.48 -32.60
N ASP F 49 -13.99 -44.26 -31.64
CA ASP F 49 -14.90 -43.71 -30.64
C ASP F 49 -14.23 -42.63 -29.81
N ASP F 50 -12.91 -42.74 -29.62
CA ASP F 50 -12.16 -41.65 -29.01
C ASP F 50 -12.15 -40.42 -29.90
N VAL F 51 -11.99 -40.62 -31.21
CA VAL F 51 -11.90 -39.50 -32.15
C VAL F 51 -13.27 -38.88 -32.38
N ALA F 52 -14.30 -39.71 -32.57
CA ALA F 52 -15.63 -39.21 -32.87
C ALA F 52 -16.23 -38.46 -31.69
N GLU F 53 -15.78 -38.77 -30.47
CA GLU F 53 -16.23 -38.03 -29.30
C GLU F 53 -15.70 -36.59 -29.29
N ARG F 54 -14.54 -36.35 -29.90
CA ARG F 54 -13.87 -35.06 -29.85
C ARG F 54 -14.14 -34.17 -31.05
N VAL F 55 -14.23 -34.76 -32.25
CA VAL F 55 -14.41 -33.96 -33.47
C VAL F 55 -15.55 -34.55 -34.29
N VAL F 56 -16.09 -33.71 -35.17
CA VAL F 56 -17.13 -34.13 -36.10
C VAL F 56 -16.64 -33.87 -37.52
N ALA F 57 -17.50 -34.15 -38.50
CA ALA F 57 -17.15 -33.95 -39.91
C ALA F 57 -16.91 -32.47 -40.22
N ASP F 58 -17.74 -31.59 -39.66
CA ASP F 58 -17.60 -30.16 -39.94
C ASP F 58 -16.47 -29.49 -39.17
N ASP F 59 -15.83 -30.21 -38.24
CA ASP F 59 -14.75 -29.61 -37.47
C ASP F 59 -13.47 -29.41 -38.29
N PHE F 60 -13.31 -30.12 -39.40
CA PHE F 60 -12.12 -30.00 -40.21
C PHE F 60 -12.16 -28.71 -41.02
N TYR F 61 -11.05 -27.97 -41.00
CA TYR F 61 -10.96 -26.74 -41.78
C TYR F 61 -10.99 -27.03 -43.28
N THR F 62 -10.33 -28.10 -43.70
CA THR F 62 -10.27 -28.48 -45.10
C THR F 62 -11.45 -29.38 -45.46
N ARG F 63 -12.19 -28.97 -46.48
CA ARG F 63 -13.34 -29.75 -46.95
C ARG F 63 -13.01 -31.17 -47.41
N PRO F 64 -11.89 -31.46 -48.12
CA PRO F 64 -11.56 -32.87 -48.38
C PRO F 64 -11.39 -33.70 -47.11
N HIS F 65 -10.85 -33.11 -46.05
CA HIS F 65 -10.77 -33.83 -44.78
C HIS F 65 -12.16 -34.07 -44.20
N ARG F 66 -13.09 -33.13 -44.41
CA ARG F 66 -14.47 -33.34 -44.00
C ARG F 66 -15.10 -34.51 -44.74
N HIS F 67 -14.83 -34.60 -46.05
CA HIS F 67 -15.34 -35.72 -46.84
C HIS F 67 -14.71 -37.04 -46.40
N ILE F 68 -13.42 -37.02 -46.07
CA ILE F 68 -12.73 -38.23 -45.62
C ILE F 68 -13.32 -38.69 -44.29
N PHE F 69 -13.56 -37.76 -43.37
CA PHE F 69 -14.14 -38.12 -42.08
C PHE F 69 -15.57 -38.62 -42.24
N THR F 70 -16.34 -38.02 -43.15
CA THR F 70 -17.69 -38.50 -43.43
C THR F 70 -17.68 -39.91 -43.98
N GLU F 71 -16.74 -40.20 -44.89
CA GLU F 71 -16.65 -41.55 -45.45
C GLU F 71 -16.17 -42.55 -44.41
N MET F 72 -15.26 -42.15 -43.52
CA MET F 72 -14.83 -43.01 -42.43
C MET F 72 -15.98 -43.32 -41.49
N ALA F 73 -16.80 -42.31 -41.18
CA ALA F 73 -17.98 -42.54 -40.34
C ALA F 73 -18.97 -43.47 -41.02
N ARG F 74 -19.14 -43.32 -42.33
CA ARG F 74 -20.04 -44.21 -43.07
C ARG F 74 -19.53 -45.64 -43.07
N LEU F 75 -18.22 -45.83 -43.23
CA LEU F 75 -17.64 -47.17 -43.20
C LEU F 75 -17.74 -47.78 -41.81
N GLN F 76 -17.56 -46.96 -40.76
CA GLN F 76 -17.65 -47.48 -39.41
C GLN F 76 -19.08 -47.86 -39.04
N GLU F 77 -20.05 -47.04 -39.49
CA GLU F 77 -21.45 -47.34 -39.20
C GLU F 77 -21.92 -48.58 -39.98
N SER F 78 -21.36 -48.78 -41.18
CA SER F 78 -21.70 -49.95 -41.98
C SER F 78 -20.94 -51.21 -41.53
N GLY F 79 -20.04 -51.08 -40.57
CA GLY F 79 -19.26 -52.23 -40.13
C GLY F 79 -18.04 -52.52 -40.95
N SER F 80 -17.78 -51.71 -41.98
CA SER F 80 -16.60 -51.89 -42.82
C SER F 80 -15.34 -51.41 -42.08
N PRO F 81 -14.25 -52.17 -42.16
CA PRO F 81 -13.00 -51.72 -41.55
C PRO F 81 -12.46 -50.48 -42.26
N ILE F 82 -11.80 -49.62 -41.49
CA ILE F 82 -11.31 -48.34 -41.97
C ILE F 82 -9.81 -48.50 -42.17
N ASP F 83 -9.41 -48.80 -43.41
CA ASP F 83 -8.02 -48.85 -43.82
C ASP F 83 -7.86 -48.02 -45.08
N LEU F 84 -6.68 -48.12 -45.70
CA LEU F 84 -6.39 -47.35 -46.90
C LEU F 84 -7.23 -47.82 -48.09
N ILE F 85 -7.25 -49.13 -48.32
CA ILE F 85 -7.86 -49.68 -49.53
C ILE F 85 -9.39 -49.53 -49.48
N THR F 86 -9.98 -49.84 -48.33
CA THR F 86 -11.43 -49.75 -48.19
C THR F 86 -11.90 -48.30 -48.30
N LEU F 87 -11.17 -47.36 -47.69
CA LEU F 87 -11.52 -45.96 -47.80
C LEU F 87 -11.37 -45.45 -49.23
N ALA F 88 -10.31 -45.87 -49.92
CA ALA F 88 -10.12 -45.49 -51.31
C ALA F 88 -11.25 -46.01 -52.19
N GLU F 89 -11.64 -47.27 -51.99
CA GLU F 89 -12.73 -47.85 -52.75
C GLU F 89 -14.06 -47.16 -52.47
N SER F 90 -14.32 -46.83 -51.19
CA SER F 90 -15.57 -46.18 -50.83
C SER F 90 -15.64 -44.76 -51.39
N LEU F 91 -14.51 -44.05 -51.38
CA LEU F 91 -14.49 -42.71 -51.95
C LEU F 91 -14.58 -42.74 -53.48
N GLU F 92 -14.04 -43.79 -54.10
CA GLU F 92 -14.19 -43.93 -55.54
C GLU F 92 -15.61 -44.30 -55.93
N ARG F 93 -16.30 -45.04 -55.07
CA ARG F 93 -17.69 -45.42 -55.36
C ARG F 93 -18.61 -44.20 -55.38
N GLN F 94 -18.40 -43.25 -54.47
CA GLN F 94 -19.19 -42.02 -54.45
C GLN F 94 -18.62 -40.95 -55.35
N GLY F 95 -17.49 -41.20 -56.00
CA GLY F 95 -16.84 -40.18 -56.81
C GLY F 95 -16.13 -39.13 -56.00
N GLN F 96 -15.93 -39.38 -54.71
CA GLN F 96 -15.25 -38.43 -53.83
C GLN F 96 -13.77 -38.71 -53.67
N LEU F 97 -13.24 -39.72 -54.38
CA LEU F 97 -11.81 -40.01 -54.30
C LEU F 97 -10.97 -38.88 -54.89
N ASP F 98 -11.43 -38.31 -56.00
CA ASP F 98 -10.70 -37.21 -56.62
C ASP F 98 -10.87 -35.92 -55.83
N SER F 99 -11.98 -35.79 -55.10
CA SER F 99 -12.21 -34.59 -54.31
C SER F 99 -11.34 -34.53 -53.06
N VAL F 100 -10.82 -35.67 -52.60
CA VAL F 100 -10.02 -35.72 -51.38
C VAL F 100 -8.54 -35.90 -51.65
N GLY F 101 -8.11 -35.80 -52.91
CA GLY F 101 -6.71 -35.93 -53.27
C GLY F 101 -6.31 -37.25 -53.89
N GLY F 102 -7.14 -38.28 -53.77
CA GLY F 102 -6.87 -39.54 -54.43
C GLY F 102 -6.23 -40.59 -53.54
N PHE F 103 -5.98 -41.75 -54.16
CA PHE F 103 -5.38 -42.88 -53.45
C PHE F 103 -3.97 -42.56 -52.98
N ALA F 104 -3.21 -41.81 -53.78
CA ALA F 104 -1.87 -41.40 -53.37
C ALA F 104 -1.91 -40.49 -52.15
N TYR F 105 -2.87 -39.56 -52.12
CA TYR F 105 -3.02 -38.69 -50.96
C TYR F 105 -3.45 -39.46 -49.72
N LEU F 106 -4.35 -40.44 -49.88
CA LEU F 106 -4.76 -41.27 -48.76
C LEU F 106 -3.59 -42.11 -48.24
N ALA F 107 -2.77 -42.64 -49.15
CA ALA F 107 -1.59 -43.39 -48.73
C ALA F 107 -0.58 -42.48 -48.02
N GLU F 108 -0.46 -41.24 -48.47
CA GLU F 108 0.40 -40.28 -47.77
C GLU F 108 -0.13 -39.97 -46.38
N LEU F 109 -1.46 -39.86 -46.24
CA LEU F 109 -2.08 -39.66 -44.93
C LEU F 109 -1.81 -40.85 -44.01
N SER F 110 -1.88 -42.06 -44.55
CA SER F 110 -1.58 -43.26 -43.76
C SER F 110 -0.10 -43.30 -43.37
N LYS F 111 0.78 -42.88 -44.28
CA LYS F 111 2.22 -42.98 -44.03
C LYS F 111 2.70 -41.92 -43.04
N ASN F 112 2.11 -40.73 -43.08
CA ASN F 112 2.60 -39.61 -42.27
C ASN F 112 2.32 -39.77 -40.78
N THR F 113 1.52 -40.75 -40.37
CA THR F 113 1.19 -40.93 -38.96
C THR F 113 2.04 -42.05 -38.38
N PRO F 114 2.97 -41.75 -37.46
CA PRO F 114 3.79 -42.83 -36.88
C PRO F 114 3.06 -43.71 -35.90
N SER F 115 2.17 -43.16 -35.08
CA SER F 115 1.45 -43.94 -34.09
C SER F 115 0.10 -43.28 -33.80
N ALA F 116 -0.89 -44.11 -33.46
CA ALA F 116 -2.23 -43.63 -33.17
C ALA F 116 -2.50 -43.47 -31.67
N ALA F 117 -1.49 -43.65 -30.82
CA ALA F 117 -1.71 -43.58 -29.38
C ALA F 117 -2.03 -42.16 -28.92
N ASN F 118 -1.40 -41.16 -29.53
CA ASN F 118 -1.61 -39.76 -29.16
C ASN F 118 -2.64 -39.08 -30.05
N ILE F 119 -3.59 -39.83 -30.60
CA ILE F 119 -4.56 -39.26 -31.54
C ILE F 119 -5.57 -38.39 -30.79
N SER F 120 -5.70 -38.59 -29.48
CA SER F 120 -6.64 -37.80 -28.69
C SER F 120 -6.21 -36.33 -28.62
N ALA F 121 -4.92 -36.09 -28.46
CA ALA F 121 -4.41 -34.72 -28.43
C ALA F 121 -4.61 -34.02 -29.77
N TYR F 122 -4.36 -34.74 -30.87
CA TYR F 122 -4.57 -34.17 -32.20
C TYR F 122 -6.05 -33.87 -32.44
N ALA F 123 -6.93 -34.77 -32.00
CA ALA F 123 -8.37 -34.52 -32.14
C ALA F 123 -8.80 -33.32 -31.30
N ASP F 124 -8.23 -33.17 -30.10
CA ASP F 124 -8.54 -32.00 -29.27
C ASP F 124 -8.04 -30.71 -29.92
N ILE F 125 -6.88 -30.76 -30.57
CA ILE F 125 -6.35 -29.60 -31.28
C ILE F 125 -7.28 -29.22 -32.45
N VAL F 126 -7.74 -30.24 -33.19
CA VAL F 126 -8.66 -29.98 -34.29
C VAL F 126 -9.98 -29.40 -33.78
N ARG F 127 -10.47 -29.92 -32.65
CA ARG F 127 -11.68 -29.39 -32.04
C ARG F 127 -11.50 -27.93 -31.60
N GLU F 128 -10.34 -27.62 -31.03
CA GLU F 128 -10.04 -26.26 -30.62
C GLU F 128 -9.99 -25.32 -31.82
N ARG F 129 -9.40 -25.78 -32.92
CA ARG F 129 -9.35 -24.97 -34.13
C ARG F 129 -10.74 -24.74 -34.71
N ALA F 130 -11.59 -25.78 -34.67
CA ALA F 130 -12.97 -25.64 -35.12
C ALA F 130 -13.74 -24.65 -34.25
N VAL F 131 -13.54 -24.70 -32.94
CA VAL F 131 -14.21 -23.77 -32.03
C VAL F 131 -13.75 -22.34 -32.28
N VAL F 132 -12.44 -22.15 -32.50
CA VAL F 132 -11.91 -20.81 -32.76
C VAL F 132 -12.44 -20.27 -34.09
N ARG F 133 -12.50 -21.11 -35.12
CA ARG F 133 -13.03 -20.66 -36.41
C ARG F 133 -14.52 -20.36 -36.32
N GLU F 134 -15.27 -21.14 -35.54
CA GLU F 134 -16.68 -20.86 -35.31
C GLU F 134 -16.84 -19.52 -34.58
N MET F 135 -15.98 -19.26 -33.61
CA MET F 135 -16.00 -17.98 -32.90
C MET F 135 -15.70 -16.82 -33.85
N ILE F 136 -14.73 -17.02 -34.75
CA ILE F 136 -14.40 -15.99 -35.75
C ILE F 136 -15.59 -15.74 -36.68
N SER F 137 -16.26 -16.82 -37.10
CA SER F 137 -17.43 -16.68 -37.96
C SER F 137 -18.56 -15.94 -37.25
N VAL F 138 -18.77 -16.25 -35.97
CA VAL F 138 -19.81 -15.56 -35.19
C VAL F 138 -19.45 -14.10 -35.02
N ALA F 139 -18.17 -13.79 -34.78
CA ALA F 139 -17.74 -12.41 -34.67
C ALA F 139 -17.92 -11.66 -35.99
N ASN F 140 -17.67 -12.34 -37.11
CA ASN F 140 -17.90 -11.74 -38.41
C ASN F 140 -19.38 -11.46 -38.64
N GLU F 141 -20.24 -12.39 -38.22
CA GLU F 141 -21.68 -12.18 -38.31
C GLU F 141 -22.12 -10.99 -37.45
N ILE F 142 -21.53 -10.88 -36.25
CA ILE F 142 -21.84 -9.77 -35.35
C ILE F 142 -21.40 -8.44 -35.96
N ALA F 143 -20.21 -8.41 -36.56
CA ALA F 143 -19.73 -7.20 -37.20
C ALA F 143 -20.56 -6.84 -38.42
N GLU F 144 -21.02 -7.85 -39.16
CA GLU F 144 -21.90 -7.60 -40.30
C GLU F 144 -23.24 -7.04 -39.87
N ALA F 145 -23.78 -7.58 -38.76
CA ALA F 145 -25.03 -7.05 -38.23
C ALA F 145 -24.86 -5.64 -37.69
N GLY F 146 -23.67 -5.32 -37.15
CA GLY F 146 -23.39 -3.95 -36.76
C GLY F 146 -23.32 -3.00 -37.94
N PHE F 147 -22.55 -3.39 -38.97
CA PHE F 147 -22.46 -2.56 -40.17
C PHE F 147 -23.76 -2.54 -40.96
N ASP F 148 -24.51 -3.63 -40.92
CA ASP F 148 -25.79 -3.74 -41.63
C ASP F 148 -26.85 -4.14 -40.63
N PRO F 149 -27.50 -3.17 -39.97
CA PRO F 149 -28.62 -3.51 -39.07
C PRO F 149 -29.77 -4.22 -39.77
N GLN F 150 -30.08 -3.82 -41.00
CA GLN F 150 -31.09 -4.44 -41.86
C GLN F 150 -32.45 -4.47 -41.15
N GLY F 151 -32.80 -3.33 -40.57
CA GLY F 151 -34.07 -3.20 -39.86
C GLY F 151 -34.08 -3.61 -38.41
N ARG F 152 -33.11 -4.42 -38.00
CA ARG F 152 -33.07 -4.88 -36.61
C ARG F 152 -32.71 -3.73 -35.68
N THR F 153 -33.46 -3.61 -34.58
CA THR F 153 -33.20 -2.56 -33.61
C THR F 153 -32.09 -2.99 -32.66
N SER F 154 -31.86 -2.16 -31.63
CA SER F 154 -30.86 -2.48 -30.61
C SER F 154 -31.26 -3.73 -29.84
N GLU F 155 -32.55 -3.86 -29.52
CA GLU F 155 -33.03 -5.06 -28.84
C GLU F 155 -32.85 -6.30 -29.72
N ASP F 156 -33.16 -6.18 -31.01
CA ASP F 156 -33.01 -7.30 -31.93
C ASP F 156 -31.56 -7.72 -32.10
N LEU F 157 -30.65 -6.75 -32.25
CA LEU F 157 -29.24 -7.08 -32.39
C LEU F 157 -28.69 -7.66 -31.08
N LEU F 158 -29.16 -7.13 -29.95
CA LEU F 158 -28.77 -7.67 -28.64
C LEU F 158 -29.20 -9.13 -28.51
N ASP F 159 -30.45 -9.42 -28.89
CA ASP F 159 -30.97 -10.78 -28.78
C ASP F 159 -30.25 -11.72 -29.75
N LEU F 160 -29.93 -11.23 -30.95
CA LEU F 160 -29.21 -12.04 -31.92
C LEU F 160 -27.80 -12.37 -31.43
N ALA F 161 -27.11 -11.38 -30.86
CA ALA F 161 -25.78 -11.61 -30.31
C ALA F 161 -25.83 -12.57 -29.13
N GLU F 162 -26.83 -12.40 -28.26
CA GLU F 162 -26.99 -13.30 -27.12
C GLU F 162 -27.29 -14.72 -27.57
N SER F 163 -28.10 -14.87 -28.62
CA SER F 163 -28.39 -16.20 -29.16
C SER F 163 -27.14 -16.84 -29.76
N ARG F 164 -26.33 -16.05 -30.46
CA ARG F 164 -25.09 -16.57 -31.04
C ARG F 164 -24.13 -17.04 -29.96
N VAL F 165 -23.97 -16.24 -28.90
CA VAL F 165 -23.05 -16.61 -27.82
C VAL F 165 -23.63 -17.76 -27.00
N PHE F 166 -24.97 -17.86 -26.97
CA PHE F 166 -25.62 -19.01 -26.37
C PHE F 166 -25.31 -20.29 -27.14
N LYS F 167 -25.31 -20.20 -28.48
CA LYS F 167 -24.91 -21.34 -29.30
C LYS F 167 -23.45 -21.69 -29.09
N ILE F 168 -22.60 -20.65 -28.95
CA ILE F 168 -21.17 -20.87 -28.70
C ILE F 168 -20.97 -21.60 -27.38
N ALA F 169 -21.69 -21.18 -26.34
CA ALA F 169 -21.63 -21.86 -25.05
C ALA F 169 -22.18 -23.26 -25.15
N GLU F 170 -23.21 -23.46 -25.98
CA GLU F 170 -23.78 -24.80 -26.16
C GLU F 170 -22.84 -25.72 -26.91
N SER F 171 -21.90 -25.16 -27.68
CA SER F 171 -20.91 -25.98 -28.37
C SER F 171 -20.04 -26.76 -27.38
N ARG F 172 -19.64 -26.10 -26.29
CA ARG F 172 -18.90 -26.74 -25.21
C ARG F 172 -19.48 -26.25 -23.89
N ALA F 173 -20.39 -27.03 -23.32
CA ALA F 173 -21.08 -26.68 -22.08
C ALA F 173 -20.87 -27.80 -21.07
N ASN F 174 -19.74 -27.75 -20.35
CA ASN F 174 -19.45 -28.61 -19.21
C ASN F 174 -19.40 -30.10 -19.58
N LYS F 175 -20.56 -30.65 -19.97
CA LYS F 175 -20.74 -32.04 -20.38
C LYS F 175 -20.41 -32.97 -19.21
N ASP F 176 -19.16 -33.45 -19.17
CA ASP F 176 -18.74 -34.29 -18.05
C ASP F 176 -18.75 -33.52 -16.74
N GLU F 177 -18.44 -32.23 -16.79
CA GLU F 177 -18.44 -31.40 -15.59
C GLU F 177 -19.87 -31.10 -15.14
N GLY F 178 -20.83 -31.22 -16.06
CA GLY F 178 -22.21 -30.93 -15.79
C GLY F 178 -22.83 -31.81 -14.72
N PRO F 179 -23.52 -31.19 -13.76
CA PRO F 179 -24.18 -31.95 -12.68
C PRO F 179 -25.34 -32.80 -13.18
N LYS F 180 -26.13 -32.25 -14.11
CA LYS F 180 -27.27 -32.89 -14.76
C LYS F 180 -28.42 -33.17 -13.80
N ASN F 181 -29.58 -33.56 -14.34
CA ASN F 181 -30.77 -33.76 -13.54
C ASN F 181 -30.64 -34.98 -12.64
N ILE F 182 -31.71 -35.25 -11.87
CA ILE F 182 -31.71 -36.29 -10.86
C ILE F 182 -31.47 -37.67 -11.45
N ALA F 183 -32.00 -37.91 -12.65
CA ALA F 183 -31.99 -39.26 -13.21
C ALA F 183 -30.58 -39.79 -13.46
N ASP F 184 -29.76 -39.01 -14.17
CA ASP F 184 -28.41 -39.44 -14.55
C ASP F 184 -27.50 -39.62 -13.34
N VAL F 185 -27.41 -38.59 -12.50
CA VAL F 185 -26.56 -38.66 -11.31
C VAL F 185 -27.10 -39.71 -10.35
N LEU F 186 -28.42 -39.93 -10.36
CA LEU F 186 -29.03 -40.94 -9.50
C LEU F 186 -28.63 -42.33 -9.93
N ASP F 187 -28.76 -42.64 -11.22
CA ASP F 187 -28.41 -43.97 -11.68
C ASP F 187 -26.91 -44.23 -11.62
N ALA F 188 -26.10 -43.17 -11.73
CA ALA F 188 -24.68 -43.34 -11.48
C ALA F 188 -24.39 -43.61 -10.01
N THR F 189 -25.03 -42.87 -9.12
CA THR F 189 -24.69 -42.90 -7.70
C THR F 189 -25.20 -44.17 -7.02
N VAL F 190 -26.41 -44.60 -7.36
CA VAL F 190 -26.93 -45.83 -6.73
C VAL F 190 -26.17 -47.05 -7.25
N ALA F 191 -25.71 -47.00 -8.50
CA ALA F 191 -24.85 -48.05 -9.02
C ALA F 191 -23.51 -48.05 -8.30
N ARG F 192 -22.97 -46.86 -8.03
CA ARG F 192 -21.72 -46.74 -7.28
C ARG F 192 -21.88 -47.29 -5.87
N ILE F 193 -23.02 -47.01 -5.23
CA ILE F 193 -23.27 -47.52 -3.88
C ILE F 193 -23.40 -49.03 -3.89
N GLU F 194 -24.17 -49.57 -4.85
CA GLU F 194 -24.41 -51.01 -4.91
C GLU F 194 -23.17 -51.76 -5.38
N GLN F 195 -22.20 -51.05 -5.95
CA GLN F 195 -20.92 -51.66 -6.26
C GLN F 195 -19.96 -51.54 -5.08
N LEU F 196 -20.04 -50.43 -4.35
CA LEU F 196 -19.14 -50.13 -3.24
C LEU F 196 -19.67 -50.63 -1.90
N PHE F 197 -20.73 -51.43 -1.90
CA PHE F 197 -21.30 -51.94 -0.65
C PHE F 197 -20.29 -52.79 0.12
N GLN F 198 -19.52 -53.64 -0.58
CA GLN F 198 -18.39 -54.30 0.04
C GLN F 198 -17.18 -54.31 -0.89
N GLN F 199 -17.39 -54.01 -2.16
CA GLN F 199 -16.34 -54.14 -3.16
C GLN F 199 -15.76 -52.76 -3.50
N PRO F 200 -14.45 -52.56 -3.30
CA PRO F 200 -13.83 -51.29 -3.72
C PRO F 200 -13.88 -51.09 -5.23
N HIS F 201 -13.29 -52.04 -5.97
CA HIS F 201 -13.24 -52.04 -7.43
C HIS F 201 -12.68 -50.72 -7.99
N ASP F 202 -11.43 -50.43 -7.61
CA ASP F 202 -10.77 -49.24 -8.10
C ASP F 202 -10.45 -49.37 -9.59
N GLY F 203 -10.71 -48.29 -10.33
CA GLY F 203 -10.50 -48.30 -11.76
C GLY F 203 -9.23 -47.62 -12.22
N VAL F 204 -8.34 -47.30 -11.27
CA VAL F 204 -7.06 -46.64 -11.52
C VAL F 204 -7.27 -45.33 -12.26
N THR F 205 -7.44 -45.42 -13.59
CA THR F 205 -7.75 -44.31 -14.48
C THR F 205 -6.72 -43.19 -14.40
N GLY F 206 -5.48 -43.49 -14.79
CA GLY F 206 -4.44 -42.48 -14.78
C GLY F 206 -3.03 -43.06 -14.80
N VAL F 207 -2.07 -42.29 -15.30
CA VAL F 207 -0.67 -42.68 -15.29
C VAL F 207 -0.16 -42.62 -13.85
N ASN F 208 0.44 -43.71 -13.37
CA ASN F 208 0.87 -43.79 -11.98
C ASN F 208 2.06 -42.86 -11.72
N THR F 209 1.92 -42.00 -10.72
CA THR F 209 2.99 -41.11 -10.29
C THR F 209 3.48 -41.44 -8.88
N GLY F 210 3.29 -42.69 -8.44
CA GLY F 210 3.64 -43.10 -7.10
C GLY F 210 2.59 -42.81 -6.06
N TYR F 211 1.50 -42.14 -6.42
CA TYR F 211 0.42 -41.82 -5.49
C TYR F 211 -0.89 -42.06 -6.22
N ASP F 212 -1.52 -43.21 -5.94
CA ASP F 212 -2.77 -43.57 -6.61
C ASP F 212 -3.88 -42.60 -6.24
N ASP F 213 -3.88 -42.12 -4.99
CA ASP F 213 -4.85 -41.13 -4.56
C ASP F 213 -4.69 -39.82 -5.34
N LEU F 214 -3.46 -39.40 -5.58
CA LEU F 214 -3.22 -38.23 -6.43
C LEU F 214 -3.63 -38.50 -7.87
N ASN F 215 -3.34 -39.72 -8.36
CA ASN F 215 -3.64 -40.04 -9.75
C ASN F 215 -5.14 -40.21 -9.98
N LYS F 216 -5.90 -40.38 -8.90
CA LYS F 216 -7.36 -40.40 -9.01
C LYS F 216 -7.90 -39.06 -9.52
N LYS F 217 -7.33 -37.96 -9.04
CA LYS F 217 -7.79 -36.64 -9.47
C LYS F 217 -7.01 -36.14 -10.68
N THR F 218 -5.68 -36.33 -10.67
CA THR F 218 -4.84 -35.78 -11.72
C THR F 218 -4.92 -36.59 -13.01
N ALA F 219 -5.36 -37.85 -12.92
CA ALA F 219 -5.43 -38.79 -14.05
C ALA F 219 -4.08 -38.94 -14.74
N GLY F 220 -3.00 -38.91 -13.97
CA GLY F 220 -1.67 -39.04 -14.53
C GLY F 220 -1.08 -37.71 -14.95
N LEU F 221 0.23 -37.73 -15.20
CA LEU F 221 0.93 -36.54 -15.67
C LEU F 221 0.54 -36.22 -17.10
N GLN F 222 -0.28 -35.19 -17.29
CA GLN F 222 -0.70 -34.82 -18.63
C GLN F 222 0.44 -34.11 -19.35
N PRO F 223 0.84 -34.59 -20.53
CA PRO F 223 1.88 -33.89 -21.29
C PRO F 223 1.41 -32.53 -21.77
N SER F 224 2.39 -31.65 -21.99
CA SER F 224 2.23 -30.26 -22.42
C SER F 224 1.46 -29.40 -21.42
N ASP F 225 1.29 -29.85 -20.18
CA ASP F 225 0.62 -29.07 -19.17
C ASP F 225 1.63 -28.38 -18.27
N LEU F 226 1.27 -27.20 -17.79
CA LEU F 226 2.11 -26.41 -16.90
C LEU F 226 1.66 -26.69 -15.47
N ILE F 227 2.37 -27.59 -14.79
CA ILE F 227 2.03 -28.00 -13.44
C ILE F 227 2.93 -27.25 -12.47
N ILE F 228 2.31 -26.55 -11.52
CA ILE F 228 3.03 -25.74 -10.54
C ILE F 228 2.67 -26.23 -9.15
N VAL F 229 3.69 -26.62 -8.39
CA VAL F 229 3.55 -27.03 -7.00
C VAL F 229 4.13 -25.91 -6.15
N ALA F 230 3.32 -25.40 -5.21
CA ALA F 230 3.67 -24.24 -4.41
C ALA F 230 3.60 -24.58 -2.93
N ALA F 231 4.59 -24.11 -2.18
CA ALA F 231 4.63 -24.29 -0.74
C ALA F 231 5.57 -23.25 -0.15
N ARG F 232 5.51 -23.12 1.17
CA ARG F 232 6.47 -22.32 1.88
C ARG F 232 7.82 -23.04 1.89
N PRO F 233 8.91 -22.31 2.12
CA PRO F 233 10.18 -22.98 2.42
C PRO F 233 10.06 -23.78 3.71
N SER F 234 10.84 -24.86 3.79
CA SER F 234 10.83 -25.88 4.83
C SER F 234 9.54 -26.70 4.86
N MET F 235 8.69 -26.60 3.84
CA MET F 235 7.52 -27.45 3.76
C MET F 235 7.77 -28.75 3.02
N GLY F 236 8.97 -28.96 2.50
CA GLY F 236 9.27 -30.13 1.73
C GLY F 236 8.80 -30.09 0.30
N LYS F 237 8.66 -28.90 -0.29
CA LYS F 237 8.21 -28.78 -1.68
C LYS F 237 9.19 -29.43 -2.63
N THR F 238 10.49 -29.17 -2.42
CA THR F 238 11.52 -29.84 -3.20
C THR F 238 11.54 -31.34 -2.92
N THR F 239 11.29 -31.71 -1.66
CA THR F 239 11.22 -33.12 -1.30
C THR F 239 10.08 -33.82 -2.03
N PHE F 240 8.90 -33.19 -2.07
CA PHE F 240 7.76 -33.77 -2.75
C PHE F 240 7.99 -33.84 -4.26
N ALA F 241 8.59 -32.80 -4.83
CA ALA F 241 8.92 -32.81 -6.25
C ALA F 241 9.91 -33.90 -6.58
N MET F 242 10.90 -34.10 -5.70
CA MET F 242 11.87 -35.16 -5.90
C MET F 242 11.23 -36.54 -5.80
N ASN F 243 10.29 -36.69 -4.88
CA ASN F 243 9.56 -37.96 -4.78
C ASN F 243 8.76 -38.24 -6.04
N LEU F 244 8.12 -37.19 -6.60
CA LEU F 244 7.41 -37.34 -7.85
C LEU F 244 8.34 -37.73 -9.00
N VAL F 245 9.52 -37.09 -9.03
CA VAL F 245 10.49 -37.39 -10.08
C VAL F 245 10.99 -38.82 -9.96
N GLU F 246 11.25 -39.27 -8.73
CA GLU F 246 11.71 -40.64 -8.51
C GLU F 246 10.65 -41.65 -8.91
N ASN F 247 9.39 -41.38 -8.56
CA ASN F 247 8.29 -42.28 -8.94
C ASN F 247 8.14 -42.34 -10.45
N ALA F 248 8.21 -41.19 -11.12
CA ALA F 248 8.10 -41.16 -12.57
C ALA F 248 9.25 -41.91 -13.22
N ALA F 249 10.47 -41.75 -12.69
CA ALA F 249 11.64 -42.42 -13.24
C ALA F 249 11.56 -43.93 -13.05
N MET F 250 11.07 -44.38 -11.90
CA MET F 250 10.91 -45.80 -11.67
C MET F 250 9.69 -46.37 -12.38
N LEU F 251 8.80 -45.52 -12.88
CA LEU F 251 7.61 -45.98 -13.60
C LEU F 251 7.65 -45.65 -15.08
N GLN F 252 8.79 -45.28 -15.63
CA GLN F 252 8.91 -45.04 -17.07
C GLN F 252 10.35 -45.29 -17.50
N ASP F 253 10.54 -45.43 -18.81
CA ASP F 253 11.87 -45.54 -19.39
C ASP F 253 12.37 -44.23 -20.00
N LYS F 254 11.52 -43.23 -20.15
CA LYS F 254 11.93 -41.96 -20.73
C LYS F 254 12.81 -41.21 -19.74
N PRO F 255 13.79 -40.44 -20.20
CA PRO F 255 14.70 -39.76 -19.27
C PRO F 255 14.01 -38.63 -18.52
N VAL F 256 14.60 -38.27 -17.38
CA VAL F 256 14.09 -37.21 -16.52
C VAL F 256 15.13 -36.11 -16.40
N LEU F 257 14.64 -34.87 -16.40
CA LEU F 257 15.48 -33.68 -16.40
C LEU F 257 15.12 -32.83 -15.19
N ILE F 258 16.15 -32.38 -14.46
CA ILE F 258 15.99 -31.66 -13.20
C ILE F 258 16.78 -30.37 -13.30
N PHE F 259 16.20 -29.28 -12.82
CA PHE F 259 16.90 -28.00 -12.70
C PHE F 259 16.84 -27.56 -11.23
N SER F 260 17.99 -27.66 -10.55
CA SER F 260 18.08 -27.29 -9.14
C SER F 260 18.95 -26.03 -9.00
N LEU F 261 18.32 -24.88 -9.16
CA LEU F 261 19.02 -23.62 -8.96
C LEU F 261 19.19 -23.28 -7.49
N GLU F 262 18.25 -23.68 -6.64
CA GLU F 262 18.32 -23.36 -5.22
C GLU F 262 19.37 -24.19 -4.50
N MET F 263 19.50 -25.47 -4.85
CA MET F 263 20.38 -26.36 -4.12
C MET F 263 21.37 -27.03 -5.06
N PRO F 264 22.56 -27.38 -4.57
CA PRO F 264 23.51 -28.15 -5.38
C PRO F 264 22.98 -29.55 -5.65
N SER F 265 23.49 -30.15 -6.74
CA SER F 265 22.98 -31.44 -7.19
C SER F 265 23.32 -32.56 -6.22
N GLU F 266 24.41 -32.42 -5.47
CA GLU F 266 24.80 -33.47 -4.53
C GLU F 266 23.81 -33.57 -3.38
N GLN F 267 23.33 -32.43 -2.88
CA GLN F 267 22.31 -32.44 -1.83
C GLN F 267 21.01 -33.04 -2.34
N ILE F 268 20.66 -32.74 -3.59
CA ILE F 268 19.47 -33.31 -4.21
C ILE F 268 19.62 -34.83 -4.32
N MET F 269 20.83 -35.28 -4.68
CA MET F 269 21.10 -36.71 -4.76
C MET F 269 20.99 -37.37 -3.40
N MET F 270 21.48 -36.69 -2.35
CA MET F 270 21.36 -37.22 -1.00
C MET F 270 19.90 -37.33 -0.58
N ARG F 271 19.09 -36.32 -0.94
CA ARG F 271 17.67 -36.37 -0.65
C ARG F 271 17.00 -37.53 -1.38
N SER F 272 17.37 -37.74 -2.64
CA SER F 272 16.80 -38.83 -3.43
C SER F 272 17.17 -40.18 -2.84
N LEU F 273 18.42 -40.34 -2.44
CA LEU F 273 18.87 -41.60 -1.84
C LEU F 273 18.17 -41.86 -0.52
N ALA F 274 18.00 -40.81 0.29
CA ALA F 274 17.32 -40.95 1.58
C ALA F 274 15.85 -41.31 1.39
N SER F 275 15.21 -40.73 0.37
CA SER F 275 13.81 -41.03 0.10
C SER F 275 13.64 -42.45 -0.42
N LEU F 276 14.50 -42.86 -1.36
CA LEU F 276 14.34 -44.17 -1.98
C LEU F 276 14.73 -45.30 -1.02
N SER F 277 15.85 -45.16 -0.34
CA SER F 277 16.34 -46.21 0.55
C SER F 277 15.72 -46.17 1.93
N ARG F 278 14.93 -45.14 2.23
CA ARG F 278 14.24 -44.97 3.52
C ARG F 278 15.21 -45.00 4.69
N VAL F 279 16.31 -44.27 4.56
CA VAL F 279 17.31 -44.12 5.61
C VAL F 279 17.26 -42.68 6.09
N ASP F 280 17.68 -42.45 7.33
CA ASP F 280 17.72 -41.11 7.90
C ASP F 280 18.65 -40.20 7.11
N GLN F 281 18.17 -38.99 6.81
CA GLN F 281 18.97 -38.03 6.05
C GLN F 281 20.17 -37.56 6.86
N THR F 282 20.01 -37.44 8.18
CA THR F 282 21.09 -36.97 9.03
C THR F 282 22.25 -37.96 9.06
N LYS F 283 21.93 -39.26 9.12
CA LYS F 283 22.97 -40.28 9.13
C LYS F 283 23.73 -40.30 7.81
N ILE F 284 23.01 -40.11 6.70
CA ILE F 284 23.64 -40.07 5.38
C ILE F 284 24.53 -38.84 5.27
N ARG F 285 24.02 -37.69 5.70
CA ARG F 285 24.77 -36.44 5.60
C ARG F 285 26.02 -36.46 6.47
N THR F 286 25.90 -37.01 7.69
CA THR F 286 27.04 -37.13 8.57
C THR F 286 27.94 -38.32 8.23
N GLY F 287 27.44 -39.26 7.42
CA GLY F 287 28.19 -40.44 7.10
C GLY F 287 28.14 -41.54 8.15
N GLN F 288 27.39 -41.33 9.24
CA GLN F 288 27.28 -42.32 10.31
C GLN F 288 26.23 -43.36 9.90
N LEU F 289 26.66 -44.27 9.04
CA LEU F 289 25.79 -45.27 8.44
C LEU F 289 26.28 -46.67 8.77
N ASP F 290 25.35 -47.56 9.08
CA ASP F 290 25.68 -48.94 9.41
C ASP F 290 25.74 -49.80 8.15
N ASP F 291 25.91 -51.10 8.37
CA ASP F 291 26.04 -52.03 7.25
C ASP F 291 24.71 -52.20 6.51
N GLU F 292 23.60 -52.20 7.24
CA GLU F 292 22.29 -52.32 6.59
C GLU F 292 21.96 -51.06 5.80
N ASP F 293 22.27 -49.89 6.36
CA ASP F 293 22.08 -48.64 5.63
C ASP F 293 22.98 -48.59 4.41
N TRP F 294 24.21 -49.09 4.55
CA TRP F 294 25.12 -49.15 3.41
C TRP F 294 24.60 -50.09 2.33
N ALA F 295 23.97 -51.20 2.74
CA ALA F 295 23.39 -52.12 1.78
C ALA F 295 22.21 -51.49 1.05
N ARG F 296 21.38 -50.76 1.77
CA ARG F 296 20.27 -50.04 1.13
C ARG F 296 20.78 -48.99 0.15
N ILE F 297 21.84 -48.28 0.55
CA ILE F 297 22.44 -47.27 -0.33
C ILE F 297 23.02 -47.92 -1.57
N SER F 298 23.69 -49.06 -1.41
CA SER F 298 24.27 -49.77 -2.54
C SER F 298 23.19 -50.28 -3.48
N GLY F 299 22.08 -50.78 -2.94
CA GLY F 299 20.98 -51.22 -3.79
C GLY F 299 20.35 -50.07 -4.55
N THR F 300 20.17 -48.93 -3.88
CA THR F 300 19.62 -47.76 -4.55
C THR F 300 20.57 -47.26 -5.64
N MET F 301 21.88 -47.29 -5.37
CA MET F 301 22.87 -46.92 -6.37
C MET F 301 22.83 -47.86 -7.56
N GLY F 302 22.66 -49.16 -7.31
CA GLY F 302 22.54 -50.11 -8.40
C GLY F 302 21.31 -49.87 -9.25
N ILE F 303 20.19 -49.53 -8.61
CA ILE F 303 18.97 -49.22 -9.35
C ILE F 303 19.15 -47.96 -10.20
N LEU F 304 19.77 -46.92 -9.62
CA LEU F 304 19.96 -45.67 -10.34
C LEU F 304 20.92 -45.84 -11.51
N LEU F 305 22.01 -46.61 -11.30
CA LEU F 305 22.91 -46.92 -12.40
C LEU F 305 22.30 -47.84 -13.44
N GLU F 306 21.31 -48.65 -13.05
CA GLU F 306 20.54 -49.38 -14.04
C GLU F 306 19.69 -48.42 -14.88
N LYS F 307 19.14 -47.40 -14.23
CA LYS F 307 18.31 -46.43 -14.96
C LYS F 307 19.16 -45.51 -15.83
N ARG F 308 20.04 -44.73 -15.20
CA ARG F 308 20.94 -43.79 -15.87
C ARG F 308 20.19 -42.82 -16.78
N ASN F 309 18.99 -42.42 -16.37
CA ASN F 309 18.17 -41.50 -17.14
C ASN F 309 17.92 -40.19 -16.43
N ILE F 310 18.62 -39.94 -15.32
CA ILE F 310 18.45 -38.73 -14.53
C ILE F 310 19.54 -37.75 -14.94
N TYR F 311 19.12 -36.56 -15.37
CA TYR F 311 20.03 -35.54 -15.84
C TYR F 311 19.68 -34.22 -15.17
N ILE F 312 20.63 -33.67 -14.42
CA ILE F 312 20.37 -32.54 -13.52
C ILE F 312 21.32 -31.40 -13.89
N ASP F 313 20.78 -30.19 -13.93
CA ASP F 313 21.57 -28.97 -14.08
C ASP F 313 21.33 -28.10 -12.85
N ASP F 314 22.42 -27.61 -12.26
CA ASP F 314 22.36 -26.78 -11.07
C ASP F 314 22.91 -25.38 -11.31
N SER F 315 22.97 -24.94 -12.57
CA SER F 315 23.45 -23.60 -12.87
C SER F 315 22.45 -22.55 -12.42
N SER F 316 22.95 -21.51 -11.77
CA SER F 316 22.09 -20.46 -11.22
C SER F 316 21.85 -19.36 -12.25
N GLY F 317 20.68 -18.74 -12.16
CA GLY F 317 20.32 -17.66 -13.05
C GLY F 317 20.16 -18.06 -14.50
N LEU F 318 19.62 -19.24 -14.76
CA LEU F 318 19.49 -19.72 -16.13
C LEU F 318 18.33 -19.01 -16.85
N THR F 319 18.60 -18.55 -18.06
CA THR F 319 17.56 -17.98 -18.89
C THR F 319 16.69 -19.08 -19.48
N PRO F 320 15.44 -18.77 -19.83
CA PRO F 320 14.61 -19.78 -20.51
C PRO F 320 15.17 -20.25 -21.84
N THR F 321 15.96 -19.42 -22.51
CA THR F 321 16.54 -19.81 -23.79
C THR F 321 17.54 -20.95 -23.61
N GLU F 322 18.42 -20.85 -22.60
CA GLU F 322 19.39 -21.91 -22.34
C GLU F 322 18.70 -23.19 -21.92
N VAL F 323 17.67 -23.07 -21.08
CA VAL F 323 16.92 -24.24 -20.63
C VAL F 323 16.23 -24.91 -21.81
N ARG F 324 15.64 -24.11 -22.69
CA ARG F 324 14.98 -24.65 -23.88
C ARG F 324 15.97 -25.34 -24.81
N SER F 325 17.14 -24.73 -24.99
CA SER F 325 18.16 -25.31 -25.86
C SER F 325 18.66 -26.64 -25.31
N ARG F 326 18.91 -26.70 -24.00
CA ARG F 326 19.37 -27.94 -23.39
C ARG F 326 18.28 -29.00 -23.40
N ALA F 327 17.03 -28.59 -23.21
CA ALA F 327 15.92 -29.55 -23.26
C ALA F 327 15.76 -30.13 -24.67
N ARG F 328 15.88 -29.28 -25.69
CA ARG F 328 15.83 -29.77 -27.06
C ARG F 328 16.99 -30.70 -27.36
N ARG F 329 18.18 -30.37 -26.85
CA ARG F 329 19.34 -31.22 -27.03
C ARG F 329 19.13 -32.59 -26.41
N ILE F 330 18.62 -32.62 -25.17
CA ILE F 330 18.40 -33.89 -24.48
C ILE F 330 17.31 -34.70 -25.17
N ALA F 331 16.24 -34.02 -25.60
CA ALA F 331 15.15 -34.70 -26.28
C ALA F 331 15.60 -35.29 -27.61
N ARG F 332 16.45 -34.56 -28.33
CA ARG F 332 17.01 -35.09 -29.58
C ARG F 332 17.93 -36.29 -29.31
N GLU F 333 18.75 -36.20 -28.26
CA GLU F 333 19.70 -37.27 -27.98
C GLU F 333 19.00 -38.51 -27.43
N HIS F 334 17.83 -38.35 -26.82
CA HIS F 334 17.18 -39.46 -26.13
C HIS F 334 15.78 -39.77 -26.66
N GLY F 335 15.39 -39.16 -27.78
CA GLY F 335 14.07 -39.42 -28.34
C GLY F 335 12.93 -38.93 -27.47
N GLY F 336 13.11 -37.79 -26.81
CA GLY F 336 12.10 -37.22 -25.95
C GLY F 336 12.46 -37.35 -24.48
N ILE F 337 11.77 -36.54 -23.68
CA ILE F 337 11.99 -36.46 -22.24
C ILE F 337 10.66 -36.74 -21.53
N GLY F 338 10.72 -37.59 -20.51
CA GLY F 338 9.53 -37.91 -19.74
C GLY F 338 9.02 -36.77 -18.88
N LEU F 339 9.92 -36.10 -18.16
CA LEU F 339 9.52 -35.12 -17.16
C LEU F 339 10.62 -34.08 -16.99
N ILE F 340 10.23 -32.82 -16.81
CA ILE F 340 11.17 -31.74 -16.56
C ILE F 340 10.90 -31.19 -15.17
N MET F 341 11.96 -30.99 -14.39
CA MET F 341 11.87 -30.43 -13.06
C MET F 341 12.66 -29.13 -12.99
N ILE F 342 12.05 -28.08 -12.43
CA ILE F 342 12.66 -26.77 -12.30
C ILE F 342 12.52 -26.32 -10.85
N ASP F 343 13.62 -25.89 -10.24
CA ASP F 343 13.63 -25.41 -8.86
C ASP F 343 14.53 -24.16 -8.80
N TYR F 344 13.92 -22.97 -8.85
CA TYR F 344 12.48 -22.80 -9.01
C TYR F 344 12.16 -21.66 -9.96
N LEU F 345 10.90 -21.22 -9.96
CA LEU F 345 10.43 -20.21 -10.91
C LEU F 345 11.13 -18.87 -10.71
N GLN F 346 11.30 -18.46 -9.46
CA GLN F 346 11.78 -17.12 -9.17
C GLN F 346 13.30 -16.98 -9.24
N LEU F 347 14.03 -18.06 -9.56
CA LEU F 347 15.48 -17.98 -9.66
C LEU F 347 15.99 -17.82 -11.09
N MET F 348 15.11 -17.92 -12.09
CA MET F 348 15.54 -17.72 -13.46
C MET F 348 15.76 -16.24 -13.75
N ARG F 349 16.59 -15.96 -14.75
CA ARG F 349 16.99 -14.60 -15.06
C ARG F 349 16.69 -14.26 -16.51
N VAL F 350 16.06 -13.11 -16.71
CA VAL F 350 15.86 -12.52 -18.03
C VAL F 350 16.49 -11.14 -18.03
N PRO F 351 17.61 -10.95 -18.75
CA PRO F 351 18.24 -9.62 -18.79
C PRO F 351 17.36 -8.54 -19.39
N ALA F 352 16.51 -8.89 -20.35
CA ALA F 352 15.66 -7.89 -21.00
C ALA F 352 14.56 -7.37 -20.08
N LEU F 353 14.13 -8.18 -19.10
CA LEU F 353 13.08 -7.78 -18.18
C LEU F 353 13.54 -7.77 -16.73
N SER F 354 14.81 -7.47 -16.49
CA SER F 354 15.31 -7.41 -15.12
C SER F 354 14.72 -6.22 -14.36
N ASP F 355 14.29 -5.17 -15.08
CA ASP F 355 13.71 -4.01 -14.44
C ASP F 355 12.33 -4.29 -13.86
N ASN F 356 11.49 -5.02 -14.59
CA ASN F 356 10.12 -5.32 -14.16
C ASN F 356 10.10 -6.81 -13.79
N ARG F 357 10.01 -7.09 -12.49
CA ARG F 357 10.02 -8.47 -12.02
C ARG F 357 8.78 -9.22 -12.47
N THR F 358 7.62 -8.56 -12.42
CA THR F 358 6.36 -9.22 -12.77
C THR F 358 6.33 -9.58 -14.25
N LEU F 359 6.77 -8.67 -15.11
CA LEU F 359 6.85 -8.97 -16.54
C LEU F 359 7.85 -10.07 -16.82
N GLU F 360 8.96 -10.09 -16.08
CA GLU F 360 9.95 -11.15 -16.23
C GLU F 360 9.36 -12.51 -15.88
N ILE F 361 8.62 -12.57 -14.76
CA ILE F 361 7.98 -13.81 -14.35
C ILE F 361 6.93 -14.25 -15.37
N ALA F 362 6.17 -13.29 -15.90
CA ALA F 362 5.16 -13.60 -16.91
C ALA F 362 5.81 -14.17 -18.18
N GLU F 363 6.91 -13.55 -18.63
CA GLU F 363 7.59 -14.05 -19.82
C GLU F 363 8.21 -15.41 -19.58
N ILE F 364 8.76 -15.63 -18.39
CA ILE F 364 9.35 -16.93 -18.05
C ILE F 364 8.27 -18.02 -18.08
N SER F 365 7.12 -17.74 -17.47
CA SER F 365 6.03 -18.71 -17.44
C SER F 365 5.49 -18.97 -18.84
N ARG F 366 5.38 -17.92 -19.65
CA ARG F 366 4.92 -18.08 -21.03
C ARG F 366 5.89 -18.94 -21.84
N SER F 367 7.20 -18.70 -21.67
CA SER F 367 8.20 -19.50 -22.37
C SER F 367 8.18 -20.94 -21.92
N LEU F 368 7.99 -21.17 -20.61
CA LEU F 368 7.90 -22.54 -20.11
C LEU F 368 6.68 -23.27 -20.65
N LYS F 369 5.53 -22.57 -20.71
CA LYS F 369 4.33 -23.18 -21.27
C LYS F 369 4.51 -23.49 -22.75
N ALA F 370 5.14 -22.57 -23.49
CA ALA F 370 5.40 -22.79 -24.91
C ALA F 370 6.34 -23.99 -25.11
N LEU F 371 7.37 -24.11 -24.27
CA LEU F 371 8.29 -25.23 -24.38
C LEU F 371 7.60 -26.55 -24.04
N ALA F 372 6.73 -26.54 -23.02
CA ALA F 372 6.01 -27.74 -22.65
C ALA F 372 5.08 -28.18 -23.76
N LYS F 373 4.41 -27.22 -24.40
CA LYS F 373 3.55 -27.55 -25.55
C LYS F 373 4.38 -28.05 -26.73
N GLU F 374 5.57 -27.46 -26.92
CA GLU F 374 6.41 -27.83 -28.05
C GLU F 374 6.94 -29.25 -27.92
N LEU F 375 7.53 -29.57 -26.77
CA LEU F 375 8.18 -30.86 -26.60
C LEU F 375 7.26 -31.94 -26.03
N ASN F 376 6.02 -31.56 -25.66
CA ASN F 376 5.00 -32.49 -25.20
C ASN F 376 5.46 -33.28 -23.97
N VAL F 377 6.01 -32.55 -23.01
CA VAL F 377 6.54 -33.15 -21.79
C VAL F 377 5.99 -32.39 -20.59
N PRO F 378 5.53 -33.08 -19.55
CA PRO F 378 5.14 -32.37 -18.31
C PRO F 378 6.34 -31.71 -17.65
N VAL F 379 6.15 -30.46 -17.24
CA VAL F 379 7.18 -29.66 -16.60
C VAL F 379 6.62 -29.20 -15.26
N VAL F 380 7.33 -29.56 -14.18
CA VAL F 380 6.96 -29.11 -12.84
C VAL F 380 8.01 -28.11 -12.38
N ALA F 381 7.59 -26.86 -12.20
CA ALA F 381 8.46 -25.80 -11.72
C ALA F 381 7.95 -25.34 -10.35
N LEU F 382 8.84 -25.32 -9.37
CA LEU F 382 8.46 -24.96 -8.01
C LEU F 382 8.23 -23.45 -7.91
N SER F 383 7.42 -23.05 -6.95
CA SER F 383 7.04 -21.66 -6.77
C SER F 383 7.05 -21.30 -5.30
N GLN F 384 7.06 -20.00 -5.02
CA GLN F 384 7.10 -19.49 -3.67
C GLN F 384 5.86 -18.63 -3.39
N LEU F 385 5.49 -18.57 -2.11
CA LEU F 385 4.28 -17.92 -1.66
C LEU F 385 4.58 -16.58 -1.02
N ASN F 386 3.52 -15.86 -0.65
CA ASN F 386 3.67 -14.56 0.00
C ASN F 386 3.52 -14.70 1.51
N ARG F 387 3.95 -13.66 2.23
CA ARG F 387 3.89 -13.67 3.69
C ARG F 387 2.47 -13.44 4.21
N SER F 388 1.62 -12.77 3.44
CA SER F 388 0.27 -12.44 3.90
C SER F 388 -0.57 -13.68 4.13
N LEU F 389 -0.23 -14.79 3.45
CA LEU F 389 -0.89 -16.06 3.71
C LEU F 389 -0.73 -16.48 5.16
N GLU F 390 0.44 -16.21 5.75
CA GLU F 390 0.62 -16.47 7.17
C GLU F 390 -0.18 -15.52 8.06
N GLN F 391 -0.56 -14.36 7.55
CA GLN F 391 -1.35 -13.40 8.32
C GLN F 391 -2.82 -13.80 8.40
N ARG F 392 -3.29 -14.67 7.52
CA ARG F 392 -4.68 -15.09 7.55
C ARG F 392 -4.92 -16.07 8.67
N ALA F 393 -6.20 -16.22 9.06
CA ALA F 393 -6.57 -17.21 10.05
C ALA F 393 -6.35 -18.62 9.50
N ASP F 394 -6.79 -18.87 8.28
CA ASP F 394 -6.53 -20.14 7.60
C ASP F 394 -5.27 -19.98 6.76
N LYS F 395 -4.28 -20.82 7.03
CA LYS F 395 -3.01 -20.78 6.33
C LYS F 395 -2.94 -21.76 5.16
N ARG F 396 -4.06 -22.39 4.82
CA ARG F 396 -4.10 -23.24 3.63
C ARG F 396 -3.98 -22.37 2.39
N PRO F 397 -3.04 -22.65 1.50
CA PRO F 397 -2.75 -21.71 0.40
C PRO F 397 -3.87 -21.66 -0.63
N VAL F 398 -3.96 -20.49 -1.28
CA VAL F 398 -4.87 -20.26 -2.39
C VAL F 398 -4.06 -19.72 -3.56
N ASN F 399 -4.77 -19.45 -4.66
CA ASN F 399 -4.10 -19.00 -5.88
C ASN F 399 -3.52 -17.60 -5.74
N SER F 400 -4.15 -16.76 -4.91
CA SER F 400 -3.68 -15.39 -4.75
C SER F 400 -2.42 -15.30 -3.89
N ASP F 401 -2.07 -16.37 -3.18
CA ASP F 401 -0.90 -16.35 -2.31
C ASP F 401 0.41 -16.45 -3.07
N LEU F 402 0.36 -16.77 -4.37
CA LEU F 402 1.58 -16.86 -5.17
C LEU F 402 2.18 -15.49 -5.39
N ARG F 403 3.51 -15.44 -5.43
CA ARG F 403 4.21 -14.21 -5.80
C ARG F 403 4.07 -13.98 -7.30
N GLU F 404 3.57 -12.78 -7.66
CA GLU F 404 3.18 -12.46 -9.04
C GLU F 404 2.17 -13.47 -9.57
N SER F 405 1.05 -13.59 -8.87
CA SER F 405 0.13 -14.70 -9.11
C SER F 405 -0.68 -14.51 -10.38
N GLY F 406 -0.76 -13.27 -10.89
CA GLY F 406 -1.66 -12.98 -11.99
C GLY F 406 -1.33 -13.73 -13.26
N SER F 407 -0.05 -13.72 -13.64
CA SER F 407 0.36 -14.46 -14.83
C SER F 407 0.44 -15.95 -14.55
N ILE F 408 0.85 -16.32 -13.33
CA ILE F 408 1.10 -17.72 -12.99
C ILE F 408 -0.21 -18.51 -13.01
N GLU F 409 -1.26 -17.93 -12.42
CA GLU F 409 -2.54 -18.62 -12.35
C GLU F 409 -3.13 -18.84 -13.74
N GLN F 410 -2.99 -17.85 -14.62
CA GLN F 410 -3.50 -17.96 -15.98
C GLN F 410 -2.71 -18.98 -16.78
N ASP F 411 -1.37 -18.95 -16.67
CA ASP F 411 -0.54 -19.80 -17.50
C ASP F 411 -0.55 -21.26 -17.04
N ALA F 412 -0.57 -21.50 -15.73
CA ALA F 412 -0.50 -22.87 -15.23
C ALA F 412 -1.81 -23.60 -15.43
N ASP F 413 -1.71 -24.89 -15.75
CA ASP F 413 -2.87 -25.74 -15.93
C ASP F 413 -3.25 -26.46 -14.63
N LEU F 414 -2.28 -27.09 -13.98
CA LEU F 414 -2.50 -27.84 -12.76
C LEU F 414 -1.73 -27.15 -11.63
N ILE F 415 -2.46 -26.53 -10.70
CA ILE F 415 -1.86 -25.82 -9.59
C ILE F 415 -2.14 -26.61 -8.32
N MET F 416 -1.09 -26.97 -7.60
CA MET F 416 -1.21 -27.72 -6.36
C MET F 416 -0.40 -27.02 -5.27
N PHE F 417 -0.95 -27.00 -4.07
CA PHE F 417 -0.30 -26.38 -2.91
C PHE F 417 -0.02 -27.44 -1.86
N ILE F 418 1.06 -27.26 -1.12
CA ILE F 418 1.44 -28.16 -0.03
C ILE F 418 1.18 -27.44 1.29
N TYR F 419 0.37 -28.05 2.16
CA TYR F 419 0.03 -27.46 3.44
C TYR F 419 0.33 -28.47 4.55
N ARG F 420 0.83 -27.97 5.67
CA ARG F 420 1.11 -28.80 6.85
C ARG F 420 0.67 -28.03 8.09
N ASP F 421 -0.46 -28.45 8.68
CA ASP F 421 -0.94 -27.80 9.89
C ASP F 421 -0.02 -28.11 11.07
N GLU F 422 0.70 -29.24 11.01
CA GLU F 422 1.65 -29.61 12.05
C GLU F 422 2.78 -28.60 12.18
N VAL F 423 3.12 -27.89 11.12
CA VAL F 423 4.13 -26.84 11.20
C VAL F 423 3.63 -25.67 12.05
N TYR F 424 2.39 -25.23 11.84
CA TYR F 424 1.85 -24.09 12.55
C TYR F 424 1.18 -24.45 13.87
N HIS F 425 0.98 -25.74 14.15
CA HIS F 425 0.33 -26.18 15.38
C HIS F 425 1.13 -27.35 15.94
N GLU F 426 1.71 -27.14 17.13
CA GLU F 426 2.50 -28.19 17.78
C GLU F 426 1.62 -29.34 18.26
N ASN F 427 0.41 -29.03 18.71
CA ASN F 427 -0.52 -30.04 19.21
C ASN F 427 -1.53 -30.46 18.15
N SER F 428 -1.16 -30.34 16.88
CA SER F 428 -2.03 -30.77 15.81
C SER F 428 -2.15 -32.28 15.79
N ASP F 429 -3.34 -32.79 15.52
CA ASP F 429 -3.55 -34.22 15.42
C ASP F 429 -3.15 -34.78 14.06
N LEU F 430 -2.76 -33.92 13.12
CA LEU F 430 -2.38 -34.33 11.78
C LEU F 430 -0.86 -34.39 11.60
N LYS F 431 -0.15 -34.83 12.63
CA LYS F 431 1.30 -34.97 12.55
C LYS F 431 1.67 -36.03 11.52
N GLY F 432 2.64 -35.70 10.67
CA GLY F 432 3.03 -36.59 9.60
C GLY F 432 2.11 -36.58 8.40
N ILE F 433 1.10 -35.72 8.40
CA ILE F 433 0.11 -35.66 7.32
C ILE F 433 0.30 -34.34 6.58
N ALA F 434 0.44 -34.43 5.26
CA ALA F 434 0.60 -33.27 4.40
C ALA F 434 -0.56 -33.21 3.42
N GLU F 435 -1.13 -32.02 3.23
CA GLU F 435 -2.28 -31.83 2.37
C GLU F 435 -1.82 -31.26 1.03
N ILE F 436 -2.05 -31.98 -0.05
CA ILE F 436 -1.82 -31.49 -1.40
C ILE F 436 -3.19 -31.00 -1.90
N ILE F 437 -3.33 -29.68 -1.97
CA ILE F 437 -4.58 -29.07 -2.38
C ILE F 437 -4.45 -28.67 -3.84
N ILE F 438 -5.11 -29.41 -4.72
CA ILE F 438 -5.30 -29.00 -6.10
C ILE F 438 -6.24 -27.80 -6.07
N GLY F 439 -5.72 -26.62 -6.41
CA GLY F 439 -6.55 -25.43 -6.45
C GLY F 439 -7.12 -25.15 -7.82
N LYS F 440 -6.39 -25.50 -8.87
CA LYS F 440 -6.86 -25.31 -10.24
C LYS F 440 -6.41 -26.49 -11.08
N GLN F 441 -7.37 -27.15 -11.73
CA GLN F 441 -7.08 -28.24 -12.65
C GLN F 441 -8.03 -28.16 -13.83
N ARG F 442 -7.47 -28.01 -15.03
CA ARG F 442 -8.31 -27.86 -16.22
C ARG F 442 -8.92 -29.19 -16.63
N ASN F 443 -8.29 -30.30 -16.25
CA ASN F 443 -8.72 -31.63 -16.68
C ASN F 443 -8.93 -32.54 -15.47
N GLY F 444 -9.62 -32.04 -14.46
CA GLY F 444 -9.93 -32.84 -13.30
C GLY F 444 -10.51 -32.04 -12.16
N PRO F 445 -10.96 -32.73 -11.10
CA PRO F 445 -11.55 -32.04 -9.96
C PRO F 445 -10.49 -31.47 -9.03
N ILE F 446 -10.79 -30.30 -8.47
CA ILE F 446 -9.92 -29.71 -7.46
C ILE F 446 -10.18 -30.36 -6.10
N GLY F 447 -9.25 -30.18 -5.17
CA GLY F 447 -9.46 -30.72 -3.84
C GLY F 447 -8.23 -31.16 -3.09
N THR F 448 -8.42 -31.63 -1.86
CA THR F 448 -7.31 -31.93 -0.96
C THR F 448 -7.06 -33.43 -0.89
N VAL F 449 -5.81 -33.83 -1.06
CA VAL F 449 -5.36 -35.21 -0.93
C VAL F 449 -4.33 -35.28 0.18
N ARG F 450 -4.54 -36.17 1.14
CA ARG F 450 -3.63 -36.32 2.27
C ARG F 450 -2.56 -37.35 1.95
N LEU F 451 -1.34 -37.10 2.43
CA LEU F 451 -0.21 -38.00 2.25
C LEU F 451 0.58 -38.08 3.53
N THR F 452 1.34 -39.17 3.67
CA THR F 452 2.16 -39.42 4.85
C THR F 452 3.57 -38.92 4.60
N PHE F 453 4.12 -38.14 5.53
CA PHE F 453 5.44 -37.55 5.37
C PHE F 453 6.40 -38.14 6.39
N ASN F 454 7.54 -38.64 5.91
CA ASN F 454 8.64 -39.11 6.75
C ASN F 454 9.74 -38.05 6.69
N GLY F 455 9.80 -37.22 7.73
CA GLY F 455 10.84 -36.22 7.81
C GLY F 455 12.22 -36.83 7.97
N GLN F 456 12.30 -37.93 8.71
CA GLN F 456 13.57 -38.64 8.86
C GLN F 456 14.05 -39.19 7.53
N TRP F 457 13.15 -39.78 6.75
CA TRP F 457 13.47 -40.27 5.42
C TRP F 457 13.34 -39.18 4.37
N SER F 458 12.68 -38.07 4.70
CA SER F 458 12.32 -37.01 3.76
C SER F 458 11.59 -37.60 2.55
N ARG F 459 10.45 -38.22 2.82
CA ARG F 459 9.71 -38.96 1.81
C ARG F 459 8.23 -38.70 1.95
N PHE F 460 7.52 -38.67 0.83
CA PHE F 460 6.07 -38.62 0.84
C PHE F 460 5.51 -39.93 0.28
N ASP F 461 4.54 -40.49 0.99
CA ASP F 461 3.95 -41.77 0.64
C ASP F 461 2.44 -41.68 0.75
N ASN F 462 1.76 -42.72 0.28
CA ASN F 462 0.31 -42.78 0.34
C ASN F 462 -0.18 -42.80 1.78
N TYR F 463 -1.23 -42.03 2.04
CA TYR F 463 -1.80 -41.95 3.37
C TYR F 463 -2.66 -43.17 3.64
N ALA F 464 -2.29 -43.94 4.67
CA ALA F 464 -2.96 -45.19 5.00
C ALA F 464 -3.85 -45.05 6.23
N GLY F 465 -4.09 -43.83 6.70
CA GLY F 465 -4.95 -43.60 7.83
C GLY F 465 -6.41 -43.54 7.43
N PRO F 466 -7.28 -43.16 8.37
CA PRO F 466 -8.70 -43.02 8.04
C PRO F 466 -8.93 -41.90 7.03
N GLN F 467 -9.85 -42.14 6.10
CA GLN F 467 -10.12 -41.19 5.01
C GLN F 467 -11.14 -40.18 5.51
N TYR F 468 -10.67 -38.96 5.76
CA TYR F 468 -11.56 -37.91 6.24
C TYR F 468 -12.41 -37.36 5.09
N ASP F 469 -13.71 -37.22 5.34
CA ASP F 469 -14.63 -36.69 4.35
C ASP F 469 -14.40 -35.19 4.22
N ASP F 470 -13.80 -34.77 3.11
CA ASP F 470 -13.53 -33.36 2.88
C ASP F 470 -14.84 -32.59 2.64
N GLU F 471 -14.94 -31.41 3.24
CA GLU F 471 -16.14 -30.60 3.13
C GLU F 471 -15.92 -29.39 2.22
#